data_7M1M
#
_entry.id   7M1M
#
_cell.length_a   96.975
_cell.length_b   97.118
_cell.length_c   108.347
_cell.angle_alpha   66.990
_cell.angle_beta   85.930
_cell.angle_gamma   77.170
#
_symmetry.space_group_name_H-M   'P 1'
#
loop_
_entity.id
_entity.type
_entity.pdbx_description
1 polymer 'ATP-dependent Clp protease proteolytic subunit'
2 non-polymer (4S)-2-METHYL-2,4-PENTANEDIOL
3 water water
#
_entity_poly.entity_id   1
_entity_poly.type   'polypeptide(L)'
_entity_poly.pdbx_seq_one_letter_code
;AGGLVPMVVEQSARGERAYDIYSRLLKERIIFLVGQVEDYMANLVVAQLLFLEAENPEKDIHLYINSPGGSVTAGMSIYD
TMQFIKPNVSTTCIGQACSMGALLLAGGAAGKRYCLPHSRMMIHQPLGGFQGQASDIEIHAKEILFIKERLNQILAHHTG
QPLDVIARDTDRDRFMSGDEAVKYGLIDKVMTQRDLAVSGSGSGHHHHHH
;
_entity_poly.pdbx_strand_id   A,B,C,D,E,F,G,H,I,J,K,L,M,N
#
loop_
_chem_comp.id
_chem_comp.type
_chem_comp.name
_chem_comp.formula
MPD non-polymer (4S)-2-METHYL-2,4-PENTANEDIOL 'C6 H14 O2'
#
# COMPACT_ATOMS: atom_id res chain seq x y z
N LEU A 4 -10.64 -28.61 3.15
CA LEU A 4 -11.91 -29.07 2.59
C LEU A 4 -12.70 -29.88 3.59
N VAL A 5 -13.95 -29.50 3.82
CA VAL A 5 -14.79 -30.21 4.77
C VAL A 5 -15.17 -31.53 4.10
N PRO A 6 -14.73 -32.68 4.60
CA PRO A 6 -15.07 -33.95 3.94
C PRO A 6 -16.51 -34.34 4.22
N MET A 7 -16.99 -35.26 3.38
CA MET A 7 -18.40 -35.64 3.32
C MET A 7 -18.59 -37.08 3.78
N VAL A 8 -19.73 -37.32 4.42
CA VAL A 8 -20.07 -38.65 4.93
C VAL A 8 -21.49 -39.02 4.51
N ALA A 18 -25.63 -38.38 3.96
CA ALA A 18 -25.25 -37.17 3.23
C ALA A 18 -24.92 -36.05 4.22
N TYR A 19 -23.80 -36.21 4.92
CA TYR A 19 -23.32 -35.25 5.90
C TYR A 19 -21.94 -34.70 5.59
N ASP A 20 -21.71 -33.46 5.98
CA ASP A 20 -20.32 -33.08 6.19
C ASP A 20 -19.90 -33.66 7.55
N ILE A 21 -18.60 -33.75 7.77
CA ILE A 21 -18.09 -34.47 8.94
C ILE A 21 -18.65 -33.86 10.24
N TYR A 22 -18.78 -32.54 10.29
CA TYR A 22 -19.26 -31.90 11.52
C TYR A 22 -20.76 -32.14 11.72
N SER A 23 -21.53 -32.14 10.64
CA SER A 23 -22.95 -32.48 10.74
C SER A 23 -23.14 -33.91 11.25
N ARG A 24 -22.24 -34.82 10.86
CA ARG A 24 -22.33 -36.20 11.32
C ARG A 24 -22.00 -36.31 12.81
N LEU A 25 -21.01 -35.54 13.27
CA LEU A 25 -20.68 -35.57 14.69
C LEU A 25 -21.69 -34.77 15.51
N LEU A 26 -22.44 -33.86 14.88
CA LEU A 26 -23.51 -33.17 15.58
C LEU A 26 -24.59 -34.15 16.01
N LYS A 27 -24.83 -35.20 15.21
CA LYS A 27 -25.82 -36.21 15.59
C LYS A 27 -25.41 -36.93 16.86
N GLU A 28 -24.13 -37.23 17.04
CA GLU A 28 -23.66 -37.77 18.30
C GLU A 28 -23.60 -36.69 19.38
N ARG A 29 -24.15 -35.50 19.08
CA ARG A 29 -24.29 -34.42 20.07
C ARG A 29 -22.93 -33.84 20.46
N ILE A 30 -22.02 -33.78 19.49
CA ILE A 30 -20.69 -33.19 19.69
C ILE A 30 -20.66 -31.87 18.94
N ILE A 31 -20.20 -30.82 19.62
CA ILE A 31 -20.07 -29.49 19.05
C ILE A 31 -18.63 -29.06 19.22
N PHE A 32 -18.07 -28.41 18.21
CA PHE A 32 -16.69 -27.95 18.27
C PHE A 32 -16.66 -26.44 18.35
N LEU A 33 -15.81 -25.92 19.24
CA LEU A 33 -15.54 -24.48 19.39
C LEU A 33 -14.06 -24.32 19.14
N VAL A 34 -13.69 -23.86 17.95
CA VAL A 34 -12.29 -23.80 17.53
C VAL A 34 -11.93 -22.37 17.18
N GLY A 35 -10.78 -21.92 17.66
CA GLY A 35 -10.24 -20.65 17.25
C GLY A 35 -10.80 -19.50 18.04
N GLN A 36 -10.46 -18.30 17.56
CA GLN A 36 -10.81 -17.08 18.27
C GLN A 36 -12.32 -16.94 18.44
N VAL A 37 -12.71 -16.50 19.63
CA VAL A 37 -14.12 -16.35 19.98
C VAL A 37 -14.63 -15.04 19.39
N GLU A 38 -15.68 -15.11 18.57
CA GLU A 38 -16.27 -13.93 17.96
C GLU A 38 -17.74 -14.22 17.66
N ASP A 39 -18.49 -13.14 17.40
CA ASP A 39 -19.95 -13.23 17.39
C ASP A 39 -20.45 -14.39 16.55
N TYR A 40 -19.88 -14.57 15.35
CA TYR A 40 -20.48 -15.48 14.39
C TYR A 40 -20.19 -16.93 14.72
N MET A 41 -18.94 -17.27 15.01
CA MET A 41 -18.66 -18.63 15.47
C MET A 41 -19.29 -18.90 16.83
N ALA A 42 -19.39 -17.87 17.68
CA ALA A 42 -20.04 -18.05 18.98
C ALA A 42 -21.52 -18.37 18.81
N ASN A 43 -22.19 -17.67 17.89
CA ASN A 43 -23.61 -17.89 17.70
C ASN A 43 -23.90 -19.23 17.06
N LEU A 44 -22.99 -19.72 16.20
CA LEU A 44 -23.09 -21.07 15.68
C LEU A 44 -23.19 -22.07 16.81
N VAL A 45 -22.32 -21.92 17.82
CA VAL A 45 -22.39 -22.80 18.98
C VAL A 45 -23.74 -22.67 19.68
N VAL A 46 -24.18 -21.43 19.92
CA VAL A 46 -25.49 -21.23 20.54
C VAL A 46 -26.57 -21.97 19.75
N ALA A 47 -26.57 -21.80 18.42
CA ALA A 47 -27.57 -22.47 17.60
C ALA A 47 -27.49 -23.99 17.74
N GLN A 48 -26.26 -24.54 17.74
CA GLN A 48 -26.13 -25.98 17.88
C GLN A 48 -26.61 -26.44 19.26
N LEU A 49 -26.27 -25.68 20.30
CA LEU A 49 -26.74 -26.00 21.64
C LEU A 49 -28.27 -26.02 21.71
N LEU A 50 -28.91 -24.98 21.15
CA LEU A 50 -30.37 -24.94 21.16
C LEU A 50 -30.94 -26.09 20.34
N PHE A 51 -30.35 -26.35 19.17
CA PHE A 51 -30.84 -27.45 18.34
C PHE A 51 -30.81 -28.77 19.09
N LEU A 52 -29.67 -29.06 19.73
CA LEU A 52 -29.53 -30.33 20.44
C LEU A 52 -30.51 -30.44 21.61
N GLU A 53 -30.74 -29.33 22.32
CA GLU A 53 -31.75 -29.33 23.37
C GLU A 53 -33.11 -29.76 22.82
N ALA A 54 -33.49 -29.21 21.67
CA ALA A 54 -34.80 -29.53 21.09
C ALA A 54 -34.89 -30.98 20.63
N GLU A 55 -33.81 -31.52 20.04
CA GLU A 55 -33.82 -32.92 19.64
C GLU A 55 -34.00 -33.84 20.84
N ASN A 56 -33.34 -33.52 21.95
CA ASN A 56 -33.41 -34.34 23.16
C ASN A 56 -32.92 -33.52 24.34
N PRO A 57 -33.84 -32.99 25.17
CA PRO A 57 -33.42 -32.12 26.28
C PRO A 57 -32.78 -32.84 27.45
N GLU A 58 -32.68 -34.17 27.44
CA GLU A 58 -32.11 -34.93 28.55
C GLU A 58 -30.70 -35.43 28.30
N LYS A 59 -30.38 -35.84 27.07
CA LYS A 59 -29.05 -36.39 26.81
C LYS A 59 -28.01 -35.28 26.92
N ASP A 60 -26.86 -35.63 27.47
CA ASP A 60 -25.77 -34.69 27.62
C ASP A 60 -25.30 -34.19 26.25
N ILE A 61 -24.59 -33.06 26.29
CA ILE A 61 -23.98 -32.47 25.11
C ILE A 61 -22.48 -32.36 25.38
N HIS A 62 -21.68 -32.64 24.35
CA HIS A 62 -20.23 -32.62 24.47
C HIS A 62 -19.69 -31.50 23.60
N LEU A 63 -19.06 -30.52 24.25
CA LEU A 63 -18.53 -29.34 23.60
C LEU A 63 -17.01 -29.41 23.66
N TYR A 64 -16.39 -29.66 22.51
CA TYR A 64 -14.93 -29.64 22.40
C TYR A 64 -14.45 -28.21 22.20
N ILE A 65 -13.40 -27.85 22.92
CA ILE A 65 -12.87 -26.49 22.93
C ILE A 65 -11.40 -26.54 22.57
N ASN A 66 -11.02 -25.82 21.51
CA ASN A 66 -9.61 -25.55 21.21
C ASN A 66 -9.59 -24.07 20.84
N SER A 67 -9.45 -23.21 21.85
CA SER A 67 -9.57 -21.77 21.61
C SER A 67 -8.62 -20.98 22.48
N PRO A 68 -8.05 -19.91 21.94
CA PRO A 68 -7.24 -18.98 22.76
C PRO A 68 -8.05 -17.89 23.46
N GLY A 69 -9.36 -17.86 23.26
CA GLY A 69 -10.20 -16.82 23.79
C GLY A 69 -10.75 -15.93 22.71
N GLY A 70 -11.20 -14.76 23.12
CA GLY A 70 -11.72 -13.79 22.20
C GLY A 70 -12.71 -12.87 22.90
N SER A 71 -13.81 -12.57 22.21
CA SER A 71 -14.76 -11.58 22.69
C SER A 71 -15.48 -12.11 23.92
N VAL A 72 -15.54 -11.28 24.96
CA VAL A 72 -16.23 -11.66 26.19
C VAL A 72 -17.73 -11.75 25.95
N THR A 73 -18.31 -10.75 25.28
CA THR A 73 -19.74 -10.79 25.01
C THR A 73 -20.10 -12.02 24.19
N ALA A 74 -19.30 -12.34 23.17
CA ALA A 74 -19.57 -13.53 22.37
C ALA A 74 -19.50 -14.80 23.21
N GLY A 75 -18.47 -14.91 24.06
CA GLY A 75 -18.36 -16.06 24.94
C GLY A 75 -19.51 -16.16 25.93
N MET A 76 -19.93 -15.02 26.49
CA MET A 76 -21.03 -15.08 27.46
C MET A 76 -22.31 -15.60 26.82
N SER A 77 -22.55 -15.30 25.53
CA SER A 77 -23.70 -15.90 24.86
C SER A 77 -23.59 -17.42 24.84
N ILE A 78 -22.38 -17.95 24.72
CA ILE A 78 -22.18 -19.39 24.81
C ILE A 78 -22.38 -19.85 26.26
N TYR A 79 -21.69 -19.19 27.19
CA TYR A 79 -21.76 -19.56 28.60
C TYR A 79 -23.20 -19.56 29.11
N ASP A 80 -23.93 -18.46 28.89
CA ASP A 80 -25.28 -18.40 29.43
C ASP A 80 -26.19 -19.42 28.75
N THR A 81 -25.95 -19.72 27.47
CA THR A 81 -26.76 -20.74 26.80
C THR A 81 -26.49 -22.12 27.37
N MET A 82 -25.22 -22.42 27.71
CA MET A 82 -24.89 -23.72 28.29
C MET A 82 -25.68 -23.96 29.56
N GLN A 83 -25.74 -22.96 30.45
CA GLN A 83 -26.45 -23.12 31.70
C GLN A 83 -27.96 -23.10 31.49
N PHE A 84 -28.44 -22.24 30.58
CA PHE A 84 -29.88 -22.05 30.43
C PHE A 84 -30.58 -23.32 29.96
N ILE A 85 -29.96 -24.05 29.05
CA ILE A 85 -30.63 -25.19 28.44
C ILE A 85 -30.68 -26.36 29.41
N LYS A 86 -31.60 -27.28 29.12
CA LYS A 86 -31.81 -28.42 30.01
C LYS A 86 -30.64 -29.37 30.02
N PRO A 87 -30.08 -29.80 28.90
CA PRO A 87 -29.03 -30.82 28.93
C PRO A 87 -27.80 -30.35 29.70
N ASN A 88 -27.11 -31.32 30.30
CA ASN A 88 -25.79 -31.03 30.83
C ASN A 88 -24.83 -30.90 29.66
N VAL A 89 -24.02 -29.85 29.67
CA VAL A 89 -23.07 -29.62 28.59
C VAL A 89 -21.69 -29.99 29.13
N SER A 90 -21.22 -31.16 28.74
CA SER A 90 -19.84 -31.54 29.05
C SER A 90 -18.89 -30.68 28.22
N THR A 91 -17.70 -30.44 28.77
CA THR A 91 -16.66 -29.72 28.07
C THR A 91 -15.36 -30.50 28.10
N THR A 92 -14.71 -30.57 26.95
CA THR A 92 -13.42 -31.22 26.80
C THR A 92 -12.49 -30.25 26.08
N CYS A 93 -11.36 -29.93 26.70
CA CYS A 93 -10.39 -29.06 26.07
C CYS A 93 -9.36 -29.92 25.32
N ILE A 94 -9.22 -29.68 24.03
CA ILE A 94 -8.16 -30.27 23.22
C ILE A 94 -7.28 -29.13 22.71
N GLY A 95 -5.97 -29.34 22.74
CA GLY A 95 -5.07 -28.28 22.33
C GLY A 95 -4.92 -27.19 23.37
N GLN A 96 -5.77 -26.17 23.33
CA GLN A 96 -5.69 -25.09 24.30
C GLN A 96 -7.08 -24.56 24.62
N ALA A 97 -7.18 -23.96 25.81
CA ALA A 97 -8.37 -23.23 26.23
C ALA A 97 -7.86 -22.08 27.09
N CYS A 98 -7.73 -20.89 26.50
CA CYS A 98 -7.17 -19.74 27.16
C CYS A 98 -8.18 -18.59 27.18
N SER A 99 -8.13 -17.80 28.25
CA SER A 99 -9.01 -16.64 28.44
C SER A 99 -10.45 -17.13 28.31
N MET A 100 -11.30 -16.46 27.52
CA MET A 100 -12.70 -16.84 27.43
C MET A 100 -12.86 -18.34 27.20
N GLY A 101 -11.91 -18.96 26.48
CA GLY A 101 -11.95 -20.39 26.27
C GLY A 101 -11.86 -21.19 27.56
N ALA A 102 -10.99 -20.75 28.49
CA ALA A 102 -10.88 -21.45 29.76
C ALA A 102 -12.12 -21.26 30.62
N LEU A 103 -12.75 -20.09 30.52
CA LEU A 103 -14.00 -19.84 31.25
C LEU A 103 -15.11 -20.74 30.74
N LEU A 104 -15.21 -20.91 29.43
CA LEU A 104 -16.21 -21.80 28.88
C LEU A 104 -15.96 -23.24 29.33
N LEU A 105 -14.69 -23.63 29.44
CA LEU A 105 -14.34 -24.97 29.90
C LEU A 105 -14.73 -25.16 31.36
N ALA A 106 -14.35 -24.22 32.22
CA ALA A 106 -14.73 -24.30 33.63
C ALA A 106 -16.24 -24.25 33.80
N GLY A 107 -16.96 -23.61 32.89
CA GLY A 107 -18.40 -23.48 33.00
C GLY A 107 -19.22 -24.70 32.62
N GLY A 108 -18.58 -25.80 32.25
CA GLY A 108 -19.31 -26.99 31.88
C GLY A 108 -19.94 -27.68 33.07
N ALA A 109 -20.84 -28.61 32.76
CA ALA A 109 -21.58 -29.33 33.80
C ALA A 109 -20.63 -29.95 34.82
N ALA A 110 -21.02 -29.86 36.08
CA ALA A 110 -20.17 -30.32 37.18
C ALA A 110 -19.78 -31.78 37.02
N GLY A 111 -18.50 -32.08 37.28
CA GLY A 111 -17.97 -33.41 37.13
C GLY A 111 -17.73 -33.84 35.70
N LYS A 112 -18.13 -33.04 34.72
CA LYS A 112 -18.04 -33.39 33.31
C LYS A 112 -17.20 -32.38 32.54
N ARG A 113 -16.13 -31.88 33.18
CA ARG A 113 -15.19 -30.95 32.57
C ARG A 113 -13.85 -31.65 32.43
N TYR A 114 -13.40 -31.84 31.19
CA TYR A 114 -12.24 -32.65 30.91
C TYR A 114 -11.19 -31.91 30.10
N CYS A 115 -10.02 -32.52 30.00
CA CYS A 115 -9.02 -32.12 29.01
C CYS A 115 -8.24 -33.38 28.62
N LEU A 116 -7.35 -33.21 27.66
CA LEU A 116 -6.46 -34.26 27.20
C LEU A 116 -5.04 -33.98 27.70
N PRO A 117 -4.18 -34.99 27.73
CA PRO A 117 -2.94 -34.88 28.53
C PRO A 117 -2.09 -33.65 28.24
N HIS A 118 -2.04 -33.19 26.99
CA HIS A 118 -1.16 -32.09 26.61
C HIS A 118 -1.91 -30.80 26.34
N SER A 119 -3.18 -30.72 26.71
CA SER A 119 -3.93 -29.48 26.63
C SER A 119 -3.27 -28.40 27.47
N ARG A 120 -3.34 -27.16 26.99
CA ARG A 120 -2.89 -26.02 27.78
C ARG A 120 -4.07 -25.11 28.06
N MET A 121 -4.21 -24.71 29.32
CA MET A 121 -5.26 -23.82 29.78
C MET A 121 -4.61 -22.60 30.41
N MET A 122 -5.18 -21.43 30.16
CA MET A 122 -4.63 -20.20 30.69
C MET A 122 -5.77 -19.28 31.13
N ILE A 123 -5.63 -18.68 32.31
CA ILE A 123 -6.58 -17.72 32.83
C ILE A 123 -5.85 -16.40 33.08
N HIS A 124 -6.54 -15.28 32.84
CA HIS A 124 -6.01 -13.96 33.14
C HIS A 124 -7.18 -12.98 33.31
N GLN A 125 -6.87 -11.71 33.47
CA GLN A 125 -7.90 -10.70 33.62
C GLN A 125 -8.28 -10.08 32.28
N PRO A 126 -9.44 -9.43 32.21
CA PRO A 126 -9.93 -8.94 30.91
C PRO A 126 -9.02 -7.90 30.29
N LEU A 127 -9.04 -7.87 28.97
CA LEU A 127 -8.30 -6.91 28.16
C LEU A 127 -9.28 -6.01 27.42
N GLY A 128 -8.91 -4.75 27.28
CA GLY A 128 -9.77 -3.84 26.56
C GLY A 128 -9.02 -2.59 26.18
N GLY A 129 -9.74 -1.69 25.55
CA GLY A 129 -9.15 -0.44 25.13
C GLY A 129 -10.21 0.53 24.70
N PHE A 130 -9.91 1.82 24.79
CA PHE A 130 -10.84 2.85 24.39
C PHE A 130 -10.08 4.14 24.17
N GLN A 131 -10.67 5.00 23.35
CA GLN A 131 -10.15 6.35 23.11
C GLN A 131 -11.33 7.30 22.96
N GLY A 132 -11.12 8.51 23.43
CA GLY A 132 -12.11 9.55 23.34
C GLY A 132 -12.02 10.46 24.55
N GLN A 133 -13.17 11.03 24.89
CA GLN A 133 -13.24 12.00 25.96
C GLN A 133 -13.02 11.34 27.31
N ALA A 134 -12.37 12.08 28.21
CA ALA A 134 -12.13 11.59 29.57
C ALA A 134 -13.39 11.06 30.23
N SER A 135 -14.51 11.78 30.09
CA SER A 135 -15.77 11.30 30.65
C SER A 135 -16.15 9.95 30.08
N ASP A 136 -15.89 9.74 28.78
CA ASP A 136 -16.22 8.46 28.16
C ASP A 136 -15.24 7.39 28.60
N ILE A 137 -13.97 7.76 28.76
CA ILE A 137 -12.98 6.83 29.28
C ILE A 137 -13.42 6.32 30.64
N GLU A 138 -13.91 7.24 31.49
CA GLU A 138 -14.38 6.87 32.82
C GLU A 138 -15.49 5.84 32.75
N ILE A 139 -16.44 6.03 31.83
CA ILE A 139 -17.56 5.09 31.71
C ILE A 139 -17.05 3.70 31.37
N HIS A 140 -16.12 3.60 30.42
CA HIS A 140 -15.68 2.30 29.95
C HIS A 140 -14.70 1.65 30.91
N ALA A 141 -13.86 2.44 31.58
CA ALA A 141 -13.02 1.89 32.63
C ALA A 141 -13.87 1.23 33.72
N LYS A 142 -14.94 1.87 34.16
CA LYS A 142 -15.79 1.24 35.15
C LYS A 142 -16.47 -0.01 34.60
N GLU A 143 -16.81 0.01 33.30
CA GLU A 143 -17.47 -1.14 32.70
C GLU A 143 -16.53 -2.35 32.62
N ILE A 144 -15.24 -2.14 32.29
CA ILE A 144 -14.33 -3.28 32.19
C ILE A 144 -13.97 -3.79 33.58
N LEU A 145 -13.90 -2.88 34.55
CA LEU A 145 -13.73 -3.29 35.94
C LEU A 145 -14.93 -4.08 36.43
N PHE A 146 -16.12 -3.76 35.93
CA PHE A 146 -17.29 -4.56 36.30
C PHE A 146 -17.23 -5.95 35.68
N ILE A 147 -16.82 -6.04 34.41
CA ILE A 147 -16.70 -7.33 33.76
C ILE A 147 -15.65 -8.17 34.46
N LYS A 148 -14.54 -7.55 34.84
CA LYS A 148 -13.48 -8.26 35.53
C LYS A 148 -14.01 -8.91 36.81
N GLU A 149 -14.78 -8.17 37.60
CA GLU A 149 -15.34 -8.72 38.83
C GLU A 149 -16.30 -9.86 38.54
N ARG A 150 -17.21 -9.66 37.58
CA ARG A 150 -18.20 -10.69 37.28
C ARG A 150 -17.54 -11.96 36.78
N LEU A 151 -16.50 -11.84 35.95
CA LEU A 151 -15.83 -13.02 35.43
C LEU A 151 -15.09 -13.75 36.55
N ASN A 152 -14.44 -13.02 37.44
CA ASN A 152 -13.84 -13.67 38.60
C ASN A 152 -14.87 -14.40 39.43
N GLN A 153 -16.08 -13.83 39.57
CA GLN A 153 -17.12 -14.51 40.33
C GLN A 153 -17.54 -15.81 39.64
N ILE A 154 -17.55 -15.82 38.31
CA ILE A 154 -17.91 -17.04 37.58
C ILE A 154 -16.85 -18.12 37.78
N LEU A 155 -15.57 -17.76 37.69
CA LEU A 155 -14.52 -18.74 37.92
C LEU A 155 -14.58 -19.28 39.36
N ALA A 156 -14.64 -18.37 40.33
CA ALA A 156 -14.73 -18.79 41.72
C ALA A 156 -15.84 -19.82 41.90
N HIS A 157 -17.00 -19.54 41.32
CA HIS A 157 -18.13 -20.45 41.48
C HIS A 157 -17.82 -21.84 40.97
N HIS A 158 -17.31 -21.94 39.74
CA HIS A 158 -17.18 -23.24 39.10
C HIS A 158 -15.95 -24.01 39.57
N THR A 159 -14.90 -23.30 39.98
CA THR A 159 -13.69 -23.92 40.46
C THR A 159 -13.72 -24.21 41.95
N GLY A 160 -14.58 -23.53 42.70
CA GLY A 160 -14.60 -23.66 44.13
C GLY A 160 -13.61 -22.78 44.86
N GLN A 161 -12.82 -22.00 44.14
CA GLN A 161 -11.83 -21.18 44.82
C GLN A 161 -12.48 -19.96 45.45
N PRO A 162 -11.90 -19.43 46.53
CA PRO A 162 -12.38 -18.16 47.04
C PRO A 162 -12.10 -17.03 46.06
N LEU A 163 -12.98 -16.03 46.07
CA LEU A 163 -12.91 -14.94 45.11
C LEU A 163 -11.54 -14.26 45.12
N ASP A 164 -10.95 -14.08 46.30
CA ASP A 164 -9.68 -13.36 46.37
C ASP A 164 -8.54 -14.15 45.72
N VAL A 165 -8.64 -15.48 45.67
CA VAL A 165 -7.59 -16.27 45.01
C VAL A 165 -7.66 -16.08 43.50
N ILE A 166 -8.88 -16.14 42.95
CA ILE A 166 -9.06 -15.93 41.51
C ILE A 166 -8.50 -14.57 41.12
N ALA A 167 -8.84 -13.54 41.87
CA ALA A 167 -8.29 -12.21 41.57
C ALA A 167 -6.78 -12.23 41.57
N ARG A 168 -6.17 -12.93 42.54
CA ARG A 168 -4.72 -12.94 42.66
C ARG A 168 -4.08 -13.70 41.52
N ASP A 169 -4.59 -14.90 41.22
CA ASP A 169 -3.98 -15.77 40.24
C ASP A 169 -4.21 -15.31 38.80
N THR A 170 -5.24 -14.49 38.58
CA THR A 170 -5.57 -13.97 37.25
C THR A 170 -4.99 -12.59 36.98
N ASP A 171 -4.23 -12.01 37.92
CA ASP A 171 -3.67 -10.68 37.68
C ASP A 171 -2.79 -10.68 36.44
N ARG A 172 -1.97 -11.71 36.27
CA ARG A 172 -1.19 -11.92 35.06
C ARG A 172 -1.59 -13.26 34.45
N ASP A 173 -1.13 -13.49 33.21
CA ASP A 173 -1.36 -14.77 32.56
C ASP A 173 -0.85 -15.90 33.47
N ARG A 174 -1.70 -16.90 33.69
CA ARG A 174 -1.31 -18.06 34.48
C ARG A 174 -1.65 -19.31 33.68
N PHE A 175 -0.62 -20.01 33.20
CA PHE A 175 -0.79 -21.25 32.46
C PHE A 175 -0.89 -22.42 33.43
N MET A 176 -1.65 -23.43 33.02
CA MET A 176 -1.92 -24.59 33.85
C MET A 176 -1.85 -25.84 32.98
N SER A 177 -1.26 -26.89 33.54
CA SER A 177 -1.33 -28.20 32.93
C SER A 177 -2.66 -28.86 33.28
N GLY A 178 -2.92 -30.01 32.66
CA GLY A 178 -4.12 -30.76 33.01
C GLY A 178 -4.19 -31.09 34.49
N ASP A 179 -3.11 -31.65 35.03
CA ASP A 179 -3.07 -31.97 36.46
C ASP A 179 -3.26 -30.72 37.31
N GLU A 180 -2.56 -29.63 36.96
CA GLU A 180 -2.73 -28.39 37.69
C GLU A 180 -4.18 -27.91 37.64
N ALA A 181 -4.79 -28.00 36.45
CA ALA A 181 -6.17 -27.54 36.27
C ALA A 181 -7.15 -28.38 37.07
N VAL A 182 -6.86 -29.67 37.28
CA VAL A 182 -7.72 -30.49 38.13
C VAL A 182 -7.57 -30.06 39.59
N LYS A 183 -6.33 -29.88 40.04
CA LYS A 183 -6.11 -29.43 41.42
C LYS A 183 -6.76 -28.08 41.65
N TYR A 184 -6.84 -27.24 40.61
CA TYR A 184 -7.39 -25.90 40.76
C TYR A 184 -8.90 -25.87 40.77
N GLY A 185 -9.55 -26.88 40.20
CA GLY A 185 -10.98 -26.87 39.99
C GLY A 185 -11.42 -26.39 38.62
N LEU A 186 -10.48 -25.99 37.76
CA LEU A 186 -10.85 -25.51 36.43
C LEU A 186 -11.47 -26.63 35.60
N ILE A 187 -11.00 -27.87 35.79
CA ILE A 187 -11.59 -29.04 35.16
C ILE A 187 -11.73 -30.12 36.22
N ASP A 188 -12.41 -31.20 35.86
CA ASP A 188 -12.66 -32.32 36.75
C ASP A 188 -11.70 -33.49 36.54
N LYS A 189 -11.33 -33.80 35.30
CA LYS A 189 -10.55 -35.02 35.05
C LYS A 189 -9.72 -34.89 33.78
N VAL A 190 -8.49 -35.41 33.84
CA VAL A 190 -7.63 -35.52 32.67
C VAL A 190 -7.85 -36.88 32.02
N MET A 191 -8.44 -36.87 30.82
CA MET A 191 -8.65 -38.11 30.07
C MET A 191 -7.38 -38.51 29.34
N THR A 192 -7.13 -39.81 29.26
CA THR A 192 -5.93 -40.33 28.61
C THR A 192 -6.26 -41.28 27.47
N GLN A 193 -6.99 -42.36 27.74
CA GLN A 193 -7.46 -43.32 26.76
C GLN A 193 -8.92 -43.59 27.04
N ARG A 194 -9.69 -43.84 25.99
CA ARG A 194 -11.13 -43.99 26.16
C ARG A 194 -11.53 -45.18 27.02
N LEU B 4 -9.24 -28.00 -7.98
CA LEU B 4 -10.61 -28.50 -7.77
C LEU B 4 -10.54 -29.93 -7.25
N VAL B 5 -11.21 -30.20 -6.14
CA VAL B 5 -11.23 -31.56 -5.58
C VAL B 5 -12.12 -32.38 -6.50
N PRO B 6 -11.60 -33.39 -7.20
CA PRO B 6 -12.47 -34.17 -8.09
C PRO B 6 -13.37 -35.08 -7.28
N MET B 7 -14.42 -35.56 -7.94
CA MET B 7 -15.50 -36.28 -7.30
C MET B 7 -15.52 -37.72 -7.81
N VAL B 8 -15.97 -38.62 -6.95
CA VAL B 8 -16.02 -40.04 -7.26
C VAL B 8 -17.40 -40.62 -6.97
N ALA B 18 -21.72 -40.69 -4.55
CA ALA B 18 -21.05 -39.47 -4.98
C ALA B 18 -20.19 -38.90 -3.84
N TYR B 19 -18.89 -39.22 -3.88
CA TYR B 19 -17.93 -38.72 -2.91
C TYR B 19 -16.92 -37.79 -3.60
N ASP B 20 -16.44 -36.78 -2.88
CA ASP B 20 -15.19 -36.18 -3.34
C ASP B 20 -14.06 -37.13 -3.06
N ILE B 21 -12.92 -36.89 -3.71
CA ILE B 21 -11.84 -37.86 -3.64
C ILE B 21 -11.42 -38.12 -2.19
N TYR B 22 -11.39 -37.07 -1.36
CA TYR B 22 -10.96 -37.27 0.03
C TYR B 22 -12.03 -37.96 0.87
N SER B 23 -13.29 -37.62 0.65
CA SER B 23 -14.36 -38.34 1.34
C SER B 23 -14.36 -39.83 0.95
N ARG B 24 -14.01 -40.14 -0.30
CA ARG B 24 -13.98 -41.53 -0.73
C ARG B 24 -12.88 -42.29 -0.01
N LEU B 25 -11.73 -41.66 0.19
CA LEU B 25 -10.64 -42.30 0.90
C LEU B 25 -10.89 -42.32 2.41
N LEU B 26 -11.78 -41.45 2.91
CA LEU B 26 -12.13 -41.52 4.32
C LEU B 26 -12.83 -42.84 4.67
N LYS B 27 -13.62 -43.38 3.75
CA LYS B 27 -14.27 -44.66 4.03
C LYS B 27 -13.20 -45.74 4.22
N GLU B 28 -12.13 -45.68 3.43
CA GLU B 28 -11.00 -46.63 3.60
C GLU B 28 -10.16 -46.31 4.86
N ARG B 29 -10.63 -45.37 5.68
CA ARG B 29 -10.00 -45.00 6.94
C ARG B 29 -8.65 -44.32 6.74
N ILE B 30 -8.54 -43.54 5.68
CA ILE B 30 -7.33 -42.77 5.39
C ILE B 30 -7.66 -41.29 5.61
N ILE B 31 -6.79 -40.61 6.34
CA ILE B 31 -6.90 -39.18 6.60
C ILE B 31 -5.60 -38.52 6.15
N PHE B 32 -5.70 -37.34 5.55
CA PHE B 32 -4.55 -36.62 5.06
C PHE B 32 -4.33 -35.36 5.90
N LEU B 33 -3.07 -35.13 6.30
CA LEU B 33 -2.68 -33.93 7.03
C LEU B 33 -1.63 -33.22 6.16
N VAL B 34 -2.04 -32.16 5.48
CA VAL B 34 -1.20 -31.49 4.50
C VAL B 34 -1.00 -30.03 4.92
N GLY B 35 0.22 -29.56 4.81
CA GLY B 35 0.48 -28.17 4.96
C GLY B 35 0.65 -27.76 6.41
N GLN B 36 0.72 -26.44 6.59
CA GLN B 36 0.98 -25.87 7.90
C GLN B 36 -0.10 -26.30 8.88
N VAL B 37 0.33 -26.66 10.09
CA VAL B 37 -0.59 -27.10 11.14
C VAL B 37 -1.22 -25.85 11.77
N GLU B 38 -2.54 -25.81 11.78
CA GLU B 38 -3.28 -24.68 12.34
C GLU B 38 -4.64 -25.18 12.82
N ASP B 39 -5.29 -24.38 13.67
CA ASP B 39 -6.44 -24.85 14.42
C ASP B 39 -7.49 -25.51 13.53
N TYR B 40 -7.80 -24.90 12.39
CA TYR B 40 -8.94 -25.36 11.60
C TYR B 40 -8.63 -26.65 10.87
N MET B 41 -7.48 -26.72 10.18
CA MET B 41 -7.10 -27.99 9.54
C MET B 41 -6.80 -29.05 10.59
N ALA B 42 -6.28 -28.64 11.76
CA ALA B 42 -6.02 -29.59 12.83
C ALA B 42 -7.32 -30.21 13.33
N ASN B 43 -8.37 -29.40 13.52
CA ASN B 43 -9.61 -29.93 14.09
C ASN B 43 -10.33 -30.85 13.10
N LEU B 44 -10.19 -30.59 11.79
CA LEU B 44 -10.73 -31.52 10.80
C LEU B 44 -10.15 -32.91 10.99
N VAL B 45 -8.84 -33.02 11.21
CA VAL B 45 -8.24 -34.32 11.49
C VAL B 45 -8.83 -34.92 12.74
N VAL B 46 -8.94 -34.12 13.82
CA VAL B 46 -9.58 -34.60 15.04
C VAL B 46 -10.96 -35.14 14.72
N ALA B 47 -11.75 -34.36 13.97
CA ALA B 47 -13.11 -34.77 13.64
C ALA B 47 -13.12 -36.08 12.86
N GLN B 48 -12.19 -36.23 11.90
CA GLN B 48 -12.13 -37.46 11.12
C GLN B 48 -11.69 -38.63 11.99
N LEU B 49 -10.71 -38.41 12.88
CA LEU B 49 -10.30 -39.47 13.80
C LEU B 49 -11.47 -39.92 14.69
N LEU B 50 -12.23 -38.96 15.22
CA LEU B 50 -13.37 -39.34 16.07
C LEU B 50 -14.42 -40.10 15.24
N PHE B 51 -14.72 -39.62 14.04
CA PHE B 51 -15.70 -40.28 13.19
C PHE B 51 -15.28 -41.72 12.87
N LEU B 52 -14.01 -41.91 12.47
CA LEU B 52 -13.56 -43.25 12.13
C LEU B 52 -13.64 -44.17 13.34
N GLU B 53 -13.32 -43.66 14.54
CA GLU B 53 -13.50 -44.46 15.76
C GLU B 53 -14.94 -44.91 15.93
N ALA B 54 -15.89 -44.00 15.74
CA ALA B 54 -17.30 -44.34 15.91
C ALA B 54 -17.75 -45.33 14.85
N GLU B 55 -17.27 -45.14 13.60
CA GLU B 55 -17.59 -46.09 12.55
C GLU B 55 -17.07 -47.48 12.90
N ASN B 56 -15.88 -47.57 13.49
CA ASN B 56 -15.32 -48.85 13.90
C ASN B 56 -14.15 -48.64 14.85
N PRO B 57 -14.33 -48.82 16.16
CA PRO B 57 -13.24 -48.54 17.12
C PRO B 57 -12.11 -49.55 17.13
N GLU B 58 -12.19 -50.63 16.35
CA GLU B 58 -11.15 -51.66 16.31
C GLU B 58 -10.26 -51.55 15.07
N LYS B 59 -10.82 -51.18 13.92
CA LYS B 59 -10.04 -51.13 12.69
C LYS B 59 -9.02 -50.01 12.74
N ASP B 60 -7.83 -50.29 12.21
CA ASP B 60 -6.77 -49.29 12.18
C ASP B 60 -7.21 -48.06 11.37
N ILE B 61 -6.53 -46.95 11.63
CA ILE B 61 -6.70 -45.71 10.89
C ILE B 61 -5.34 -45.30 10.31
N HIS B 62 -5.34 -44.81 9.08
CA HIS B 62 -4.11 -44.44 8.40
C HIS B 62 -4.07 -42.94 8.19
N LEU B 63 -3.07 -42.30 8.77
CA LEU B 63 -2.89 -40.85 8.70
C LEU B 63 -1.65 -40.52 7.87
N TYR B 64 -1.87 -39.99 6.68
CA TYR B 64 -0.79 -39.49 5.83
C TYR B 64 -0.42 -38.07 6.24
N ILE B 65 0.88 -37.80 6.28
CA ILE B 65 1.40 -36.53 6.76
C ILE B 65 2.31 -35.94 5.69
N ASN B 66 1.99 -34.73 5.23
CA ASN B 66 2.92 -33.93 4.41
C ASN B 66 2.82 -32.50 4.95
N SER B 67 3.62 -32.18 5.95
CA SER B 67 3.49 -30.91 6.65
C SER B 67 4.84 -30.39 7.09
N PRO B 68 5.08 -29.08 7.05
CA PRO B 68 6.30 -28.50 7.64
C PRO B 68 6.20 -28.16 9.12
N GLY B 69 5.08 -28.39 9.77
CA GLY B 69 4.86 -28.03 11.14
C GLY B 69 3.81 -26.94 11.31
N GLY B 70 3.84 -26.31 12.46
CA GLY B 70 2.92 -25.22 12.73
C GLY B 70 2.66 -25.08 14.22
N SER B 71 1.39 -24.86 14.54
CA SER B 71 1.01 -24.52 15.91
C SER B 71 1.19 -25.71 16.83
N VAL B 72 1.81 -25.46 17.98
CA VAL B 72 1.99 -26.54 18.96
C VAL B 72 0.64 -26.96 19.54
N THR B 73 -0.19 -25.99 19.95
CA THR B 73 -1.48 -26.35 20.53
C THR B 73 -2.33 -27.11 19.51
N ALA B 74 -2.36 -26.62 18.27
CA ALA B 74 -3.15 -27.29 17.23
C ALA B 74 -2.66 -28.71 16.99
N GLY B 75 -1.32 -28.88 16.92
CA GLY B 75 -0.77 -30.22 16.76
C GLY B 75 -1.08 -31.14 17.92
N MET B 76 -1.02 -30.61 19.14
CA MET B 76 -1.32 -31.42 20.32
C MET B 76 -2.77 -31.92 20.33
N SER B 77 -3.71 -31.13 19.81
CA SER B 77 -5.08 -31.63 19.70
C SER B 77 -5.12 -32.87 18.81
N ILE B 78 -4.27 -32.92 17.79
CA ILE B 78 -4.19 -34.11 16.95
C ILE B 78 -3.52 -35.24 17.70
N TYR B 79 -2.33 -34.97 18.25
CA TYR B 79 -1.58 -36.01 18.94
C TYR B 79 -2.41 -36.69 20.03
N ASP B 80 -3.01 -35.89 20.92
CA ASP B 80 -3.75 -36.47 22.04
C ASP B 80 -4.97 -37.25 21.56
N THR B 81 -5.60 -36.81 20.47
CA THR B 81 -6.73 -37.55 19.93
C THR B 81 -6.29 -38.90 19.36
N MET B 82 -5.09 -38.95 18.75
CA MET B 82 -4.57 -40.22 18.25
C MET B 82 -4.42 -41.23 19.39
N GLN B 83 -3.85 -40.79 20.51
CA GLN B 83 -3.65 -41.69 21.65
C GLN B 83 -4.97 -41.99 22.35
N PHE B 84 -5.86 -41.00 22.46
CA PHE B 84 -7.09 -41.18 23.22
C PHE B 84 -7.97 -42.25 22.61
N ILE B 85 -8.06 -42.28 21.29
CA ILE B 85 -9.03 -43.15 20.63
C ILE B 85 -8.56 -44.60 20.68
N LYS B 86 -9.53 -45.50 20.54
CA LYS B 86 -9.22 -46.92 20.66
C LYS B 86 -8.40 -47.42 19.49
N PRO B 87 -8.77 -47.16 18.23
CA PRO B 87 -8.00 -47.75 17.12
C PRO B 87 -6.57 -47.27 17.10
N ASN B 88 -5.72 -48.13 16.56
CA ASN B 88 -4.35 -47.74 16.28
C ASN B 88 -4.34 -46.81 15.08
N VAL B 89 -3.60 -45.71 15.20
CA VAL B 89 -3.47 -44.75 14.11
C VAL B 89 -2.08 -44.92 13.53
N SER B 90 -2.00 -45.57 12.38
CA SER B 90 -0.76 -45.62 11.63
C SER B 90 -0.47 -44.25 11.04
N THR B 91 0.82 -43.95 10.87
CA THR B 91 1.24 -42.70 10.26
C THR B 91 2.24 -42.99 9.16
N THR B 92 2.06 -42.32 8.02
CA THR B 92 2.96 -42.43 6.88
C THR B 92 3.35 -41.03 6.45
N CYS B 93 4.65 -40.75 6.42
CA CYS B 93 5.14 -39.46 5.96
C CYS B 93 5.45 -39.54 4.47
N ILE B 94 4.79 -38.70 3.69
CA ILE B 94 5.09 -38.53 2.28
C ILE B 94 5.54 -37.10 2.09
N GLY B 95 6.59 -36.90 1.30
CA GLY B 95 7.11 -35.57 1.11
C GLY B 95 7.93 -35.11 2.29
N GLN B 96 7.29 -34.48 3.28
CA GLN B 96 8.02 -34.02 4.45
C GLN B 96 7.16 -34.14 5.69
N ALA B 97 7.84 -34.24 6.84
CA ALA B 97 7.22 -34.18 8.15
C ALA B 97 8.24 -33.46 9.05
N CYS B 98 8.05 -32.15 9.22
CA CYS B 98 8.98 -31.31 9.96
C CYS B 98 8.26 -30.68 11.15
N SER B 99 9.03 -30.48 12.23
CA SER B 99 8.57 -29.84 13.45
C SER B 99 7.34 -30.61 13.93
N MET B 100 6.22 -29.95 14.23
CA MET B 100 5.05 -30.67 14.72
C MET B 100 4.68 -31.83 13.82
N GLY B 101 4.93 -31.69 12.52
CA GLY B 101 4.68 -32.79 11.61
C GLY B 101 5.46 -34.04 11.98
N ALA B 102 6.73 -33.86 12.35
CA ALA B 102 7.56 -34.99 12.71
C ALA B 102 7.10 -35.60 14.03
N LEU B 103 6.61 -34.78 14.95
CA LEU B 103 6.11 -35.31 16.22
C LEU B 103 4.87 -36.17 15.98
N LEU B 104 3.94 -35.68 15.16
CA LEU B 104 2.75 -36.46 14.87
C LEU B 104 3.10 -37.78 14.19
N LEU B 105 4.12 -37.77 13.33
CA LEU B 105 4.58 -39.02 12.71
C LEU B 105 5.15 -39.96 13.76
N ALA B 106 6.05 -39.45 14.60
CA ALA B 106 6.60 -40.28 15.67
C ALA B 106 5.51 -40.77 16.61
N GLY B 107 4.43 -40.00 16.75
CA GLY B 107 3.38 -40.36 17.68
C GLY B 107 2.46 -41.47 17.22
N GLY B 108 2.74 -42.05 16.06
CA GLY B 108 1.88 -43.09 15.55
C GLY B 108 2.01 -44.37 16.33
N ALA B 109 1.06 -45.28 16.08
CA ALA B 109 1.05 -46.57 16.76
C ALA B 109 2.40 -47.27 16.57
N ALA B 110 2.89 -47.87 17.65
CA ALA B 110 4.19 -48.52 17.62
C ALA B 110 4.22 -49.59 16.53
N GLY B 111 5.32 -49.61 15.77
CA GLY B 111 5.48 -50.53 14.68
C GLY B 111 4.73 -50.20 13.41
N LYS B 112 3.88 -49.18 13.44
CA LYS B 112 3.06 -48.82 12.28
C LYS B 112 3.29 -47.36 11.87
N ARG B 113 4.52 -46.87 12.01
CA ARG B 113 4.91 -45.52 11.61
C ARG B 113 5.89 -45.66 10.45
N TYR B 114 5.51 -45.18 9.28
CA TYR B 114 6.23 -45.42 8.04
C TYR B 114 6.62 -44.11 7.37
N CYS B 115 7.47 -44.23 6.37
CA CYS B 115 7.71 -43.15 5.43
C CYS B 115 8.06 -43.78 4.08
N LEU B 116 8.18 -42.94 3.08
CA LEU B 116 8.58 -43.35 1.74
C LEU B 116 10.01 -42.91 1.45
N PRO B 117 10.67 -43.54 0.48
CA PRO B 117 12.14 -43.46 0.41
C PRO B 117 12.71 -42.06 0.40
N HIS B 118 12.03 -41.09 -0.21
CA HIS B 118 12.58 -39.74 -0.34
C HIS B 118 11.90 -38.73 0.56
N SER B 119 11.09 -39.19 1.50
CA SER B 119 10.54 -38.27 2.51
C SER B 119 11.68 -37.64 3.30
N ARG B 120 11.49 -36.38 3.69
CA ARG B 120 12.42 -35.71 4.58
C ARG B 120 11.71 -35.40 5.89
N MET B 121 12.40 -35.69 6.99
CA MET B 121 11.91 -35.45 8.33
C MET B 121 12.92 -34.54 9.04
N MET B 122 12.39 -33.57 9.76
CA MET B 122 13.21 -32.61 10.47
C MET B 122 12.60 -32.34 11.83
N ILE B 123 13.46 -32.36 12.86
CA ILE B 123 13.06 -32.08 14.23
C ILE B 123 13.88 -30.90 14.73
N HIS B 124 13.27 -30.03 15.54
CA HIS B 124 14.00 -28.93 16.14
C HIS B 124 13.28 -28.52 17.42
N GLN B 125 13.79 -27.50 18.07
CA GLN B 125 13.13 -27.09 19.29
C GLN B 125 12.04 -26.07 18.99
N PRO B 126 11.07 -25.91 19.89
CA PRO B 126 9.94 -25.03 19.58
C PRO B 126 10.40 -23.59 19.43
N LEU B 127 9.65 -22.84 18.64
CA LEU B 127 9.85 -21.41 18.44
C LEU B 127 8.68 -20.66 19.02
N GLY B 128 8.97 -19.46 19.50
CA GLY B 128 7.94 -18.61 20.04
C GLY B 128 8.43 -17.18 20.06
N GLY B 129 7.56 -16.31 20.55
CA GLY B 129 7.91 -14.91 20.65
C GLY B 129 6.89 -14.18 21.48
N PHE B 130 7.32 -13.10 22.12
CA PHE B 130 6.43 -12.34 22.98
C PHE B 130 7.03 -10.95 23.15
N GLN B 131 6.14 -10.00 23.46
CA GLN B 131 6.53 -8.64 23.76
C GLN B 131 5.61 -8.10 24.84
N GLY B 132 6.17 -7.28 25.70
CA GLY B 132 5.43 -6.69 26.80
C GLY B 132 6.32 -6.50 28.00
N GLN B 133 5.69 -6.58 29.17
CA GLN B 133 6.38 -6.31 30.43
C GLN B 133 7.36 -7.44 30.77
N ALA B 134 8.49 -7.06 31.40
CA ALA B 134 9.44 -8.05 31.87
C ALA B 134 8.76 -9.15 32.69
N SER B 135 7.85 -8.77 33.57
CA SER B 135 7.10 -9.77 34.34
C SER B 135 6.33 -10.71 33.41
N ASP B 136 5.74 -10.16 32.34
CA ASP B 136 4.98 -11.00 31.42
C ASP B 136 5.92 -11.84 30.56
N ILE B 137 7.07 -11.29 30.20
CA ILE B 137 8.07 -12.07 29.49
C ILE B 137 8.50 -13.27 30.32
N GLU B 138 8.70 -13.06 31.62
CA GLU B 138 9.09 -14.15 32.51
C GLU B 138 8.04 -15.27 32.46
N ILE B 139 6.77 -14.90 32.55
CA ILE B 139 5.71 -15.92 32.54
C ILE B 139 5.79 -16.75 31.26
N HIS B 140 5.92 -16.08 30.11
CA HIS B 140 5.88 -16.79 28.83
C HIS B 140 7.19 -17.50 28.51
N ALA B 141 8.33 -16.95 28.93
CA ALA B 141 9.58 -17.70 28.80
C ALA B 141 9.48 -19.03 29.54
N LYS B 142 8.93 -19.02 30.76
CA LYS B 142 8.79 -20.29 31.47
C LYS B 142 7.82 -21.24 30.77
N GLU B 143 6.79 -20.69 30.14
CA GLU B 143 5.81 -21.54 29.46
C GLU B 143 6.40 -22.23 28.24
N ILE B 144 7.24 -21.53 27.47
CA ILE B 144 7.81 -22.16 26.28
C ILE B 144 8.93 -23.13 26.67
N LEU B 145 9.67 -22.86 27.75
CA LEU B 145 10.62 -23.85 28.23
C LEU B 145 9.89 -25.09 28.74
N PHE B 146 8.71 -24.90 29.33
CA PHE B 146 7.91 -26.05 29.75
C PHE B 146 7.39 -26.84 28.56
N ILE B 147 6.93 -26.14 27.51
CA ILE B 147 6.46 -26.80 26.28
C ILE B 147 7.62 -27.55 25.62
N LYS B 148 8.80 -26.95 25.60
CA LYS B 148 9.97 -27.62 25.06
C LYS B 148 10.24 -28.93 25.79
N GLU B 149 10.16 -28.91 27.13
CA GLU B 149 10.35 -30.13 27.91
C GLU B 149 9.27 -31.16 27.59
N ARG B 150 8.01 -30.74 27.57
CA ARG B 150 6.92 -31.68 27.36
C ARG B 150 6.99 -32.32 25.98
N LEU B 151 7.35 -31.54 24.96
CA LEU B 151 7.43 -32.11 23.61
C LEU B 151 8.60 -33.07 23.49
N ASN B 152 9.75 -32.73 24.07
CA ASN B 152 10.88 -33.65 24.09
C ASN B 152 10.53 -34.96 24.78
N GLN B 153 9.70 -34.91 25.83
CA GLN B 153 9.28 -36.14 26.48
C GLN B 153 8.47 -36.99 25.52
N ILE B 154 7.67 -36.36 24.66
CA ILE B 154 6.84 -37.11 23.72
C ILE B 154 7.73 -37.87 22.75
N LEU B 155 8.75 -37.21 22.20
CA LEU B 155 9.64 -37.90 21.28
C LEU B 155 10.39 -39.02 21.98
N ALA B 156 10.99 -38.72 23.15
CA ALA B 156 11.70 -39.73 23.90
C ALA B 156 10.85 -40.98 24.09
N HIS B 157 9.58 -40.79 24.46
CA HIS B 157 8.68 -41.92 24.64
C HIS B 157 8.57 -42.75 23.36
N HIS B 158 8.28 -42.08 22.23
CA HIS B 158 7.99 -42.81 21.01
C HIS B 158 9.24 -43.26 20.28
N THR B 159 10.35 -42.53 20.42
CA THR B 159 11.58 -42.93 19.75
C THR B 159 12.43 -43.87 20.59
N GLY B 160 12.26 -43.86 21.91
CA GLY B 160 13.08 -44.63 22.82
C GLY B 160 14.37 -43.99 23.25
N GLN B 161 14.68 -42.79 22.76
CA GLN B 161 15.91 -42.10 23.12
C GLN B 161 15.77 -41.45 24.50
N PRO B 162 16.87 -41.23 25.22
CA PRO B 162 16.78 -40.44 26.45
C PRO B 162 16.44 -39.00 26.12
N LEU B 163 15.74 -38.35 27.03
CA LEU B 163 15.30 -36.98 26.82
C LEU B 163 16.48 -36.05 26.55
N ASP B 164 17.59 -36.25 27.25
CA ASP B 164 18.71 -35.33 27.07
C ASP B 164 19.28 -35.43 25.67
N VAL B 165 19.16 -36.61 25.05
CA VAL B 165 19.60 -36.75 23.66
C VAL B 165 18.66 -36.00 22.74
N ILE B 166 17.35 -36.15 22.94
CA ILE B 166 16.37 -35.42 22.16
C ILE B 166 16.59 -33.92 22.28
N ALA B 167 16.75 -33.42 23.50
CA ALA B 167 16.99 -31.99 23.67
C ALA B 167 18.23 -31.56 22.91
N ARG B 168 19.28 -32.36 22.96
CA ARG B 168 20.52 -31.98 22.28
C ARG B 168 20.36 -32.03 20.77
N ASP B 169 19.70 -33.08 20.26
CA ASP B 169 19.60 -33.25 18.82
C ASP B 169 18.65 -32.24 18.20
N THR B 170 17.76 -31.64 18.99
CA THR B 170 16.80 -30.65 18.52
C THR B 170 17.26 -29.22 18.76
N ASP B 171 18.46 -29.02 19.32
CA ASP B 171 18.92 -27.67 19.59
C ASP B 171 18.88 -26.82 18.33
N ARG B 172 19.30 -27.40 17.20
CA ARG B 172 19.20 -26.80 15.87
C ARG B 172 18.35 -27.71 14.99
N ASP B 173 17.99 -27.22 13.80
CA ASP B 173 17.28 -28.05 12.84
C ASP B 173 18.10 -29.30 12.54
N ARG B 174 17.47 -30.47 12.60
CA ARG B 174 18.14 -31.73 12.29
C ARG B 174 17.30 -32.48 11.28
N PHE B 175 17.79 -32.55 10.04
CA PHE B 175 17.12 -33.28 8.98
C PHE B 175 17.51 -34.75 9.02
N MET B 176 16.58 -35.61 8.59
CA MET B 176 16.77 -37.04 8.66
C MET B 176 16.27 -37.68 7.38
N SER B 177 17.02 -38.68 6.91
CA SER B 177 16.56 -39.54 5.83
C SER B 177 15.65 -40.62 6.40
N GLY B 178 15.05 -41.41 5.51
CA GLY B 178 14.27 -42.54 5.97
C GLY B 178 15.07 -43.49 6.83
N ASP B 179 16.24 -43.91 6.35
CA ASP B 179 17.09 -44.82 7.14
C ASP B 179 17.48 -44.20 8.47
N GLU B 180 17.89 -42.93 8.45
CA GLU B 180 18.24 -42.24 9.70
C GLU B 180 17.06 -42.20 10.67
N ALA B 181 15.87 -41.90 10.17
CA ALA B 181 14.72 -41.82 11.06
C ALA B 181 14.38 -43.17 11.68
N VAL B 182 14.69 -44.26 10.98
CA VAL B 182 14.35 -45.58 11.52
C VAL B 182 15.30 -45.92 12.68
N LYS B 183 16.62 -45.74 12.49
CA LYS B 183 17.55 -46.00 13.59
C LYS B 183 17.26 -45.13 14.79
N TYR B 184 16.76 -43.91 14.54
CA TYR B 184 16.52 -42.98 15.65
C TYR B 184 15.29 -43.36 16.45
N GLY B 185 14.35 -44.09 15.84
CA GLY B 185 13.07 -44.38 16.45
C GLY B 185 11.94 -43.46 16.06
N LEU B 186 12.20 -42.45 15.21
CA LEU B 186 11.14 -41.55 14.77
C LEU B 186 10.09 -42.28 13.94
N ILE B 187 10.52 -43.24 13.13
CA ILE B 187 9.63 -44.12 12.38
C ILE B 187 10.12 -45.55 12.52
N ASP B 188 9.27 -46.48 12.10
CA ASP B 188 9.56 -47.91 12.21
C ASP B 188 10.13 -48.52 10.93
N LYS B 189 9.64 -48.11 9.76
CA LYS B 189 10.02 -48.77 8.52
C LYS B 189 9.87 -47.81 7.34
N VAL B 190 10.82 -47.89 6.42
CA VAL B 190 10.76 -47.15 5.16
C VAL B 190 10.05 -48.06 4.16
N MET B 191 8.84 -47.67 3.77
CA MET B 191 8.13 -48.39 2.72
C MET B 191 8.64 -47.94 1.36
N THR B 192 8.76 -48.89 0.44
CA THR B 192 9.27 -48.60 -0.90
C THR B 192 8.27 -49.01 -1.97
N GLN B 193 7.85 -50.28 -1.96
CA GLN B 193 6.85 -50.81 -2.87
C GLN B 193 5.83 -51.54 -2.03
N ARG B 194 4.60 -51.55 -2.51
CA ARG B 194 3.54 -52.19 -1.75
C ARG B 194 3.76 -53.71 -1.72
N LEU C 4 -14.70 -21.87 -15.61
CA LEU C 4 -14.97 -22.74 -14.47
C LEU C 4 -15.17 -24.14 -15.04
N VAL C 5 -15.00 -25.17 -14.21
CA VAL C 5 -15.00 -26.56 -14.68
C VAL C 5 -16.36 -26.99 -15.21
N PRO C 6 -16.46 -27.41 -16.48
CA PRO C 6 -17.75 -27.83 -17.03
C PRO C 6 -18.12 -29.23 -16.53
N MET C 7 -19.40 -29.57 -16.73
CA MET C 7 -20.01 -30.76 -16.16
C MET C 7 -20.40 -31.73 -17.27
N VAL C 8 -20.39 -33.02 -16.92
CA VAL C 8 -20.70 -34.11 -17.86
C VAL C 8 -21.73 -35.03 -17.21
N VAL C 9 -22.86 -35.22 -17.90
CA VAL C 9 -23.93 -36.11 -17.41
C VAL C 9 -24.30 -37.07 -18.53
N ALA C 18 -23.76 -36.88 -13.19
CA ALA C 18 -23.19 -35.54 -13.21
C ALA C 18 -21.72 -35.53 -12.76
N TYR C 19 -20.85 -35.41 -13.75
CA TYR C 19 -19.42 -35.31 -13.54
C TYR C 19 -18.87 -33.97 -13.95
N ASP C 20 -17.87 -33.51 -13.23
CA ASP C 20 -17.02 -32.50 -13.82
C ASP C 20 -16.10 -33.21 -14.80
N ILE C 21 -15.53 -32.44 -15.71
CA ILE C 21 -14.75 -33.04 -16.80
C ILE C 21 -13.59 -33.86 -16.25
N TYR C 22 -12.96 -33.38 -15.18
CA TYR C 22 -11.78 -34.08 -14.67
C TYR C 22 -12.16 -35.37 -13.93
N SER C 23 -13.23 -35.34 -13.13
CA SER C 23 -13.71 -36.58 -12.52
C SER C 23 -14.13 -37.58 -13.58
N ARG C 24 -14.65 -37.09 -14.71
CA ARG C 24 -15.04 -37.99 -15.79
C ARG C 24 -13.83 -38.69 -16.39
N LEU C 25 -12.72 -37.97 -16.56
CA LEU C 25 -11.51 -38.59 -17.07
C LEU C 25 -10.78 -39.39 -16.00
N LEU C 26 -11.05 -39.12 -14.71
CA LEU C 26 -10.48 -39.92 -13.64
C LEU C 26 -10.97 -41.36 -13.70
N LYS C 27 -12.23 -41.55 -14.12
CA LYS C 27 -12.70 -42.90 -14.35
C LYS C 27 -11.90 -43.62 -15.41
N GLU C 28 -11.49 -42.91 -16.44
CA GLU C 28 -10.63 -43.44 -17.48
C GLU C 28 -9.17 -43.61 -17.02
N ARG C 29 -8.87 -43.43 -15.74
CA ARG C 29 -7.54 -43.65 -15.17
C ARG C 29 -6.56 -42.56 -15.61
N ILE C 30 -7.06 -41.35 -15.82
CA ILE C 30 -6.24 -40.21 -16.21
C ILE C 30 -6.21 -39.20 -15.08
N ILE C 31 -5.00 -38.71 -14.78
CA ILE C 31 -4.78 -37.69 -13.77
C ILE C 31 -4.01 -36.55 -14.41
N PHE C 32 -4.37 -35.32 -14.08
CA PHE C 32 -3.70 -34.14 -14.61
C PHE C 32 -2.92 -33.41 -13.51
N LEU C 33 -1.69 -33.03 -13.84
CA LEU C 33 -0.82 -32.24 -12.96
C LEU C 33 -0.50 -30.94 -13.70
N VAL C 34 -1.15 -29.85 -13.31
CA VAL C 34 -1.07 -28.59 -14.02
C VAL C 34 -0.51 -27.54 -13.10
N GLY C 35 0.46 -26.78 -13.58
CA GLY C 35 0.92 -25.61 -12.87
C GLY C 35 1.97 -25.90 -11.81
N GLN C 36 2.25 -24.88 -11.02
CA GLN C 36 3.29 -24.96 -10.01
C GLN C 36 2.98 -26.04 -8.98
N VAL C 37 4.02 -26.80 -8.62
CA VAL C 37 3.90 -27.89 -7.66
C VAL C 37 3.93 -27.33 -6.24
N GLU C 38 2.91 -27.65 -5.46
CA GLU C 38 2.79 -27.21 -4.08
C GLU C 38 1.97 -28.24 -3.32
N ASP C 39 2.05 -28.17 -1.99
CA ASP C 39 1.58 -29.28 -1.16
C ASP C 39 0.17 -29.72 -1.53
N TYR C 40 -0.73 -28.77 -1.75
CA TYR C 40 -2.15 -29.09 -1.87
C TYR C 40 -2.48 -29.72 -3.22
N MET C 41 -1.99 -29.13 -4.32
CA MET C 41 -2.18 -29.77 -5.62
C MET C 41 -1.39 -31.08 -5.70
N ALA C 42 -0.25 -31.15 -5.02
CA ALA C 42 0.53 -32.39 -5.02
C ALA C 42 -0.24 -33.51 -4.33
N ASN C 43 -0.93 -33.20 -3.23
CA ASN C 43 -1.65 -34.24 -2.50
C ASN C 43 -2.89 -34.71 -3.24
N LEU C 44 -3.54 -33.84 -4.02
CA LEU C 44 -4.64 -34.31 -4.87
C LEU C 44 -4.18 -35.41 -5.80
N VAL C 45 -3.02 -35.23 -6.42
CA VAL C 45 -2.48 -36.26 -7.30
C VAL C 45 -2.24 -37.55 -6.51
N VAL C 46 -1.59 -37.44 -5.35
CA VAL C 46 -1.37 -38.62 -4.52
C VAL C 46 -2.69 -39.34 -4.26
N ALA C 47 -3.70 -38.58 -3.81
CA ALA C 47 -4.99 -39.18 -3.50
C ALA C 47 -5.60 -39.84 -4.73
N GLN C 48 -5.48 -39.18 -5.90
CA GLN C 48 -6.03 -39.77 -7.11
C GLN C 48 -5.29 -41.06 -7.44
N LEU C 49 -3.97 -41.06 -7.26
CA LEU C 49 -3.18 -42.26 -7.47
C LEU C 49 -3.61 -43.38 -6.52
N LEU C 50 -3.79 -43.05 -5.24
CA LEU C 50 -4.19 -44.08 -4.28
C LEU C 50 -5.57 -44.63 -4.62
N PHE C 51 -6.50 -43.73 -4.99
CA PHE C 51 -7.84 -44.17 -5.36
C PHE C 51 -7.80 -45.11 -6.56
N LEU C 52 -7.03 -44.75 -7.60
CA LEU C 52 -6.97 -45.59 -8.78
C LEU C 52 -6.37 -46.96 -8.47
N GLU C 53 -5.35 -47.00 -7.60
CA GLU C 53 -4.82 -48.29 -7.18
C GLU C 53 -5.90 -49.15 -6.53
N ALA C 54 -6.73 -48.54 -5.67
CA ALA C 54 -7.78 -49.29 -5.00
C ALA C 54 -8.86 -49.76 -5.97
N GLU C 55 -9.24 -48.90 -6.93
CA GLU C 55 -10.23 -49.32 -7.93
C GLU C 55 -9.71 -50.48 -8.78
N ASN C 56 -8.42 -50.45 -9.12
CA ASN C 56 -7.84 -51.53 -9.91
C ASN C 56 -6.32 -51.49 -9.81
N PRO C 57 -5.70 -52.34 -9.00
CA PRO C 57 -4.24 -52.27 -8.81
C PRO C 57 -3.42 -52.76 -10.00
N GLU C 58 -4.06 -53.27 -11.05
CA GLU C 58 -3.35 -53.77 -12.22
C GLU C 58 -3.37 -52.80 -13.40
N LYS C 59 -4.46 -52.06 -13.59
CA LYS C 59 -4.54 -51.17 -14.75
C LYS C 59 -3.57 -50.01 -14.64
N ASP C 60 -2.94 -49.69 -15.76
CA ASP C 60 -2.00 -48.58 -15.78
C ASP C 60 -2.71 -47.28 -15.47
N ILE C 61 -1.93 -46.28 -15.07
CA ILE C 61 -2.44 -44.95 -14.80
C ILE C 61 -1.69 -43.97 -15.71
N HIS C 62 -2.41 -42.97 -16.20
CA HIS C 62 -1.85 -41.98 -17.11
C HIS C 62 -1.83 -40.64 -16.40
N LEU C 63 -0.63 -40.09 -16.22
CA LEU C 63 -0.42 -38.82 -15.56
C LEU C 63 0.03 -37.82 -16.62
N TYR C 64 -0.84 -36.88 -16.97
CA TYR C 64 -0.49 -35.79 -17.87
C TYR C 64 0.18 -34.69 -17.05
N ILE C 65 1.28 -34.15 -17.57
CA ILE C 65 2.10 -33.19 -16.84
C ILE C 65 2.28 -31.94 -17.67
N ASN C 66 1.83 -30.81 -17.15
CA ASN C 66 2.15 -29.49 -17.71
C ASN C 66 2.51 -28.60 -16.53
N SER C 67 3.79 -28.60 -16.15
CA SER C 67 4.19 -27.89 -14.94
C SER C 67 5.57 -27.26 -15.09
N PRO C 68 5.77 -26.07 -14.53
CA PRO C 68 7.11 -25.48 -14.48
C PRO C 68 7.96 -25.94 -13.31
N GLY C 69 7.43 -26.81 -12.45
CA GLY C 69 8.14 -27.26 -11.28
C GLY C 69 7.51 -26.75 -10.00
N GLY C 70 8.30 -26.79 -8.94
CA GLY C 70 7.86 -26.27 -7.67
C GLY C 70 8.58 -26.94 -6.52
N SER C 71 7.83 -27.23 -5.46
CA SER C 71 8.42 -27.69 -4.22
C SER C 71 8.97 -29.10 -4.39
N VAL C 72 10.20 -29.31 -3.91
CA VAL C 72 10.81 -30.64 -4.00
C VAL C 72 10.07 -31.62 -3.11
N THR C 73 9.77 -31.22 -1.86
CA THR C 73 9.06 -32.13 -0.98
C THR C 73 7.69 -32.48 -1.55
N ALA C 74 6.97 -31.48 -2.08
CA ALA C 74 5.67 -31.75 -2.69
C ALA C 74 5.82 -32.69 -3.88
N GLY C 75 6.81 -32.43 -4.74
CA GLY C 75 7.06 -33.33 -5.85
C GLY C 75 7.44 -34.73 -5.40
N MET C 76 8.21 -34.84 -4.32
CA MET C 76 8.63 -36.16 -3.86
C MET C 76 7.46 -37.00 -3.38
N SER C 77 6.43 -36.39 -2.78
CA SER C 77 5.28 -37.19 -2.39
C SER C 77 4.63 -37.83 -3.61
N ILE C 78 4.62 -37.12 -4.75
CA ILE C 78 4.07 -37.70 -5.96
C ILE C 78 5.00 -38.80 -6.48
N TYR C 79 6.28 -38.47 -6.64
CA TYR C 79 7.23 -39.45 -7.16
C TYR C 79 7.18 -40.74 -6.36
N ASP C 80 7.32 -40.65 -5.04
CA ASP C 80 7.37 -41.86 -4.23
C ASP C 80 6.04 -42.61 -4.27
N THR C 81 4.92 -41.90 -4.35
CA THR C 81 3.63 -42.58 -4.46
C THR C 81 3.51 -43.30 -5.81
N MET C 82 4.04 -42.69 -6.88
CA MET C 82 4.04 -43.34 -8.18
C MET C 82 4.78 -44.68 -8.12
N GLN C 83 5.97 -44.70 -7.49
CA GLN C 83 6.74 -45.93 -7.39
C GLN C 83 6.11 -46.92 -6.41
N PHE C 84 5.56 -46.42 -5.30
CA PHE C 84 5.07 -47.29 -4.25
C PHE C 84 3.89 -48.13 -4.72
N ILE C 85 2.98 -47.52 -5.48
CA ILE C 85 1.76 -48.24 -5.81
C ILE C 85 2.07 -49.31 -6.86
N LYS C 86 1.19 -50.31 -6.91
CA LYS C 86 1.45 -51.43 -7.81
C LYS C 86 1.32 -51.03 -9.27
N PRO C 87 0.28 -50.31 -9.69
CA PRO C 87 0.12 -50.01 -11.12
C PRO C 87 1.31 -49.27 -11.67
N ASN C 88 1.57 -49.48 -12.96
CA ASN C 88 2.54 -48.65 -13.65
C ASN C 88 1.94 -47.28 -13.90
N VAL C 89 2.73 -46.24 -13.63
CA VAL C 89 2.28 -44.87 -13.81
C VAL C 89 2.93 -44.38 -15.10
N SER C 90 2.15 -44.36 -16.17
CA SER C 90 2.57 -43.72 -17.40
C SER C 90 2.60 -42.22 -17.19
N THR C 91 3.51 -41.55 -17.89
CA THR C 91 3.61 -40.10 -17.84
C THR C 91 3.70 -39.54 -19.26
N THR C 92 2.93 -38.49 -19.52
CA THR C 92 2.94 -37.78 -20.80
C THR C 92 3.07 -36.30 -20.52
N CYS C 93 4.08 -35.65 -21.12
CA CYS C 93 4.25 -34.22 -20.98
C CYS C 93 3.54 -33.50 -22.12
N ILE C 94 2.62 -32.61 -21.77
CA ILE C 94 1.97 -31.70 -22.72
C ILE C 94 2.32 -30.29 -22.28
N GLY C 95 2.64 -29.44 -23.23
CA GLY C 95 3.07 -28.10 -22.88
C GLY C 95 4.50 -28.05 -22.40
N GLN C 96 4.72 -28.20 -21.10
CA GLN C 96 6.08 -28.17 -20.57
C GLN C 96 6.18 -29.09 -19.36
N ALA C 97 7.42 -29.50 -19.07
CA ALA C 97 7.74 -30.24 -17.85
C ALA C 97 9.14 -29.78 -17.43
N CYS C 98 9.19 -28.86 -16.46
CA CYS C 98 10.44 -28.27 -15.99
C CYS C 98 10.62 -28.53 -14.49
N SER C 99 11.88 -28.65 -14.08
CA SER C 99 12.25 -28.88 -12.67
C SER C 99 11.48 -30.10 -12.18
N MET C 100 10.78 -30.03 -11.03
CA MET C 100 10.09 -31.22 -10.54
C MET C 100 9.21 -31.83 -11.62
N GLY C 101 8.67 -31.00 -12.52
CA GLY C 101 7.87 -31.54 -13.60
C GLY C 101 8.63 -32.53 -14.45
N ALA C 102 9.88 -32.21 -14.77
CA ALA C 102 10.68 -33.13 -15.57
C ALA C 102 11.07 -34.38 -14.76
N LEU C 103 11.32 -34.22 -13.46
CA LEU C 103 11.63 -35.39 -12.65
C LEU C 103 10.44 -36.34 -12.57
N LEU C 104 9.24 -35.79 -12.34
CA LEU C 104 8.05 -36.62 -12.29
C LEU C 104 7.81 -37.33 -13.62
N LEU C 105 8.09 -36.64 -14.73
CA LEU C 105 7.95 -37.26 -16.05
C LEU C 105 8.94 -38.39 -16.22
N ALA C 106 10.22 -38.14 -15.93
CA ALA C 106 11.23 -39.19 -16.02
C ALA C 106 10.90 -40.38 -15.13
N GLY C 107 10.19 -40.14 -14.02
CA GLY C 107 9.85 -41.18 -13.06
C GLY C 107 8.72 -42.09 -13.44
N GLY C 108 8.15 -41.93 -14.64
CA GLY C 108 7.08 -42.79 -15.06
C GLY C 108 7.58 -44.18 -15.38
N ALA C 109 6.65 -45.11 -15.51
CA ALA C 109 7.01 -46.50 -15.80
C ALA C 109 7.90 -46.57 -17.03
N ALA C 110 8.92 -47.44 -16.96
CA ALA C 110 9.87 -47.58 -18.06
C ALA C 110 9.12 -47.89 -19.35
N GLY C 111 9.54 -47.24 -20.43
CA GLY C 111 8.89 -47.43 -21.72
C GLY C 111 7.55 -46.77 -21.89
N LYS C 112 7.04 -46.12 -20.82
CA LYS C 112 5.74 -45.46 -20.85
C LYS C 112 5.84 -44.00 -20.44
N ARG C 113 6.95 -43.34 -20.80
CA ARG C 113 7.18 -41.93 -20.53
C ARG C 113 7.18 -41.19 -21.86
N TYR C 114 6.20 -40.34 -22.08
CA TYR C 114 5.99 -39.73 -23.38
C TYR C 114 5.99 -38.21 -23.30
N CYS C 115 6.02 -37.59 -24.49
CA CYS C 115 5.69 -36.19 -24.64
C CYS C 115 5.09 -35.99 -26.02
N LEU C 116 4.62 -34.78 -26.26
CA LEU C 116 4.06 -34.41 -27.55
C LEU C 116 5.05 -33.50 -28.30
N PRO C 117 4.89 -33.38 -29.63
CA PRO C 117 6.01 -32.88 -30.46
C PRO C 117 6.58 -31.55 -30.03
N HIS C 118 5.78 -30.65 -29.48
CA HIS C 118 6.24 -29.30 -29.15
C HIS C 118 6.40 -29.08 -27.65
N SER C 119 6.38 -30.16 -26.86
CA SER C 119 6.64 -30.06 -25.44
C SER C 119 8.05 -29.55 -25.20
N ARG C 120 8.22 -28.76 -24.14
CA ARG C 120 9.54 -28.35 -23.69
C ARG C 120 9.82 -28.90 -22.29
N MET C 121 11.00 -29.45 -22.11
CA MET C 121 11.46 -30.00 -20.85
C MET C 121 12.75 -29.30 -20.45
N MET C 122 12.90 -29.04 -19.16
CA MET C 122 14.09 -28.37 -18.66
C MET C 122 14.50 -29.05 -17.35
N ILE C 123 15.79 -29.31 -17.21
CA ILE C 123 16.35 -29.88 -16.00
C ILE C 123 17.40 -28.93 -15.46
N HIS C 124 17.50 -28.83 -14.14
CA HIS C 124 18.53 -28.00 -13.51
C HIS C 124 18.73 -28.53 -12.09
N GLN C 125 19.52 -27.82 -11.30
CA GLN C 125 19.79 -28.21 -9.92
C GLN C 125 18.83 -27.52 -8.97
N PRO C 126 18.67 -28.03 -7.75
CA PRO C 126 17.66 -27.46 -6.84
C PRO C 126 17.95 -26.02 -6.48
N LEU C 127 16.88 -25.30 -6.17
CA LEU C 127 16.94 -23.91 -5.73
C LEU C 127 16.49 -23.80 -4.28
N GLY C 128 17.11 -22.90 -3.55
CA GLY C 128 16.70 -22.69 -2.17
C GLY C 128 17.19 -21.37 -1.65
N GLY C 129 16.92 -21.14 -0.37
CA GLY C 129 17.36 -19.94 0.28
C GLY C 129 17.18 -20.03 1.77
N PHE C 130 17.99 -19.29 2.51
CA PHE C 130 17.91 -19.30 3.96
C PHE C 130 18.62 -18.07 4.49
N GLN C 131 18.21 -17.65 5.69
CA GLN C 131 18.88 -16.57 6.40
C GLN C 131 18.83 -16.89 7.88
N GLY C 132 19.86 -16.46 8.58
CA GLY C 132 19.97 -16.65 10.00
C GLY C 132 21.42 -16.83 10.39
N GLN C 133 21.62 -17.59 11.47
CA GLN C 133 22.94 -17.80 12.02
C GLN C 133 23.78 -18.68 11.12
N ALA C 134 25.09 -18.41 11.11
CA ALA C 134 26.02 -19.25 10.34
C ALA C 134 25.82 -20.72 10.62
N SER C 135 25.67 -21.09 11.90
CA SER C 135 25.44 -22.49 12.22
C SER C 135 24.22 -23.03 11.50
N ASP C 136 23.15 -22.22 11.43
CA ASP C 136 21.92 -22.66 10.78
C ASP C 136 22.08 -22.68 9.25
N ILE C 137 22.82 -21.72 8.72
CA ILE C 137 23.11 -21.72 7.28
C ILE C 137 23.83 -23.01 6.90
N GLU C 138 24.80 -23.41 7.72
CA GLU C 138 25.55 -24.65 7.46
C GLU C 138 24.62 -25.85 7.39
N ILE C 139 23.70 -25.95 8.34
CA ILE C 139 22.77 -27.08 8.38
C ILE C 139 21.97 -27.15 7.08
N HIS C 140 21.44 -26.01 6.63
CA HIS C 140 20.56 -26.01 5.48
C HIS C 140 21.33 -26.10 4.17
N ALA C 141 22.50 -25.47 4.10
CA ALA C 141 23.35 -25.63 2.93
C ALA C 141 23.64 -27.11 2.67
N LYS C 142 24.01 -27.85 3.72
CA LYS C 142 24.24 -29.28 3.53
C LYS C 142 22.96 -30.04 3.17
N GLU C 143 21.82 -29.61 3.68
CA GLU C 143 20.58 -30.29 3.35
C GLU C 143 20.22 -30.13 1.87
N ILE C 144 20.45 -28.95 1.30
CA ILE C 144 20.09 -28.77 -0.11
C ILE C 144 21.11 -29.49 -1.00
N LEU C 145 22.37 -29.56 -0.57
CA LEU C 145 23.36 -30.36 -1.30
C LEU C 145 23.00 -31.83 -1.24
N PHE C 146 22.43 -32.28 -0.12
CA PHE C 146 21.97 -33.66 -0.03
C PHE C 146 20.79 -33.88 -0.98
N ILE C 147 19.86 -32.91 -1.02
CA ILE C 147 18.72 -32.99 -1.94
C ILE C 147 19.21 -32.99 -3.39
N LYS C 148 20.20 -32.16 -3.69
CA LYS C 148 20.79 -32.14 -5.02
C LYS C 148 21.38 -33.50 -5.40
N GLU C 149 22.12 -34.12 -4.49
CA GLU C 149 22.68 -35.45 -4.74
C GLU C 149 21.57 -36.46 -4.96
N ARG C 150 20.57 -36.48 -4.08
CA ARG C 150 19.51 -37.47 -4.16
C ARG C 150 18.69 -37.31 -5.43
N LEU C 151 18.41 -36.07 -5.84
CA LEU C 151 17.61 -35.86 -7.05
C LEU C 151 18.38 -36.28 -8.29
N ASN C 152 19.68 -35.96 -8.33
CA ASN C 152 20.50 -36.44 -9.44
C ASN C 152 20.49 -37.96 -9.52
N GLN C 153 20.54 -38.63 -8.36
CA GLN C 153 20.52 -40.10 -8.40
C GLN C 153 19.21 -40.63 -8.97
N ILE C 154 18.10 -39.94 -8.72
CA ILE C 154 16.83 -40.37 -9.29
C ILE C 154 16.84 -40.20 -10.80
N LEU C 155 17.35 -39.06 -11.27
CA LEU C 155 17.46 -38.85 -12.71
C LEU C 155 18.36 -39.91 -13.34
N ALA C 156 19.53 -40.14 -12.73
CA ALA C 156 20.45 -41.17 -13.22
C ALA C 156 19.74 -42.51 -13.36
N HIS C 157 19.00 -42.89 -12.32
CA HIS C 157 18.31 -44.18 -12.35
C HIS C 157 17.36 -44.29 -13.52
N HIS C 158 16.50 -43.29 -13.72
CA HIS C 158 15.44 -43.42 -14.70
C HIS C 158 15.94 -43.17 -16.12
N THR C 159 16.97 -42.35 -16.27
CA THR C 159 17.49 -42.07 -17.60
C THR C 159 18.55 -43.06 -18.03
N GLY C 160 19.23 -43.70 -17.08
CA GLY C 160 20.35 -44.54 -17.41
C GLY C 160 21.67 -43.81 -17.55
N GLN C 161 21.67 -42.49 -17.33
CA GLN C 161 22.89 -41.69 -17.41
C GLN C 161 23.73 -41.88 -16.15
N PRO C 162 25.04 -41.71 -16.26
CA PRO C 162 25.86 -41.71 -15.04
C PRO C 162 25.61 -40.48 -14.19
N LEU C 163 25.82 -40.65 -12.87
CA LEU C 163 25.56 -39.59 -11.91
C LEU C 163 26.34 -38.32 -12.23
N ASP C 164 27.62 -38.45 -12.60
CA ASP C 164 28.40 -37.24 -12.83
C ASP C 164 27.92 -36.46 -14.05
N VAL C 165 27.34 -37.16 -15.04
CA VAL C 165 26.80 -36.47 -16.20
C VAL C 165 25.58 -35.66 -15.80
N ILE C 166 24.69 -36.26 -15.00
CA ILE C 166 23.52 -35.53 -14.50
C ILE C 166 23.96 -34.27 -13.75
N ALA C 167 24.91 -34.41 -12.83
CA ALA C 167 25.36 -33.24 -12.09
C ALA C 167 25.85 -32.14 -13.03
N ARG C 168 26.60 -32.51 -14.06
CA ARG C 168 27.13 -31.52 -14.98
C ARG C 168 26.04 -30.90 -15.84
N ASP C 169 25.13 -31.72 -16.36
CA ASP C 169 24.12 -31.22 -17.28
C ASP C 169 23.08 -30.37 -16.59
N THR C 170 22.94 -30.51 -15.26
CA THR C 170 21.98 -29.76 -14.48
C THR C 170 22.60 -28.53 -13.83
N ASP C 171 23.89 -28.27 -14.06
CA ASP C 171 24.52 -27.11 -13.44
C ASP C 171 23.77 -25.83 -13.78
N ARG C 172 23.38 -25.67 -15.03
CA ARG C 172 22.54 -24.56 -15.46
C ARG C 172 21.25 -25.10 -16.07
N ASP C 173 20.32 -24.19 -16.30
CA ASP C 173 19.09 -24.56 -16.99
C ASP C 173 19.47 -25.24 -18.30
N ARG C 174 18.88 -26.40 -18.56
CA ARG C 174 19.13 -27.13 -19.79
C ARG C 174 17.78 -27.50 -20.39
N PHE C 175 17.43 -26.84 -21.49
CA PHE C 175 16.20 -27.12 -22.20
C PHE C 175 16.39 -28.25 -23.19
N MET C 176 15.32 -29.02 -23.42
CA MET C 176 15.37 -30.19 -24.28
C MET C 176 14.10 -30.29 -25.11
N SER C 177 14.26 -30.68 -26.37
CA SER C 177 13.13 -31.03 -27.20
C SER C 177 12.75 -32.49 -26.94
N GLY C 178 11.62 -32.91 -27.52
CA GLY C 178 11.21 -34.31 -27.40
C GLY C 178 12.28 -35.28 -27.89
N ASP C 179 12.81 -35.03 -29.09
CA ASP C 179 13.87 -35.92 -29.59
C ASP C 179 15.06 -35.92 -28.65
N GLU C 180 15.49 -34.74 -28.22
CA GLU C 180 16.61 -34.66 -27.29
C GLU C 180 16.31 -35.43 -26.00
N ALA C 181 15.09 -35.29 -25.47
CA ALA C 181 14.73 -35.96 -24.22
C ALA C 181 14.73 -37.47 -24.37
N VAL C 182 14.38 -37.97 -25.56
CA VAL C 182 14.44 -39.40 -25.81
C VAL C 182 15.90 -39.87 -25.84
N LYS C 183 16.75 -39.11 -26.54
CA LYS C 183 18.17 -39.45 -26.58
C LYS C 183 18.79 -39.45 -25.19
N TYR C 184 18.29 -38.57 -24.31
CA TYR C 184 18.84 -38.42 -22.98
C TYR C 184 18.39 -39.51 -22.02
N GLY C 185 17.29 -40.18 -22.33
CA GLY C 185 16.69 -41.12 -21.40
C GLY C 185 15.61 -40.52 -20.54
N LEU C 186 15.34 -39.21 -20.68
CA LEU C 186 14.32 -38.55 -19.87
C LEU C 186 12.93 -39.07 -20.20
N ILE C 187 12.65 -39.35 -21.47
CA ILE C 187 11.41 -39.97 -21.88
C ILE C 187 11.75 -41.09 -22.86
N ASP C 188 10.75 -41.89 -23.18
CA ASP C 188 10.92 -43.02 -24.10
C ASP C 188 10.51 -42.72 -25.53
N LYS C 189 9.42 -42.00 -25.75
CA LYS C 189 8.91 -41.82 -27.11
C LYS C 189 8.14 -40.52 -27.24
N VAL C 190 8.31 -39.85 -28.37
CA VAL C 190 7.53 -38.67 -28.69
C VAL C 190 6.29 -39.12 -29.45
N MET C 191 5.13 -38.97 -28.82
CA MET C 191 3.86 -39.27 -29.48
C MET C 191 3.51 -38.10 -30.39
N THR C 192 2.94 -38.41 -31.55
CA THR C 192 2.60 -37.37 -32.52
C THR C 192 1.12 -37.42 -32.87
N GLN C 193 0.62 -38.55 -33.34
CA GLN C 193 -0.78 -38.77 -33.66
C GLN C 193 -1.22 -40.08 -33.02
N ARG C 194 -2.47 -40.14 -32.60
CA ARG C 194 -2.95 -41.33 -31.93
C ARG C 194 -2.99 -42.54 -32.85
N LEU D 4 -22.12 -16.16 -12.58
CA LEU D 4 -22.70 -17.51 -12.54
C LEU D 4 -23.30 -17.93 -13.87
N VAL D 5 -22.83 -19.09 -14.33
CA VAL D 5 -23.18 -19.67 -15.63
C VAL D 5 -24.61 -20.17 -15.58
N PRO D 6 -25.49 -19.79 -16.51
CA PRO D 6 -26.90 -20.18 -16.40
C PRO D 6 -27.15 -21.67 -16.68
N MET D 7 -28.31 -22.13 -16.19
CA MET D 7 -28.66 -23.54 -16.11
C MET D 7 -29.86 -23.91 -16.98
N VAL D 8 -29.62 -24.41 -18.19
CA VAL D 8 -30.75 -24.89 -19.00
C VAL D 8 -30.36 -26.25 -19.58
N ALA D 18 -30.06 -31.25 -16.45
CA ALA D 18 -29.62 -29.94 -15.95
C ALA D 18 -28.14 -29.69 -16.23
N TYR D 19 -27.87 -28.89 -17.25
CA TYR D 19 -26.53 -28.52 -17.63
C TYR D 19 -26.30 -27.03 -17.38
N ASP D 20 -25.05 -26.66 -17.11
CA ASP D 20 -24.69 -25.27 -17.34
C ASP D 20 -24.58 -25.05 -18.84
N ILE D 21 -24.62 -23.79 -19.27
CA ILE D 21 -24.73 -23.51 -20.70
C ILE D 21 -23.55 -24.11 -21.47
N TYR D 22 -22.35 -24.04 -20.90
CA TYR D 22 -21.20 -24.56 -21.64
C TYR D 22 -21.21 -26.08 -21.66
N SER D 23 -21.61 -26.71 -20.55
CA SER D 23 -21.75 -28.16 -20.56
C SER D 23 -22.79 -28.61 -21.57
N ARG D 24 -23.86 -27.83 -21.75
CA ARG D 24 -24.91 -28.17 -22.72
C ARG D 24 -24.37 -28.10 -24.14
N LEU D 25 -23.54 -27.10 -24.43
CA LEU D 25 -22.89 -26.99 -25.73
C LEU D 25 -21.71 -27.95 -25.86
N LEU D 26 -21.16 -28.43 -24.74
CA LEU D 26 -20.10 -29.43 -24.82
C LEU D 26 -20.64 -30.73 -25.41
N LYS D 27 -21.89 -31.07 -25.13
CA LYS D 27 -22.48 -32.25 -25.75
C LYS D 27 -22.49 -32.10 -27.26
N GLU D 28 -22.77 -30.89 -27.75
CA GLU D 28 -22.73 -30.58 -29.18
C GLU D 28 -21.30 -30.47 -29.75
N ARG D 29 -20.27 -30.81 -28.96
CA ARG D 29 -18.88 -30.85 -29.43
C ARG D 29 -18.33 -29.45 -29.73
N ILE D 30 -18.79 -28.46 -28.97
CA ILE D 30 -18.32 -27.09 -29.07
C ILE D 30 -17.51 -26.80 -27.81
N ILE D 31 -16.30 -26.29 -27.99
CA ILE D 31 -15.44 -25.90 -26.87
C ILE D 31 -15.06 -24.45 -27.08
N PHE D 32 -15.08 -23.67 -26.00
CA PHE D 32 -14.74 -22.26 -26.06
C PHE D 32 -13.39 -22.02 -25.43
N LEU D 33 -12.55 -21.24 -26.12
CA LEU D 33 -11.24 -20.81 -25.60
C LEU D 33 -11.27 -19.30 -25.54
N VAL D 34 -11.41 -18.75 -24.33
CA VAL D 34 -11.61 -17.33 -24.12
C VAL D 34 -10.53 -16.77 -23.22
N GLY D 35 -10.01 -15.62 -23.60
CA GLY D 35 -9.14 -14.87 -22.72
C GLY D 35 -7.69 -15.27 -22.82
N GLN D 36 -6.92 -14.74 -21.90
CA GLN D 36 -5.49 -14.99 -21.90
C GLN D 36 -5.23 -16.49 -21.76
N VAL D 37 -4.28 -16.98 -22.56
CA VAL D 37 -3.91 -18.40 -22.54
C VAL D 37 -2.97 -18.62 -21.35
N GLU D 38 -3.35 -19.54 -20.48
CA GLU D 38 -2.58 -19.86 -19.29
C GLU D 38 -2.86 -21.31 -18.94
N ASP D 39 -1.98 -21.88 -18.09
CA ASP D 39 -1.95 -23.33 -17.91
C ASP D 39 -3.32 -23.89 -17.59
N TYR D 40 -4.07 -23.22 -16.72
CA TYR D 40 -5.29 -23.82 -16.19
C TYR D 40 -6.42 -23.79 -17.21
N MET D 41 -6.66 -22.64 -17.85
CA MET D 41 -7.70 -22.62 -18.89
C MET D 41 -7.29 -23.46 -20.07
N ALA D 42 -5.98 -23.51 -20.38
CA ALA D 42 -5.50 -24.34 -21.47
C ALA D 42 -5.74 -25.81 -21.20
N ASN D 43 -5.52 -26.26 -19.96
CA ASN D 43 -5.69 -27.68 -19.68
C ASN D 43 -7.15 -28.09 -19.70
N LEU D 44 -8.07 -27.19 -19.34
CA LEU D 44 -9.49 -27.45 -19.54
C LEU D 44 -9.80 -27.73 -21.00
N VAL D 45 -9.24 -26.93 -21.91
CA VAL D 45 -9.45 -27.20 -23.33
C VAL D 45 -8.91 -28.58 -23.68
N VAL D 46 -7.68 -28.88 -23.23
CA VAL D 46 -7.10 -30.21 -23.45
C VAL D 46 -8.06 -31.29 -22.95
N ALA D 47 -8.56 -31.13 -21.72
CA ALA D 47 -9.46 -32.12 -21.15
C ALA D 47 -10.71 -32.28 -22.02
N GLN D 48 -11.25 -31.17 -22.53
CA GLN D 48 -12.46 -31.25 -23.34
C GLN D 48 -12.17 -31.96 -24.67
N LEU D 49 -11.02 -31.68 -25.29
CA LEU D 49 -10.65 -32.38 -26.51
C LEU D 49 -10.55 -33.89 -26.29
N LEU D 50 -9.89 -34.30 -25.19
CA LEU D 50 -9.75 -35.74 -24.92
C LEU D 50 -11.10 -36.38 -24.62
N PHE D 51 -11.92 -35.73 -23.81
CA PHE D 51 -13.24 -36.27 -23.49
C PHE D 51 -14.07 -36.45 -24.77
N LEU D 52 -14.11 -35.42 -25.63
CA LEU D 52 -14.91 -35.54 -26.85
C LEU D 52 -14.38 -36.65 -27.75
N GLU D 53 -13.05 -36.80 -27.84
CA GLU D 53 -12.48 -37.90 -28.59
C GLU D 53 -12.99 -39.23 -28.07
N ALA D 54 -13.02 -39.38 -26.74
CA ALA D 54 -13.50 -40.63 -26.14
C ALA D 54 -14.99 -40.82 -26.41
N GLU D 55 -15.78 -39.74 -26.35
CA GLU D 55 -17.19 -39.86 -26.67
C GLU D 55 -17.42 -40.30 -28.10
N ASN D 56 -16.64 -39.77 -29.03
CA ASN D 56 -16.76 -40.16 -30.43
C ASN D 56 -15.51 -39.74 -31.19
N PRO D 57 -14.60 -40.69 -31.48
CA PRO D 57 -13.35 -40.31 -32.14
C PRO D 57 -13.48 -39.95 -33.61
N GLU D 58 -14.67 -40.01 -34.19
CA GLU D 58 -14.84 -39.69 -35.61
C GLU D 58 -15.48 -38.32 -35.84
N LYS D 59 -16.40 -37.89 -34.98
CA LYS D 59 -17.12 -36.64 -35.21
C LYS D 59 -16.22 -35.42 -35.05
N ASP D 60 -16.45 -34.42 -35.90
CA ASP D 60 -15.67 -33.19 -35.83
C ASP D 60 -15.85 -32.53 -34.46
N ILE D 61 -14.90 -31.68 -34.10
CA ILE D 61 -14.98 -30.88 -32.90
C ILE D 61 -14.85 -29.42 -33.30
N HIS D 62 -15.63 -28.57 -32.66
CA HIS D 62 -15.66 -27.15 -32.98
C HIS D 62 -15.11 -26.38 -31.80
N LEU D 63 -13.99 -25.70 -32.04
CA LEU D 63 -13.28 -24.92 -31.04
C LEU D 63 -13.42 -23.45 -31.39
N TYR D 64 -14.22 -22.73 -30.61
CA TYR D 64 -14.33 -21.30 -30.74
C TYR D 64 -13.17 -20.64 -30.01
N ILE D 65 -12.59 -19.64 -30.65
CA ILE D 65 -11.42 -18.95 -30.12
C ILE D 65 -11.75 -17.47 -30.07
N ASN D 66 -11.72 -16.90 -28.87
CA ASN D 66 -11.78 -15.45 -28.69
C ASN D 66 -10.73 -15.15 -27.63
N SER D 67 -9.48 -14.94 -28.09
CA SER D 67 -8.33 -14.83 -27.22
C SER D 67 -7.30 -13.84 -27.73
N PRO D 68 -6.65 -13.10 -26.83
CA PRO D 68 -5.52 -12.27 -27.24
C PRO D 68 -4.18 -12.97 -27.26
N GLY D 69 -4.12 -14.25 -26.88
CA GLY D 69 -2.88 -14.98 -26.80
C GLY D 69 -2.51 -15.32 -25.36
N GLY D 70 -1.25 -15.61 -25.15
CA GLY D 70 -0.78 -15.87 -23.81
C GLY D 70 0.43 -16.79 -23.84
N SER D 71 0.43 -17.76 -22.92
CA SER D 71 1.59 -18.62 -22.72
C SER D 71 1.75 -19.56 -23.89
N VAL D 72 2.97 -19.63 -24.42
CA VAL D 72 3.27 -20.52 -25.54
C VAL D 72 3.15 -21.97 -25.10
N THR D 73 3.75 -22.32 -23.94
CA THR D 73 3.71 -23.70 -23.49
C THR D 73 2.27 -24.16 -23.28
N ALA D 74 1.45 -23.34 -22.64
CA ALA D 74 0.05 -23.70 -22.45
C ALA D 74 -0.64 -23.83 -23.80
N GLY D 75 -0.38 -22.90 -24.72
CA GLY D 75 -0.96 -23.01 -26.06
C GLY D 75 -0.50 -24.25 -26.81
N MET D 76 0.80 -24.57 -26.71
CA MET D 76 1.31 -25.74 -27.41
C MET D 76 0.66 -27.02 -26.89
N SER D 77 0.35 -27.09 -25.59
CA SER D 77 -0.36 -28.26 -25.10
C SER D 77 -1.70 -28.40 -25.84
N ILE D 78 -2.34 -27.26 -26.15
CA ILE D 78 -3.59 -27.30 -26.94
C ILE D 78 -3.29 -27.70 -28.38
N TYR D 79 -2.34 -27.01 -29.00
CA TYR D 79 -2.01 -27.29 -30.39
C TYR D 79 -1.70 -28.78 -30.60
N ASP D 80 -0.80 -29.33 -29.78
CA ASP D 80 -0.41 -30.73 -29.97
C ASP D 80 -1.57 -31.68 -29.68
N THR D 81 -2.43 -31.35 -28.72
CA THR D 81 -3.58 -32.19 -28.44
C THR D 81 -4.56 -32.16 -29.62
N MET D 82 -4.70 -30.99 -30.28
CA MET D 82 -5.58 -30.93 -31.44
C MET D 82 -5.15 -31.92 -32.52
N GLN D 83 -3.84 -31.95 -32.82
CA GLN D 83 -3.35 -32.83 -33.86
C GLN D 83 -3.38 -34.29 -33.41
N PHE D 84 -3.06 -34.54 -32.14
CA PHE D 84 -2.86 -35.91 -31.66
C PHE D 84 -4.12 -36.75 -31.77
N ILE D 85 -5.27 -36.16 -31.44
CA ILE D 85 -6.51 -36.92 -31.34
C ILE D 85 -7.04 -37.23 -32.73
N LYS D 86 -7.93 -38.23 -32.79
CA LYS D 86 -8.46 -38.67 -34.07
C LYS D 86 -9.41 -37.63 -34.69
N PRO D 87 -10.38 -37.06 -33.97
CA PRO D 87 -11.32 -36.15 -34.63
C PRO D 87 -10.62 -34.93 -35.22
N ASN D 88 -11.21 -34.43 -36.31
CA ASN D 88 -10.80 -33.15 -36.86
C ASN D 88 -11.29 -32.06 -35.93
N VAL D 89 -10.45 -31.10 -35.61
CA VAL D 89 -10.82 -30.00 -34.74
C VAL D 89 -10.95 -28.77 -35.61
N SER D 90 -12.20 -28.40 -35.91
CA SER D 90 -12.48 -27.14 -36.56
C SER D 90 -12.22 -26.01 -35.59
N THR D 91 -11.87 -24.84 -36.13
CA THR D 91 -11.65 -23.64 -35.34
C THR D 91 -12.40 -22.46 -35.95
N THR D 92 -13.04 -21.67 -35.09
CA THR D 92 -13.76 -20.48 -35.50
C THR D 92 -13.33 -19.32 -34.61
N CYS D 93 -12.80 -18.27 -35.22
CA CYS D 93 -12.40 -17.09 -34.47
C CYS D 93 -13.57 -16.12 -34.37
N ILE D 94 -13.97 -15.83 -33.15
CA ILE D 94 -14.96 -14.80 -32.87
C ILE D 94 -14.30 -13.75 -31.99
N GLY D 95 -14.53 -12.48 -32.30
CA GLY D 95 -13.88 -11.40 -31.60
C GLY D 95 -12.45 -11.21 -32.09
N GLN D 96 -11.50 -11.91 -31.46
CA GLN D 96 -10.11 -11.79 -31.88
C GLN D 96 -9.39 -13.11 -31.68
N ALA D 97 -8.29 -13.27 -32.43
CA ALA D 97 -7.35 -14.37 -32.25
C ALA D 97 -5.97 -13.80 -32.56
N CYS D 98 -5.24 -13.42 -31.52
CA CYS D 98 -3.94 -12.79 -31.65
C CYS D 98 -2.89 -13.64 -30.96
N SER D 99 -1.68 -13.61 -31.50
CA SER D 99 -0.53 -14.34 -30.98
C SER D 99 -0.92 -15.81 -30.87
N MET D 100 -0.67 -16.47 -29.74
CA MET D 100 -0.97 -17.91 -29.63
C MET D 100 -2.40 -18.19 -30.05
N GLY D 101 -3.31 -17.25 -29.85
CA GLY D 101 -4.66 -17.43 -30.33
C GLY D 101 -4.72 -17.64 -31.84
N ALA D 102 -3.92 -16.88 -32.58
CA ALA D 102 -3.93 -17.01 -34.03
C ALA D 102 -3.32 -18.34 -34.46
N LEU D 103 -2.28 -18.78 -33.74
CA LEU D 103 -1.64 -20.05 -34.08
C LEU D 103 -2.59 -21.22 -33.85
N LEU D 104 -3.31 -21.23 -32.74
CA LEU D 104 -4.27 -22.30 -32.52
C LEU D 104 -5.32 -22.30 -33.62
N LEU D 105 -5.72 -21.11 -34.06
CA LEU D 105 -6.69 -20.98 -35.16
C LEU D 105 -6.10 -21.53 -36.45
N ALA D 106 -4.89 -21.11 -36.81
CA ALA D 106 -4.26 -21.61 -38.02
C ALA D 106 -4.06 -23.13 -37.97
N GLY D 107 -3.88 -23.68 -36.77
CA GLY D 107 -3.65 -25.11 -36.59
C GLY D 107 -4.87 -25.99 -36.67
N GLY D 108 -6.04 -25.44 -36.96
CA GLY D 108 -7.22 -26.26 -37.07
C GLY D 108 -7.21 -27.10 -38.33
N ALA D 109 -8.14 -28.06 -38.38
CA ALA D 109 -8.21 -28.99 -39.49
C ALA D 109 -8.29 -28.24 -40.82
N ALA D 110 -7.58 -28.76 -41.81
CA ALA D 110 -7.53 -28.12 -43.11
C ALA D 110 -8.92 -27.94 -43.69
N GLY D 111 -9.19 -26.76 -44.24
CA GLY D 111 -10.48 -26.43 -44.79
C GLY D 111 -11.56 -26.15 -43.78
N LYS D 112 -11.29 -26.30 -42.48
CA LYS D 112 -12.28 -26.12 -41.44
C LYS D 112 -11.85 -25.06 -40.42
N ARG D 113 -11.15 -24.02 -40.89
CA ARG D 113 -10.69 -22.92 -40.05
C ARG D 113 -11.44 -21.65 -40.50
N TYR D 114 -12.26 -21.11 -39.61
CA TYR D 114 -13.20 -20.04 -39.96
C TYR D 114 -13.01 -18.81 -39.09
N CYS D 115 -13.67 -17.73 -39.51
CA CYS D 115 -13.86 -16.57 -38.66
C CYS D 115 -15.17 -15.91 -39.06
N LEU D 116 -15.54 -14.89 -38.32
CA LEU D 116 -16.72 -14.09 -38.64
C LEU D 116 -16.26 -12.73 -39.14
N PRO D 117 -17.13 -11.99 -39.83
CA PRO D 117 -16.65 -10.86 -40.64
C PRO D 117 -15.79 -9.86 -39.89
N HIS D 118 -16.05 -9.62 -38.61
CA HIS D 118 -15.36 -8.58 -37.88
C HIS D 118 -14.33 -9.11 -36.91
N SER D 119 -14.00 -10.41 -36.99
CA SER D 119 -12.90 -10.95 -36.21
C SER D 119 -11.60 -10.26 -36.60
N ARG D 120 -10.73 -10.05 -35.61
CA ARG D 120 -9.39 -9.52 -35.86
C ARG D 120 -8.37 -10.57 -35.46
N MET D 121 -7.38 -10.76 -36.32
CA MET D 121 -6.30 -11.72 -36.11
C MET D 121 -4.98 -10.98 -36.19
N MET D 122 -4.05 -11.35 -35.31
CA MET D 122 -2.75 -10.69 -35.26
C MET D 122 -1.72 -11.78 -35.08
N ILE D 123 -0.66 -11.71 -35.88
CA ILE D 123 0.48 -12.62 -35.78
C ILE D 123 1.71 -11.78 -35.52
N HIS D 124 2.60 -12.28 -34.68
CA HIS D 124 3.84 -11.59 -34.41
C HIS D 124 4.86 -12.61 -33.91
N GLN D 125 6.01 -12.13 -33.50
CA GLN D 125 7.04 -13.01 -32.97
C GLN D 125 6.91 -13.13 -31.47
N PRO D 126 7.47 -14.19 -30.89
CA PRO D 126 7.29 -14.43 -29.44
C PRO D 126 7.95 -13.37 -28.58
N LEU D 127 7.37 -13.19 -27.39
CA LEU D 127 7.83 -12.26 -26.37
C LEU D 127 8.37 -13.05 -25.18
N GLY D 128 9.38 -12.47 -24.54
CA GLY D 128 9.90 -13.11 -23.34
C GLY D 128 10.74 -12.14 -22.54
N GLY D 129 11.29 -12.65 -21.45
CA GLY D 129 12.16 -11.87 -20.61
C GLY D 129 12.83 -12.74 -19.59
N PHE D 130 14.02 -12.33 -19.14
CA PHE D 130 14.76 -13.09 -18.13
C PHE D 130 15.79 -12.16 -17.51
N GLN D 131 16.21 -12.53 -16.31
CA GLN D 131 17.23 -11.79 -15.59
C GLN D 131 18.09 -12.76 -14.81
N GLY D 132 19.36 -12.41 -14.69
CA GLY D 132 20.31 -13.23 -13.96
C GLY D 132 21.69 -13.13 -14.58
N GLN D 133 22.43 -14.21 -14.44
CA GLN D 133 23.80 -14.24 -14.92
C GLN D 133 23.83 -14.26 -16.44
N ALA D 134 24.85 -13.61 -17.00
CA ALA D 134 25.04 -13.59 -18.45
C ALA D 134 24.97 -14.99 -19.03
N SER D 135 25.61 -15.97 -18.39
CA SER D 135 25.53 -17.34 -18.87
C SER D 135 24.10 -17.83 -18.94
N ASP D 136 23.27 -17.47 -17.95
CA ASP D 136 21.88 -17.93 -17.97
C ASP D 136 21.08 -17.19 -19.03
N ILE D 137 21.39 -15.91 -19.24
CA ILE D 137 20.74 -15.17 -20.30
C ILE D 137 20.99 -15.84 -21.64
N GLU D 138 22.24 -16.26 -21.88
CA GLU D 138 22.59 -16.93 -23.13
C GLU D 138 21.74 -18.19 -23.32
N ILE D 139 21.60 -18.99 -22.26
CA ILE D 139 20.80 -20.20 -22.36
C ILE D 139 19.37 -19.86 -22.76
N HIS D 140 18.77 -18.88 -22.08
CA HIS D 140 17.36 -18.57 -22.31
C HIS D 140 17.17 -17.79 -23.60
N ALA D 141 18.12 -16.91 -23.92
CA ALA D 141 18.10 -16.25 -25.22
C ALA D 141 18.08 -17.28 -26.35
N LYS D 142 18.92 -18.32 -26.25
CA LYS D 142 18.90 -19.36 -27.27
C LYS D 142 17.57 -20.11 -27.26
N GLU D 143 16.94 -20.25 -26.10
CA GLU D 143 15.67 -20.98 -26.04
C GLU D 143 14.57 -20.23 -26.77
N ILE D 144 14.53 -18.90 -26.66
CA ILE D 144 13.44 -18.16 -27.30
C ILE D 144 13.64 -18.07 -28.82
N LEU D 145 14.89 -17.98 -29.29
CA LEU D 145 15.12 -17.99 -30.73
C LEU D 145 14.74 -19.34 -31.32
N PHE D 146 14.90 -20.42 -30.56
CA PHE D 146 14.44 -21.72 -31.01
C PHE D 146 12.91 -21.75 -31.09
N ILE D 147 12.24 -21.20 -30.08
CA ILE D 147 10.77 -21.16 -30.10
C ILE D 147 10.28 -20.34 -31.29
N LYS D 148 10.93 -19.21 -31.55
CA LYS D 148 10.57 -18.37 -32.68
C LYS D 148 10.65 -19.13 -34.00
N GLU D 149 11.74 -19.86 -34.21
CA GLU D 149 11.89 -20.66 -35.43
C GLU D 149 10.80 -21.72 -35.51
N ARG D 150 10.62 -22.48 -34.42
CA ARG D 150 9.65 -23.56 -34.42
C ARG D 150 8.25 -23.05 -34.70
N LEU D 151 7.90 -21.88 -34.14
CA LEU D 151 6.56 -21.33 -34.31
C LEU D 151 6.33 -20.85 -35.74
N ASN D 152 7.34 -20.23 -36.35
CA ASN D 152 7.25 -19.88 -37.76
C ASN D 152 7.03 -21.12 -38.62
N GLN D 153 7.69 -22.23 -38.27
CA GLN D 153 7.49 -23.47 -39.02
C GLN D 153 6.08 -23.98 -38.87
N ILE D 154 5.46 -23.79 -37.70
CA ILE D 154 4.08 -24.21 -37.52
C ILE D 154 3.15 -23.37 -38.41
N LEU D 155 3.35 -22.06 -38.46
CA LEU D 155 2.52 -21.23 -39.33
C LEU D 155 2.70 -21.59 -40.79
N ALA D 156 3.96 -21.64 -41.25
CA ALA D 156 4.24 -21.96 -42.65
C ALA D 156 3.53 -23.23 -43.07
N HIS D 157 3.58 -24.26 -42.23
CA HIS D 157 2.91 -25.51 -42.55
C HIS D 157 1.41 -25.30 -42.79
N HIS D 158 0.74 -24.60 -41.87
CA HIS D 158 -0.72 -24.51 -41.93
C HIS D 158 -1.22 -23.46 -42.91
N THR D 159 -0.44 -22.40 -43.16
CA THR D 159 -0.84 -21.38 -44.12
C THR D 159 -0.39 -21.70 -45.55
N GLY D 160 0.65 -22.51 -45.72
CA GLY D 160 1.22 -22.74 -47.02
C GLY D 160 2.24 -21.71 -47.46
N GLN D 161 2.52 -20.71 -46.63
CA GLN D 161 3.47 -19.67 -46.98
C GLN D 161 4.90 -20.18 -46.87
N PRO D 162 5.82 -19.58 -47.61
CA PRO D 162 7.23 -19.90 -47.40
C PRO D 162 7.70 -19.41 -46.04
N LEU D 163 8.66 -20.14 -45.47
CA LEU D 163 9.12 -19.83 -44.13
C LEU D 163 9.62 -18.40 -44.01
N ASP D 164 10.36 -17.92 -45.02
CA ASP D 164 10.92 -16.57 -44.91
C ASP D 164 9.84 -15.49 -44.94
N VAL D 165 8.69 -15.78 -45.57
CA VAL D 165 7.60 -14.81 -45.55
C VAL D 165 7.00 -14.73 -44.15
N ILE D 166 6.81 -15.88 -43.50
CA ILE D 166 6.34 -15.89 -42.11
C ILE D 166 7.30 -15.09 -41.24
N ALA D 167 8.60 -15.37 -41.36
CA ALA D 167 9.59 -14.64 -40.58
C ALA D 167 9.48 -13.14 -40.83
N ARG D 168 9.26 -12.76 -42.09
CA ARG D 168 9.19 -11.34 -42.43
C ARG D 168 7.97 -10.68 -41.84
N ASP D 169 6.81 -11.31 -41.99
CA ASP D 169 5.55 -10.72 -41.59
C ASP D 169 5.36 -10.69 -40.09
N THR D 170 6.08 -11.53 -39.36
CA THR D 170 5.94 -11.58 -37.90
C THR D 170 6.99 -10.78 -37.16
N ASP D 171 7.89 -10.08 -37.85
CA ASP D 171 8.90 -9.29 -37.16
C ASP D 171 8.24 -8.29 -36.20
N ARG D 172 7.18 -7.63 -36.65
CA ARG D 172 6.37 -6.75 -35.83
C ARG D 172 4.93 -7.27 -35.80
N ASP D 173 4.11 -6.67 -34.92
CA ASP D 173 2.69 -7.02 -34.89
C ASP D 173 2.06 -6.81 -36.27
N ARG D 174 1.32 -7.81 -36.74
CA ARG D 174 0.62 -7.72 -38.02
C ARG D 174 -0.83 -8.14 -37.85
N PHE D 175 -1.74 -7.18 -37.96
CA PHE D 175 -3.17 -7.42 -37.88
C PHE D 175 -3.74 -7.79 -39.24
N MET D 176 -4.81 -8.59 -39.21
CA MET D 176 -5.41 -9.07 -40.45
C MET D 176 -6.93 -9.04 -40.34
N SER D 177 -7.57 -8.67 -41.44
CA SER D 177 -9.01 -8.82 -41.53
C SER D 177 -9.36 -10.25 -41.90
N GLY D 178 -10.65 -10.57 -41.86
CA GLY D 178 -11.08 -11.89 -42.29
C GLY D 178 -10.65 -12.22 -43.70
N ASP D 179 -10.94 -11.32 -44.64
CA ASP D 179 -10.54 -11.56 -46.03
C ASP D 179 -9.01 -11.69 -46.14
N GLU D 180 -8.28 -10.79 -45.47
CA GLU D 180 -6.81 -10.88 -45.51
C GLU D 180 -6.33 -12.22 -44.98
N ALA D 181 -6.89 -12.69 -43.87
CA ALA D 181 -6.44 -13.94 -43.28
C ALA D 181 -6.72 -15.13 -44.19
N VAL D 182 -7.81 -15.09 -44.94
CA VAL D 182 -8.06 -16.14 -45.93
C VAL D 182 -7.03 -16.11 -47.04
N LYS D 183 -6.74 -14.91 -47.53
CA LYS D 183 -5.75 -14.75 -48.58
C LYS D 183 -4.37 -15.23 -48.10
N TYR D 184 -4.10 -15.12 -46.81
CA TYR D 184 -2.81 -15.47 -46.23
C TYR D 184 -2.66 -16.97 -45.96
N GLY D 185 -3.78 -17.68 -45.74
CA GLY D 185 -3.76 -19.05 -45.27
C GLY D 185 -3.98 -19.24 -43.78
N LEU D 186 -4.15 -18.16 -43.01
CA LEU D 186 -4.39 -18.32 -41.58
C LEU D 186 -5.73 -18.99 -41.32
N ILE D 187 -6.76 -18.67 -42.11
CA ILE D 187 -8.05 -19.34 -42.04
C ILE D 187 -8.50 -19.67 -43.46
N ASP D 188 -9.52 -20.51 -43.55
CA ASP D 188 -10.03 -21.01 -44.83
C ASP D 188 -11.21 -20.21 -45.37
N LYS D 189 -12.12 -19.77 -44.50
CA LYS D 189 -13.34 -19.14 -44.99
C LYS D 189 -13.89 -18.16 -43.95
N VAL D 190 -14.39 -17.03 -44.44
CA VAL D 190 -15.08 -16.06 -43.60
C VAL D 190 -16.56 -16.42 -43.64
N MET D 191 -17.09 -16.87 -42.50
CA MET D 191 -18.51 -17.17 -42.39
C MET D 191 -19.30 -15.89 -42.14
N THR D 192 -20.48 -15.79 -42.73
CA THR D 192 -21.33 -14.60 -42.58
C THR D 192 -22.71 -14.95 -42.04
N GLN D 193 -23.44 -15.84 -42.70
CA GLN D 193 -24.75 -16.29 -42.23
C GLN D 193 -24.76 -17.81 -42.25
N ARG D 194 -25.44 -18.42 -41.28
CA ARG D 194 -25.42 -19.87 -41.19
C ARG D 194 -26.13 -20.47 -42.41
N ASP D 195 -25.76 -21.71 -42.69
CA ASP D 195 -26.30 -22.45 -43.83
C ASP D 195 -27.46 -23.36 -43.43
N LEU E 4 -28.27 -14.47 -3.24
CA LEU E 4 -27.65 -14.69 -4.55
C LEU E 4 -28.77 -14.57 -5.60
N VAL E 5 -28.52 -15.04 -6.82
CA VAL E 5 -29.50 -14.99 -7.91
C VAL E 5 -30.66 -15.89 -7.49
N PRO E 6 -31.89 -15.39 -7.41
CA PRO E 6 -33.00 -16.20 -6.86
C PRO E 6 -33.43 -17.33 -7.79
N MET E 7 -34.22 -18.24 -7.20
CA MET E 7 -34.57 -19.52 -7.78
C MET E 7 -36.07 -19.64 -8.09
N VAL E 8 -36.38 -20.44 -9.11
CA VAL E 8 -37.73 -20.73 -9.57
C VAL E 8 -37.84 -22.24 -9.76
N VAL E 9 -39.04 -22.80 -9.54
CA VAL E 9 -39.26 -24.25 -9.67
C VAL E 9 -39.92 -24.56 -11.01
N GLU E 10 -39.41 -25.58 -11.69
CA GLU E 10 -39.90 -26.03 -13.00
C GLU E 10 -40.39 -24.86 -13.85
N ALA E 18 -36.18 -26.61 -11.39
CA ALA E 18 -35.57 -25.57 -10.54
C ALA E 18 -34.53 -24.77 -11.31
N TYR E 19 -34.93 -23.59 -11.78
CA TYR E 19 -34.06 -22.68 -12.50
C TYR E 19 -33.81 -21.44 -11.65
N ASP E 20 -32.62 -20.86 -11.78
CA ASP E 20 -32.47 -19.50 -11.29
C ASP E 20 -33.20 -18.56 -12.24
N ILE E 21 -33.41 -17.32 -11.79
CA ILE E 21 -34.28 -16.40 -12.52
C ILE E 21 -33.81 -16.22 -13.96
N TYR E 22 -32.50 -16.11 -14.18
CA TYR E 22 -32.00 -15.86 -15.53
C TYR E 22 -32.11 -17.10 -16.41
N SER E 23 -31.79 -18.27 -15.85
CA SER E 23 -32.01 -19.51 -16.59
C SER E 23 -33.48 -19.70 -16.91
N ARG E 24 -34.36 -19.24 -16.02
CA ARG E 24 -35.80 -19.34 -16.24
C ARG E 24 -36.25 -18.45 -17.38
N LEU E 25 -35.71 -17.24 -17.46
CA LEU E 25 -36.06 -16.36 -18.57
C LEU E 25 -35.38 -16.78 -19.86
N LEU E 26 -34.30 -17.55 -19.78
CA LEU E 26 -33.65 -18.07 -20.99
C LEU E 26 -34.56 -19.04 -21.72
N LYS E 27 -35.36 -19.83 -21.00
CA LYS E 27 -36.30 -20.71 -21.70
C LYS E 27 -37.25 -19.89 -22.55
N GLU E 28 -37.66 -18.71 -22.04
CA GLU E 28 -38.46 -17.75 -22.82
C GLU E 28 -37.62 -17.01 -23.87
N ARG E 29 -36.36 -17.39 -24.09
CA ARG E 29 -35.53 -16.83 -25.15
C ARG E 29 -35.19 -15.36 -24.89
N ILE E 30 -35.01 -15.00 -23.63
CA ILE E 30 -34.58 -13.67 -23.22
C ILE E 30 -33.15 -13.78 -22.72
N ILE E 31 -32.27 -12.90 -23.20
CA ILE E 31 -30.88 -12.85 -22.78
C ILE E 31 -30.56 -11.44 -22.31
N PHE E 32 -29.82 -11.33 -21.21
CA PHE E 32 -29.45 -10.04 -20.64
C PHE E 32 -27.96 -9.78 -20.78
N LEU E 33 -27.62 -8.57 -21.21
CA LEU E 33 -26.24 -8.08 -21.31
C LEU E 33 -26.13 -6.86 -20.41
N VAL E 34 -25.50 -7.03 -19.24
CA VAL E 34 -25.42 -6.01 -18.23
C VAL E 34 -23.96 -5.66 -17.97
N GLY E 35 -23.67 -4.36 -17.93
CA GLY E 35 -22.38 -3.89 -17.48
C GLY E 35 -21.32 -3.86 -18.57
N GLN E 36 -20.10 -3.63 -18.12
CA GLN E 36 -18.98 -3.45 -19.04
C GLN E 36 -18.80 -4.69 -19.90
N VAL E 37 -18.57 -4.47 -21.19
CA VAL E 37 -18.36 -5.56 -22.15
C VAL E 37 -16.93 -6.05 -22.02
N GLU E 38 -16.77 -7.35 -21.78
CA GLU E 38 -15.45 -7.96 -21.66
C GLU E 38 -15.61 -9.41 -22.07
N ASP E 39 -14.46 -10.04 -22.37
CA ASP E 39 -14.45 -11.33 -23.08
C ASP E 39 -15.41 -12.35 -22.44
N TYR E 40 -15.42 -12.44 -21.11
CA TYR E 40 -16.13 -13.54 -20.45
C TYR E 40 -17.64 -13.33 -20.45
N MET E 41 -18.11 -12.14 -20.08
CA MET E 41 -19.54 -11.87 -20.16
C MET E 41 -20.03 -11.86 -21.60
N ALA E 42 -19.20 -11.39 -22.54
CA ALA E 42 -19.58 -11.40 -23.95
C ALA E 42 -19.75 -12.83 -24.46
N ASN E 43 -18.87 -13.74 -24.05
CA ASN E 43 -18.95 -15.11 -24.53
C ASN E 43 -20.15 -15.84 -23.93
N LEU E 44 -20.55 -15.52 -22.71
CA LEU E 44 -21.80 -16.06 -22.17
C LEU E 44 -22.96 -15.73 -23.09
N VAL E 45 -23.03 -14.48 -23.56
CA VAL E 45 -24.09 -14.09 -24.50
C VAL E 45 -24.01 -14.94 -25.75
N VAL E 46 -22.81 -15.07 -26.34
CA VAL E 46 -22.62 -15.90 -27.52
C VAL E 46 -23.17 -17.31 -27.28
N ALA E 47 -22.79 -17.90 -26.14
CA ALA E 47 -23.25 -19.25 -25.84
C ALA E 47 -24.78 -19.31 -25.75
N GLN E 48 -25.39 -18.30 -25.12
CA GLN E 48 -26.85 -18.29 -25.01
C GLN E 48 -27.49 -18.12 -26.38
N LEU E 49 -26.91 -17.27 -27.23
CA LEU E 49 -27.40 -17.12 -28.60
C LEU E 49 -27.29 -18.43 -29.38
N LEU E 50 -26.16 -19.12 -29.25
CA LEU E 50 -25.98 -20.39 -29.96
C LEU E 50 -26.93 -21.45 -29.44
N PHE E 51 -27.07 -21.55 -28.11
CA PHE E 51 -27.97 -22.53 -27.53
C PHE E 51 -29.41 -22.30 -28.01
N LEU E 52 -29.89 -21.05 -27.96
CA LEU E 52 -31.26 -20.76 -28.37
C LEU E 52 -31.47 -21.07 -29.85
N GLU E 53 -30.46 -20.81 -30.68
CA GLU E 53 -30.54 -21.19 -32.10
C GLU E 53 -30.77 -22.69 -32.26
N ALA E 54 -29.99 -23.50 -31.54
CA ALA E 54 -30.15 -24.95 -31.64
C ALA E 54 -31.50 -25.38 -31.09
N GLU E 55 -31.94 -24.74 -30.01
CA GLU E 55 -33.26 -25.03 -29.45
C GLU E 55 -34.36 -24.72 -30.46
N ASN E 56 -34.24 -23.61 -31.20
CA ASN E 56 -35.22 -23.24 -32.21
C ASN E 56 -34.70 -22.17 -33.14
N PRO E 57 -34.30 -22.52 -34.38
CA PRO E 57 -33.69 -21.52 -35.25
C PRO E 57 -34.66 -20.51 -35.85
N GLU E 58 -35.96 -20.62 -35.61
CA GLU E 58 -36.93 -19.69 -36.19
C GLU E 58 -37.50 -18.67 -35.22
N LYS E 59 -37.73 -19.03 -33.96
CA LYS E 59 -38.33 -18.09 -33.02
C LYS E 59 -37.34 -17.00 -32.67
N ASP E 60 -37.86 -15.78 -32.54
CA ASP E 60 -37.02 -14.64 -32.22
C ASP E 60 -36.33 -14.81 -30.87
N ILE E 61 -35.25 -14.06 -30.69
CA ILE E 61 -34.50 -14.01 -29.45
C ILE E 61 -34.45 -12.57 -28.99
N HIS E 62 -34.59 -12.34 -27.69
CA HIS E 62 -34.64 -11.00 -27.13
C HIS E 62 -33.42 -10.76 -26.26
N LEU E 63 -32.63 -9.77 -26.64
CA LEU E 63 -31.41 -9.41 -25.96
C LEU E 63 -31.64 -8.06 -25.29
N TYR E 64 -31.76 -8.07 -23.97
CA TYR E 64 -31.83 -6.83 -23.20
C TYR E 64 -30.43 -6.31 -22.97
N ILE E 65 -30.26 -5.00 -23.09
CA ILE E 65 -28.96 -4.37 -22.97
C ILE E 65 -29.03 -3.24 -21.95
N ASN E 66 -28.20 -3.31 -20.92
CA ASN E 66 -27.93 -2.18 -20.02
C ASN E 66 -26.43 -2.15 -19.85
N SER E 67 -25.72 -1.43 -20.73
CA SER E 67 -24.27 -1.47 -20.77
C SER E 67 -23.68 -0.12 -21.10
N PRO E 68 -22.55 0.25 -20.48
CA PRO E 68 -21.81 1.45 -20.88
C PRO E 68 -20.81 1.23 -22.01
N GLY E 69 -20.69 0.03 -22.53
CA GLY E 69 -19.71 -0.29 -23.53
C GLY E 69 -18.66 -1.25 -23.02
N GLY E 70 -17.53 -1.25 -23.70
CA GLY E 70 -16.41 -2.06 -23.28
C GLY E 70 -15.52 -2.44 -24.45
N SER E 71 -15.10 -3.69 -24.47
CA SER E 71 -14.13 -4.18 -25.43
C SER E 71 -14.75 -4.29 -26.83
N VAL E 72 -14.06 -3.75 -27.82
CA VAL E 72 -14.55 -3.82 -29.19
C VAL E 72 -14.56 -5.26 -29.69
N THR E 73 -13.47 -6.01 -29.45
CA THR E 73 -13.46 -7.40 -29.89
C THR E 73 -14.54 -8.21 -29.16
N ALA E 74 -14.70 -8.00 -27.84
CA ALA E 74 -15.74 -8.72 -27.11
C ALA E 74 -17.12 -8.38 -27.67
N GLY E 75 -17.36 -7.09 -27.95
CA GLY E 75 -18.63 -6.72 -28.57
C GLY E 75 -18.80 -7.35 -29.93
N MET E 76 -17.74 -7.35 -30.74
CA MET E 76 -17.83 -7.91 -32.08
C MET E 76 -18.17 -9.40 -32.07
N SER E 77 -17.70 -10.14 -31.06
CA SER E 77 -18.10 -11.54 -30.96
C SER E 77 -19.61 -11.65 -30.79
N ILE E 78 -20.21 -10.74 -30.02
CA ILE E 78 -21.66 -10.72 -29.86
C ILE E 78 -22.34 -10.28 -31.15
N TYR E 79 -21.90 -9.14 -31.68
CA TYR E 79 -22.49 -8.60 -32.90
C TYR E 79 -22.52 -9.63 -34.03
N ASP E 80 -21.36 -10.23 -34.33
CA ASP E 80 -21.29 -11.18 -35.44
C ASP E 80 -22.09 -12.44 -35.16
N THR E 81 -22.21 -12.85 -33.91
CA THR E 81 -23.02 -14.02 -33.59
C THR E 81 -24.50 -13.72 -33.83
N MET E 82 -24.92 -12.49 -33.53
CA MET E 82 -26.31 -12.07 -33.76
C MET E 82 -26.67 -12.18 -35.24
N GLN E 83 -25.79 -11.67 -36.12
CA GLN E 83 -26.05 -11.75 -37.55
C GLN E 83 -25.91 -13.17 -38.07
N PHE E 84 -24.93 -13.92 -37.54
CA PHE E 84 -24.62 -15.23 -38.10
C PHE E 84 -25.77 -16.21 -37.91
N ILE E 85 -26.39 -16.21 -36.73
CA ILE E 85 -27.38 -17.23 -36.44
C ILE E 85 -28.68 -16.89 -37.19
N LYS E 86 -29.50 -17.93 -37.40
CA LYS E 86 -30.69 -17.75 -38.20
C LYS E 86 -31.74 -16.90 -37.48
N PRO E 87 -32.02 -17.12 -36.19
CA PRO E 87 -33.10 -16.35 -35.55
C PRO E 87 -32.81 -14.86 -35.59
N ASN E 88 -33.89 -14.08 -35.64
CA ASN E 88 -33.78 -12.64 -35.46
C ASN E 88 -33.50 -12.34 -34.00
N VAL E 89 -32.54 -11.47 -33.74
CA VAL E 89 -32.18 -11.08 -32.39
C VAL E 89 -32.70 -9.66 -32.20
N SER E 90 -33.83 -9.54 -31.52
CA SER E 90 -34.33 -8.25 -31.08
C SER E 90 -33.46 -7.71 -29.97
N THR E 91 -33.38 -6.38 -29.88
CA THR E 91 -32.64 -5.71 -28.82
C THR E 91 -33.54 -4.65 -28.19
N THR E 92 -33.51 -4.61 -26.86
CA THR E 92 -34.24 -3.61 -26.09
C THR E 92 -33.26 -2.98 -25.12
N CYS E 93 -33.15 -1.66 -25.15
CA CYS E 93 -32.27 -0.95 -24.24
C CYS E 93 -33.07 -0.54 -22.99
N ILE E 94 -32.63 -1.02 -21.84
CA ILE E 94 -33.15 -0.60 -20.55
C ILE E 94 -31.99 0.04 -19.79
N GLY E 95 -32.28 1.16 -19.14
CA GLY E 95 -31.23 1.89 -18.47
C GLY E 95 -30.40 2.66 -19.47
N GLN E 96 -29.32 2.06 -19.96
CA GLN E 96 -28.46 2.74 -20.90
C GLN E 96 -27.89 1.75 -21.90
N ALA E 97 -27.47 2.30 -23.05
CA ALA E 97 -26.73 1.57 -24.08
C ALA E 97 -25.73 2.55 -24.66
N CYS E 98 -24.47 2.49 -24.21
CA CYS E 98 -23.44 3.42 -24.64
C CYS E 98 -22.30 2.68 -25.32
N SER E 99 -21.67 3.37 -26.27
CA SER E 99 -20.49 2.86 -26.99
C SER E 99 -20.83 1.47 -27.54
N MET E 100 -20.00 0.47 -27.32
CA MET E 100 -20.28 -0.87 -27.85
C MET E 100 -21.68 -1.31 -27.50
N GLY E 101 -22.21 -0.86 -26.36
CA GLY E 101 -23.60 -1.16 -26.02
C GLY E 101 -24.57 -0.62 -27.05
N ALA E 102 -24.34 0.61 -27.52
CA ALA E 102 -25.24 1.19 -28.51
C ALA E 102 -25.11 0.49 -29.86
N LEU E 103 -23.89 0.07 -30.22
CA LEU E 103 -23.70 -0.62 -31.49
C LEU E 103 -24.41 -1.97 -31.48
N LEU E 104 -24.31 -2.71 -30.37
CA LEU E 104 -25.03 -3.97 -30.25
C LEU E 104 -26.53 -3.74 -30.32
N LEU E 105 -27.00 -2.62 -29.75
CA LEU E 105 -28.41 -2.29 -29.83
C LEU E 105 -28.80 -1.99 -31.28
N ALA E 106 -28.03 -1.13 -31.95
CA ALA E 106 -28.31 -0.81 -33.34
C ALA E 106 -28.30 -2.05 -34.22
N GLY E 107 -27.53 -3.07 -33.86
CA GLY E 107 -27.40 -4.28 -34.65
C GLY E 107 -28.54 -5.27 -34.54
N GLY E 108 -29.59 -4.96 -33.79
CA GLY E 108 -30.66 -5.91 -33.64
C GLY E 108 -31.45 -6.05 -34.91
N ALA E 109 -32.26 -7.12 -34.97
CA ALA E 109 -33.02 -7.41 -36.16
C ALA E 109 -33.80 -6.18 -36.60
N ALA E 110 -33.84 -5.96 -37.91
CA ALA E 110 -34.49 -4.77 -38.46
C ALA E 110 -35.94 -4.68 -37.99
N GLY E 111 -36.34 -3.48 -37.57
CA GLY E 111 -37.67 -3.25 -37.06
C GLY E 111 -37.93 -3.77 -35.67
N LYS E 112 -36.98 -4.50 -35.08
CA LYS E 112 -37.18 -5.12 -33.78
C LYS E 112 -36.12 -4.65 -32.78
N ARG E 113 -35.74 -3.38 -32.88
CA ARG E 113 -34.77 -2.74 -31.99
C ARG E 113 -35.51 -1.68 -31.17
N TYR E 114 -35.55 -1.87 -29.85
CA TYR E 114 -36.38 -1.05 -28.99
C TYR E 114 -35.55 -0.41 -27.87
N CYS E 115 -36.22 0.50 -27.16
CA CYS E 115 -35.76 0.97 -25.86
C CYS E 115 -36.99 1.38 -25.06
N LEU E 116 -36.77 1.70 -23.80
CA LEU E 116 -37.80 2.17 -22.89
C LEU E 116 -37.70 3.67 -22.68
N PRO E 117 -38.78 4.31 -22.21
CA PRO E 117 -38.90 5.77 -22.34
C PRO E 117 -37.73 6.57 -21.81
N HIS E 118 -37.07 6.12 -20.74
CA HIS E 118 -35.99 6.89 -20.13
C HIS E 118 -34.61 6.30 -20.37
N SER E 119 -34.50 5.31 -21.25
CA SER E 119 -33.18 4.79 -21.60
C SER E 119 -32.32 5.89 -22.20
N ARG E 120 -31.01 5.83 -21.93
CA ARG E 120 -30.06 6.74 -22.54
C ARG E 120 -29.10 5.97 -23.42
N MET E 121 -28.84 6.49 -24.62
CA MET E 121 -27.92 5.89 -25.57
C MET E 121 -26.85 6.90 -25.93
N MET E 122 -25.61 6.41 -26.08
CA MET E 122 -24.50 7.28 -26.43
C MET E 122 -23.59 6.57 -27.42
N ILE E 123 -23.18 7.31 -28.44
CA ILE E 123 -22.24 6.86 -29.46
C ILE E 123 -21.06 7.81 -29.48
N HIS E 124 -19.87 7.27 -29.72
CA HIS E 124 -18.67 8.08 -29.85
C HIS E 124 -17.66 7.30 -30.69
N GLN E 125 -16.45 7.80 -30.80
CA GLN E 125 -15.43 7.09 -31.56
C GLN E 125 -14.62 6.16 -30.66
N PRO E 126 -13.90 5.20 -31.24
CA PRO E 126 -13.18 4.22 -30.43
C PRO E 126 -12.09 4.87 -29.59
N LEU E 127 -11.81 4.22 -28.45
CA LEU E 127 -10.74 4.62 -27.54
C LEU E 127 -9.69 3.52 -27.51
N GLY E 128 -8.43 3.93 -27.40
CA GLY E 128 -7.35 2.96 -27.34
C GLY E 128 -6.11 3.59 -26.77
N GLY E 129 -5.05 2.81 -26.72
CA GLY E 129 -3.78 3.31 -26.22
C GLY E 129 -2.69 2.30 -26.49
N PHE E 130 -1.47 2.84 -26.54
CA PHE E 130 -0.32 1.99 -26.79
C PHE E 130 0.95 2.69 -26.34
N GLN E 131 1.99 1.92 -26.10
CA GLN E 131 3.30 2.45 -25.79
C GLN E 131 4.36 1.55 -26.40
N GLY E 132 5.45 2.16 -26.83
CA GLY E 132 6.53 1.39 -27.40
C GLY E 132 7.26 2.19 -28.47
N GLN E 133 7.79 1.44 -29.44
CA GLN E 133 8.55 2.03 -30.52
C GLN E 133 7.64 2.76 -31.50
N ALA E 134 8.16 3.84 -32.07
CA ALA E 134 7.41 4.56 -33.10
C ALA E 134 6.88 3.62 -34.17
N SER E 135 7.72 2.68 -34.61
CA SER E 135 7.27 1.72 -35.61
C SER E 135 6.04 0.95 -35.13
N ASP E 136 6.05 0.55 -33.86
CA ASP E 136 4.93 -0.22 -33.33
C ASP E 136 3.71 0.67 -33.10
N ILE E 137 3.93 1.91 -32.68
CA ILE E 137 2.85 2.86 -32.52
C ILE E 137 2.13 3.06 -33.85
N GLU E 138 2.90 3.17 -34.94
CA GLU E 138 2.31 3.35 -36.26
C GLU E 138 1.36 2.20 -36.59
N ILE E 139 1.78 0.98 -36.33
CA ILE E 139 0.94 -0.18 -36.63
C ILE E 139 -0.38 -0.09 -35.87
N HIS E 140 -0.31 0.22 -34.58
CA HIS E 140 -1.53 0.18 -33.78
C HIS E 140 -2.40 1.40 -34.04
N ALA E 141 -1.78 2.56 -34.29
CA ALA E 141 -2.55 3.72 -34.73
C ALA E 141 -3.35 3.42 -35.98
N LYS E 142 -2.73 2.74 -36.96
CA LYS E 142 -3.47 2.35 -38.16
C LYS E 142 -4.56 1.35 -37.86
N GLU E 143 -4.33 0.46 -36.88
CA GLU E 143 -5.33 -0.55 -36.55
C GLU E 143 -6.56 0.08 -35.91
N ILE E 144 -6.36 1.08 -35.04
CA ILE E 144 -7.52 1.68 -34.38
C ILE E 144 -8.26 2.59 -35.35
N LEU E 145 -7.54 3.23 -36.28
CA LEU E 145 -8.20 3.99 -37.34
C LEU E 145 -8.99 3.07 -38.24
N PHE E 146 -8.51 1.85 -38.45
CA PHE E 146 -9.28 0.88 -39.21
C PHE E 146 -10.53 0.44 -38.46
N ILE E 147 -10.40 0.20 -37.15
CA ILE E 147 -11.55 -0.20 -36.34
C ILE E 147 -12.60 0.90 -36.35
N LYS E 148 -12.17 2.15 -36.26
CA LYS E 148 -13.09 3.29 -36.34
C LYS E 148 -13.88 3.30 -37.64
N GLU E 149 -13.19 3.08 -38.77
CA GLU E 149 -13.87 3.06 -40.06
C GLU E 149 -14.94 1.96 -40.09
N ARG E 150 -14.57 0.74 -39.74
CA ARG E 150 -15.50 -0.37 -39.82
C ARG E 150 -16.67 -0.22 -38.85
N LEU E 151 -16.43 0.32 -37.65
CA LEU E 151 -17.53 0.46 -36.71
C LEU E 151 -18.52 1.50 -37.20
N ASN E 152 -18.03 2.62 -37.73
CA ASN E 152 -18.92 3.61 -38.33
C ASN E 152 -19.72 3.00 -39.49
N GLN E 153 -19.09 2.12 -40.27
CA GLN E 153 -19.81 1.45 -41.35
C GLN E 153 -20.92 0.55 -40.82
N ILE E 154 -20.71 -0.08 -39.66
CA ILE E 154 -21.75 -0.92 -39.10
C ILE E 154 -22.94 -0.05 -38.69
N LEU E 155 -22.68 1.08 -38.05
CA LEU E 155 -23.78 1.97 -37.66
C LEU E 155 -24.51 2.49 -38.89
N ALA E 156 -23.75 3.00 -39.86
CA ALA E 156 -24.35 3.52 -41.09
C ALA E 156 -25.30 2.51 -41.70
N HIS E 157 -24.87 1.26 -41.80
CA HIS E 157 -25.72 0.22 -42.36
C HIS E 157 -27.02 0.06 -41.58
N HIS E 158 -26.93 -0.05 -40.26
CA HIS E 158 -28.12 -0.38 -39.48
C HIS E 158 -29.02 0.83 -39.24
N THR E 159 -28.43 2.03 -39.20
CA THR E 159 -29.21 3.24 -38.97
C THR E 159 -29.72 3.87 -40.27
N GLY E 160 -29.07 3.61 -41.41
CA GLY E 160 -29.38 4.27 -42.66
C GLY E 160 -28.69 5.59 -42.91
N GLN E 161 -27.84 6.02 -42.00
CA GLN E 161 -27.15 7.29 -42.13
C GLN E 161 -26.00 7.23 -43.11
N PRO E 162 -25.62 8.38 -43.67
CA PRO E 162 -24.40 8.44 -44.48
C PRO E 162 -23.17 8.19 -43.64
N LEU E 163 -22.16 7.56 -44.26
CA LEU E 163 -20.95 7.22 -43.53
C LEU E 163 -20.31 8.46 -42.91
N ASP E 164 -20.21 9.54 -43.68
CA ASP E 164 -19.52 10.73 -43.18
C ASP E 164 -20.31 11.37 -42.04
N VAL E 165 -21.63 11.17 -42.01
CA VAL E 165 -22.43 11.72 -40.90
C VAL E 165 -22.11 10.98 -39.61
N ILE E 166 -22.07 9.65 -39.66
CA ILE E 166 -21.71 8.89 -38.47
C ILE E 166 -20.34 9.32 -37.96
N ALA E 167 -19.37 9.40 -38.87
CA ALA E 167 -18.04 9.86 -38.49
C ALA E 167 -18.12 11.23 -37.83
N ARG E 168 -18.96 12.11 -38.39
CA ARG E 168 -19.08 13.45 -37.85
C ARG E 168 -19.71 13.43 -36.47
N ASP E 169 -20.78 12.65 -36.30
CA ASP E 169 -21.54 12.64 -35.05
C ASP E 169 -20.83 11.89 -33.94
N THR E 170 -19.90 10.99 -34.25
CA THR E 170 -19.20 10.22 -33.24
C THR E 170 -17.88 10.86 -32.82
N ASP E 171 -17.52 12.01 -33.38
CA ASP E 171 -16.25 12.62 -33.04
C ASP E 171 -16.15 12.85 -31.53
N ARG E 172 -17.21 13.37 -30.92
CA ARG E 172 -17.31 13.53 -29.47
C ARG E 172 -18.48 12.71 -28.96
N ASP E 173 -18.56 12.57 -27.64
CA ASP E 173 -19.69 11.85 -27.05
C ASP E 173 -20.99 12.50 -27.50
N ARG E 174 -21.92 11.65 -27.96
CA ARG E 174 -23.22 12.10 -28.41
C ARG E 174 -24.29 11.28 -27.71
N PHE E 175 -24.99 11.91 -26.78
CA PHE E 175 -26.09 11.29 -26.06
C PHE E 175 -27.38 11.47 -26.84
N MET E 176 -28.28 10.50 -26.71
CA MET E 176 -29.53 10.48 -27.45
C MET E 176 -30.64 9.98 -26.56
N SER E 177 -31.81 10.62 -26.67
CA SER E 177 -32.99 10.09 -26.03
C SER E 177 -33.61 9.00 -26.91
N GLY E 178 -34.63 8.33 -26.37
CA GLY E 178 -35.35 7.34 -27.16
C GLY E 178 -35.88 7.91 -28.46
N ASP E 179 -36.56 9.06 -28.37
CA ASP E 179 -37.07 9.70 -29.58
C ASP E 179 -35.95 10.05 -30.54
N GLU E 180 -34.86 10.63 -30.01
CA GLU E 180 -33.72 10.96 -30.87
C GLU E 180 -33.18 9.70 -31.55
N ALA E 181 -33.05 8.61 -30.79
CA ALA E 181 -32.52 7.38 -31.36
C ALA E 181 -33.41 6.83 -32.46
N VAL E 182 -34.73 6.99 -32.32
CA VAL E 182 -35.64 6.56 -33.39
C VAL E 182 -35.47 7.46 -34.61
N LYS E 183 -35.44 8.77 -34.41
CA LYS E 183 -35.19 9.68 -35.52
C LYS E 183 -33.85 9.41 -36.17
N TYR E 184 -32.87 8.95 -35.38
CA TYR E 184 -31.54 8.72 -35.89
C TYR E 184 -31.39 7.40 -36.63
N GLY E 185 -32.27 6.43 -36.37
CA GLY E 185 -32.10 5.08 -36.89
C GLY E 185 -31.39 4.13 -35.95
N LEU E 186 -30.93 4.61 -34.79
CA LEU E 186 -30.25 3.74 -33.83
C LEU E 186 -31.18 2.66 -33.28
N ILE E 187 -32.44 2.99 -33.06
CA ILE E 187 -33.47 2.04 -32.68
C ILE E 187 -34.71 2.29 -33.55
N ASP E 188 -35.67 1.37 -33.46
CA ASP E 188 -36.91 1.43 -34.23
C ASP E 188 -38.09 2.03 -33.47
N LYS E 189 -38.26 1.70 -32.19
CA LYS E 189 -39.46 2.13 -31.49
C LYS E 189 -39.21 2.24 -29.99
N VAL E 190 -39.82 3.25 -29.38
CA VAL E 190 -39.80 3.39 -27.93
C VAL E 190 -41.04 2.68 -27.39
N MET E 191 -40.81 1.59 -26.66
CA MET E 191 -41.90 0.89 -25.98
C MET E 191 -42.25 1.62 -24.68
N THR E 192 -43.55 1.63 -24.36
CA THR E 192 -44.04 2.30 -23.16
C THR E 192 -44.78 1.35 -22.24
N GLN E 193 -45.84 0.72 -22.73
CA GLN E 193 -46.63 -0.24 -21.99
C GLN E 193 -46.87 -1.45 -22.89
N ARG E 194 -46.93 -2.63 -22.27
CA ARG E 194 -47.12 -3.85 -23.06
C ARG E 194 -48.51 -3.88 -23.70
N LEU F 4 -26.05 -14.84 5.74
CA LEU F 4 -26.09 -16.14 5.08
C LEU F 4 -27.55 -16.41 4.70
N VAL F 5 -27.82 -16.70 3.43
CA VAL F 5 -29.20 -16.87 2.99
C VAL F 5 -29.79 -18.16 3.53
N PRO F 6 -30.81 -18.11 4.39
CA PRO F 6 -31.41 -19.33 4.91
C PRO F 6 -32.35 -19.98 3.90
N MET F 7 -32.63 -21.26 4.14
CA MET F 7 -33.42 -22.10 3.24
C MET F 7 -34.69 -22.56 3.94
N VAL F 8 -35.73 -22.80 3.14
CA VAL F 8 -37.02 -23.25 3.66
C VAL F 8 -37.45 -24.50 2.88
N ALA F 18 -37.18 -26.95 -1.88
CA ALA F 18 -36.03 -26.30 -1.24
C ALA F 18 -35.78 -24.92 -1.84
N TYR F 19 -36.30 -23.90 -1.17
CA TYR F 19 -36.12 -22.51 -1.55
C TYR F 19 -35.28 -21.78 -0.52
N ASP F 20 -34.50 -20.81 -0.97
CA ASP F 20 -33.98 -19.80 -0.07
C ASP F 20 -35.10 -18.80 0.26
N ILE F 21 -34.86 -18.01 1.31
CA ILE F 21 -35.91 -17.16 1.86
C ILE F 21 -36.46 -16.22 0.79
N TYR F 22 -35.60 -15.67 -0.06
CA TYR F 22 -36.05 -14.71 -1.06
C TYR F 22 -36.78 -15.39 -2.22
N SER F 23 -36.31 -16.57 -2.64
CA SER F 23 -37.05 -17.34 -3.63
C SER F 23 -38.42 -17.72 -3.10
N ARG F 24 -38.52 -17.97 -1.80
CA ARG F 24 -39.80 -18.31 -1.18
C ARG F 24 -40.75 -17.11 -1.20
N LEU F 25 -40.24 -15.92 -0.91
CA LEU F 25 -41.07 -14.72 -0.97
C LEU F 25 -41.31 -14.24 -2.39
N LEU F 26 -40.45 -14.64 -3.34
CA LEU F 26 -40.73 -14.33 -4.73
C LEU F 26 -42.03 -14.94 -5.22
N LYS F 27 -42.36 -16.13 -4.72
CA LYS F 27 -43.62 -16.75 -5.11
C LYS F 27 -44.80 -15.92 -4.60
N GLU F 28 -44.70 -15.35 -3.42
CA GLU F 28 -45.75 -14.42 -2.97
C GLU F 28 -45.72 -13.05 -3.73
N ARG F 29 -44.86 -12.93 -4.75
CA ARG F 29 -44.76 -11.75 -5.59
C ARG F 29 -44.14 -10.57 -4.85
N ILE F 30 -43.20 -10.86 -3.96
CA ILE F 30 -42.46 -9.86 -3.21
C ILE F 30 -41.03 -9.84 -3.75
N ILE F 31 -40.53 -8.64 -4.03
CA ILE F 31 -39.19 -8.40 -4.53
C ILE F 31 -38.53 -7.40 -3.60
N PHE F 32 -37.25 -7.57 -3.34
CA PHE F 32 -36.50 -6.67 -2.49
C PHE F 32 -35.45 -5.91 -3.28
N LEU F 33 -35.37 -4.60 -3.02
CA LEU F 33 -34.34 -3.73 -3.58
C LEU F 33 -33.58 -3.15 -2.37
N VAL F 34 -32.38 -3.68 -2.10
CA VAL F 34 -31.62 -3.35 -0.91
C VAL F 34 -30.26 -2.79 -1.33
N GLY F 35 -29.87 -1.68 -0.69
CA GLY F 35 -28.55 -1.17 -0.86
C GLY F 35 -28.42 -0.27 -2.08
N GLN F 36 -27.17 0.09 -2.36
CA GLN F 36 -26.90 1.02 -3.44
C GLN F 36 -27.35 0.47 -4.79
N VAL F 37 -27.98 1.33 -5.59
CA VAL F 37 -28.50 0.95 -6.89
C VAL F 37 -27.36 0.93 -7.90
N GLU F 38 -27.17 -0.22 -8.55
CA GLU F 38 -26.11 -0.43 -9.52
C GLU F 38 -26.58 -1.47 -10.53
N ASP F 39 -25.91 -1.51 -11.68
CA ASP F 39 -26.43 -2.22 -12.84
C ASP F 39 -26.91 -3.63 -12.50
N TYR F 40 -26.12 -4.37 -11.72
CA TYR F 40 -26.36 -5.80 -11.54
C TYR F 40 -27.53 -6.07 -10.58
N MET F 41 -27.55 -5.41 -9.43
CA MET F 41 -28.70 -5.58 -8.53
C MET F 41 -29.96 -4.98 -9.14
N ALA F 42 -29.81 -3.90 -9.94
CA ALA F 42 -30.95 -3.32 -10.64
C ALA F 42 -31.51 -4.30 -11.66
N ASN F 43 -30.63 -5.04 -12.36
CA ASN F 43 -31.13 -5.96 -13.38
C ASN F 43 -31.82 -7.18 -12.78
N LEU F 44 -31.37 -7.63 -11.61
CA LEU F 44 -32.08 -8.70 -10.91
C LEU F 44 -33.54 -8.31 -10.67
N VAL F 45 -33.77 -7.08 -10.22
CA VAL F 45 -35.14 -6.61 -10.02
C VAL F 45 -35.91 -6.63 -11.34
N VAL F 46 -35.30 -6.11 -12.42
CA VAL F 46 -35.97 -6.15 -13.72
C VAL F 46 -36.40 -7.56 -14.07
N ALA F 47 -35.46 -8.52 -13.93
CA ALA F 47 -35.76 -9.91 -14.22
C ALA F 47 -36.88 -10.44 -13.34
N GLN F 48 -36.88 -10.08 -12.05
CA GLN F 48 -37.95 -10.52 -11.17
C GLN F 48 -39.29 -9.92 -11.59
N LEU F 49 -39.30 -8.64 -11.97
CA LEU F 49 -40.54 -8.03 -12.46
C LEU F 49 -41.05 -8.73 -13.71
N LEU F 50 -40.15 -9.03 -14.66
CA LEU F 50 -40.57 -9.71 -15.88
C LEU F 50 -41.09 -11.11 -15.58
N PHE F 51 -40.39 -11.84 -14.72
CA PHE F 51 -40.81 -13.20 -14.37
C PHE F 51 -42.20 -13.18 -13.76
N LEU F 52 -42.43 -12.28 -12.79
CA LEU F 52 -43.73 -12.21 -12.14
C LEU F 52 -44.81 -11.80 -13.13
N GLU F 53 -44.50 -10.89 -14.06
CA GLU F 53 -45.45 -10.55 -15.11
C GLU F 53 -45.86 -11.79 -15.90
N ALA F 54 -44.88 -12.62 -16.26
CA ALA F 54 -45.17 -13.83 -17.01
C ALA F 54 -45.94 -14.83 -16.15
N GLU F 55 -45.57 -14.96 -14.87
CA GLU F 55 -46.31 -15.85 -13.97
C GLU F 55 -47.77 -15.41 -13.84
N ASN F 56 -48.02 -14.12 -13.76
CA ASN F 56 -49.37 -13.63 -13.68
C ASN F 56 -49.40 -12.14 -14.00
N PRO F 57 -49.83 -11.76 -15.20
CA PRO F 57 -49.83 -10.33 -15.56
C PRO F 57 -50.94 -9.52 -14.89
N GLU F 58 -51.81 -10.13 -14.10
CA GLU F 58 -52.89 -9.41 -13.46
C GLU F 58 -52.66 -9.14 -11.98
N LYS F 59 -52.06 -10.09 -11.26
CA LYS F 59 -51.84 -9.95 -9.83
C LYS F 59 -50.77 -8.91 -9.54
N ASP F 60 -51.01 -8.12 -8.50
CA ASP F 60 -50.08 -7.06 -8.11
C ASP F 60 -48.72 -7.64 -7.77
N ILE F 61 -47.72 -6.76 -7.78
CA ILE F 61 -46.35 -7.06 -7.37
C ILE F 61 -45.98 -6.07 -6.29
N HIS F 62 -45.26 -6.56 -5.27
CA HIS F 62 -44.86 -5.75 -4.12
C HIS F 62 -43.36 -5.62 -4.08
N LEU F 63 -42.87 -4.39 -4.15
CA LEU F 63 -41.44 -4.08 -4.16
C LEU F 63 -41.09 -3.36 -2.86
N TYR F 64 -40.37 -4.03 -1.96
CA TYR F 64 -39.84 -3.40 -0.76
C TYR F 64 -38.52 -2.71 -1.10
N ILE F 65 -38.37 -1.47 -0.61
CA ILE F 65 -37.22 -0.65 -0.96
C ILE F 65 -36.55 -0.17 0.32
N ASN F 66 -35.27 -0.51 0.48
CA ASN F 66 -34.40 0.07 1.51
C ASN F 66 -33.09 0.38 0.77
N SER F 67 -33.00 1.60 0.22
CA SER F 67 -31.87 1.96 -0.64
C SER F 67 -31.51 3.42 -0.43
N PRO F 68 -30.21 3.76 -0.42
CA PRO F 68 -29.79 5.16 -0.40
C PRO F 68 -29.71 5.84 -1.75
N GLY F 69 -29.99 5.11 -2.82
CA GLY F 69 -29.87 5.61 -4.17
C GLY F 69 -28.75 4.93 -4.93
N GLY F 70 -28.34 5.58 -6.01
CA GLY F 70 -27.25 5.07 -6.81
C GLY F 70 -27.39 5.54 -8.24
N SER F 71 -27.11 4.60 -9.15
CA SER F 71 -27.03 4.93 -10.57
C SER F 71 -28.38 5.28 -11.14
N VAL F 72 -28.44 6.40 -11.87
CA VAL F 72 -29.68 6.81 -12.53
C VAL F 72 -30.04 5.83 -13.64
N THR F 73 -29.06 5.46 -14.47
CA THR F 73 -29.36 4.51 -15.54
C THR F 73 -29.84 3.19 -14.97
N ALA F 74 -29.17 2.68 -13.93
CA ALA F 74 -29.63 1.44 -13.31
C ALA F 74 -31.03 1.61 -12.72
N GLY F 75 -31.27 2.74 -12.03
CA GLY F 75 -32.59 2.99 -11.48
C GLY F 75 -33.65 3.14 -12.55
N MET F 76 -33.35 3.86 -13.64
CA MET F 76 -34.35 4.02 -14.69
C MET F 76 -34.71 2.68 -15.33
N SER F 77 -33.75 1.74 -15.43
CA SER F 77 -34.10 0.42 -15.94
C SER F 77 -35.17 -0.22 -15.06
N ILE F 78 -35.10 0.00 -13.74
CA ILE F 78 -36.13 -0.49 -12.82
C ILE F 78 -37.42 0.31 -13.01
N TYR F 79 -37.32 1.64 -12.98
CA TYR F 79 -38.50 2.49 -13.11
C TYR F 79 -39.29 2.15 -14.38
N ASP F 80 -38.62 2.12 -15.53
CA ASP F 80 -39.32 1.88 -16.79
C ASP F 80 -39.88 0.47 -16.87
N THR F 81 -39.24 -0.49 -16.23
CA THR F 81 -39.81 -1.84 -16.20
C THR F 81 -41.10 -1.88 -15.37
N MET F 82 -41.12 -1.15 -14.25
CA MET F 82 -42.31 -1.11 -13.41
C MET F 82 -43.51 -0.60 -14.18
N GLN F 83 -43.33 0.49 -14.95
CA GLN F 83 -44.43 1.03 -15.72
C GLN F 83 -44.77 0.14 -16.91
N PHE F 84 -43.73 -0.46 -17.53
CA PHE F 84 -43.93 -1.18 -18.78
C PHE F 84 -44.83 -2.40 -18.62
N ILE F 85 -44.64 -3.16 -17.55
CA ILE F 85 -45.34 -4.43 -17.41
C ILE F 85 -46.80 -4.18 -17.03
N LYS F 86 -47.63 -5.21 -17.26
CA LYS F 86 -49.06 -5.05 -17.04
C LYS F 86 -49.41 -4.95 -15.55
N PRO F 87 -48.95 -5.84 -14.68
CA PRO F 87 -49.38 -5.77 -13.27
C PRO F 87 -48.99 -4.45 -12.62
N ASN F 88 -49.78 -4.04 -11.64
CA ASN F 88 -49.43 -2.89 -10.82
C ASN F 88 -48.27 -3.24 -9.90
N VAL F 89 -47.32 -2.34 -9.79
CA VAL F 89 -46.17 -2.53 -8.91
C VAL F 89 -46.37 -1.62 -7.71
N SER F 90 -46.81 -2.20 -6.60
CA SER F 90 -46.82 -1.50 -5.33
C SER F 90 -45.40 -1.32 -4.82
N THR F 91 -45.17 -0.24 -4.07
CA THR F 91 -43.88 0.03 -3.47
C THR F 91 -44.05 0.35 -1.99
N THR F 92 -43.21 -0.26 -1.16
CA THR F 92 -43.19 -0.04 0.28
C THR F 92 -41.76 0.27 0.69
N CYS F 93 -41.55 1.43 1.31
CA CYS F 93 -40.23 1.79 1.82
C CYS F 93 -40.07 1.33 3.26
N ILE F 94 -39.05 0.50 3.49
CA ILE F 94 -38.65 0.12 4.84
C ILE F 94 -37.23 0.62 5.05
N GLY F 95 -36.97 1.20 6.21
CA GLY F 95 -35.70 1.81 6.48
C GLY F 95 -35.53 3.16 5.82
N GLN F 96 -34.98 3.19 4.61
CA GLN F 96 -34.78 4.44 3.90
C GLN F 96 -35.01 4.26 2.41
N ALA F 97 -35.36 5.36 1.76
CA ALA F 97 -35.47 5.44 0.30
C ALA F 97 -35.02 6.85 -0.07
N CYS F 98 -33.76 6.97 -0.47
CA CYS F 98 -33.14 8.25 -0.78
C CYS F 98 -32.68 8.29 -2.23
N SER F 99 -32.74 9.48 -2.82
CA SER F 99 -32.31 9.71 -4.19
C SER F 99 -33.05 8.69 -5.07
N MET F 100 -32.35 7.97 -5.96
CA MET F 100 -33.02 7.07 -6.88
C MET F 100 -34.00 6.16 -6.13
N GLY F 101 -33.70 5.84 -4.88
CA GLY F 101 -34.62 5.05 -4.08
C GLY F 101 -35.97 5.71 -3.91
N ALA F 102 -35.99 7.02 -3.66
CA ALA F 102 -37.26 7.73 -3.50
C ALA F 102 -38.01 7.81 -4.82
N LEU F 103 -37.31 7.95 -5.94
CA LEU F 103 -37.99 8.01 -7.24
C LEU F 103 -38.66 6.68 -7.55
N LEU F 104 -37.97 5.56 -7.32
CA LEU F 104 -38.60 4.27 -7.55
C LEU F 104 -39.81 4.09 -6.65
N LEU F 105 -39.74 4.59 -5.42
CA LEU F 105 -40.88 4.53 -4.50
C LEU F 105 -42.04 5.37 -5.01
N ALA F 106 -41.77 6.63 -5.37
CA ALA F 106 -42.80 7.49 -5.91
C ALA F 106 -43.40 6.93 -7.19
N GLY F 107 -42.63 6.15 -7.96
CA GLY F 107 -43.06 5.58 -9.22
C GLY F 107 -43.93 4.34 -9.13
N GLY F 108 -44.29 3.91 -7.93
CA GLY F 108 -45.13 2.77 -7.77
C GLY F 108 -46.57 3.06 -8.17
N ALA F 109 -47.35 1.99 -8.30
CA ALA F 109 -48.73 2.10 -8.74
C ALA F 109 -49.50 3.12 -7.92
N ALA F 110 -50.33 3.90 -8.61
CA ALA F 110 -51.09 4.94 -7.95
C ALA F 110 -51.90 4.36 -6.80
N GLY F 111 -51.84 5.03 -5.66
CA GLY F 111 -52.55 4.59 -4.47
C GLY F 111 -51.93 3.43 -3.72
N LYS F 112 -50.87 2.82 -4.24
CA LYS F 112 -50.27 1.62 -3.64
C LYS F 112 -48.79 1.84 -3.34
N ARG F 113 -48.43 3.05 -2.92
CA ARG F 113 -47.07 3.41 -2.54
C ARG F 113 -47.06 3.70 -1.05
N TYR F 114 -46.33 2.88 -0.29
CA TYR F 114 -46.40 2.94 1.15
C TYR F 114 -45.01 3.10 1.76
N CYS F 115 -45.02 3.39 3.06
CA CYS F 115 -43.82 3.31 3.89
C CYS F 115 -44.26 2.96 5.31
N LEU F 116 -43.29 2.70 6.17
CA LEU F 116 -43.51 2.38 7.57
C LEU F 116 -43.14 3.55 8.48
N PRO F 117 -43.62 3.56 9.73
CA PRO F 117 -43.62 4.80 10.52
C PRO F 117 -42.28 5.48 10.63
N HIS F 118 -41.19 4.73 10.69
CA HIS F 118 -39.86 5.31 10.89
C HIS F 118 -39.00 5.28 9.62
N SER F 119 -39.61 5.02 8.46
CA SER F 119 -38.89 5.16 7.20
C SER F 119 -38.42 6.59 7.00
N ARG F 120 -37.24 6.75 6.39
CA ARG F 120 -36.76 8.06 5.99
C ARG F 120 -36.64 8.11 4.48
N MET F 121 -37.16 9.18 3.89
CA MET F 121 -37.12 9.42 2.46
C MET F 121 -36.45 10.76 2.21
N MET F 122 -35.58 10.82 1.20
CA MET F 122 -34.85 12.03 0.89
C MET F 122 -34.81 12.19 -0.62
N ILE F 123 -35.07 13.41 -1.09
CA ILE F 123 -35.00 13.76 -2.51
C ILE F 123 -33.99 14.88 -2.69
N HIS F 124 -33.26 14.84 -3.80
CA HIS F 124 -32.35 15.93 -4.14
C HIS F 124 -32.12 15.91 -5.66
N GLN F 125 -31.24 16.76 -6.12
CA GLN F 125 -30.95 16.84 -7.53
C GLN F 125 -29.79 15.92 -7.90
N PRO F 126 -29.62 15.61 -9.18
CA PRO F 126 -28.64 14.59 -9.56
C PRO F 126 -27.20 15.00 -9.24
N LEU F 127 -26.38 13.97 -9.07
CA LEU F 127 -24.95 14.11 -8.82
C LEU F 127 -24.17 13.54 -10.01
N GLY F 128 -23.05 14.18 -10.31
CA GLY F 128 -22.19 13.70 -11.37
C GLY F 128 -20.82 14.30 -11.29
N GLY F 129 -19.99 13.90 -12.25
CA GLY F 129 -18.64 14.42 -12.32
C GLY F 129 -17.98 14.00 -13.61
N PHE F 130 -17.02 14.80 -14.07
CA PHE F 130 -16.33 14.49 -15.32
C PHE F 130 -15.02 15.27 -15.33
N GLN F 131 -14.08 14.76 -16.12
CA GLN F 131 -12.83 15.45 -16.38
C GLN F 131 -12.42 15.19 -17.83
N GLY F 132 -11.79 16.18 -18.42
CA GLY F 132 -11.33 16.12 -19.80
C GLY F 132 -11.38 17.49 -20.43
N GLN F 133 -11.57 17.49 -21.75
CA GLN F 133 -11.57 18.74 -22.51
C GLN F 133 -12.83 19.56 -22.26
N ALA F 134 -12.67 20.89 -22.28
CA ALA F 134 -13.80 21.78 -22.13
C ALA F 134 -14.95 21.43 -23.07
N SER F 135 -14.63 21.12 -24.33
CA SER F 135 -15.67 20.71 -25.27
C SER F 135 -16.44 19.50 -24.75
N ASP F 136 -15.74 18.54 -24.14
CA ASP F 136 -16.39 17.36 -23.59
C ASP F 136 -17.15 17.69 -22.30
N ILE F 137 -16.60 18.59 -21.49
CA ILE F 137 -17.30 19.01 -20.28
C ILE F 137 -18.65 19.61 -20.63
N GLU F 138 -18.68 20.44 -21.69
CA GLU F 138 -19.94 21.05 -22.12
C GLU F 138 -20.98 19.98 -22.46
N ILE F 139 -20.57 18.95 -23.20
CA ILE F 139 -21.50 17.88 -23.57
C ILE F 139 -22.06 17.20 -22.32
N HIS F 140 -21.20 16.87 -21.37
CA HIS F 140 -21.67 16.12 -20.20
C HIS F 140 -22.39 17.03 -19.22
N ALA F 141 -21.97 18.28 -19.08
CA ALA F 141 -22.74 19.22 -18.27
C ALA F 141 -24.16 19.33 -18.80
N LYS F 142 -24.34 19.45 -20.12
CA LYS F 142 -25.68 19.51 -20.67
C LYS F 142 -26.47 18.23 -20.44
N GLU F 143 -25.80 17.09 -20.44
CA GLU F 143 -26.50 15.83 -20.25
C GLU F 143 -27.06 15.72 -18.84
N ILE F 144 -26.32 16.18 -17.83
CA ILE F 144 -26.83 16.04 -16.46
C ILE F 144 -27.92 17.07 -16.17
N LEU F 145 -27.83 18.27 -16.76
CA LEU F 145 -28.95 19.21 -16.65
C LEU F 145 -30.18 18.66 -17.34
N PHE F 146 -30.00 17.90 -18.42
CA PHE F 146 -31.14 17.25 -19.06
C PHE F 146 -31.75 16.19 -18.16
N ILE F 147 -30.91 15.37 -17.50
CA ILE F 147 -31.41 14.36 -16.57
C ILE F 147 -32.13 15.03 -15.41
N LYS F 148 -31.56 16.13 -14.90
CA LYS F 148 -32.17 16.87 -13.80
C LYS F 148 -33.60 17.30 -14.14
N GLU F 149 -33.80 17.84 -15.35
CA GLU F 149 -35.15 18.19 -15.78
C GLU F 149 -36.03 16.96 -15.88
N ARG F 150 -35.54 15.92 -16.55
CA ARG F 150 -36.35 14.72 -16.76
C ARG F 150 -36.77 14.10 -15.44
N LEU F 151 -35.85 14.05 -14.47
CA LEU F 151 -36.17 13.43 -13.19
C LEU F 151 -37.18 14.27 -12.40
N ASN F 152 -37.00 15.58 -12.38
CA ASN F 152 -38.01 16.44 -11.75
C ASN F 152 -39.38 16.26 -12.40
N GLN F 153 -39.41 16.07 -13.73
CA GLN F 153 -40.69 15.84 -14.39
C GLN F 153 -41.33 14.54 -13.93
N ILE F 154 -40.52 13.51 -13.68
CA ILE F 154 -41.06 12.24 -13.21
C ILE F 154 -41.65 12.41 -11.81
N LEU F 155 -40.94 13.12 -10.93
CA LEU F 155 -41.46 13.32 -9.59
C LEU F 155 -42.76 14.11 -9.61
N ALA F 156 -42.79 15.22 -10.35
CA ALA F 156 -44.00 16.03 -10.46
C ALA F 156 -45.19 15.18 -10.89
N HIS F 157 -44.99 14.32 -11.88
CA HIS F 157 -46.06 13.46 -12.37
C HIS F 157 -46.63 12.59 -11.26
N HIS F 158 -45.75 11.87 -10.55
CA HIS F 158 -46.22 10.86 -9.61
C HIS F 158 -46.71 11.47 -8.29
N THR F 159 -46.15 12.62 -7.90
CA THR F 159 -46.58 13.28 -6.68
C THR F 159 -47.73 14.25 -6.89
N GLY F 160 -47.94 14.73 -8.12
CA GLY F 160 -48.94 15.74 -8.38
C GLY F 160 -48.48 17.16 -8.14
N GLN F 161 -47.24 17.35 -7.76
CA GLN F 161 -46.75 18.69 -7.47
C GLN F 161 -46.48 19.45 -8.77
N PRO F 162 -46.54 20.78 -8.72
CA PRO F 162 -46.10 21.56 -9.88
C PRO F 162 -44.59 21.43 -10.04
N LEU F 163 -44.15 21.48 -11.31
CA LEU F 163 -42.76 21.24 -11.64
C LEU F 163 -41.83 22.20 -10.90
N ASP F 164 -42.21 23.47 -10.80
CA ASP F 164 -41.32 24.45 -10.19
C ASP F 164 -41.13 24.17 -8.70
N VAL F 165 -42.11 23.54 -8.06
CA VAL F 165 -41.97 23.17 -6.65
C VAL F 165 -40.96 22.05 -6.51
N ILE F 166 -41.05 21.04 -7.38
CA ILE F 166 -40.08 19.94 -7.38
C ILE F 166 -38.67 20.50 -7.56
N ALA F 167 -38.49 21.35 -8.57
CA ALA F 167 -37.17 21.92 -8.80
C ALA F 167 -36.66 22.64 -7.55
N ARG F 168 -37.55 23.35 -6.87
CA ARG F 168 -37.15 24.13 -5.69
C ARG F 168 -36.80 23.23 -4.51
N ASP F 169 -37.65 22.24 -4.22
CA ASP F 169 -37.46 21.43 -3.02
C ASP F 169 -36.31 20.44 -3.15
N THR F 170 -35.90 20.11 -4.38
CA THR F 170 -34.83 19.16 -4.62
C THR F 170 -33.48 19.81 -4.84
N ASP F 171 -33.40 21.15 -4.81
CA ASP F 171 -32.12 21.80 -5.04
C ASP F 171 -31.06 21.30 -4.05
N ARG F 172 -31.43 21.18 -2.78
CA ARG F 172 -30.60 20.60 -1.73
C ARG F 172 -31.28 19.35 -1.18
N ASP F 173 -30.54 18.58 -0.40
CA ASP F 173 -31.13 17.40 0.24
C ASP F 173 -32.36 17.83 1.06
N ARG F 174 -33.49 17.14 0.84
CA ARG F 174 -34.69 17.39 1.61
C ARG F 174 -35.22 16.07 2.15
N PHE F 175 -35.12 15.88 3.46
CA PHE F 175 -35.60 14.68 4.12
C PHE F 175 -37.09 14.81 4.46
N MET F 176 -37.78 13.67 4.46
CA MET F 176 -39.21 13.62 4.68
C MET F 176 -39.57 12.45 5.57
N SER F 177 -40.51 12.69 6.49
CA SER F 177 -41.11 11.61 7.26
C SER F 177 -42.24 10.96 6.45
N GLY F 178 -42.77 9.88 6.99
CA GLY F 178 -43.92 9.24 6.36
C GLY F 178 -45.10 10.19 6.17
N ASP F 179 -45.48 10.90 7.24
CA ASP F 179 -46.59 11.85 7.12
C ASP F 179 -46.26 12.93 6.08
N GLU F 180 -45.05 13.49 6.16
CA GLU F 180 -44.66 14.51 5.18
C GLU F 180 -44.71 13.97 3.76
N ALA F 181 -44.24 12.73 3.56
CA ALA F 181 -44.24 12.18 2.22
C ALA F 181 -45.64 12.01 1.68
N VAL F 182 -46.61 11.71 2.53
CA VAL F 182 -48.00 11.61 2.06
C VAL F 182 -48.51 12.97 1.62
N LYS F 183 -48.29 14.01 2.44
CA LYS F 183 -48.72 15.34 2.01
C LYS F 183 -48.02 15.77 0.73
N TYR F 184 -46.79 15.34 0.50
CA TYR F 184 -46.09 15.75 -0.69
C TYR F 184 -46.57 15.00 -1.92
N GLY F 185 -47.14 13.81 -1.73
CA GLY F 185 -47.49 12.94 -2.83
C GLY F 185 -46.44 11.89 -3.13
N LEU F 186 -45.33 11.88 -2.40
CA LEU F 186 -44.27 10.91 -2.66
C LEU F 186 -44.76 9.48 -2.41
N ILE F 187 -45.59 9.30 -1.39
CA ILE F 187 -46.24 8.02 -1.14
C ILE F 187 -47.72 8.30 -0.87
N ASP F 188 -48.50 7.22 -0.80
CA ASP F 188 -49.94 7.30 -0.59
C ASP F 188 -50.36 7.11 0.85
N LYS F 189 -49.74 6.20 1.58
CA LYS F 189 -50.22 5.86 2.92
C LYS F 189 -49.07 5.34 3.76
N VAL F 190 -49.07 5.73 5.03
CA VAL F 190 -48.13 5.23 6.02
C VAL F 190 -48.75 3.99 6.66
N MET F 191 -48.17 2.83 6.40
CA MET F 191 -48.58 1.60 7.05
C MET F 191 -47.93 1.51 8.41
N THR F 192 -48.70 1.08 9.41
CA THR F 192 -48.23 0.97 10.78
C THR F 192 -48.36 -0.45 11.30
N GLN F 193 -49.58 -0.99 11.27
CA GLN F 193 -49.87 -2.35 11.66
C GLN F 193 -50.66 -2.96 10.51
N ARG F 194 -50.46 -4.25 10.28
CA ARG F 194 -51.13 -4.89 9.18
C ARG F 194 -52.64 -4.89 9.45
N LEU G 4 -17.79 -24.15 7.37
CA LEU G 4 -18.95 -23.29 7.12
C LEU G 4 -20.05 -23.73 8.10
N VAL G 5 -21.26 -23.22 7.87
CA VAL G 5 -22.43 -23.48 8.72
C VAL G 5 -22.80 -24.95 8.66
N PRO G 6 -22.89 -25.65 9.80
CA PRO G 6 -23.16 -27.10 9.75
C PRO G 6 -24.60 -27.37 9.32
N MET G 7 -24.82 -28.61 8.88
CA MET G 7 -26.06 -29.04 8.25
C MET G 7 -26.76 -30.10 9.10
N VAL G 8 -28.09 -30.16 8.96
CA VAL G 8 -28.92 -31.07 9.71
C VAL G 8 -29.79 -31.89 8.78
N ALA G 18 -31.82 -31.32 3.33
CA ALA G 18 -30.58 -30.62 3.64
C ALA G 18 -30.84 -29.23 4.21
N TYR G 19 -30.75 -29.10 5.53
CA TYR G 19 -30.90 -27.82 6.20
C TYR G 19 -29.56 -27.39 6.79
N ASP G 20 -29.29 -26.08 6.74
CA ASP G 20 -28.30 -25.53 7.65
C ASP G 20 -28.96 -25.36 9.02
N ILE G 21 -28.13 -25.21 10.05
CA ILE G 21 -28.66 -25.18 11.41
C ILE G 21 -29.68 -24.05 11.56
N TYR G 22 -29.43 -22.91 10.90
CA TYR G 22 -30.31 -21.77 11.07
C TYR G 22 -31.64 -21.98 10.36
N SER G 23 -31.63 -22.60 9.18
CA SER G 23 -32.89 -22.95 8.53
C SER G 23 -33.71 -23.92 9.38
N ARG G 24 -33.04 -24.82 10.10
CA ARG G 24 -33.75 -25.78 10.94
C ARG G 24 -34.41 -25.06 12.12
N LEU G 25 -33.72 -24.08 12.71
CA LEU G 25 -34.30 -23.33 13.81
C LEU G 25 -35.32 -22.29 13.34
N LEU G 26 -35.30 -21.92 12.06
CA LEU G 26 -36.32 -21.01 11.53
C LEU G 26 -37.71 -21.66 11.58
N LYS G 27 -37.79 -22.97 11.39
CA LYS G 27 -39.07 -23.66 11.52
C LYS G 27 -39.61 -23.52 12.94
N GLU G 28 -38.73 -23.49 13.95
CA GLU G 28 -39.14 -23.23 15.33
C GLU G 28 -39.50 -21.75 15.57
N ARG G 29 -39.56 -20.91 14.54
CA ARG G 29 -39.95 -19.51 14.67
C ARG G 29 -38.85 -18.72 15.39
N ILE G 30 -37.60 -19.13 15.22
CA ILE G 30 -36.44 -18.51 15.83
C ILE G 30 -35.62 -17.81 14.76
N ILE G 31 -35.26 -16.55 15.01
CA ILE G 31 -34.44 -15.74 14.13
C ILE G 31 -33.26 -15.20 14.93
N PHE G 32 -32.08 -15.20 14.33
CA PHE G 32 -30.88 -14.68 14.97
C PHE G 32 -30.44 -13.40 14.29
N LEU G 33 -30.13 -12.39 15.08
CA LEU G 33 -29.58 -11.11 14.61
C LEU G 33 -28.23 -10.96 15.26
N VAL G 34 -27.17 -11.22 14.49
CA VAL G 34 -25.81 -11.33 15.00
C VAL G 34 -24.93 -10.29 14.33
N GLY G 35 -24.19 -9.55 15.15
CA GLY G 35 -23.17 -8.66 14.64
C GLY G 35 -23.71 -7.31 14.24
N GLN G 36 -22.85 -6.56 13.57
CA GLN G 36 -23.17 -5.18 13.19
C GLN G 36 -24.41 -5.13 12.31
N VAL G 37 -25.28 -4.17 12.60
CA VAL G 37 -26.51 -3.99 11.84
C VAL G 37 -26.19 -3.24 10.55
N GLU G 38 -26.55 -3.83 9.41
CA GLU G 38 -26.30 -3.23 8.10
C GLU G 38 -27.39 -3.72 7.16
N ASP G 39 -27.52 -3.01 6.02
CA ASP G 39 -28.68 -3.16 5.16
C ASP G 39 -28.97 -4.63 4.81
N TYR G 40 -27.93 -5.40 4.51
CA TYR G 40 -28.15 -6.74 3.96
C TYR G 40 -28.56 -7.75 5.04
N MET G 41 -27.86 -7.77 6.17
CA MET G 41 -28.27 -8.67 7.25
C MET G 41 -29.62 -8.26 7.83
N ALA G 42 -29.90 -6.96 7.85
CA ALA G 42 -31.18 -6.49 8.35
C ALA G 42 -32.34 -6.98 7.49
N ASN G 43 -32.18 -6.94 6.16
CA ASN G 43 -33.26 -7.36 5.27
C ASN G 43 -33.48 -8.86 5.33
N LEU G 44 -32.43 -9.64 5.63
CA LEU G 44 -32.63 -11.06 5.94
C LEU G 44 -33.60 -11.22 7.11
N VAL G 45 -33.40 -10.46 8.18
CA VAL G 45 -34.33 -10.54 9.32
C VAL G 45 -35.74 -10.17 8.88
N VAL G 46 -35.88 -9.06 8.15
CA VAL G 46 -37.19 -8.66 7.64
C VAL G 46 -37.83 -9.81 6.86
N ALA G 47 -37.06 -10.41 5.93
CA ALA G 47 -37.60 -11.50 5.12
C ALA G 47 -38.05 -12.67 5.99
N GLN G 48 -37.29 -12.99 7.04
CA GLN G 48 -37.70 -14.07 7.94
C GLN G 48 -38.94 -13.69 8.74
N LEU G 49 -39.01 -12.44 9.21
CA LEU G 49 -40.21 -12.00 9.90
C LEU G 49 -41.43 -12.10 8.98
N LEU G 50 -41.29 -11.64 7.74
CA LEU G 50 -42.40 -11.72 6.79
C LEU G 50 -42.74 -13.16 6.46
N PHE G 51 -41.71 -14.00 6.25
CA PHE G 51 -41.97 -15.40 5.95
C PHE G 51 -42.72 -16.08 7.09
N LEU G 52 -42.25 -15.88 8.33
CA LEU G 52 -42.89 -16.53 9.48
C LEU G 52 -44.32 -16.05 9.67
N GLU G 53 -44.58 -14.76 9.43
CA GLU G 53 -45.95 -14.28 9.47
C GLU G 53 -46.83 -15.08 8.52
N ALA G 54 -46.35 -15.30 7.29
CA ALA G 54 -47.14 -16.03 6.30
C ALA G 54 -47.31 -17.49 6.70
N GLU G 55 -46.27 -18.10 7.28
CA GLU G 55 -46.39 -19.48 7.73
C GLU G 55 -47.47 -19.61 8.79
N ASN G 56 -47.53 -18.66 9.73
CA ASN G 56 -48.55 -18.63 10.77
C ASN G 56 -48.60 -17.25 11.42
N PRO G 57 -49.61 -16.43 11.09
CA PRO G 57 -49.64 -15.06 11.64
C PRO G 57 -50.01 -14.98 13.11
N GLU G 58 -50.30 -16.10 13.76
CA GLU G 58 -50.68 -16.09 15.17
C GLU G 58 -49.57 -16.54 16.10
N LYS G 59 -48.73 -17.48 15.67
CA LYS G 59 -47.69 -18.01 16.53
C LYS G 59 -46.62 -16.96 16.78
N ASP G 60 -46.13 -16.92 18.02
CA ASP G 60 -45.09 -15.96 18.36
C ASP G 60 -43.82 -16.23 17.55
N ILE G 61 -42.98 -15.21 17.47
CA ILE G 61 -41.67 -15.28 16.84
C ILE G 61 -40.64 -14.83 17.87
N HIS G 62 -39.50 -15.51 17.88
CA HIS G 62 -38.43 -15.25 18.84
C HIS G 62 -37.20 -14.75 18.08
N LEU G 63 -36.77 -13.53 18.40
CA LEU G 63 -35.64 -12.88 17.75
C LEU G 63 -34.48 -12.81 18.75
N TYR G 64 -33.45 -13.61 18.53
CA TYR G 64 -32.25 -13.56 19.36
C TYR G 64 -31.32 -12.47 18.85
N ILE G 65 -30.82 -11.65 19.77
CA ILE G 65 -30.05 -10.47 19.44
C ILE G 65 -28.71 -10.56 20.15
N ASN G 66 -27.63 -10.51 19.39
CA ASN G 66 -26.27 -10.33 19.91
C ASN G 66 -25.59 -9.35 18.96
N SER G 67 -25.74 -8.06 19.23
CA SER G 67 -25.29 -7.03 18.30
C SER G 67 -24.76 -5.81 19.03
N PRO G 68 -23.73 -5.16 18.51
CA PRO G 68 -23.29 -3.86 19.04
C PRO G 68 -24.00 -2.65 18.45
N GLY G 69 -24.89 -2.83 17.48
CA GLY G 69 -25.53 -1.74 16.80
C GLY G 69 -25.12 -1.64 15.35
N GLY G 70 -25.39 -0.48 14.77
CA GLY G 70 -25.06 -0.21 13.38
C GLY G 70 -25.97 0.87 12.80
N SER G 71 -26.42 0.62 11.58
CA SER G 71 -27.15 1.62 10.81
C SER G 71 -28.53 1.87 11.39
N VAL G 72 -28.89 3.15 11.53
CA VAL G 72 -30.22 3.52 12.01
C VAL G 72 -31.28 3.12 10.99
N THR G 73 -31.06 3.43 9.72
CA THR G 73 -32.04 3.03 8.71
C THR G 73 -32.19 1.52 8.66
N ALA G 74 -31.08 0.79 8.71
CA ALA G 74 -31.15 -0.67 8.65
C ALA G 74 -31.93 -1.23 9.83
N GLY G 75 -31.67 -0.72 11.04
CA GLY G 75 -32.43 -1.17 12.20
C GLY G 75 -33.91 -0.83 12.10
N MET G 76 -34.22 0.37 11.61
CA MET G 76 -35.61 0.80 11.53
C MET G 76 -36.43 -0.11 10.62
N SER G 77 -35.84 -0.65 9.55
CA SER G 77 -36.57 -1.63 8.76
C SER G 77 -36.91 -2.85 9.61
N ILE G 78 -36.01 -3.23 10.54
CA ILE G 78 -36.30 -4.33 11.45
C ILE G 78 -37.35 -3.92 12.47
N TYR G 79 -37.12 -2.79 13.14
CA TYR G 79 -38.05 -2.35 14.18
C TYR G 79 -39.47 -2.23 13.63
N ASP G 80 -39.64 -1.49 12.52
CA ASP G 80 -40.98 -1.28 11.99
C ASP G 80 -41.61 -2.57 11.49
N THR G 81 -40.81 -3.50 10.98
CA THR G 81 -41.37 -4.77 10.54
C THR G 81 -41.85 -5.60 11.74
N MET G 82 -41.12 -5.53 12.86
CA MET G 82 -41.54 -6.26 14.06
C MET G 82 -42.90 -5.78 14.53
N GLN G 83 -43.10 -4.46 14.56
CA GLN G 83 -44.38 -3.91 14.99
C GLN G 83 -45.47 -4.15 13.95
N PHE G 84 -45.11 -4.06 12.67
CA PHE G 84 -46.11 -4.12 11.61
C PHE G 84 -46.78 -5.48 11.51
N ILE G 85 -46.00 -6.57 11.66
CA ILE G 85 -46.56 -7.88 11.39
C ILE G 85 -47.50 -8.29 12.52
N LYS G 86 -48.41 -9.22 12.21
CA LYS G 86 -49.44 -9.60 13.18
C LYS G 86 -48.84 -10.36 14.35
N PRO G 87 -47.99 -11.37 14.16
CA PRO G 87 -47.46 -12.11 15.31
C PRO G 87 -46.65 -11.23 16.24
N ASN G 88 -46.68 -11.57 17.52
CA ASN G 88 -45.81 -10.94 18.50
C ASN G 88 -44.38 -11.44 18.32
N VAL G 89 -43.44 -10.50 18.34
CA VAL G 89 -42.02 -10.83 18.18
C VAL G 89 -41.36 -10.69 19.55
N SER G 90 -41.08 -11.81 20.19
CA SER G 90 -40.27 -11.81 21.39
C SER G 90 -38.81 -11.51 21.02
N THR G 91 -38.09 -10.89 21.95
CA THR G 91 -36.67 -10.61 21.78
C THR G 91 -35.90 -11.09 23.00
N THR G 92 -34.77 -11.77 22.77
CA THR G 92 -33.89 -12.25 23.82
C THR G 92 -32.47 -11.82 23.50
N CYS G 93 -31.84 -11.11 24.43
CA CYS G 93 -30.47 -10.68 24.23
C CYS G 93 -29.51 -11.70 24.82
N ILE G 94 -28.63 -12.24 23.99
CA ILE G 94 -27.53 -13.09 24.44
C ILE G 94 -26.25 -12.39 24.04
N GLY G 95 -25.29 -12.38 24.96
CA GLY G 95 -24.05 -11.67 24.74
C GLY G 95 -24.20 -10.19 24.96
N GLN G 96 -24.55 -9.43 23.92
CA GLN G 96 -24.68 -7.99 24.10
C GLN G 96 -25.79 -7.47 23.19
N ALA G 97 -26.32 -6.31 23.59
CA ALA G 97 -27.30 -5.58 22.78
C ALA G 97 -27.00 -4.10 23.01
N CYS G 98 -26.29 -3.47 22.09
CA CYS G 98 -25.89 -2.07 22.20
C CYS G 98 -26.44 -1.27 21.04
N SER G 99 -26.76 -0.01 21.33
CA SER G 99 -27.25 0.96 20.33
C SER G 99 -28.45 0.33 19.64
N MET G 100 -28.50 0.29 18.30
CA MET G 100 -29.66 -0.26 17.63
C MET G 100 -30.00 -1.65 18.16
N GLY G 101 -28.99 -2.40 18.59
CA GLY G 101 -29.28 -3.70 19.21
C GLY G 101 -30.18 -3.57 20.42
N ALA G 102 -29.92 -2.56 21.26
CA ALA G 102 -30.75 -2.35 22.44
C ALA G 102 -32.12 -1.81 22.07
N LEU G 103 -32.20 -0.96 21.05
CA LEU G 103 -33.50 -0.45 20.63
C LEU G 103 -34.37 -1.57 20.08
N LEU G 104 -33.77 -2.46 19.28
CA LEU G 104 -34.54 -3.60 18.77
C LEU G 104 -34.98 -4.50 19.91
N LEU G 105 -34.13 -4.64 20.94
CA LEU G 105 -34.48 -5.44 22.11
C LEU G 105 -35.65 -4.85 22.86
N ALA G 106 -35.60 -3.54 23.14
CA ALA G 106 -36.71 -2.86 23.80
C ALA G 106 -37.99 -2.92 22.98
N GLY G 107 -37.87 -3.03 21.65
CA GLY G 107 -39.02 -3.03 20.77
C GLY G 107 -39.81 -4.32 20.68
N GLY G 108 -39.43 -5.33 21.43
CA GLY G 108 -40.13 -6.60 21.36
C GLY G 108 -41.50 -6.55 22.02
N ALA G 109 -42.27 -7.60 21.77
CA ALA G 109 -43.62 -7.71 22.31
C ALA G 109 -43.62 -7.52 23.81
N ALA G 110 -44.63 -6.79 24.30
CA ALA G 110 -44.71 -6.46 25.72
C ALA G 110 -44.73 -7.73 26.57
N GLY G 111 -43.95 -7.72 27.64
CA GLY G 111 -43.83 -8.87 28.50
C GLY G 111 -43.01 -10.01 27.95
N LYS G 112 -42.56 -9.92 26.71
CA LYS G 112 -41.85 -11.02 26.06
C LYS G 112 -40.47 -10.56 25.58
N ARG G 113 -39.85 -9.64 26.32
CA ARG G 113 -38.52 -9.15 26.03
C ARG G 113 -37.59 -9.63 27.13
N TYR G 114 -36.62 -10.47 26.77
CA TYR G 114 -35.79 -11.15 27.75
C TYR G 114 -34.31 -10.89 27.50
N CYS G 115 -33.50 -11.28 28.48
CA CYS G 115 -32.07 -11.42 28.29
C CYS G 115 -31.61 -12.52 29.21
N LEU G 116 -30.34 -12.87 29.09
CA LEU G 116 -29.73 -13.89 29.93
C LEU G 116 -28.82 -13.27 30.97
N PRO G 117 -28.49 -14.01 32.03
CA PRO G 117 -27.93 -13.37 33.24
C PRO G 117 -26.73 -12.48 33.00
N HIS G 118 -25.85 -12.81 32.05
CA HIS G 118 -24.63 -12.04 31.84
C HIS G 118 -24.67 -11.20 30.58
N SER G 119 -25.84 -11.05 29.95
CA SER G 119 -25.95 -10.17 28.81
C SER G 119 -25.58 -8.75 29.22
N ARG G 120 -25.01 -8.00 28.28
CA ARG G 120 -24.74 -6.58 28.48
C ARG G 120 -25.57 -5.79 27.48
N MET G 121 -26.21 -4.73 27.96
CA MET G 121 -27.01 -3.83 27.14
C MET G 121 -26.47 -2.42 27.31
N MET G 122 -26.40 -1.70 26.20
CA MET G 122 -25.91 -0.33 26.23
C MET G 122 -26.77 0.52 25.32
N ILE G 123 -27.11 1.71 25.80
CA ILE G 123 -27.86 2.70 25.04
C ILE G 123 -27.03 3.97 24.99
N HIS G 124 -27.08 4.65 23.85
CA HIS G 124 -26.43 5.95 23.72
C HIS G 124 -27.16 6.75 22.65
N GLN G 125 -26.67 7.92 22.38
CA GLN G 125 -27.31 8.75 21.38
C GLN G 125 -26.74 8.50 19.99
N PRO G 126 -27.46 8.91 18.96
CA PRO G 126 -27.04 8.57 17.60
C PRO G 126 -25.70 9.18 17.25
N LEU G 127 -24.98 8.50 16.37
CA LEU G 127 -23.73 8.98 15.83
C LEU G 127 -23.91 9.24 14.34
N GLY G 128 -23.22 10.25 13.86
CA GLY G 128 -23.29 10.56 12.45
C GLY G 128 -22.12 11.43 12.07
N GLY G 129 -22.10 11.80 10.80
CA GLY G 129 -21.07 12.67 10.30
C GLY G 129 -21.41 13.15 8.90
N PHE G 130 -20.87 14.31 8.54
CA PHE G 130 -21.10 14.86 7.23
C PHE G 130 -20.02 15.87 6.93
N GLN G 131 -19.80 16.14 5.65
CA GLN G 131 -18.92 17.21 5.22
C GLN G 131 -19.45 17.82 3.94
N GLY G 132 -19.21 19.10 3.79
CA GLY G 132 -19.64 19.83 2.63
C GLY G 132 -19.95 21.27 3.01
N GLN G 133 -20.90 21.85 2.29
CA GLN G 133 -21.29 23.23 2.49
C GLN G 133 -22.05 23.42 3.80
N ALA G 134 -21.84 24.60 4.41
CA ALA G 134 -22.55 24.94 5.64
C ALA G 134 -24.06 24.74 5.52
N SER G 135 -24.63 25.16 4.39
CA SER G 135 -26.05 24.93 4.16
C SER G 135 -26.39 23.44 4.21
N ASP G 136 -25.52 22.60 3.66
CA ASP G 136 -25.79 21.16 3.66
C ASP G 136 -25.56 20.57 5.04
N ILE G 137 -24.57 21.07 5.76
CA ILE G 137 -24.34 20.64 7.14
C ILE G 137 -25.58 20.91 7.98
N GLU G 138 -26.18 22.09 7.80
CA GLU G 138 -27.39 22.45 8.52
C GLU G 138 -28.50 21.43 8.27
N ILE G 139 -28.67 21.01 7.01
CA ILE G 139 -29.72 20.05 6.69
C ILE G 139 -29.48 18.75 7.44
N HIS G 140 -28.24 18.26 7.43
CA HIS G 140 -27.94 16.96 8.03
C HIS G 140 -27.87 17.03 9.54
N ALA G 141 -27.38 18.14 10.11
CA ALA G 141 -27.48 18.33 11.55
C ALA G 141 -28.92 18.28 12.03
N LYS G 142 -29.84 18.94 11.32
CA LYS G 142 -31.25 18.86 11.72
C LYS G 142 -31.81 17.46 11.54
N GLU G 143 -31.36 16.73 10.52
CA GLU G 143 -31.85 15.37 10.28
C GLU G 143 -31.40 14.41 11.39
N ILE G 144 -30.19 14.61 11.92
CA ILE G 144 -29.71 13.72 12.97
C ILE G 144 -30.37 14.03 14.32
N LEU G 145 -30.68 15.31 14.59
CA LEU G 145 -31.43 15.65 15.80
C LEU G 145 -32.86 15.14 15.74
N PHE G 146 -33.46 15.13 14.55
CA PHE G 146 -34.78 14.54 14.40
C PHE G 146 -34.73 13.03 14.60
N ILE G 147 -33.72 12.37 14.03
CA ILE G 147 -33.55 10.92 14.23
C ILE G 147 -33.33 10.63 15.72
N LYS G 148 -32.52 11.46 16.38
CA LYS G 148 -32.34 11.34 17.82
C LYS G 148 -33.67 11.46 18.56
N GLU G 149 -34.48 12.44 18.18
CA GLU G 149 -35.79 12.64 18.80
C GLU G 149 -36.68 11.41 18.61
N ARG G 150 -36.78 10.93 17.37
CA ARG G 150 -37.66 9.81 17.05
C ARG G 150 -37.23 8.51 17.74
N LEU G 151 -35.93 8.26 17.81
CA LEU G 151 -35.45 7.03 18.43
C LEU G 151 -35.68 7.06 19.94
N ASN G 152 -35.47 8.21 20.57
CA ASN G 152 -35.80 8.35 21.99
C ASN G 152 -37.29 8.10 22.26
N GLN G 153 -38.17 8.54 21.35
CA GLN G 153 -39.60 8.31 21.53
C GLN G 153 -39.94 6.83 21.51
N ILE G 154 -39.24 6.06 20.68
CA ILE G 154 -39.48 4.62 20.63
C ILE G 154 -39.07 3.99 21.96
N LEU G 155 -37.93 4.40 22.49
CA LEU G 155 -37.47 3.86 23.75
C LEU G 155 -38.45 4.22 24.87
N ALA G 156 -38.83 5.50 24.94
CA ALA G 156 -39.79 5.95 25.95
C ALA G 156 -41.06 5.11 25.90
N HIS G 157 -41.57 4.86 24.71
CA HIS G 157 -42.79 4.08 24.56
C HIS G 157 -42.64 2.69 25.16
N HIS G 158 -41.56 1.99 24.82
CA HIS G 158 -41.42 0.58 25.18
C HIS G 158 -40.98 0.39 26.62
N THR G 159 -40.23 1.36 27.17
CA THR G 159 -39.76 1.31 28.54
C THR G 159 -40.71 1.97 29.53
N GLY G 160 -41.54 2.90 29.07
CA GLY G 160 -42.38 3.68 29.95
C GLY G 160 -41.74 4.93 30.50
N GLN G 161 -40.48 5.21 30.15
CA GLN G 161 -39.80 6.40 30.64
C GLN G 161 -40.25 7.64 29.87
N PRO G 162 -40.16 8.82 30.49
CA PRO G 162 -40.39 10.06 29.74
C PRO G 162 -39.30 10.30 28.71
N LEU G 163 -39.65 10.95 27.60
CA LEU G 163 -38.66 11.18 26.56
C LEU G 163 -37.46 11.92 27.12
N ASP G 164 -37.70 12.90 27.99
CA ASP G 164 -36.60 13.71 28.49
C ASP G 164 -35.63 12.88 29.33
N VAL G 165 -36.12 11.83 29.99
CA VAL G 165 -35.23 10.96 30.74
C VAL G 165 -34.36 10.15 29.79
N ILE G 166 -34.98 9.59 28.75
CA ILE G 166 -34.22 8.83 27.75
C ILE G 166 -33.13 9.69 27.13
N ALA G 167 -33.49 10.90 26.70
CA ALA G 167 -32.49 11.78 26.12
C ALA G 167 -31.33 12.02 27.08
N ARG G 168 -31.62 12.20 28.37
CA ARG G 168 -30.56 12.49 29.32
C ARG G 168 -29.70 11.26 29.57
N ASP G 169 -30.32 10.10 29.75
CA ASP G 169 -29.59 8.89 30.09
C ASP G 169 -28.75 8.37 28.92
N THR G 170 -29.10 8.74 27.70
CA THR G 170 -28.38 8.30 26.52
C THR G 170 -27.36 9.32 26.03
N ASP G 171 -27.21 10.44 26.74
CA ASP G 171 -26.27 11.47 26.31
C ASP G 171 -24.89 10.86 26.11
N ARG G 172 -24.47 10.01 27.03
CA ARG G 172 -23.22 9.24 26.95
C ARG G 172 -23.57 7.76 26.98
N ASP G 173 -22.58 6.92 26.69
CA ASP G 173 -22.79 5.49 26.80
C ASP G 173 -23.27 5.14 28.19
N ARG G 174 -24.36 4.38 28.28
CA ARG G 174 -24.87 3.89 29.55
C ARG G 174 -25.05 2.38 29.40
N PHE G 175 -24.18 1.63 30.08
CA PHE G 175 -24.25 0.18 30.10
C PHE G 175 -25.20 -0.25 31.20
N MET G 176 -25.84 -1.40 30.99
CA MET G 176 -26.82 -1.92 31.93
C MET G 176 -26.66 -3.42 32.06
N SER G 177 -26.80 -3.91 33.29
CA SER G 177 -26.90 -5.34 33.55
C SER G 177 -28.32 -5.80 33.27
N GLY G 178 -28.55 -7.11 33.35
CA GLY G 178 -29.90 -7.62 33.20
C GLY G 178 -30.89 -7.01 34.17
N ASP G 179 -30.55 -7.02 35.46
CA ASP G 179 -31.44 -6.46 36.48
C ASP G 179 -31.71 -4.98 36.22
N GLU G 180 -30.66 -4.22 35.92
CA GLU G 180 -30.83 -2.79 35.66
C GLU G 180 -31.78 -2.57 34.49
N ALA G 181 -31.61 -3.36 33.42
CA ALA G 181 -32.44 -3.17 32.23
C ALA G 181 -33.91 -3.45 32.52
N VAL G 182 -34.20 -4.37 33.44
CA VAL G 182 -35.60 -4.61 33.83
C VAL G 182 -36.14 -3.42 34.59
N LYS G 183 -35.36 -2.91 35.55
CA LYS G 183 -35.76 -1.73 36.29
C LYS G 183 -36.05 -0.57 35.35
N TYR G 184 -35.30 -0.49 34.25
CA TYR G 184 -35.42 0.60 33.31
C TYR G 184 -36.61 0.43 32.39
N GLY G 185 -37.08 -0.80 32.20
CA GLY G 185 -38.10 -1.06 31.22
C GLY G 185 -37.57 -1.51 29.87
N LEU G 186 -36.25 -1.58 29.73
CA LEU G 186 -35.65 -2.00 28.47
C LEU G 186 -35.99 -3.46 28.16
N ILE G 187 -36.08 -4.31 29.18
CA ILE G 187 -36.54 -5.69 29.04
C ILE G 187 -37.51 -6.01 30.17
N ASP G 188 -38.15 -7.16 30.05
CA ASP G 188 -39.15 -7.61 31.01
C ASP G 188 -38.61 -8.58 32.07
N LYS G 189 -37.72 -9.49 31.68
CA LYS G 189 -37.32 -10.56 32.60
C LYS G 189 -35.93 -11.06 32.25
N VAL G 190 -35.16 -11.38 33.29
CA VAL G 190 -33.88 -12.06 33.13
C VAL G 190 -34.13 -13.55 33.26
N MET G 191 -33.99 -14.28 32.15
CA MET G 191 -34.10 -15.73 32.14
C MET G 191 -32.81 -16.34 32.65
N THR G 192 -32.93 -17.45 33.39
CA THR G 192 -31.75 -18.12 33.97
C THR G 192 -31.65 -19.58 33.54
N GLN G 193 -32.67 -20.39 33.83
CA GLN G 193 -32.73 -21.79 33.43
C GLN G 193 -34.09 -22.01 32.80
N ARG G 194 -34.16 -22.88 31.80
CA ARG G 194 -35.41 -23.05 31.07
C ARG G 194 -36.54 -23.63 31.92
N LEU H 4 13.33 26.26 -6.84
CA LEU H 4 14.68 26.57 -6.35
C LEU H 4 14.77 28.09 -6.23
N VAL H 5 14.79 28.61 -5.00
CA VAL H 5 14.78 30.05 -4.79
C VAL H 5 16.12 30.68 -5.19
N PRO H 6 16.15 31.57 -6.19
CA PRO H 6 17.41 32.20 -6.57
C PRO H 6 17.81 33.30 -5.59
N MET H 7 19.09 33.65 -5.63
CA MET H 7 19.70 34.58 -4.69
C MET H 7 20.16 35.84 -5.40
N VAL H 8 20.14 36.93 -4.66
CA VAL H 8 20.53 38.25 -5.16
C VAL H 8 21.56 38.89 -4.22
N ALA H 18 23.67 39.42 0.16
CA ALA H 18 23.15 38.19 -0.42
C ALA H 18 21.74 37.89 0.08
N TYR H 19 20.75 38.20 -0.75
CA TYR H 19 19.36 37.93 -0.45
C TYR H 19 18.78 36.88 -1.42
N ASP H 20 17.83 36.10 -0.93
CA ASP H 20 16.97 35.38 -1.85
C ASP H 20 15.97 36.36 -2.45
N ILE H 21 15.34 35.95 -3.54
CA ILE H 21 14.50 36.86 -4.31
C ILE H 21 13.36 37.42 -3.45
N TYR H 22 12.76 36.58 -2.62
CA TYR H 22 11.62 37.06 -1.83
C TYR H 22 12.07 37.98 -0.70
N SER H 23 13.21 37.68 -0.08
CA SER H 23 13.76 38.59 0.91
C SER H 23 14.08 39.94 0.28
N ARG H 24 14.55 39.92 -0.97
CA ARG H 24 14.89 41.16 -1.66
C ARG H 24 13.65 42.00 -1.92
N LEU H 25 12.55 41.36 -2.30
CA LEU H 25 11.30 42.07 -2.51
C LEU H 25 10.62 42.45 -1.20
N LEU H 26 11.00 41.83 -0.08
CA LEU H 26 10.40 42.19 1.20
C LEU H 26 10.88 43.59 1.64
N LYS H 27 12.14 43.99 1.36
CA LYS H 27 12.55 45.35 1.68
C LYS H 27 11.72 46.37 0.92
N GLU H 28 11.37 46.04 -0.33
CA GLU H 28 10.44 46.88 -1.07
C GLU H 28 8.97 46.80 -0.53
N ARG H 29 8.77 46.13 0.61
CA ARG H 29 7.48 46.04 1.30
C ARG H 29 6.44 45.23 0.52
N ILE H 30 6.88 44.21 -0.21
CA ILE H 30 6.00 43.32 -0.94
C ILE H 30 6.02 41.96 -0.25
N ILE H 31 4.83 41.42 0.00
CA ILE H 31 4.65 40.11 0.61
C ILE H 31 3.81 39.27 -0.35
N PHE H 32 4.16 38.00 -0.50
CA PHE H 32 3.44 37.10 -1.38
C PHE H 32 2.69 36.06 -0.57
N LEU H 33 1.43 35.83 -0.95
CA LEU H 33 0.57 34.80 -0.38
C LEU H 33 0.24 33.85 -1.51
N VAL H 34 0.89 32.70 -1.53
CA VAL H 34 0.79 31.75 -2.64
C VAL H 34 0.29 30.42 -2.11
N GLY H 35 -0.66 29.84 -2.81
CA GLY H 35 -1.06 28.49 -2.53
C GLY H 35 -2.11 28.42 -1.44
N GLN H 36 -2.40 27.18 -1.05
CA GLN H 36 -3.46 26.91 -0.10
C GLN H 36 -3.18 27.56 1.24
N VAL H 37 -4.23 28.14 1.82
CA VAL H 37 -4.12 28.83 3.10
C VAL H 37 -4.09 27.80 4.22
N GLU H 38 -3.04 27.83 5.04
CA GLU H 38 -2.87 26.92 6.16
C GLU H 38 -2.00 27.61 7.20
N ASP H 39 -2.04 27.06 8.42
CA ASP H 39 -1.50 27.80 9.58
C ASP H 39 -0.07 28.30 9.34
N TYR H 40 0.79 27.46 8.78
CA TYR H 40 2.21 27.81 8.76
C TYR H 40 2.51 28.86 7.69
N MET H 41 1.98 28.70 6.47
CA MET H 41 2.18 29.75 5.46
C MET H 41 1.42 31.02 5.84
N ALA H 42 0.28 30.88 6.52
CA ALA H 42 -0.45 32.06 6.96
C ALA H 42 0.34 32.86 7.97
N ASN H 43 1.00 32.17 8.90
CA ASN H 43 1.70 32.87 9.97
C ASN H 43 2.93 33.61 9.44
N LEU H 44 3.59 33.06 8.42
CA LEU H 44 4.66 33.79 7.75
C LEU H 44 4.17 35.14 7.25
N VAL H 45 2.99 35.17 6.65
CA VAL H 45 2.43 36.46 6.22
C VAL H 45 2.25 37.35 7.44
N VAL H 46 1.66 36.81 8.51
CA VAL H 46 1.50 37.58 9.76
C VAL H 46 2.84 38.15 10.21
N ALA H 47 3.87 37.29 10.28
CA ALA H 47 5.19 37.75 10.70
C ALA H 47 5.73 38.82 9.76
N GLN H 48 5.52 38.66 8.45
CA GLN H 48 5.99 39.67 7.51
C GLN H 48 5.24 40.99 7.69
N LEU H 49 3.92 40.92 7.86
CA LEU H 49 3.15 42.13 8.11
C LEU H 49 3.65 42.85 9.36
N LEU H 50 3.90 42.10 10.45
CA LEU H 50 4.39 42.72 11.66
C LEU H 50 5.77 43.32 11.45
N PHE H 51 6.64 42.58 10.77
CA PHE H 51 7.99 43.09 10.52
C PHE H 51 7.95 44.41 9.77
N LEU H 52 7.16 44.45 8.68
CA LEU H 52 7.10 45.67 7.89
C LEU H 52 6.51 46.83 8.69
N GLU H 53 5.51 46.58 9.53
CA GLU H 53 5.00 47.62 10.41
C GLU H 53 6.13 48.20 11.27
N ALA H 54 6.97 47.32 11.82
CA ALA H 54 8.07 47.78 12.67
C ALA H 54 9.10 48.56 11.87
N GLU H 55 9.40 48.11 10.64
CA GLU H 55 10.36 48.85 9.82
C GLU H 55 9.91 50.27 9.55
N ASN H 56 8.61 50.45 9.24
CA ASN H 56 8.04 51.75 8.94
C ASN H 56 6.52 51.66 9.04
N PRO H 57 5.92 52.16 10.12
CA PRO H 57 4.47 52.03 10.29
C PRO H 57 3.63 52.91 9.37
N GLU H 58 4.24 53.75 8.54
CA GLU H 58 3.49 54.64 7.65
C GLU H 58 3.47 54.19 6.20
N LYS H 59 4.55 53.60 5.70
CA LYS H 59 4.62 53.20 4.29
C LYS H 59 3.69 52.05 4.03
N ASP H 60 3.03 52.09 2.87
CA ASP H 60 2.10 51.04 2.49
C ASP H 60 2.80 49.68 2.39
N ILE H 61 2.00 48.63 2.44
CA ILE H 61 2.46 47.26 2.24
C ILE H 61 1.64 46.67 1.11
N HIS H 62 2.32 45.93 0.24
CA HIS H 62 1.69 45.34 -0.94
C HIS H 62 1.71 43.82 -0.78
N LEU H 63 0.52 43.24 -0.72
CA LEU H 63 0.33 41.81 -0.53
C LEU H 63 -0.22 41.23 -1.82
N TYR H 64 0.62 40.49 -2.53
CA TYR H 64 0.16 39.78 -3.71
C TYR H 64 -0.50 38.48 -3.28
N ILE H 65 -1.64 38.17 -3.88
CA ILE H 65 -2.45 37.03 -3.51
C ILE H 65 -2.66 36.17 -4.74
N ASN H 66 -2.19 34.92 -4.68
CA ASN H 66 -2.52 33.89 -5.66
C ASN H 66 -2.83 32.63 -4.84
N SER H 67 -4.10 32.47 -4.47
CA SER H 67 -4.51 31.40 -3.57
C SER H 67 -5.89 30.87 -3.93
N PRO H 68 -6.12 29.57 -3.82
CA PRO H 68 -7.47 29.01 -3.96
C PRO H 68 -8.31 28.99 -2.69
N GLY H 69 -7.79 29.49 -1.58
CA GLY H 69 -8.46 29.45 -0.31
C GLY H 69 -7.75 28.52 0.65
N GLY H 70 -8.45 28.15 1.70
CA GLY H 70 -7.93 27.22 2.68
C GLY H 70 -8.58 27.41 4.04
N SER H 71 -7.76 27.32 5.08
CA SER H 71 -8.27 27.33 6.44
C SER H 71 -8.83 28.70 6.78
N VAL H 72 -10.07 28.72 7.30
CA VAL H 72 -10.70 29.98 7.67
C VAL H 72 -9.97 30.60 8.87
N THR H 73 -9.67 29.80 9.89
CA THR H 73 -8.97 30.34 11.04
C THR H 73 -7.59 30.86 10.63
N ALA H 74 -6.85 30.09 9.82
CA ALA H 74 -5.56 30.57 9.37
C ALA H 74 -5.70 31.85 8.57
N GLY H 75 -6.70 31.92 7.69
CA GLY H 75 -6.93 33.14 6.94
C GLY H 75 -7.28 34.31 7.83
N MET H 76 -8.13 34.09 8.84
CA MET H 76 -8.53 35.19 9.70
C MET H 76 -7.34 35.78 10.47
N SER H 77 -6.36 34.95 10.83
CA SER H 77 -5.18 35.51 11.49
C SER H 77 -4.48 36.53 10.59
N ILE H 78 -4.49 36.28 9.28
CA ILE H 78 -3.93 37.25 8.33
C ILE H 78 -4.84 38.47 8.24
N TYR H 79 -6.13 38.24 8.01
CA TYR H 79 -7.08 39.34 7.87
C TYR H 79 -7.01 40.29 9.07
N ASP H 80 -7.07 39.75 10.28
CA ASP H 80 -7.08 40.61 11.45
C ASP H 80 -5.77 41.36 11.60
N THR H 81 -4.66 40.76 11.18
CA THR H 81 -3.37 41.44 11.24
C THR H 81 -3.31 42.58 10.24
N MET H 82 -3.91 42.39 9.06
CA MET H 82 -3.95 43.48 8.08
C MET H 82 -4.64 44.70 8.66
N GLN H 83 -5.80 44.49 9.30
CA GLN H 83 -6.52 45.61 9.87
C GLN H 83 -5.82 46.14 11.12
N PHE H 84 -5.24 45.24 11.91
CA PHE H 84 -4.69 45.64 13.20
C PHE H 84 -3.52 46.59 13.04
N ILE H 85 -2.65 46.35 12.08
CA ILE H 85 -1.43 47.14 11.98
C ILE H 85 -1.76 48.52 11.40
N LYS H 86 -0.86 49.47 11.67
CA LYS H 86 -1.08 50.84 11.22
C LYS H 86 -0.98 50.96 9.71
N PRO H 87 0.03 50.40 9.04
CA PRO H 87 0.18 50.64 7.62
C PRO H 87 -1.04 50.19 6.83
N ASN H 88 -1.26 50.87 5.71
CA ASN H 88 -2.21 50.41 4.71
C ASN H 88 -1.65 49.18 4.03
N VAL H 89 -2.46 48.15 3.91
CA VAL H 89 -2.06 46.92 3.23
C VAL H 89 -2.85 46.86 1.93
N SER H 90 -2.21 47.22 0.83
CA SER H 90 -2.81 47.00 -0.47
C SER H 90 -2.82 45.50 -0.78
N THR H 91 -3.78 45.09 -1.59
CA THR H 91 -3.88 43.70 -2.03
C THR H 91 -4.01 43.67 -3.55
N THR H 92 -3.24 42.78 -4.17
CA THR H 92 -3.28 42.55 -5.61
C THR H 92 -3.42 41.06 -5.85
N CYS H 93 -4.45 40.66 -6.56
CA CYS H 93 -4.65 39.28 -6.95
C CYS H 93 -4.02 39.03 -8.31
N ILE H 94 -3.10 38.07 -8.37
CA ILE H 94 -2.53 37.58 -9.63
C ILE H 94 -2.91 36.12 -9.74
N GLY H 95 -3.29 35.70 -10.94
CA GLY H 95 -3.75 34.34 -11.14
C GLY H 95 -5.18 34.14 -10.65
N GLN H 96 -5.33 33.78 -9.38
CA GLN H 96 -6.66 33.58 -8.82
C GLN H 96 -6.66 34.02 -7.36
N ALA H 97 -7.84 34.38 -6.88
CA ALA H 97 -8.08 34.65 -5.46
C ALA H 97 -9.48 34.14 -5.16
N CYS H 98 -9.56 32.92 -4.65
CA CYS H 98 -10.83 32.25 -4.40
C CYS H 98 -10.98 31.93 -2.92
N SER H 99 -12.22 31.93 -2.47
CA SER H 99 -12.57 31.57 -1.09
C SER H 99 -11.74 32.46 -0.16
N MET H 100 -11.04 31.89 0.83
CA MET H 100 -10.32 32.71 1.82
C MET H 100 -9.42 33.70 1.10
N GLY H 101 -8.90 33.34 -0.08
CA GLY H 101 -8.13 34.28 -0.87
C GLY H 101 -8.92 35.49 -1.30
N ALA H 102 -10.20 35.29 -1.66
CA ALA H 102 -11.02 36.42 -2.09
C ALA H 102 -11.35 37.34 -0.92
N LEU H 103 -11.60 36.77 0.25
CA LEU H 103 -11.88 37.60 1.42
C LEU H 103 -10.67 38.42 1.82
N LEU H 104 -9.48 37.82 1.80
CA LEU H 104 -8.27 38.58 2.11
C LEU H 104 -8.04 39.69 1.10
N LEU H 105 -8.38 39.44 -0.17
CA LEU H 105 -8.27 40.48 -1.19
C LEU H 105 -9.24 41.62 -0.93
N ALA H 106 -10.52 41.30 -0.71
CA ALA H 106 -11.49 42.33 -0.39
C ALA H 106 -11.12 43.07 0.89
N GLY H 107 -10.40 42.42 1.80
CA GLY H 107 -10.04 43.03 3.05
C GLY H 107 -8.88 44.01 2.99
N GLY H 108 -8.34 44.28 1.81
CA GLY H 108 -7.24 45.21 1.68
C GLY H 108 -7.70 46.64 1.87
N ALA H 109 -6.72 47.53 2.04
CA ALA H 109 -7.01 48.93 2.29
C ALA H 109 -7.94 49.50 1.22
N ALA H 110 -8.90 50.32 1.67
CA ALA H 110 -9.90 50.88 0.78
C ALA H 110 -9.25 51.67 -0.34
N GLY H 111 -9.73 51.44 -1.57
CA GLY H 111 -9.17 52.07 -2.73
C GLY H 111 -7.85 51.50 -3.22
N LYS H 112 -7.27 50.55 -2.48
CA LYS H 112 -5.96 49.99 -2.81
C LYS H 112 -6.03 48.47 -3.00
N ARG H 113 -7.14 47.99 -3.54
CA ARG H 113 -7.36 46.56 -3.80
C ARG H 113 -7.43 46.37 -5.31
N TYR H 114 -6.48 45.60 -5.83
CA TYR H 114 -6.29 45.49 -7.27
C TYR H 114 -6.35 44.03 -7.70
N CYS H 115 -6.44 43.85 -9.01
CA CYS H 115 -6.19 42.56 -9.63
C CYS H 115 -5.63 42.84 -11.02
N LEU H 116 -5.22 41.77 -11.70
CA LEU H 116 -4.74 41.87 -13.07
C LEU H 116 -5.78 41.33 -14.04
N PRO H 117 -5.68 41.69 -15.33
CA PRO H 117 -6.82 41.52 -16.24
C PRO H 117 -7.40 40.13 -16.28
N HIS H 118 -6.57 39.09 -16.13
CA HIS H 118 -7.01 37.71 -16.24
C HIS H 118 -7.11 37.01 -14.89
N SER H 119 -7.02 37.75 -13.80
CA SER H 119 -7.25 37.16 -12.48
C SER H 119 -8.66 36.60 -12.41
N ARG H 120 -8.83 35.51 -11.67
CA ARG H 120 -10.15 34.96 -11.37
C ARG H 120 -10.37 35.02 -9.86
N MET H 121 -11.56 35.47 -9.48
CA MET H 121 -11.97 35.56 -8.08
C MET H 121 -13.25 34.77 -7.90
N MET H 122 -13.34 34.06 -6.79
CA MET H 122 -14.51 33.23 -6.50
C MET H 122 -14.86 33.35 -5.03
N ILE H 123 -16.15 33.51 -4.75
CA ILE H 123 -16.68 33.58 -3.39
C ILE H 123 -17.73 32.49 -3.22
N HIS H 124 -17.80 31.91 -2.03
CA HIS H 124 -18.84 30.93 -1.71
C HIS H 124 -19.05 30.88 -0.21
N GLN H 125 -19.87 29.97 0.25
CA GLN H 125 -20.11 29.86 1.68
C GLN H 125 -19.14 28.88 2.30
N PRO H 126 -18.95 28.94 3.62
CA PRO H 126 -17.92 28.10 4.26
C PRO H 126 -18.18 26.62 4.05
N LEU H 127 -17.10 25.84 4.06
CA LEU H 127 -17.15 24.39 3.97
C LEU H 127 -16.65 23.79 5.28
N GLY H 128 -17.25 22.66 5.64
CA GLY H 128 -16.81 22.00 6.85
C GLY H 128 -17.30 20.57 6.91
N GLY H 129 -16.97 19.92 8.00
CA GLY H 129 -17.39 18.55 8.19
C GLY H 129 -17.10 18.13 9.61
N PHE H 130 -17.86 17.14 10.08
CA PHE H 130 -17.65 16.64 11.44
C PHE H 130 -18.26 15.25 11.53
N GLN H 131 -17.79 14.50 12.51
CA GLN H 131 -18.34 13.19 12.82
C GLN H 131 -18.28 13.00 14.33
N GLY H 132 -19.28 12.30 14.84
CA GLY H 132 -19.36 12.00 16.26
C GLY H 132 -20.81 11.97 16.71
N GLN H 133 -20.99 12.30 17.98
CA GLN H 133 -22.30 12.26 18.61
C GLN H 133 -23.18 13.41 18.10
N ALA H 134 -24.49 13.13 18.03
CA ALA H 134 -25.46 14.15 17.64
C ALA H 134 -25.27 15.44 18.43
N SER H 135 -25.08 15.34 19.75
CA SER H 135 -24.86 16.53 20.55
C SER H 135 -23.64 17.31 20.06
N ASP H 136 -22.57 16.61 19.69
CA ASP H 136 -21.39 17.31 19.21
C ASP H 136 -21.61 17.86 17.82
N ILE H 137 -22.36 17.14 16.98
CA ILE H 137 -22.68 17.66 15.66
C ILE H 137 -23.41 18.99 15.79
N GLU H 138 -24.38 19.05 16.70
CA GLU H 138 -25.13 20.29 16.90
C GLU H 138 -24.20 21.44 17.25
N ILE H 139 -23.26 21.22 18.17
CA ILE H 139 -22.34 22.28 18.56
C ILE H 139 -21.56 22.79 17.35
N HIS H 140 -21.04 21.87 16.54
CA HIS H 140 -20.20 22.28 15.42
C HIS H 140 -21.03 22.78 14.24
N ALA H 141 -22.22 22.23 14.02
CA ALA H 141 -23.08 22.80 12.99
C ALA H 141 -23.37 24.28 13.26
N LYS H 142 -23.68 24.63 14.51
CA LYS H 142 -23.92 26.04 14.83
C LYS H 142 -22.66 26.87 14.69
N GLU H 143 -21.49 26.29 14.96
CA GLU H 143 -20.26 27.04 14.82
C GLU H 143 -20.02 27.41 13.36
N ILE H 144 -20.30 26.50 12.43
CA ILE H 144 -20.05 26.81 11.02
C ILE H 144 -21.14 27.73 10.47
N LEU H 145 -22.39 27.62 10.95
CA LEU H 145 -23.41 28.59 10.59
C LEU H 145 -23.09 29.98 11.16
N PHE H 146 -22.47 30.03 12.33
CA PHE H 146 -22.03 31.31 12.88
C PHE H 146 -20.90 31.90 12.04
N ILE H 147 -19.93 31.05 11.65
CA ILE H 147 -18.82 31.50 10.82
C ILE H 147 -19.33 32.04 9.49
N LYS H 148 -20.32 31.36 8.90
CA LYS H 148 -20.92 31.83 7.65
C LYS H 148 -21.48 33.25 7.80
N GLU H 149 -22.21 33.51 8.89
CA GLU H 149 -22.70 34.87 9.12
C GLU H 149 -21.54 35.84 9.27
N ARG H 150 -20.55 35.48 10.09
CA ARG H 150 -19.44 36.39 10.33
C ARG H 150 -18.74 36.73 9.03
N LEU H 151 -18.52 35.73 8.16
CA LEU H 151 -17.80 35.98 6.91
C LEU H 151 -18.64 36.78 5.93
N ASN H 152 -19.93 36.46 5.82
CA ASN H 152 -20.79 37.28 4.98
C ASN H 152 -20.79 38.74 5.44
N GLN H 153 -20.76 38.96 6.76
CA GLN H 153 -20.74 40.34 7.28
C GLN H 153 -19.43 41.05 6.94
N ILE H 154 -18.32 40.33 6.90
CA ILE H 154 -17.06 40.96 6.52
C ILE H 154 -17.08 41.37 5.05
N LEU H 155 -17.61 40.51 4.18
CA LEU H 155 -17.69 40.88 2.78
C LEU H 155 -18.54 42.12 2.58
N ALA H 156 -19.75 42.11 3.16
CA ALA H 156 -20.66 43.25 3.03
C ALA H 156 -19.96 44.55 3.37
N HIS H 157 -19.22 44.54 4.48
CA HIS H 157 -18.51 45.75 4.90
C HIS H 157 -17.58 46.23 3.79
N HIS H 158 -16.75 45.33 3.27
CA HIS H 158 -15.68 45.74 2.35
C HIS H 158 -16.19 45.96 0.93
N THR H 159 -17.25 45.25 0.54
CA THR H 159 -17.82 45.45 -0.80
C THR H 159 -18.89 46.53 -0.82
N GLY H 160 -19.50 46.84 0.31
CA GLY H 160 -20.59 47.79 0.35
C GLY H 160 -21.94 47.21 0.01
N GLN H 161 -22.03 45.92 -0.25
CA GLN H 161 -23.30 45.29 -0.58
C GLN H 161 -24.13 45.11 0.68
N PRO H 162 -25.45 45.04 0.55
CA PRO H 162 -26.26 44.63 1.70
C PRO H 162 -26.01 43.16 2.01
N LEU H 163 -26.12 42.83 3.30
CA LEU H 163 -25.79 41.48 3.74
C LEU H 163 -26.59 40.43 2.99
N ASP H 164 -27.85 40.72 2.67
CA ASP H 164 -28.69 39.73 2.00
C ASP H 164 -28.19 39.45 0.58
N VAL H 165 -27.51 40.42 -0.04
CA VAL H 165 -26.91 40.17 -1.35
C VAL H 165 -25.72 39.22 -1.20
N ILE H 166 -24.88 39.47 -0.21
CA ILE H 166 -23.74 38.59 0.05
C ILE H 166 -24.22 37.18 0.31
N ALA H 167 -25.20 37.02 1.20
CA ALA H 167 -25.70 35.69 1.50
C ALA H 167 -26.20 35.01 0.24
N ARG H 168 -26.91 35.75 -0.62
CA ARG H 168 -27.49 35.18 -1.83
C ARG H 168 -26.43 34.79 -2.84
N ASP H 169 -25.46 35.69 -3.09
CA ASP H 169 -24.48 35.45 -4.14
C ASP H 169 -23.47 34.39 -3.75
N THR H 170 -23.28 34.13 -2.45
CA THR H 170 -22.31 33.17 -1.96
C THR H 170 -22.91 31.80 -1.65
N ASP H 171 -24.21 31.60 -1.86
CA ASP H 171 -24.80 30.29 -1.56
C ASP H 171 -24.10 29.18 -2.33
N ARG H 172 -23.81 29.41 -3.61
CA ARG H 172 -23.02 28.53 -4.45
C ARG H 172 -21.79 29.29 -4.95
N ASP H 173 -20.83 28.55 -5.51
CA ASP H 173 -19.65 29.17 -6.08
C ASP H 173 -20.03 30.24 -7.09
N ARG H 174 -19.44 31.42 -6.94
CA ARG H 174 -19.68 32.52 -7.88
C ARG H 174 -18.34 33.05 -8.33
N PHE H 175 -18.00 32.79 -9.58
CA PHE H 175 -16.76 33.28 -10.15
C PHE H 175 -16.98 34.69 -10.71
N MET H 176 -15.90 35.49 -10.70
CA MET H 176 -15.96 36.86 -11.17
C MET H 176 -14.70 37.25 -11.93
N SER H 177 -14.88 38.02 -13.00
CA SER H 177 -13.78 38.67 -13.68
C SER H 177 -13.38 39.93 -12.93
N GLY H 178 -12.26 40.51 -13.34
CA GLY H 178 -11.81 41.76 -12.73
C GLY H 178 -12.84 42.87 -12.80
N ASP H 179 -13.39 43.11 -13.99
CA ASP H 179 -14.41 44.15 -14.14
C ASP H 179 -15.61 43.85 -13.24
N GLU H 180 -16.08 42.60 -13.24
CA GLU H 180 -17.19 42.25 -12.36
C GLU H 180 -16.82 42.50 -10.90
N ALA H 181 -15.61 42.14 -10.51
CA ALA H 181 -15.20 42.31 -9.12
C ALA H 181 -15.14 43.78 -8.73
N VAL H 182 -14.83 44.65 -9.68
CA VAL H 182 -14.85 46.09 -9.41
C VAL H 182 -16.28 46.57 -9.19
N LYS H 183 -17.20 46.15 -10.08
CA LYS H 183 -18.60 46.51 -9.91
C LYS H 183 -19.17 45.96 -8.60
N TYR H 184 -18.68 44.81 -8.15
CA TYR H 184 -19.21 44.20 -6.95
C TYR H 184 -18.68 44.87 -5.69
N GLY H 185 -17.52 45.52 -5.78
CA GLY H 185 -16.85 46.04 -4.62
C GLY H 185 -15.79 45.14 -4.04
N LEU H 186 -15.58 43.94 -4.62
CA LEU H 186 -14.55 43.03 -4.12
C LEU H 186 -13.18 43.66 -4.27
N ILE H 187 -12.96 44.38 -5.36
CA ILE H 187 -11.74 45.12 -5.61
C ILE H 187 -12.09 46.51 -6.09
N ASP H 188 -11.09 47.39 -6.12
CA ASP H 188 -11.25 48.78 -6.50
C ASP H 188 -10.90 49.07 -7.95
N LYS H 189 -9.85 48.44 -8.48
CA LYS H 189 -9.37 48.78 -9.81
C LYS H 189 -8.65 47.59 -10.44
N VAL H 190 -8.88 47.41 -11.74
CA VAL H 190 -8.18 46.40 -12.53
C VAL H 190 -6.94 47.06 -13.12
N MET H 191 -5.77 46.63 -12.67
CA MET H 191 -4.52 47.11 -13.22
C MET H 191 -4.21 46.39 -14.53
N THR H 192 -3.67 47.14 -15.48
CA THR H 192 -3.32 46.61 -16.79
C THR H 192 -1.84 46.78 -17.12
N GLN H 193 -1.35 48.02 -17.14
CA GLN H 193 0.07 48.28 -17.34
C GLN H 193 0.47 49.31 -16.29
N ARG H 194 1.73 49.25 -15.85
CA ARG H 194 2.18 50.12 -14.78
C ARG H 194 2.18 51.61 -15.10
N LEU I 4 21.57 19.31 -7.36
CA LEU I 4 21.88 20.57 -6.66
C LEU I 4 22.57 21.50 -7.66
N VAL I 5 22.07 22.73 -7.73
CA VAL I 5 22.50 23.74 -8.70
C VAL I 5 23.91 24.21 -8.35
N PRO I 6 24.85 24.22 -9.31
CA PRO I 6 26.23 24.61 -9.00
C PRO I 6 26.36 26.11 -8.72
N MET I 7 27.51 26.47 -8.17
CA MET I 7 27.79 27.82 -7.68
C MET I 7 28.85 28.49 -8.55
N VAL I 8 28.75 29.82 -8.65
CA VAL I 8 29.67 30.62 -9.44
C VAL I 8 30.18 31.79 -8.61
N ALA I 18 28.47 34.68 -3.73
CA ALA I 18 28.05 33.31 -3.95
C ALA I 18 26.74 33.24 -4.73
N TYR I 19 26.83 33.03 -6.04
CA TYR I 19 25.66 32.88 -6.90
C TYR I 19 25.59 31.43 -7.37
N ASP I 20 24.37 30.88 -7.46
CA ASP I 20 24.16 29.69 -8.28
C ASP I 20 24.04 30.10 -9.74
N ILE I 21 24.11 29.11 -10.63
CA ILE I 21 24.14 29.41 -12.05
C ILE I 21 22.91 30.22 -12.47
N TYR I 22 21.74 29.90 -11.89
CA TYR I 22 20.52 30.61 -12.29
C TYR I 22 20.50 32.02 -11.73
N SER I 23 20.95 32.19 -10.47
CA SER I 23 21.11 33.53 -9.91
C SER I 23 22.14 34.34 -10.68
N ARG I 24 23.18 33.67 -11.18
CA ARG I 24 24.20 34.36 -11.98
C ARG I 24 23.62 34.85 -13.29
N LEU I 25 22.75 34.05 -13.94
CA LEU I 25 22.09 34.47 -15.16
C LEU I 25 20.96 35.46 -14.90
N LEU I 26 20.48 35.58 -13.67
CA LEU I 26 19.39 36.51 -13.40
C LEU I 26 19.90 37.96 -13.51
N LYS I 27 21.13 38.25 -13.07
CA LYS I 27 21.67 39.60 -13.27
C LYS I 27 21.73 39.98 -14.73
N GLU I 28 22.06 38.98 -15.60
CA GLU I 28 22.01 39.19 -17.04
C GLU I 28 20.56 39.29 -17.56
N ARG I 29 19.58 39.33 -16.65
CA ARG I 29 18.17 39.54 -17.00
C ARG I 29 17.59 38.35 -17.76
N ILE I 30 18.04 37.15 -17.41
CA ILE I 30 17.54 35.91 -17.99
C ILE I 30 16.74 35.19 -16.91
N ILE I 31 15.54 34.75 -17.27
CA ILE I 31 14.68 33.99 -16.37
C ILE I 31 14.32 32.68 -17.08
N PHE I 32 14.33 31.59 -16.34
CA PHE I 32 13.98 30.29 -16.89
C PHE I 32 12.66 29.81 -16.31
N LEU I 33 11.78 29.31 -17.18
CA LEU I 33 10.51 28.72 -16.77
C LEU I 33 10.55 27.28 -17.28
N VAL I 34 10.81 26.35 -16.38
CA VAL I 34 11.06 24.95 -16.72
C VAL I 34 10.04 24.05 -16.04
N GLY I 35 9.49 23.12 -16.81
CA GLY I 35 8.68 22.08 -16.25
C GLY I 35 7.24 22.53 -16.06
N GLN I 36 6.49 21.69 -15.36
CA GLN I 36 5.06 21.90 -15.19
C GLN I 36 4.77 23.25 -14.51
N VAL I 37 3.77 23.93 -15.04
CA VAL I 37 3.35 25.23 -14.53
C VAL I 37 2.49 25.00 -13.29
N GLU I 38 2.89 25.60 -12.17
CA GLU I 38 2.16 25.46 -10.92
C GLU I 38 2.42 26.68 -10.05
N ASP I 39 1.55 26.85 -9.05
CA ASP I 39 1.51 28.12 -8.31
C ASP I 39 2.89 28.56 -7.83
N TYR I 40 3.69 27.62 -7.30
CA TYR I 40 4.92 28.02 -6.62
C TYR I 40 6.04 28.38 -7.61
N MET I 41 6.29 27.54 -8.62
CA MET I 41 7.31 27.88 -9.61
C MET I 41 6.91 29.09 -10.44
N ALA I 42 5.62 29.28 -10.68
CA ALA I 42 5.15 30.46 -11.42
C ALA I 42 5.41 31.74 -10.64
N ASN I 43 5.22 31.72 -9.32
CA ASN I 43 5.40 32.93 -8.54
C ASN I 43 6.87 33.33 -8.48
N LEU I 44 7.78 32.36 -8.54
CA LEU I 44 9.20 32.69 -8.71
C LEU I 44 9.42 33.53 -9.96
N VAL I 45 8.80 33.11 -11.07
CA VAL I 45 8.91 33.89 -12.30
C VAL I 45 8.39 35.30 -12.08
N VAL I 46 7.19 35.41 -11.49
CA VAL I 46 6.65 36.73 -11.18
C VAL I 46 7.66 37.55 -10.36
N ALA I 47 8.18 36.94 -9.28
CA ALA I 47 9.11 37.65 -8.42
C ALA I 47 10.37 38.07 -9.18
N GLN I 48 10.90 37.19 -10.03
CA GLN I 48 12.05 37.57 -10.85
C GLN I 48 11.66 38.66 -11.85
N LEU I 49 10.46 38.59 -12.43
CA LEU I 49 9.99 39.64 -13.33
C LEU I 49 9.87 40.98 -12.60
N LEU I 50 9.27 40.98 -11.42
CA LEU I 50 9.15 42.23 -10.68
C LEU I 50 10.51 42.75 -10.25
N PHE I 51 11.37 41.86 -9.74
CA PHE I 51 12.69 42.28 -9.31
C PHE I 51 13.48 42.91 -10.46
N LEU I 52 13.47 42.27 -11.63
CA LEU I 52 14.22 42.83 -12.76
C LEU I 52 13.67 44.19 -13.20
N GLU I 53 12.35 44.35 -13.17
CA GLU I 53 11.76 45.66 -13.47
C GLU I 53 12.33 46.74 -12.56
N ALA I 54 12.42 46.47 -11.25
CA ALA I 54 12.91 47.48 -10.31
C ALA I 54 14.39 47.79 -10.54
N GLU I 55 15.21 46.76 -10.83
CA GLU I 55 16.62 46.99 -11.11
C GLU I 55 16.80 47.94 -12.29
N ASN I 56 15.98 47.78 -13.32
CA ASN I 56 16.06 48.63 -14.50
C ASN I 56 14.79 48.46 -15.32
N PRO I 57 13.83 49.39 -15.22
CA PRO I 57 12.55 49.21 -15.92
C PRO I 57 12.61 49.38 -17.42
N GLU I 58 13.78 49.70 -18.00
CA GLU I 58 13.88 49.91 -19.44
C GLU I 58 14.49 48.73 -20.18
N LYS I 59 15.49 48.05 -19.60
CA LYS I 59 16.16 47.00 -20.33
C LYS I 59 15.25 45.79 -20.47
N ASP I 60 15.32 45.14 -21.61
CA ASP I 60 14.50 43.98 -21.90
C ASP I 60 14.80 42.84 -20.92
N ILE I 61 13.85 41.91 -20.83
CA ILE I 61 13.97 40.71 -20.02
C ILE I 61 13.80 39.52 -20.95
N HIS I 62 14.58 38.48 -20.71
CA HIS I 62 14.58 37.29 -21.54
C HIS I 62 14.08 36.11 -20.71
N LEU I 63 12.95 35.55 -21.13
CA LEU I 63 12.30 34.44 -20.44
C LEU I 63 12.44 33.20 -21.31
N TYR I 64 13.26 32.25 -20.86
CA TYR I 64 13.37 30.95 -21.52
C TYR I 64 12.27 30.03 -21.02
N ILE I 65 11.63 29.32 -21.95
CA ILE I 65 10.46 28.50 -21.64
C ILE I 65 10.71 27.09 -22.16
N ASN I 66 10.66 26.11 -21.26
CA ASN I 66 10.63 24.69 -21.63
C ASN I 66 9.60 24.03 -20.73
N SER I 67 8.34 24.02 -21.18
CA SER I 67 7.24 23.58 -20.34
C SER I 67 6.17 22.84 -21.13
N PRO I 68 5.57 21.81 -20.55
CA PRO I 68 4.40 21.16 -21.16
C PRO I 68 3.07 21.81 -20.82
N GLY I 69 3.07 22.85 -20.00
CA GLY I 69 1.85 23.50 -19.55
C GLY I 69 1.61 23.30 -18.07
N GLY I 70 0.36 23.50 -17.68
CA GLY I 70 -0.05 23.30 -16.32
C GLY I 70 -1.26 24.17 -15.98
N SER I 71 -1.20 24.76 -14.79
CA SER I 71 -2.33 25.47 -14.24
C SER I 71 -2.60 26.75 -15.02
N VAL I 72 -3.87 26.99 -15.33
CA VAL I 72 -4.25 28.22 -16.02
C VAL I 72 -4.03 29.42 -15.11
N THR I 73 -4.50 29.35 -13.86
CA THR I 73 -4.33 30.48 -12.95
C THR I 73 -2.85 30.79 -12.72
N ALA I 74 -2.04 29.75 -12.49
CA ALA I 74 -0.61 29.98 -12.28
C ALA I 74 0.02 30.63 -13.50
N GLY I 75 -0.32 30.15 -14.71
CA GLY I 75 0.20 30.77 -15.92
C GLY I 75 -0.29 32.20 -16.10
N MET I 76 -1.56 32.46 -15.82
CA MET I 76 -2.08 33.81 -15.99
C MET I 76 -1.35 34.81 -15.10
N SER I 77 -0.96 34.40 -13.88
CA SER I 77 -0.18 35.31 -13.05
C SER I 77 1.14 35.67 -13.74
N ILE I 78 1.73 34.73 -14.49
CA ILE I 78 2.94 35.03 -15.26
C ILE I 78 2.60 35.93 -16.44
N TYR I 79 1.63 35.51 -17.26
CA TYR I 79 1.28 36.29 -18.45
C TYR I 79 0.95 37.73 -18.09
N ASP I 80 0.06 37.94 -17.12
CA ASP I 80 -0.35 39.30 -16.76
C ASP I 80 0.81 40.09 -16.18
N THR I 81 1.71 39.44 -15.46
CA THR I 81 2.87 40.17 -14.93
C THR I 81 3.79 40.58 -16.07
N MET I 82 3.91 39.72 -17.10
CA MET I 82 4.73 40.05 -18.26
C MET I 82 4.23 41.33 -18.94
N GLN I 83 2.91 41.42 -19.14
CA GLN I 83 2.35 42.60 -19.80
C GLN I 83 2.38 43.81 -18.88
N PHE I 84 2.13 43.60 -17.59
CA PHE I 84 1.96 44.72 -16.67
C PHE I 84 3.24 45.55 -16.56
N ILE I 85 4.38 44.88 -16.49
CA ILE I 85 5.62 45.59 -16.17
C ILE I 85 6.11 46.37 -17.40
N LYS I 86 6.91 47.39 -17.13
CA LYS I 86 7.36 48.29 -18.21
C LYS I 86 8.29 47.62 -19.20
N PRO I 87 9.34 46.93 -18.81
CA PRO I 87 10.27 46.36 -19.79
C PRO I 87 9.58 45.37 -20.71
N ASN I 88 10.09 45.26 -21.93
CA ASN I 88 9.63 44.23 -22.84
C ASN I 88 10.16 42.88 -22.38
N VAL I 89 9.29 41.87 -22.37
CA VAL I 89 9.66 40.53 -21.95
C VAL I 89 9.71 39.68 -23.21
N SER I 90 10.93 39.44 -23.70
CA SER I 90 11.13 38.52 -24.80
C SER I 90 10.90 37.08 -24.31
N THR I 91 10.51 36.21 -25.24
CA THR I 91 10.34 34.80 -24.92
C THR I 91 11.09 33.95 -25.94
N THR I 92 11.77 32.91 -25.44
CA THR I 92 12.47 31.95 -26.26
C THR I 92 12.06 30.56 -25.82
N CYS I 93 11.56 29.76 -26.75
CA CYS I 93 11.21 28.38 -26.46
C CYS I 93 12.41 27.49 -26.76
N ILE I 94 12.89 26.78 -25.75
CA ILE I 94 13.89 25.73 -25.91
C ILE I 94 13.23 24.44 -25.48
N GLY I 95 13.47 23.39 -26.24
CA GLY I 95 12.82 22.12 -25.96
C GLY I 95 11.39 22.09 -26.42
N GLN I 96 10.46 22.49 -25.55
CA GLN I 96 9.05 22.46 -25.92
C GLN I 96 8.33 23.60 -25.22
N ALA I 97 7.18 23.97 -25.80
CA ALA I 97 6.26 24.94 -25.20
C ALA I 97 4.86 24.48 -25.55
N CYS I 98 4.20 23.80 -24.61
CA CYS I 98 2.87 23.24 -24.84
C CYS I 98 1.86 23.84 -23.87
N SER I 99 0.63 24.02 -24.35
CA SER I 99 -0.49 24.56 -23.55
C SER I 99 -0.04 25.89 -22.96
N MET I 100 -0.19 26.11 -21.65
CA MET I 100 0.17 27.39 -21.04
C MET I 100 1.58 27.81 -21.41
N GLY I 101 2.48 26.86 -21.63
CA GLY I 101 3.80 27.21 -22.09
C GLY I 101 3.77 27.96 -23.41
N ALA I 102 2.94 27.50 -24.36
CA ALA I 102 2.84 28.16 -25.66
C ALA I 102 2.15 29.51 -25.57
N LEU I 103 1.15 29.63 -24.68
CA LEU I 103 0.48 30.91 -24.51
C LEU I 103 1.44 31.95 -23.93
N LEU I 104 2.23 31.56 -22.93
CA LEU I 104 3.22 32.48 -22.39
C LEU I 104 4.25 32.84 -23.45
N LEU I 105 4.60 31.88 -24.32
CA LEU I 105 5.52 32.15 -25.41
C LEU I 105 4.92 33.14 -26.39
N ALA I 106 3.68 32.89 -26.81
CA ALA I 106 3.02 33.83 -27.70
C ALA I 106 2.89 35.22 -27.06
N GLY I 107 2.86 35.27 -25.72
CA GLY I 107 2.67 36.50 -24.97
C GLY I 107 3.88 37.40 -24.84
N GLY I 108 4.99 37.07 -25.48
CA GLY I 108 6.16 37.89 -25.36
C GLY I 108 6.03 39.18 -26.15
N ALA I 109 6.96 40.10 -25.86
CA ALA I 109 6.96 41.39 -26.54
C ALA I 109 6.95 41.17 -28.05
N ALA I 110 6.16 41.99 -28.74
CA ALA I 110 6.00 41.83 -30.18
C ALA I 110 7.36 41.91 -30.89
N GLY I 111 7.56 40.98 -31.84
CA GLY I 111 8.81 40.90 -32.56
C GLY I 111 9.96 40.27 -31.81
N LYS I 112 9.78 39.95 -30.52
CA LYS I 112 10.85 39.40 -29.70
C LYS I 112 10.47 38.03 -29.11
N ARG I 113 9.73 37.25 -29.87
CA ARG I 113 9.33 35.90 -29.48
C ARG I 113 10.04 34.93 -30.41
N TYR I 114 10.90 34.07 -29.84
CA TYR I 114 11.76 33.22 -30.63
C TYR I 114 11.57 31.76 -30.25
N CYS I 115 12.17 30.88 -31.04
CA CYS I 115 12.37 29.49 -30.66
C CYS I 115 13.66 29.01 -31.34
N LEU I 116 14.06 27.79 -31.02
CA LEU I 116 15.23 27.18 -31.62
C LEU I 116 14.82 26.12 -32.63
N PRO I 117 15.71 25.77 -33.56
CA PRO I 117 15.26 25.03 -34.76
C PRO I 117 14.44 23.79 -34.46
N HIS I 118 14.73 23.10 -33.37
CA HIS I 118 14.04 21.85 -33.07
C HIS I 118 13.07 21.99 -31.90
N SER I 119 12.76 23.21 -31.48
CA SER I 119 11.71 23.39 -30.49
C SER I 119 10.39 22.84 -31.02
N ARG I 120 9.59 22.29 -30.11
CA ARG I 120 8.25 21.84 -30.45
C ARG I 120 7.25 22.68 -29.66
N MET I 121 6.22 23.16 -30.33
CA MET I 121 5.16 23.93 -29.71
C MET I 121 3.82 23.26 -29.96
N MET I 122 2.97 23.24 -28.94
CA MET I 122 1.68 22.59 -29.05
C MET I 122 0.64 23.49 -28.38
N ILE I 123 -0.49 23.67 -29.05
CA ILE I 123 -1.62 24.41 -28.50
C ILE I 123 -2.83 23.49 -28.48
N HIS I 124 -3.66 23.61 -27.45
CA HIS I 124 -4.90 22.86 -27.38
C HIS I 124 -5.86 23.65 -26.50
N GLN I 125 -7.05 23.10 -26.28
CA GLN I 125 -8.01 23.81 -25.46
C GLN I 125 -7.88 23.42 -23.99
N PRO I 126 -8.36 24.26 -23.08
CA PRO I 126 -8.12 24.00 -21.65
C PRO I 126 -8.79 22.70 -21.21
N LEU I 127 -8.20 22.10 -20.19
CA LEU I 127 -8.69 20.88 -19.56
C LEU I 127 -9.16 21.20 -18.15
N GLY I 128 -10.18 20.47 -17.72
CA GLY I 128 -10.69 20.67 -16.38
C GLY I 128 -11.51 19.48 -15.97
N GLY I 129 -12.06 19.57 -14.77
CA GLY I 129 -12.90 18.52 -14.26
C GLY I 129 -13.60 18.98 -13.00
N PHE I 130 -14.73 18.34 -12.71
CA PHE I 130 -15.44 18.67 -11.50
C PHE I 130 -16.41 17.54 -11.18
N GLN I 131 -16.78 17.46 -9.90
CA GLN I 131 -17.80 16.54 -9.45
C GLN I 131 -18.62 17.21 -8.36
N GLY I 132 -19.89 16.85 -8.30
CA GLY I 132 -20.79 17.38 -7.32
C GLY I 132 -22.20 17.49 -7.89
N GLN I 133 -22.93 18.45 -7.36
CA GLN I 133 -24.32 18.66 -7.76
C GLN I 133 -24.42 19.25 -9.17
N ALA I 134 -25.47 18.85 -9.88
CA ALA I 134 -25.72 19.41 -11.21
C ALA I 134 -25.66 20.93 -11.21
N SER I 135 -26.28 21.57 -10.21
CA SER I 135 -26.21 23.01 -10.10
C SER I 135 -24.76 23.48 -10.02
N ASP I 136 -23.92 22.74 -9.28
CA ASP I 136 -22.51 23.12 -9.18
C ASP I 136 -21.77 22.80 -10.46
N ILE I 137 -22.10 21.68 -11.10
CA ILE I 137 -21.50 21.35 -12.39
C ILE I 137 -21.79 22.44 -13.40
N GLU I 138 -23.03 22.96 -13.42
CA GLU I 138 -23.37 24.03 -14.34
C GLU I 138 -22.45 25.23 -14.14
N ILE I 139 -22.24 25.62 -12.89
CA ILE I 139 -21.41 26.78 -12.61
C ILE I 139 -20.01 26.58 -13.18
N HIS I 140 -19.42 25.42 -12.93
CA HIS I 140 -18.04 25.19 -13.32
C HIS I 140 -17.90 24.95 -14.82
N ALA I 141 -18.86 24.27 -15.42
CA ALA I 141 -18.88 24.16 -16.88
C ALA I 141 -18.88 25.54 -17.52
N LYS I 142 -19.71 26.46 -17.02
CA LYS I 142 -19.71 27.80 -17.58
C LYS I 142 -18.38 28.52 -17.32
N GLU I 143 -17.73 28.23 -16.19
CA GLU I 143 -16.47 28.89 -15.88
C GLU I 143 -15.35 28.43 -16.83
N ILE I 144 -15.34 27.15 -17.19
CA ILE I 144 -14.28 26.66 -18.06
C ILE I 144 -14.52 27.12 -19.50
N LEU I 145 -15.77 27.24 -19.92
CA LEU I 145 -16.05 27.82 -21.24
C LEU I 145 -15.65 29.29 -21.29
N PHE I 146 -15.80 30.01 -20.18
CA PHE I 146 -15.33 31.39 -20.14
C PHE I 146 -13.82 31.47 -20.15
N ILE I 147 -13.13 30.58 -19.40
CA ILE I 147 -11.67 30.55 -19.39
C ILE I 147 -11.15 30.21 -20.78
N LYS I 148 -11.78 29.24 -21.45
CA LYS I 148 -11.42 28.92 -22.83
C LYS I 148 -11.58 30.14 -23.73
N GLU I 149 -12.68 30.87 -23.58
CA GLU I 149 -12.92 32.08 -24.36
C GLU I 149 -11.81 33.10 -24.13
N ARG I 150 -11.50 33.37 -22.85
CA ARG I 150 -10.50 34.39 -22.54
C ARG I 150 -9.12 33.99 -23.05
N LEU I 151 -8.77 32.71 -22.96
CA LEU I 151 -7.45 32.26 -23.38
C LEU I 151 -7.30 32.32 -24.91
N ASN I 152 -8.34 31.92 -25.65
CA ASN I 152 -8.31 32.07 -27.10
C ASN I 152 -8.15 33.54 -27.51
N GLN I 153 -8.77 34.46 -26.75
CA GLN I 153 -8.60 35.87 -27.05
C GLN I 153 -7.14 36.31 -26.85
N ILE I 154 -6.46 35.74 -25.85
CA ILE I 154 -5.06 36.10 -25.63
C ILE I 154 -4.23 35.64 -26.82
N LEU I 155 -4.47 34.42 -27.27
CA LEU I 155 -3.78 33.92 -28.45
C LEU I 155 -4.10 34.76 -29.67
N ALA I 156 -5.40 35.04 -29.88
CA ALA I 156 -5.84 35.87 -31.00
C ALA I 156 -5.11 37.20 -31.03
N HIS I 157 -5.00 37.86 -29.88
CA HIS I 157 -4.34 39.15 -29.84
C HIS I 157 -2.90 39.05 -30.33
N HIS I 158 -2.16 38.08 -29.79
CA HIS I 158 -0.72 38.04 -30.02
C HIS I 158 -0.37 37.45 -31.37
N THR I 159 -1.19 36.54 -31.91
CA THR I 159 -0.90 35.93 -33.19
C THR I 159 -1.49 36.69 -34.37
N GLY I 160 -2.54 37.49 -34.15
CA GLY I 160 -3.25 38.12 -35.22
C GLY I 160 -4.36 37.30 -35.83
N GLN I 161 -4.57 36.08 -35.34
CA GLN I 161 -5.65 35.25 -35.86
C GLN I 161 -7.00 35.68 -35.30
N PRO I 162 -8.08 35.42 -36.03
CA PRO I 162 -9.41 35.60 -35.44
C PRO I 162 -9.64 34.57 -34.35
N LEU I 163 -10.45 34.93 -33.37
CA LEU I 163 -10.73 34.02 -32.27
C LEU I 163 -11.29 32.70 -32.78
N ASP I 164 -12.19 32.76 -33.77
CA ASP I 164 -12.82 31.52 -34.17
C ASP I 164 -11.83 30.55 -34.79
N VAL I 165 -10.76 31.07 -35.41
CA VAL I 165 -9.74 30.16 -35.94
C VAL I 165 -8.96 29.52 -34.80
N ILE I 166 -8.56 30.33 -33.82
CA ILE I 166 -7.86 29.79 -32.65
C ILE I 166 -8.67 28.69 -31.99
N ALA I 167 -9.95 28.99 -31.71
CA ALA I 167 -10.81 27.98 -31.09
C ALA I 167 -10.86 26.70 -31.92
N ARG I 168 -10.95 26.84 -33.25
CA ARG I 168 -11.03 25.66 -34.10
C ARG I 168 -9.71 24.88 -34.11
N ASP I 169 -8.59 25.59 -34.21
CA ASP I 169 -7.30 24.92 -34.32
C ASP I 169 -6.87 24.26 -33.00
N THR I 170 -7.40 24.71 -31.87
CA THR I 170 -7.08 24.15 -30.58
C THR I 170 -8.06 23.10 -30.12
N ASP I 171 -9.05 22.76 -30.96
CA ASP I 171 -10.04 21.78 -30.53
C ASP I 171 -9.36 20.50 -30.09
N ARG I 172 -8.35 20.07 -30.83
CA ARG I 172 -7.51 18.95 -30.49
C ARG I 172 -6.07 19.43 -30.39
N ASP I 173 -5.20 18.57 -29.87
CA ASP I 173 -3.78 18.88 -29.82
C ASP I 173 -3.29 19.26 -31.21
N ARG I 174 -2.59 20.38 -31.32
CA ARG I 174 -2.00 20.83 -32.57
C ARG I 174 -0.53 21.14 -32.33
N PHE I 175 0.34 20.30 -32.86
CA PHE I 175 1.78 20.51 -32.78
C PHE I 175 2.25 21.38 -33.94
N MET I 176 3.29 22.16 -33.68
CA MET I 176 3.80 23.10 -34.67
C MET I 176 5.33 23.07 -34.61
N SER I 177 5.95 23.14 -35.77
CA SER I 177 7.38 23.36 -35.84
C SER I 177 7.67 24.85 -35.70
N GLY I 178 8.96 25.19 -35.60
CA GLY I 178 9.33 26.59 -35.57
C GLY I 178 8.81 27.37 -36.75
N ASP I 179 9.04 26.85 -37.97
CA ASP I 179 8.55 27.55 -39.17
C ASP I 179 7.03 27.72 -39.11
N GLU I 180 6.32 26.64 -38.76
CA GLU I 180 4.87 26.71 -38.65
C GLU I 180 4.44 27.76 -37.63
N ALA I 181 5.13 27.80 -36.48
CA ALA I 181 4.76 28.75 -35.43
C ALA I 181 4.97 30.20 -35.86
N VAL I 182 5.97 30.47 -36.70
CA VAL I 182 6.16 31.84 -37.20
C VAL I 182 5.03 32.19 -38.16
N LYS I 183 4.70 31.28 -39.07
CA LYS I 183 3.57 31.48 -39.97
C LYS I 183 2.29 31.70 -39.19
N TYR I 184 2.14 31.05 -38.04
CA TYR I 184 0.91 31.15 -37.26
C TYR I 184 0.81 32.42 -36.46
N GLY I 185 1.94 33.08 -36.17
CA GLY I 185 1.95 34.21 -35.28
C GLY I 185 2.26 33.85 -33.85
N LEU I 186 2.45 32.56 -33.55
CA LEU I 186 2.75 32.15 -32.18
C LEU I 186 4.12 32.67 -31.75
N ILE I 187 5.08 32.67 -32.67
CA ILE I 187 6.39 33.26 -32.46
C ILE I 187 6.75 34.08 -33.69
N ASP I 188 7.82 34.88 -33.56
CA ASP I 188 8.24 35.77 -34.63
C ASP I 188 9.36 35.21 -35.50
N LYS I 189 10.34 34.51 -34.93
CA LYS I 189 11.53 34.13 -35.68
C LYS I 189 12.16 32.89 -35.05
N VAL I 190 12.66 32.00 -35.92
CA VAL I 190 13.40 30.82 -35.47
C VAL I 190 14.88 31.19 -35.46
N MET I 191 15.48 31.25 -34.27
CA MET I 191 16.90 31.49 -34.13
C MET I 191 17.70 30.20 -34.31
N THR I 192 18.87 30.31 -34.95
CA THR I 192 19.73 29.17 -35.23
C THR I 192 21.11 29.32 -34.62
N GLN I 193 21.83 30.40 -34.96
CA GLN I 193 23.15 30.69 -34.44
C GLN I 193 23.18 32.14 -33.96
N ARG I 194 23.95 32.39 -32.91
CA ARG I 194 23.96 33.72 -32.29
C ARG I 194 24.47 34.84 -33.18
N LEU J 4 27.24 13.21 -0.76
CA LEU J 4 27.74 14.50 -0.30
C LEU J 4 28.73 15.10 -1.30
N VAL J 5 28.41 16.31 -1.77
CA VAL J 5 29.22 17.02 -2.75
C VAL J 5 30.45 17.57 -2.04
N PRO J 6 31.67 17.17 -2.41
CA PRO J 6 32.85 17.71 -1.73
C PRO J 6 33.14 19.13 -2.19
N MET J 7 33.85 19.85 -1.35
CA MET J 7 34.05 21.30 -1.47
C MET J 7 35.52 21.61 -1.68
N VAL J 8 35.79 22.71 -2.37
CA VAL J 8 37.15 23.15 -2.69
C VAL J 8 37.28 24.61 -2.28
N VAL J 9 38.52 25.02 -1.97
CA VAL J 9 38.79 26.39 -1.59
C VAL J 9 40.12 26.87 -2.19
N ALA J 18 35.00 29.24 -1.75
CA ALA J 18 34.33 27.98 -1.44
C ALA J 18 33.51 27.49 -2.64
N TYR J 19 34.09 26.56 -3.39
CA TYR J 19 33.45 25.94 -4.54
C TYR J 19 33.17 24.46 -4.27
N ASP J 20 32.05 23.97 -4.78
CA ASP J 20 31.87 22.53 -4.90
C ASP J 20 32.65 22.00 -6.10
N ILE J 21 32.83 20.69 -6.12
CA ILE J 21 33.72 20.08 -7.13
C ILE J 21 33.27 20.45 -8.53
N TYR J 22 31.95 20.50 -8.77
CA TYR J 22 31.45 20.80 -10.10
C TYR J 22 31.63 22.29 -10.41
N SER J 23 31.45 23.15 -9.42
CA SER J 23 31.72 24.57 -9.60
C SER J 23 33.18 24.81 -9.94
N ARG J 24 34.08 24.03 -9.33
CA ARG J 24 35.51 24.18 -9.61
C ARG J 24 35.83 23.76 -11.03
N LEU J 25 35.22 22.67 -11.50
CA LEU J 25 35.42 22.20 -12.86
C LEU J 25 34.65 23.03 -13.89
N LEU J 26 33.60 23.75 -13.48
CA LEU J 26 32.92 24.65 -14.40
C LEU J 26 33.85 25.79 -14.82
N LYS J 27 34.72 26.24 -13.91
CA LYS J 27 35.70 27.26 -14.28
C LYS J 27 36.61 26.75 -15.40
N GLU J 28 36.97 25.46 -15.36
CA GLU J 28 37.73 24.84 -16.44
C GLU J 28 36.89 24.54 -17.68
N ARG J 29 35.64 25.03 -17.75
CA ARG J 29 34.77 24.91 -18.92
C ARG J 29 34.29 23.48 -19.13
N ILE J 30 34.12 22.73 -18.06
CA ILE J 30 33.61 21.35 -18.12
C ILE J 30 32.21 21.32 -17.51
N ILE J 31 31.28 20.69 -18.22
CA ILE J 31 29.90 20.51 -17.78
C ILE J 31 29.61 19.01 -17.83
N PHE J 32 28.88 18.51 -16.85
CA PHE J 32 28.52 17.10 -16.78
C PHE J 32 27.04 16.90 -17.05
N LEU J 33 26.74 15.90 -17.90
CA LEU J 33 25.37 15.45 -18.21
C LEU J 33 25.29 13.99 -17.78
N VAL J 34 24.65 13.74 -16.64
CA VAL J 34 24.61 12.40 -16.04
C VAL J 34 23.17 11.97 -15.81
N GLY J 35 22.87 10.73 -16.16
CA GLY J 35 21.60 10.13 -15.81
C GLY J 35 20.52 10.43 -16.83
N GLN J 36 19.29 10.10 -16.44
CA GLN J 36 18.15 10.24 -17.33
C GLN J 36 17.98 11.68 -17.77
N VAL J 37 17.71 11.87 -19.05
CA VAL J 37 17.53 13.21 -19.59
C VAL J 37 16.13 13.68 -19.24
N GLU J 38 16.04 14.80 -18.52
CA GLU J 38 14.76 15.34 -18.10
C GLU J 38 14.92 16.84 -17.97
N ASP J 39 13.77 17.52 -17.92
CA ASP J 39 13.75 18.97 -18.09
C ASP J 39 14.73 19.69 -17.17
N TYR J 40 14.74 19.30 -15.89
CA TYR J 40 15.46 20.10 -14.90
C TYR J 40 16.97 19.93 -15.01
N MET J 41 17.45 18.70 -15.12
CA MET J 41 18.87 18.47 -15.35
C MET J 41 19.28 18.96 -16.73
N ALA J 42 18.38 18.85 -17.73
CA ALA J 42 18.70 19.36 -19.06
C ALA J 42 18.84 20.88 -19.05
N ASN J 43 17.97 21.59 -18.32
CA ASN J 43 18.04 23.04 -18.31
C ASN J 43 19.25 23.55 -17.56
N LEU J 44 19.68 22.83 -16.51
CA LEU J 44 20.94 23.13 -15.85
C LEU J 44 22.09 23.14 -16.85
N VAL J 45 22.11 22.15 -17.75
CA VAL J 45 23.12 22.14 -18.80
C VAL J 45 22.97 23.37 -19.70
N VAL J 46 21.75 23.67 -20.13
CA VAL J 46 21.52 24.88 -20.93
C VAL J 46 22.08 26.10 -20.21
N ALA J 47 21.74 26.27 -18.93
CA ALA J 47 22.21 27.43 -18.19
C ALA J 47 23.74 27.45 -18.14
N GLN J 48 24.37 26.31 -17.93
CA GLN J 48 25.82 26.27 -17.89
C GLN J 48 26.42 26.62 -19.25
N LEU J 49 25.83 26.08 -20.32
CA LEU J 49 26.30 26.41 -21.66
C LEU J 49 26.22 27.90 -21.92
N LEU J 50 25.11 28.53 -21.54
CA LEU J 50 24.98 29.97 -21.74
C LEU J 50 25.98 30.73 -20.88
N PHE J 51 26.12 30.33 -19.62
CA PHE J 51 27.05 31.02 -18.72
C PHE J 51 28.46 31.01 -19.28
N LEU J 52 28.94 29.83 -19.71
CA LEU J 52 30.30 29.74 -20.24
C LEU J 52 30.45 30.59 -21.50
N GLU J 53 29.43 30.62 -22.36
CA GLU J 53 29.47 31.53 -23.51
C GLU J 53 29.68 32.97 -23.06
N ALA J 54 28.94 33.39 -22.04
CA ALA J 54 29.08 34.76 -21.55
C ALA J 54 30.45 34.99 -20.94
N GLU J 55 30.99 34.00 -20.21
CA GLU J 55 32.33 34.13 -19.65
C GLU J 55 33.38 34.28 -20.74
N ASN J 56 33.26 33.51 -21.81
CA ASN J 56 34.21 33.60 -22.90
C ASN J 56 33.67 32.89 -24.13
N PRO J 57 33.18 33.64 -25.12
CA PRO J 57 32.57 33.01 -26.31
C PRO J 57 33.58 32.39 -27.27
N GLU J 58 34.89 32.48 -26.98
CA GLU J 58 35.92 31.95 -27.87
C GLU J 58 36.45 30.58 -27.42
N LYS J 59 36.61 30.38 -26.12
CA LYS J 59 37.20 29.14 -25.59
C LYS J 59 36.20 28.00 -25.76
N ASP J 60 36.72 26.82 -26.11
CA ASP J 60 35.87 25.65 -26.27
C ASP J 60 35.21 25.27 -24.95
N ILE J 61 34.15 24.46 -25.06
CA ILE J 61 33.42 23.92 -23.91
C ILE J 61 33.42 22.41 -24.00
N HIS J 62 33.59 21.75 -22.86
CA HIS J 62 33.68 20.30 -22.80
C HIS J 62 32.51 19.74 -22.01
N LEU J 63 31.69 18.93 -22.68
CA LEU J 63 30.50 18.33 -22.11
C LEU J 63 30.73 16.83 -21.97
N TYR J 64 30.94 16.35 -20.74
CA TYR J 64 31.03 14.93 -20.48
C TYR J 64 29.63 14.34 -20.40
N ILE J 65 29.44 13.16 -21.02
CA ILE J 65 28.12 12.56 -21.12
C ILE J 65 28.18 11.15 -20.57
N ASN J 66 27.37 10.87 -19.56
CA ASN J 66 27.15 9.50 -19.09
C ASN J 66 25.64 9.37 -18.87
N SER J 67 24.92 9.02 -19.94
CA SER J 67 23.47 9.02 -19.89
C SER J 67 22.87 7.89 -20.70
N PRO J 68 21.77 7.29 -20.23
CA PRO J 68 21.02 6.32 -21.04
C PRO J 68 19.99 6.93 -21.97
N GLY J 69 19.84 8.24 -21.96
CA GLY J 69 18.83 8.91 -22.75
C GLY J 69 17.74 9.51 -21.89
N GLY J 70 16.61 9.79 -22.54
CA GLY J 70 15.48 10.34 -21.83
C GLY J 70 14.58 11.14 -22.72
N SER J 71 14.14 12.30 -22.25
CA SER J 71 13.15 13.10 -22.95
C SER J 71 13.76 13.71 -24.20
N VAL J 72 13.04 13.57 -25.32
CA VAL J 72 13.50 14.15 -26.58
C VAL J 72 13.48 15.67 -26.50
N THR J 73 12.37 16.26 -26.00
CA THR J 73 12.29 17.71 -25.87
C THR J 73 13.39 18.23 -24.94
N ALA J 74 13.60 17.56 -23.81
CA ALA J 74 14.66 17.99 -22.89
C ALA J 74 16.01 17.93 -23.60
N GLY J 75 16.25 16.83 -24.33
CA GLY J 75 17.50 16.71 -25.07
C GLY J 75 17.65 17.78 -26.14
N MET J 76 16.57 18.07 -26.86
CA MET J 76 16.65 19.07 -27.92
C MET J 76 16.98 20.46 -27.37
N SER J 77 16.53 20.78 -26.14
CA SER J 77 16.93 22.06 -25.55
C SER J 77 18.45 22.13 -25.41
N ILE J 78 19.10 21.01 -25.08
CA ILE J 78 20.56 20.97 -25.02
C ILE J 78 21.16 21.02 -26.43
N TYR J 79 20.69 20.12 -27.30
CA TYR J 79 21.23 20.06 -28.66
C TYR J 79 21.18 21.43 -29.33
N ASP J 80 20.02 22.09 -29.29
CA ASP J 80 19.90 23.38 -29.96
C ASP J 80 20.75 24.44 -29.27
N THR J 81 20.89 24.38 -27.95
CA THR J 81 21.74 25.34 -27.27
C THR J 81 23.21 25.16 -27.66
N MET J 82 23.67 23.90 -27.79
CA MET J 82 25.05 23.65 -28.17
C MET J 82 25.37 24.29 -29.52
N GLN J 83 24.48 24.11 -30.50
CA GLN J 83 24.69 24.67 -31.83
C GLN J 83 24.51 26.19 -31.83
N PHE J 84 23.56 26.70 -31.04
CA PHE J 84 23.24 28.11 -31.07
C PHE J 84 24.40 28.98 -30.61
N ILE J 85 25.09 28.57 -29.55
CA ILE J 85 26.10 29.42 -28.94
C ILE J 85 27.37 29.44 -29.79
N LYS J 86 28.17 30.48 -29.59
CA LYS J 86 29.37 30.66 -30.41
C LYS J 86 30.42 29.59 -30.15
N PRO J 87 30.77 29.27 -28.91
CA PRO J 87 31.87 28.31 -28.69
C PRO J 87 31.58 26.93 -29.28
N ASN J 88 32.66 26.26 -29.66
CA ASN J 88 32.58 24.86 -30.05
C ASN J 88 32.34 24.04 -28.79
N VAL J 89 31.39 23.13 -28.85
CA VAL J 89 31.06 22.29 -27.73
C VAL J 89 31.56 20.88 -28.04
N SER J 90 32.69 20.52 -27.47
CA SER J 90 33.17 19.15 -27.53
C SER J 90 32.31 18.28 -26.63
N THR J 91 32.21 17.00 -26.98
CA THR J 91 31.52 16.01 -26.16
C THR J 91 32.41 14.80 -25.96
N THR J 92 32.43 14.28 -24.74
CA THR J 92 33.19 13.09 -24.39
C THR J 92 32.24 12.15 -23.66
N CYS J 93 32.09 10.93 -24.18
CA CYS J 93 31.24 9.94 -23.53
C CYS J 93 32.07 9.10 -22.57
N ILE J 94 31.69 9.11 -21.30
CA ILE J 94 32.25 8.22 -20.29
C ILE J 94 31.11 7.36 -19.78
N GLY J 95 31.38 6.06 -19.61
CA GLY J 95 30.35 5.13 -19.21
C GLY J 95 29.44 4.74 -20.36
N GLN J 96 28.37 5.50 -20.57
CA GLN J 96 27.46 5.22 -21.67
C GLN J 96 26.89 6.53 -22.19
N ALA J 97 26.47 6.49 -23.45
CA ALA J 97 25.70 7.57 -24.08
C ALA J 97 24.75 6.83 -25.02
N CYS J 98 23.52 6.61 -24.55
CA CYS J 98 22.52 5.84 -25.26
C CYS J 98 21.33 6.75 -25.56
N SER J 99 20.67 6.48 -26.68
CA SER J 99 19.48 7.21 -27.09
C SER J 99 19.83 8.70 -27.12
N MET J 100 19.02 9.59 -26.53
CA MET J 100 19.33 11.02 -26.62
C MET J 100 20.77 11.30 -26.22
N GLY J 101 21.34 10.47 -25.34
CA GLY J 101 22.74 10.63 -25.00
C GLY J 101 23.63 10.50 -26.23
N ALA J 102 23.34 9.52 -27.08
CA ALA J 102 24.15 9.33 -28.28
C ALA J 102 23.96 10.46 -29.27
N LEU J 103 22.73 11.00 -29.34
CA LEU J 103 22.49 12.12 -30.26
C LEU J 103 23.25 13.36 -29.80
N LEU J 104 23.24 13.64 -28.49
CA LEU J 104 23.99 14.78 -27.99
C LEU J 104 25.48 14.59 -28.22
N LEU J 105 25.98 13.36 -28.10
CA LEU J 105 27.38 13.07 -28.37
C LEU J 105 27.69 13.32 -29.84
N ALA J 106 26.87 12.76 -30.74
CA ALA J 106 27.04 13.01 -32.16
C ALA J 106 26.93 14.49 -32.48
N GLY J 107 26.17 15.24 -31.68
CA GLY J 107 25.96 16.65 -31.93
C GLY J 107 27.06 17.58 -31.53
N GLY J 108 28.16 17.06 -30.99
CA GLY J 108 29.26 17.92 -30.60
C GLY J 108 29.99 18.45 -31.82
N ALA J 109 30.84 19.45 -31.58
CA ALA J 109 31.60 20.09 -32.65
C ALA J 109 32.38 19.06 -33.47
N ALA J 110 32.38 19.25 -34.79
CA ALA J 110 33.04 18.31 -35.68
C ALA J 110 34.51 18.16 -35.31
N GLY J 111 34.98 16.90 -35.31
CA GLY J 111 36.33 16.59 -34.93
C GLY J 111 36.62 16.60 -33.44
N LYS J 112 35.66 17.02 -32.61
CA LYS J 112 35.86 17.14 -31.16
C LYS J 112 34.81 16.33 -30.39
N ARG J 113 34.44 15.17 -30.92
CA ARG J 113 33.52 14.25 -30.26
C ARG J 113 34.30 12.99 -29.90
N TYR J 114 34.42 12.71 -28.61
CA TYR J 114 35.29 11.64 -28.14
C TYR J 114 34.52 10.62 -27.30
N CYS J 115 35.19 9.51 -27.03
CA CYS J 115 34.75 8.59 -26.00
C CYS J 115 36.00 7.95 -25.42
N LEU J 116 35.81 7.17 -24.37
CA LEU J 116 36.87 6.41 -23.73
C LEU J 116 36.74 4.93 -24.07
N PRO J 117 37.80 4.14 -23.89
CA PRO J 117 37.84 2.82 -24.53
C PRO J 117 36.64 1.95 -24.24
N HIS J 118 36.09 2.01 -23.03
CA HIS J 118 35.01 1.11 -22.63
C HIS J 118 33.67 1.81 -22.55
N SER J 119 33.55 3.02 -23.08
CA SER J 119 32.25 3.67 -23.20
C SER J 119 31.33 2.82 -24.07
N ARG J 120 30.04 2.83 -23.77
CA ARG J 120 29.05 2.19 -24.62
C ARG J 120 28.09 3.23 -25.19
N MET J 121 27.83 3.13 -26.48
CA MET J 121 26.91 4.02 -27.18
C MET J 121 25.84 3.17 -27.83
N MET J 122 24.60 3.66 -27.78
CA MET J 122 23.48 2.93 -28.38
C MET J 122 22.55 3.93 -29.05
N ILE J 123 22.11 3.59 -30.27
CA ILE J 123 21.16 4.41 -31.03
C ILE J 123 19.93 3.55 -31.35
N HIS J 124 18.77 4.19 -31.37
CA HIS J 124 17.53 3.52 -31.76
C HIS J 124 16.49 4.57 -32.18
N GLN J 125 15.26 4.13 -32.43
CA GLN J 125 14.19 5.05 -32.81
C GLN J 125 13.40 5.49 -31.58
N PRO J 126 12.70 6.63 -31.68
CA PRO J 126 12.05 7.21 -30.50
C PRO J 126 10.99 6.29 -29.91
N LEU J 127 10.78 6.44 -28.61
CA LEU J 127 9.79 5.69 -27.87
C LEU J 127 8.70 6.64 -27.39
N GLY J 128 7.49 6.14 -27.37
CA GLY J 128 6.39 6.96 -26.90
C GLY J 128 5.18 6.12 -26.57
N GLY J 129 4.14 6.81 -26.17
CA GLY J 129 2.90 6.16 -25.83
C GLY J 129 1.82 7.19 -25.65
N PHE J 130 0.58 6.79 -25.84
CA PHE J 130 -0.55 7.68 -25.68
C PHE J 130 -1.80 6.84 -25.51
N GLN J 131 -2.80 7.44 -24.86
CA GLN J 131 -4.10 6.82 -24.71
C GLN J 131 -5.17 7.90 -24.84
N GLY J 132 -6.30 7.50 -25.40
CA GLY J 132 -7.41 8.40 -25.55
C GLY J 132 -8.16 8.08 -26.83
N GLN J 133 -8.78 9.12 -27.38
CA GLN J 133 -9.60 8.95 -28.56
C GLN J 133 -8.74 8.65 -29.79
N ALA J 134 -9.30 7.83 -30.68
CA ALA J 134 -8.62 7.51 -31.93
C ALA J 134 -8.13 8.76 -32.67
N SER J 135 -8.98 9.79 -32.74
CA SER J 135 -8.54 11.02 -33.40
C SER J 135 -7.29 11.58 -32.74
N ASP J 136 -7.21 11.51 -31.41
CA ASP J 136 -6.02 12.04 -30.72
C ASP J 136 -4.84 11.11 -30.93
N ILE J 137 -5.09 9.80 -30.97
CA ILE J 137 -4.03 8.84 -31.25
C ILE J 137 -3.41 9.15 -32.60
N GLU J 138 -4.24 9.47 -33.60
CA GLU J 138 -3.77 9.82 -34.93
C GLU J 138 -2.83 11.02 -34.87
N ILE J 139 -3.23 12.06 -34.13
CA ILE J 139 -2.40 13.25 -34.04
C ILE J 139 -1.05 12.91 -33.43
N HIS J 140 -1.05 12.15 -32.33
CA HIS J 140 0.21 11.91 -31.64
C HIS J 140 1.07 10.89 -32.37
N ALA J 141 0.44 9.91 -33.01
CA ALA J 141 1.17 8.98 -33.86
C ALA J 141 1.95 9.70 -34.95
N LYS J 142 1.31 10.66 -35.65
CA LYS J 142 2.05 11.40 -36.67
C LYS J 142 3.16 12.26 -36.05
N GLU J 143 2.94 12.79 -34.85
CA GLU J 143 3.95 13.64 -34.23
C GLU J 143 5.21 12.84 -33.91
N ILE J 144 5.05 11.59 -33.44
CA ILE J 144 6.23 10.79 -33.09
C ILE J 144 6.92 10.29 -34.35
N LEU J 145 6.16 10.03 -35.43
CA LEU J 145 6.77 9.73 -36.71
C LEU J 145 7.51 10.93 -37.27
N PHE J 146 6.99 12.13 -37.03
CA PHE J 146 7.70 13.33 -37.46
C PHE J 146 8.99 13.50 -36.68
N ILE J 147 8.95 13.29 -35.36
CA ILE J 147 10.15 13.37 -34.54
C ILE J 147 11.16 12.31 -34.97
N LYS J 148 10.68 11.10 -35.25
CA LYS J 148 11.57 10.02 -35.69
C LYS J 148 12.33 10.42 -36.94
N GLU J 149 11.65 11.00 -37.93
CA GLU J 149 12.31 11.44 -39.14
C GLU J 149 13.32 12.55 -38.85
N ARG J 150 12.92 13.57 -38.10
CA ARG J 150 13.84 14.68 -37.85
C ARG J 150 15.07 14.21 -37.09
N LEU J 151 14.89 13.30 -36.14
CA LEU J 151 16.05 12.82 -35.38
C LEU J 151 17.00 12.02 -36.27
N ASN J 152 16.45 11.19 -37.17
CA ASN J 152 17.29 10.50 -38.13
C ASN J 152 18.07 11.49 -38.99
N GLN J 153 17.44 12.61 -39.38
CA GLN J 153 18.14 13.59 -40.19
C GLN J 153 19.30 14.22 -39.43
N ILE J 154 19.14 14.43 -38.13
CA ILE J 154 20.24 15.00 -37.35
C ILE J 154 21.42 14.04 -37.30
N LEU J 155 21.17 12.75 -37.08
CA LEU J 155 22.27 11.80 -37.04
C LEU J 155 23.01 11.78 -38.38
N ALA J 156 22.27 11.64 -39.48
CA ALA J 156 22.88 11.65 -40.81
C ALA J 156 23.80 12.86 -40.96
N HIS J 157 23.33 14.04 -40.54
CA HIS J 157 24.13 15.24 -40.69
C HIS J 157 25.47 15.09 -39.98
N HIS J 158 25.44 14.71 -38.70
CA HIS J 158 26.66 14.74 -37.89
C HIS J 158 27.56 13.53 -38.16
N THR J 159 26.97 12.40 -38.55
CA THR J 159 27.75 11.20 -38.82
C THR J 159 28.23 11.13 -40.26
N GLY J 160 27.56 11.83 -41.17
CA GLY J 160 27.85 11.73 -42.58
C GLY J 160 27.20 10.58 -43.29
N GLN J 161 26.42 9.77 -42.60
CA GLN J 161 25.79 8.61 -43.20
C GLN J 161 24.61 9.03 -44.08
N PRO J 162 24.28 8.22 -45.08
CA PRO J 162 23.02 8.45 -45.80
C PRO J 162 21.82 8.20 -44.90
N LEU J 163 20.75 8.95 -45.14
CA LEU J 163 19.58 8.91 -44.30
C LEU J 163 18.97 7.52 -44.22
N ASP J 164 18.92 6.80 -45.34
CA ASP J 164 18.27 5.49 -45.34
C ASP J 164 19.04 4.46 -44.51
N VAL J 165 20.36 4.64 -44.35
CA VAL J 165 21.12 3.74 -43.50
C VAL J 165 20.78 4.00 -42.03
N ILE J 166 20.69 5.27 -41.64
CA ILE J 166 20.30 5.61 -40.26
C ILE J 166 18.95 4.98 -39.94
N ALA J 167 17.96 5.16 -40.83
CA ALA J 167 16.66 4.57 -40.57
C ALA J 167 16.79 3.06 -40.35
N ARG J 168 17.65 2.42 -41.13
CA ARG J 168 17.83 0.98 -41.05
C ARG J 168 18.53 0.59 -39.75
N ASP J 169 19.60 1.30 -39.40
CA ASP J 169 20.42 0.93 -38.26
C ASP J 169 19.75 1.27 -36.94
N THR J 170 18.78 2.17 -36.94
CA THR J 170 18.06 2.56 -35.74
C THR J 170 16.73 1.86 -35.58
N ASP J 171 16.37 0.94 -36.50
CA ASP J 171 15.08 0.27 -36.37
C ASP J 171 14.97 -0.43 -35.03
N ARG J 172 16.03 -1.12 -34.63
CA ARG J 172 16.16 -1.75 -33.34
C ARG J 172 17.36 -1.16 -32.62
N ASP J 173 17.47 -1.44 -31.33
CA ASP J 173 18.63 -1.01 -30.56
C ASP J 173 19.90 -1.52 -31.25
N ARG J 174 20.85 -0.61 -31.47
CA ARG J 174 22.15 -0.98 -32.03
C ARG J 174 23.22 -0.42 -31.12
N PHE J 175 23.94 -1.31 -30.43
CA PHE J 175 25.05 -0.94 -29.57
C PHE J 175 26.33 -0.83 -30.39
N MET J 176 27.22 0.05 -29.96
CA MET J 176 28.46 0.33 -30.68
C MET J 176 29.58 0.54 -29.68
N SER J 177 30.75 0.00 -30.01
CA SER J 177 31.97 0.29 -29.27
C SER J 177 32.57 1.61 -29.74
N GLY J 178 33.62 2.05 -29.04
CA GLY J 178 34.34 3.24 -29.46
C GLY J 178 34.85 3.15 -30.89
N ASP J 179 35.54 2.06 -31.22
CA ASP J 179 36.03 1.89 -32.59
C ASP J 179 34.88 1.88 -33.59
N GLU J 180 33.83 1.12 -33.30
CA GLU J 180 32.66 1.11 -34.17
C GLU J 180 32.04 2.50 -34.28
N ALA J 181 31.93 3.21 -33.16
CA ALA J 181 31.32 4.53 -33.22
C ALA J 181 32.15 5.48 -34.06
N VAL J 182 33.48 5.32 -34.06
CA VAL J 182 34.31 6.15 -34.92
C VAL J 182 34.10 5.78 -36.38
N LYS J 183 34.07 4.48 -36.69
CA LYS J 183 33.85 4.07 -38.07
C LYS J 183 32.52 4.59 -38.59
N TYR J 184 31.51 4.72 -37.71
CA TYR J 184 30.17 5.13 -38.10
C TYR J 184 30.02 6.64 -38.26
N GLY J 185 30.88 7.43 -37.63
CA GLY J 185 30.72 8.86 -37.59
C GLY J 185 30.06 9.39 -36.33
N LEU J 186 29.66 8.50 -35.41
CA LEU J 186 29.01 8.95 -34.19
C LEU J 186 29.95 9.79 -33.33
N ILE J 187 31.22 9.41 -33.28
CA ILE J 187 32.27 10.18 -32.63
C ILE J 187 33.43 10.28 -33.61
N ASP J 188 34.42 11.10 -33.26
CA ASP J 188 35.60 11.32 -34.06
C ASP J 188 36.79 10.48 -33.61
N LYS J 189 37.01 10.32 -32.30
CA LYS J 189 38.21 9.63 -31.82
C LYS J 189 37.96 9.01 -30.45
N VAL J 190 38.52 7.82 -30.25
CA VAL J 190 38.51 7.14 -28.97
C VAL J 190 39.76 7.56 -28.20
N MET J 191 39.57 8.35 -27.15
CA MET J 191 40.67 8.75 -26.27
C MET J 191 40.98 7.62 -25.29
N THR J 192 42.27 7.43 -25.02
CA THR J 192 42.70 6.35 -24.14
C THR J 192 43.53 6.87 -22.97
N GLN J 193 44.61 7.58 -23.24
CA GLN J 193 45.42 8.22 -22.22
C GLN J 193 45.68 9.66 -22.63
N ARG J 194 45.80 10.53 -21.65
CA ARG J 194 46.01 11.94 -21.94
C ARG J 194 47.38 12.10 -22.60
N LEU K 4 25.62 13.53 9.43
CA LEU K 4 26.30 14.80 9.61
C LEU K 4 27.80 14.66 9.34
N VAL K 5 28.24 15.13 8.18
CA VAL K 5 29.64 15.07 7.80
C VAL K 5 30.32 16.04 8.77
N PRO K 6 31.27 15.59 9.59
CA PRO K 6 31.88 16.54 10.54
C PRO K 6 32.74 17.54 9.79
N MET K 7 32.98 18.66 10.45
CA MET K 7 33.61 19.81 9.83
C MET K 7 35.00 20.04 10.40
N VAL K 8 35.88 20.55 9.55
CA VAL K 8 37.27 20.78 9.86
C VAL K 8 37.64 22.19 9.43
N ALA K 18 37.32 25.74 7.00
CA ALA K 18 35.99 25.54 6.47
C ALA K 18 35.95 24.35 5.52
N TYR K 19 36.30 23.17 6.05
CA TYR K 19 36.27 21.92 5.30
C TYR K 19 35.33 20.92 5.93
N ASP K 20 34.59 20.18 5.11
CA ASP K 20 34.07 18.91 5.62
C ASP K 20 35.19 17.88 5.60
N ILE K 21 34.97 16.79 6.33
CA ILE K 21 36.06 15.82 6.50
C ILE K 21 36.50 15.27 5.14
N TYR K 22 35.55 15.02 4.23
CA TYR K 22 35.94 14.45 2.94
C TYR K 22 36.63 15.48 2.06
N SER K 23 36.14 16.71 2.08
CA SER K 23 36.83 17.78 1.36
C SER K 23 38.23 17.99 1.90
N ARG K 24 38.41 17.80 3.22
CA ARG K 24 39.72 17.98 3.83
C ARG K 24 40.70 16.92 3.36
N LEU K 25 40.24 15.67 3.26
CA LEU K 25 41.09 14.59 2.78
C LEU K 25 41.28 14.62 1.27
N LEU K 26 40.43 15.35 0.54
CA LEU K 26 40.58 15.42 -0.91
C LEU K 26 41.86 16.17 -1.31
N LYS K 27 42.25 17.22 -0.58
CA LYS K 27 43.52 17.87 -0.90
C LYS K 27 44.71 16.97 -0.74
N GLU K 28 44.67 16.10 0.27
CA GLU K 28 45.71 15.10 0.41
C GLU K 28 45.62 14.05 -0.64
N ARG K 29 44.76 14.27 -1.64
CA ARG K 29 44.65 13.41 -2.83
C ARG K 29 44.10 12.04 -2.48
N ILE K 30 43.16 11.99 -1.53
CA ILE K 30 42.46 10.77 -1.16
C ILE K 30 41.03 10.88 -1.64
N ILE K 31 40.55 9.86 -2.32
CA ILE K 31 39.18 9.79 -2.82
C ILE K 31 38.55 8.52 -2.26
N PHE K 32 37.28 8.63 -1.86
CA PHE K 32 36.54 7.50 -1.32
C PHE K 32 35.43 7.10 -2.27
N LEU K 33 35.33 5.80 -2.53
CA LEU K 33 34.24 5.20 -3.30
C LEU K 33 33.55 4.21 -2.37
N VAL K 34 32.38 4.59 -1.86
CA VAL K 34 31.68 3.85 -0.82
C VAL K 34 30.30 3.47 -1.34
N GLY K 35 29.91 2.23 -1.12
CA GLY K 35 28.56 1.79 -1.40
C GLY K 35 28.34 1.38 -2.84
N GLN K 36 27.08 1.14 -3.15
CA GLN K 36 26.72 0.66 -4.48
C GLN K 36 27.14 1.65 -5.55
N VAL K 37 27.68 1.12 -6.65
CA VAL K 37 28.14 1.96 -7.75
C VAL K 37 26.96 2.33 -8.65
N GLU K 38 26.75 3.63 -8.84
CA GLU K 38 25.67 4.14 -9.67
C GLU K 38 26.10 5.48 -10.24
N ASP K 39 25.38 5.93 -11.28
CA ASP K 39 25.87 7.02 -12.12
C ASP K 39 26.34 8.22 -11.30
N TYR K 40 25.55 8.62 -10.30
CA TYR K 40 25.79 9.89 -9.63
C TYR K 40 26.99 9.82 -8.70
N MET K 41 27.08 8.79 -7.86
CA MET K 41 28.27 8.63 -7.04
C MET K 41 29.48 8.30 -7.90
N ALA K 42 29.26 7.61 -9.01
CA ALA K 42 30.34 7.32 -9.94
C ALA K 42 30.90 8.59 -10.56
N ASN K 43 30.03 9.55 -10.91
CA ASN K 43 30.52 10.76 -11.54
C ASN K 43 31.23 11.67 -10.55
N LEU K 44 30.81 11.67 -9.29
CA LEU K 44 31.57 12.37 -8.26
C LEU K 44 33.01 11.90 -8.24
N VAL K 45 33.23 10.58 -8.31
CA VAL K 45 34.59 10.05 -8.36
C VAL K 45 35.31 10.59 -9.59
N VAL K 46 34.65 10.51 -10.75
CA VAL K 46 35.23 11.05 -11.98
C VAL K 46 35.66 12.50 -11.75
N ALA K 47 34.77 13.32 -11.19
CA ALA K 47 35.08 14.72 -10.98
C ALA K 47 36.28 14.90 -10.05
N GLN K 48 36.35 14.11 -8.98
CA GLN K 48 37.46 14.24 -8.04
C GLN K 48 38.77 13.84 -8.72
N LEU K 49 38.74 12.78 -9.53
CA LEU K 49 39.93 12.36 -10.27
C LEU K 49 40.40 13.47 -11.22
N LEU K 50 39.47 14.08 -11.95
CA LEU K 50 39.84 15.16 -12.86
C LEU K 50 40.33 16.38 -12.10
N PHE K 51 39.64 16.77 -11.03
CA PHE K 51 40.08 17.92 -10.26
C PHE K 51 41.51 17.72 -9.73
N LEU K 52 41.79 16.55 -9.16
CA LEU K 52 43.12 16.29 -8.62
C LEU K 52 44.20 16.31 -9.71
N GLU K 53 43.88 15.79 -10.90
CA GLU K 53 44.83 15.88 -12.01
C GLU K 53 45.18 17.34 -12.32
N ALA K 54 44.15 18.20 -12.37
CA ALA K 54 44.39 19.61 -12.70
C ALA K 54 45.21 20.29 -11.62
N GLU K 55 44.96 19.97 -10.35
CA GLU K 55 45.76 20.53 -9.27
C GLU K 55 47.21 20.09 -9.38
N ASN K 56 47.45 18.82 -9.75
CA ASN K 56 48.81 18.32 -9.91
C ASN K 56 48.85 17.00 -10.67
N PRO K 57 49.19 17.03 -11.96
CA PRO K 57 49.16 15.79 -12.77
C PRO K 57 50.29 14.80 -12.49
N GLU K 58 51.23 15.11 -11.60
CA GLU K 58 52.30 14.17 -11.28
C GLU K 58 52.08 13.42 -9.97
N LYS K 59 51.46 14.06 -8.98
CA LYS K 59 51.30 13.45 -7.66
C LYS K 59 50.30 12.29 -7.73
N ASP K 60 50.62 11.21 -7.03
CA ASP K 60 49.75 10.05 -7.02
C ASP K 60 48.39 10.42 -6.43
N ILE K 61 47.40 9.59 -6.73
CA ILE K 61 46.05 9.71 -6.18
C ILE K 61 45.71 8.39 -5.51
N HIS K 62 45.02 8.48 -4.37
CA HIS K 62 44.66 7.32 -3.59
C HIS K 62 43.14 7.20 -3.57
N LEU K 63 42.64 6.09 -4.11
CA LEU K 63 41.22 5.80 -4.20
C LEU K 63 40.89 4.65 -3.25
N TYR K 64 40.21 4.96 -2.15
CA TYR K 64 39.74 3.93 -1.23
C TYR K 64 38.42 3.36 -1.71
N ILE K 65 38.28 2.03 -1.65
CA ILE K 65 37.13 1.34 -2.21
C ILE K 65 36.49 0.48 -1.13
N ASN K 66 35.21 0.72 -0.83
CA ASN K 66 34.39 -0.17 -0.01
C ASN K 66 33.02 -0.26 -0.70
N SER K 67 32.89 -1.22 -1.62
CA SER K 67 31.72 -1.31 -2.47
C SER K 67 31.38 -2.75 -2.81
N PRO K 68 30.10 -3.13 -2.87
CA PRO K 68 29.72 -4.44 -3.41
C PRO K 68 29.56 -4.48 -4.92
N GLY K 69 29.76 -3.37 -5.62
CA GLY K 69 29.55 -3.33 -7.04
C GLY K 69 28.39 -2.46 -7.45
N GLY K 70 27.91 -2.69 -8.67
CA GLY K 70 26.80 -1.93 -9.18
C GLY K 70 26.76 -1.87 -10.70
N SER K 71 26.49 -0.66 -11.22
CA SER K 71 26.29 -0.49 -12.65
C SER K 71 27.59 -0.71 -13.40
N VAL K 72 27.54 -1.51 -14.46
CA VAL K 72 28.74 -1.74 -15.26
C VAL K 72 29.15 -0.45 -15.96
N THR K 73 28.20 0.21 -16.63
CA THR K 73 28.52 1.45 -17.33
C THR K 73 29.03 2.51 -16.36
N ALA K 74 28.36 2.65 -15.22
CA ALA K 74 28.79 3.64 -14.23
C ALA K 74 30.21 3.36 -13.76
N GLY K 75 30.52 2.09 -13.48
CA GLY K 75 31.87 1.74 -13.06
C GLY K 75 32.92 2.02 -14.13
N MET K 76 32.58 1.72 -15.39
CA MET K 76 33.52 1.92 -16.49
C MET K 76 33.95 3.37 -16.64
N SER K 77 33.06 4.33 -16.33
CA SER K 77 33.48 5.72 -16.34
C SER K 77 34.59 5.95 -15.33
N ILE K 78 34.54 5.26 -14.19
CA ILE K 78 35.62 5.37 -13.20
C ILE K 78 36.89 4.71 -13.72
N TYR K 79 36.78 3.46 -14.16
CA TYR K 79 37.95 2.74 -14.64
C TYR K 79 38.68 3.51 -15.75
N ASP K 80 37.93 3.93 -16.78
CA ASP K 80 38.56 4.61 -17.91
C ASP K 80 39.15 5.96 -17.51
N THR K 81 38.52 6.66 -16.56
CA THR K 81 39.09 7.92 -16.09
C THR K 81 40.38 7.68 -15.31
N MET K 82 40.42 6.59 -14.53
CA MET K 82 41.64 6.24 -13.80
C MET K 82 42.80 6.03 -14.76
N GLN K 83 42.57 5.30 -15.85
CA GLN K 83 43.63 5.06 -16.83
C GLN K 83 43.92 6.32 -17.63
N PHE K 84 42.88 7.09 -17.97
CA PHE K 84 43.05 8.22 -18.87
C PHE K 84 43.94 9.30 -18.29
N ILE K 85 43.80 9.58 -17.00
CA ILE K 85 44.48 10.74 -16.43
C ILE K 85 45.96 10.44 -16.23
N LYS K 86 46.74 11.53 -16.13
CA LYS K 86 48.18 11.39 -15.99
C LYS K 86 48.59 10.78 -14.65
N PRO K 87 48.08 11.25 -13.50
CA PRO K 87 48.56 10.69 -12.23
C PRO K 87 48.28 9.20 -12.12
N ASN K 88 49.15 8.50 -11.41
CA ASN K 88 48.84 7.12 -11.05
C ASN K 88 47.79 7.12 -9.95
N VAL K 89 46.79 6.27 -10.10
CA VAL K 89 45.69 6.14 -9.15
C VAL K 89 45.89 4.83 -8.40
N SER K 90 46.40 4.92 -7.18
CA SER K 90 46.46 3.77 -6.31
C SER K 90 45.05 3.42 -5.84
N THR K 91 44.85 2.13 -5.57
CA THR K 91 43.58 1.64 -5.03
C THR K 91 43.85 0.81 -3.79
N THR K 92 43.05 1.04 -2.75
CA THR K 92 43.10 0.30 -1.50
C THR K 92 41.71 -0.19 -1.18
N CYS K 93 41.55 -1.50 -0.98
CA CYS K 93 40.25 -2.04 -0.61
C CYS K 93 40.15 -2.09 0.91
N ILE K 94 39.16 -1.42 1.47
CA ILE K 94 38.82 -1.52 2.88
C ILE K 94 37.40 -2.05 2.97
N GLY K 95 37.20 -3.01 3.87
CA GLY K 95 35.91 -3.65 3.97
C GLY K 95 35.71 -4.66 2.87
N GLN K 96 35.14 -4.23 1.75
CA GLN K 96 34.92 -5.15 0.65
C GLN K 96 35.08 -4.42 -0.68
N ALA K 97 35.38 -5.20 -1.71
CA ALA K 97 35.41 -4.74 -3.10
C ALA K 97 34.92 -5.93 -3.92
N CYS K 98 33.64 -5.92 -4.28
CA CYS K 98 33.03 -7.02 -5.01
C CYS K 98 32.50 -6.54 -6.35
N SER K 99 32.51 -7.45 -7.32
CA SER K 99 32.00 -7.19 -8.68
C SER K 99 32.71 -5.93 -9.17
N MET K 100 31.99 -4.94 -9.71
CA MET K 100 32.64 -3.74 -10.23
C MET K 100 33.62 -3.14 -9.23
N GLY K 101 33.33 -3.25 -7.93
CA GLY K 101 34.28 -2.76 -6.95
C GLY K 101 35.62 -3.45 -7.08
N ALA K 102 35.60 -4.76 -7.34
CA ALA K 102 36.85 -5.51 -7.46
C ALA K 102 37.60 -5.13 -8.73
N LEU K 103 36.87 -4.84 -9.82
CA LEU K 103 37.52 -4.43 -11.05
C LEU K 103 38.20 -3.08 -10.90
N LEU K 104 37.54 -2.13 -10.25
CA LEU K 104 38.16 -0.83 -10.02
C LEU K 104 39.40 -0.98 -9.16
N LEU K 105 39.36 -1.89 -8.18
CA LEU K 105 40.55 -2.15 -7.36
C LEU K 105 41.66 -2.71 -8.21
N ALA K 106 41.33 -3.73 -9.01
CA ALA K 106 42.32 -4.31 -9.92
C ALA K 106 42.84 -3.28 -10.90
N GLY K 107 42.02 -2.29 -11.26
CA GLY K 107 42.41 -1.27 -12.23
C GLY K 107 43.36 -0.21 -11.71
N GLY K 108 43.82 -0.32 -10.48
CA GLY K 108 44.73 0.66 -9.96
C GLY K 108 46.12 0.54 -10.57
N ALA K 109 46.92 1.57 -10.35
CA ALA K 109 48.28 1.60 -10.89
C ALA K 109 49.07 0.38 -10.46
N ALA K 110 49.85 -0.16 -11.39
CA ALA K 110 50.62 -1.38 -11.14
C ALA K 110 51.55 -1.21 -9.94
N GLY K 111 51.56 -2.21 -9.06
CA GLY K 111 52.35 -2.17 -7.86
C GLY K 111 51.78 -1.34 -6.73
N LYS K 112 50.69 -0.62 -6.98
CA LYS K 112 50.10 0.29 -6.00
C LYS K 112 48.63 -0.05 -5.73
N ARG K 113 48.30 -1.32 -5.78
CA ARG K 113 46.95 -1.82 -5.51
C ARG K 113 47.00 -2.63 -4.23
N TYR K 114 46.33 -2.17 -3.20
CA TYR K 114 46.45 -2.73 -1.87
C TYR K 114 45.09 -3.15 -1.32
N CYS K 115 45.14 -3.85 -0.19
CA CYS K 115 43.97 -4.06 0.65
C CYS K 115 44.45 -4.18 2.09
N LEU K 116 43.50 -4.25 3.01
CA LEU K 116 43.78 -4.47 4.41
C LEU K 116 43.41 -5.89 4.81
N PRO K 117 43.97 -6.38 5.92
CA PRO K 117 43.98 -7.84 6.15
C PRO K 117 42.63 -8.52 6.06
N HIS K 118 41.54 -7.87 6.46
CA HIS K 118 40.24 -8.51 6.52
C HIS K 118 39.31 -8.03 5.43
N SER K 119 39.84 -7.31 4.44
CA SER K 119 39.04 -6.97 3.27
C SER K 119 38.59 -8.25 2.57
N ARG K 120 37.37 -8.22 2.04
CA ARG K 120 36.86 -9.31 1.23
C ARG K 120 36.66 -8.80 -0.20
N MET K 121 37.11 -9.60 -1.15
CA MET K 121 37.01 -9.30 -2.58
C MET K 121 36.27 -10.45 -3.25
N MET K 122 35.40 -10.09 -4.19
CA MET K 122 34.62 -11.08 -4.91
C MET K 122 34.57 -10.69 -6.37
N ILE K 123 34.79 -11.65 -7.25
CA ILE K 123 34.70 -11.46 -8.69
C ILE K 123 33.64 -12.43 -9.21
N HIS K 124 32.87 -11.99 -10.18
CA HIS K 124 31.91 -12.87 -10.84
C HIS K 124 31.64 -12.31 -12.23
N GLN K 125 30.73 -12.93 -12.92
CA GLN K 125 30.40 -12.48 -14.26
C GLN K 125 29.27 -11.46 -14.22
N PRO K 126 29.13 -10.66 -15.27
CA PRO K 126 28.14 -9.58 -15.23
C PRO K 126 26.72 -10.12 -15.10
N LEU K 127 25.86 -9.31 -14.49
CA LEU K 127 24.46 -9.63 -14.33
C LEU K 127 23.63 -8.68 -15.17
N GLY K 128 22.54 -9.20 -15.73
CA GLY K 128 21.67 -8.34 -16.51
C GLY K 128 20.29 -8.96 -16.65
N GLY K 129 19.44 -8.25 -17.36
CA GLY K 129 18.09 -8.72 -17.59
C GLY K 129 17.37 -7.86 -18.59
N PHE K 130 16.40 -8.43 -19.29
CA PHE K 130 15.66 -7.69 -20.30
C PHE K 130 14.37 -8.45 -20.58
N GLN K 131 13.39 -7.71 -21.10
CA GLN K 131 12.14 -8.30 -21.54
C GLN K 131 11.66 -7.57 -22.79
N GLY K 132 11.01 -8.31 -23.66
CA GLY K 132 10.49 -7.77 -24.89
C GLY K 132 10.50 -8.83 -25.99
N GLN K 133 10.66 -8.34 -27.21
CA GLN K 133 10.63 -9.20 -28.39
C GLN K 133 11.88 -10.07 -28.49
N ALA K 134 11.69 -11.27 -29.05
CA ALA K 134 12.84 -12.16 -29.29
C ALA K 134 13.95 -11.45 -30.05
N SER K 135 13.60 -10.68 -31.08
CA SER K 135 14.62 -9.95 -31.82
C SER K 135 15.40 -9.01 -30.90
N ASP K 136 14.71 -8.37 -29.96
CA ASP K 136 15.37 -7.45 -29.03
C ASP K 136 16.16 -8.20 -27.98
N ILE K 137 15.63 -9.33 -27.53
CA ILE K 137 16.35 -10.19 -26.60
C ILE K 137 17.69 -10.60 -27.20
N GLU K 138 17.68 -10.98 -28.48
CA GLU K 138 18.92 -11.37 -29.14
C GLU K 138 19.94 -10.23 -29.09
N ILE K 139 19.50 -9.02 -29.41
CA ILE K 139 20.42 -7.88 -29.41
C ILE K 139 21.07 -7.71 -28.06
N HIS K 140 20.27 -7.76 -26.98
CA HIS K 140 20.78 -7.48 -25.65
C HIS K 140 21.57 -8.64 -25.08
N ALA K 141 21.17 -9.88 -25.38
CA ALA K 141 21.98 -11.03 -25.02
C ALA K 141 23.38 -10.93 -25.61
N LYS K 142 23.48 -10.54 -26.88
CA LYS K 142 24.81 -10.38 -27.47
C LYS K 142 25.58 -9.26 -26.78
N GLU K 143 24.89 -8.22 -26.36
CA GLU K 143 25.58 -7.09 -25.75
C GLU K 143 26.17 -7.46 -24.39
N ILE K 144 25.46 -8.25 -23.59
CA ILE K 144 25.99 -8.57 -22.27
C ILE K 144 27.10 -9.62 -22.40
N LEU K 145 27.02 -10.53 -23.38
CA LEU K 145 28.14 -11.41 -23.64
C LEU K 145 29.34 -10.63 -24.15
N PHE K 146 29.11 -9.55 -24.88
CA PHE K 146 30.21 -8.68 -25.28
C PHE K 146 30.79 -7.96 -24.07
N ILE K 147 29.92 -7.47 -23.18
CA ILE K 147 30.35 -6.79 -21.95
C ILE K 147 31.12 -7.76 -21.07
N LYS K 148 30.65 -9.00 -20.96
CA LYS K 148 31.35 -10.01 -20.17
C LYS K 148 32.76 -10.23 -20.68
N GLU K 149 32.91 -10.36 -22.00
CA GLU K 149 34.24 -10.50 -22.61
C GLU K 149 35.10 -9.28 -22.33
N ARG K 150 34.55 -8.09 -22.56
CA ARG K 150 35.35 -6.88 -22.39
C ARG K 150 35.81 -6.73 -20.94
N LEU K 151 34.94 -7.07 -19.99
CA LEU K 151 35.29 -6.93 -18.57
C LEU K 151 36.36 -7.95 -18.18
N ASN K 152 36.25 -9.19 -18.67
CA ASN K 152 37.29 -10.18 -18.43
C ASN K 152 38.64 -9.75 -19.00
N GLN K 153 38.64 -9.11 -20.17
CA GLN K 153 39.91 -8.64 -20.74
C GLN K 153 40.57 -7.63 -19.81
N ILE K 154 39.78 -6.79 -19.14
CA ILE K 154 40.35 -5.82 -18.22
C ILE K 154 41.03 -6.54 -17.05
N LEU K 155 40.37 -7.55 -16.49
CA LEU K 155 40.96 -8.27 -15.38
C LEU K 155 42.25 -8.97 -15.81
N ALA K 156 42.21 -9.71 -16.93
CA ALA K 156 43.39 -10.40 -17.42
C ALA K 156 44.57 -9.45 -17.55
N HIS K 157 44.31 -8.27 -18.09
CA HIS K 157 45.39 -7.29 -18.26
C HIS K 157 46.03 -6.97 -16.92
N HIS K 158 45.22 -6.66 -15.90
CA HIS K 158 45.75 -6.14 -14.65
C HIS K 158 46.27 -7.24 -13.73
N THR K 159 45.69 -8.45 -13.82
CA THR K 159 46.11 -9.58 -12.99
C THR K 159 47.19 -10.41 -13.62
N GLY K 160 47.33 -10.38 -14.95
CA GLY K 160 48.25 -11.21 -15.68
C GLY K 160 47.75 -12.59 -16.04
N GLN K 161 46.53 -12.94 -15.65
CA GLN K 161 45.99 -14.26 -15.95
C GLN K 161 45.53 -14.33 -17.40
N PRO K 162 45.50 -15.52 -18.00
CA PRO K 162 44.89 -15.66 -19.32
C PRO K 162 43.40 -15.44 -19.23
N LEU K 163 42.83 -14.91 -20.31
CA LEU K 163 41.42 -14.58 -20.30
C LEU K 163 40.57 -15.80 -19.98
N ASP K 164 40.93 -16.96 -20.51
CA ASP K 164 40.10 -18.14 -20.30
C ASP K 164 40.07 -18.53 -18.82
N VAL K 165 41.13 -18.24 -18.08
CA VAL K 165 41.11 -18.50 -16.65
C VAL K 165 40.15 -17.54 -15.96
N ILE K 166 40.23 -16.25 -16.31
CA ILE K 166 39.34 -15.26 -15.72
C ILE K 166 37.88 -15.64 -15.98
N ALA K 167 37.54 -15.94 -17.23
CA ALA K 167 36.17 -16.33 -17.53
C ALA K 167 35.73 -17.52 -16.68
N ARG K 168 36.62 -18.50 -16.49
CA ARG K 168 36.26 -19.70 -15.74
C ARG K 168 36.09 -19.40 -14.25
N ASP K 169 37.00 -18.59 -13.68
CA ASP K 169 36.95 -18.30 -12.26
C ASP K 169 35.81 -17.36 -11.88
N THR K 170 35.26 -16.63 -12.85
CA THR K 170 34.15 -15.71 -12.63
C THR K 170 32.79 -16.30 -12.95
N ASP K 171 32.73 -17.57 -13.36
CA ASP K 171 31.45 -18.18 -13.72
C ASP K 171 30.45 -18.07 -12.58
N ARG K 172 30.88 -18.35 -11.36
CA ARG K 172 30.09 -18.17 -10.14
C ARG K 172 30.80 -17.17 -9.25
N ASP K 173 30.13 -16.75 -8.18
CA ASP K 173 30.77 -15.87 -7.22
C ASP K 173 32.05 -16.51 -6.71
N ARG K 174 33.15 -15.75 -6.72
CA ARG K 174 34.43 -16.23 -6.18
C ARG K 174 34.97 -15.20 -5.21
N PHE K 175 34.93 -15.53 -3.92
CA PHE K 175 35.46 -14.68 -2.88
C PHE K 175 36.95 -14.94 -2.69
N MET K 176 37.67 -13.91 -2.27
CA MET K 176 39.11 -14.01 -2.13
C MET K 176 39.58 -13.28 -0.89
N SER K 177 40.55 -13.86 -0.21
CA SER K 177 41.23 -13.16 0.85
C SER K 177 42.28 -12.23 0.26
N GLY K 178 42.86 -11.39 1.11
CA GLY K 178 43.95 -10.54 0.66
C GLY K 178 45.11 -11.33 0.06
N ASP K 179 45.60 -12.34 0.80
CA ASP K 179 46.70 -13.17 0.27
C ASP K 179 46.32 -13.82 -1.04
N GLU K 180 45.11 -14.40 -1.10
CA GLU K 180 44.66 -15.00 -2.36
C GLU K 180 44.62 -13.97 -3.48
N ALA K 181 44.11 -12.76 -3.19
CA ALA K 181 44.05 -11.73 -4.22
C ALA K 181 45.44 -11.33 -4.67
N VAL K 182 46.42 -11.38 -3.77
CA VAL K 182 47.80 -11.14 -4.18
C VAL K 182 48.32 -12.23 -5.09
N LYS K 183 48.07 -13.48 -4.72
CA LYS K 183 48.47 -14.57 -5.61
C LYS K 183 47.74 -14.48 -6.95
N TYR K 184 46.52 -13.96 -6.97
CA TYR K 184 45.74 -13.92 -8.20
C TYR K 184 46.21 -12.80 -9.13
N GLY K 185 46.78 -11.73 -8.57
CA GLY K 185 47.07 -10.54 -9.34
C GLY K 185 46.02 -9.46 -9.23
N LEU K 186 44.94 -9.71 -8.48
CA LEU K 186 43.90 -8.70 -8.32
C LEU K 186 44.46 -7.48 -7.59
N ILE K 187 45.33 -7.70 -6.60
CA ILE K 187 46.03 -6.64 -5.89
C ILE K 187 47.50 -7.01 -5.80
N ASP K 188 48.31 -6.04 -5.37
CA ASP K 188 49.74 -6.23 -5.24
C ASP K 188 50.19 -6.59 -3.82
N LYS K 189 49.60 -5.97 -2.79
CA LYS K 189 50.10 -6.16 -1.44
C LYS K 189 49.00 -5.98 -0.41
N VAL K 190 49.03 -6.81 0.62
CA VAL K 190 48.15 -6.67 1.78
C VAL K 190 48.87 -5.77 2.78
N MET K 191 48.37 -4.56 2.97
CA MET K 191 48.91 -3.67 3.97
C MET K 191 48.31 -4.03 5.33
N THR K 192 49.14 -3.98 6.36
CA THR K 192 48.71 -4.31 7.72
C THR K 192 48.89 -3.17 8.70
N GLN K 193 50.10 -2.63 8.80
CA GLN K 193 50.37 -1.49 9.66
C GLN K 193 51.14 -0.46 8.85
N ARG K 194 50.89 0.82 9.13
CA ARG K 194 51.56 1.85 8.37
C ARG K 194 53.06 1.79 8.71
N ASP K 195 53.88 2.28 7.78
CA ASP K 195 55.32 2.33 8.04
C ASP K 195 55.93 3.57 7.40
N LEU L 4 19.22 18.60 13.54
CA LEU L 4 19.60 19.75 14.35
C LEU L 4 20.73 19.39 15.30
N VAL L 5 21.90 19.93 14.97
CA VAL L 5 23.14 19.71 15.69
C VAL L 5 23.56 21.06 16.26
N PRO L 6 23.73 21.20 17.58
CA PRO L 6 24.07 22.51 18.14
C PRO L 6 25.48 22.95 17.74
N MET L 7 25.70 24.25 17.89
CA MET L 7 26.88 24.94 17.37
C MET L 7 27.74 25.45 18.51
N VAL L 8 29.05 25.51 18.26
CA VAL L 8 30.00 25.97 19.25
C VAL L 8 30.93 27.03 18.64
N ALA L 18 33.53 28.55 14.78
CA ALA L 18 32.18 27.99 14.70
C ALA L 18 32.21 26.52 14.28
N TYR L 19 32.13 25.62 15.26
CA TYR L 19 32.09 24.19 15.04
C TYR L 19 30.73 23.65 15.49
N ASP L 20 30.26 22.60 14.83
CA ASP L 20 29.21 21.80 15.46
C ASP L 20 29.84 20.94 16.55
N ILE L 21 28.98 20.42 17.43
CA ILE L 21 29.46 19.78 18.66
C ILE L 21 30.40 18.61 18.35
N TYR L 22 30.11 17.82 17.31
CA TYR L 22 30.97 16.67 17.04
C TYR L 22 32.29 17.10 16.41
N SER L 23 32.26 18.10 15.54
CA SER L 23 33.51 18.66 15.02
C SER L 23 34.35 19.26 16.13
N ARG L 24 33.72 19.85 17.14
CA ARG L 24 34.46 20.41 18.26
C ARG L 24 35.16 19.32 19.06
N LEU L 25 34.49 18.19 19.28
CA LEU L 25 35.11 17.08 19.98
C LEU L 25 36.06 16.31 19.07
N LEU L 26 35.91 16.46 17.76
CA LEU L 26 36.87 15.87 16.82
C LEU L 26 38.24 16.51 16.97
N LYS L 27 38.28 17.81 17.26
CA LYS L 27 39.56 18.47 17.52
C LYS L 27 40.24 17.84 18.74
N GLU L 28 39.46 17.47 19.76
CA GLU L 28 39.98 16.75 20.91
C GLU L 28 40.28 15.28 20.60
N ARG L 29 40.19 14.86 19.34
CA ARG L 29 40.53 13.50 18.91
C ARG L 29 39.53 12.47 19.45
N ILE L 30 38.27 12.86 19.56
CA ILE L 30 37.21 11.96 19.97
C ILE L 30 36.34 11.69 18.75
N ILE L 31 36.03 10.42 18.52
CA ILE L 31 35.15 9.98 17.45
C ILE L 31 34.04 9.15 18.05
N PHE L 32 32.83 9.33 17.55
CA PHE L 32 31.66 8.60 18.01
C PHE L 32 31.19 7.63 16.93
N LEU L 33 30.91 6.39 17.34
CA LEU L 33 30.31 5.38 16.48
C LEU L 33 28.97 5.00 17.10
N VAL L 34 27.88 5.47 16.52
CA VAL L 34 26.54 5.35 17.09
C VAL L 34 25.65 4.57 16.13
N GLY L 35 24.92 3.60 16.66
CA GLY L 35 23.89 2.98 15.88
C GLY L 35 24.41 1.87 15.00
N GLN L 36 23.52 1.42 14.12
CA GLN L 36 23.82 0.29 13.26
C GLN L 36 25.02 0.57 12.35
N VAL L 37 25.88 -0.43 12.22
CA VAL L 37 27.07 -0.31 11.38
C VAL L 37 26.67 -0.51 9.92
N GLU L 38 27.02 0.46 9.08
CA GLU L 38 26.70 0.40 7.66
C GLU L 38 27.74 1.23 6.92
N ASP L 39 27.79 1.02 5.59
CA ASP L 39 28.94 1.49 4.82
C ASP L 39 29.25 2.96 5.06
N TYR L 40 28.22 3.81 5.06
CA TYR L 40 28.45 5.25 5.03
C TYR L 40 28.89 5.79 6.39
N MET L 41 28.23 5.37 7.47
CA MET L 41 28.68 5.76 8.79
C MET L 41 30.01 5.13 9.14
N ALA L 42 30.27 3.90 8.66
CA ALA L 42 31.55 3.26 8.90
C ALA L 42 32.68 4.04 8.23
N ASN L 43 32.44 4.52 7.00
CA ASN L 43 33.49 5.23 6.29
C ASN L 43 33.78 6.59 6.91
N LEU L 44 32.76 7.23 7.50
CA LEU L 44 32.99 8.45 8.26
C LEU L 44 33.99 8.23 9.37
N VAL L 45 33.84 7.13 10.13
CA VAL L 45 34.81 6.82 11.18
C VAL L 45 36.18 6.62 10.59
N VAL L 46 36.26 5.83 9.51
CA VAL L 46 37.53 5.63 8.82
C VAL L 46 38.15 6.97 8.45
N ALA L 47 37.37 7.84 7.82
CA ALA L 47 37.90 9.14 7.42
C ALA L 47 38.38 9.93 8.62
N GLN L 48 37.63 9.89 9.73
CA GLN L 48 38.06 10.62 10.92
C GLN L 48 39.36 10.06 11.48
N LEU L 49 39.49 8.74 11.51
CA LEU L 49 40.73 8.11 11.98
C LEU L 49 41.92 8.55 11.12
N LEU L 50 41.75 8.53 9.79
CA LEU L 50 42.83 8.93 8.90
C LEU L 50 43.15 10.41 9.07
N PHE L 51 42.11 11.24 9.22
CA PHE L 51 42.33 12.66 9.44
C PHE L 51 43.14 12.90 10.71
N LEU L 52 42.74 12.26 11.81
CA LEU L 52 43.42 12.47 13.09
C LEU L 52 44.86 11.97 13.04
N GLU L 53 45.11 10.85 12.34
CA GLU L 53 46.48 10.39 12.15
C GLU L 53 47.35 11.45 11.49
N ALA L 54 46.85 12.06 10.42
CA ALA L 54 47.64 13.05 9.70
C ALA L 54 47.87 14.29 10.55
N GLU L 55 46.86 14.71 11.32
CA GLU L 55 47.03 15.84 12.22
C GLU L 55 48.10 15.55 13.28
N ASN L 56 48.13 14.33 13.79
CA ASN L 56 49.12 13.94 14.79
C ASN L 56 49.20 12.42 14.87
N PRO L 57 50.23 11.80 14.29
CA PRO L 57 50.29 10.33 14.27
C PRO L 57 50.65 9.69 15.61
N GLU L 58 50.98 10.45 16.65
CA GLU L 58 51.37 9.90 17.94
C GLU L 58 50.30 9.99 19.01
N LYS L 59 49.50 11.05 19.02
CA LYS L 59 48.50 11.22 20.06
C LYS L 59 47.41 10.17 19.92
N ASP L 60 46.95 9.65 21.06
CA ASP L 60 45.90 8.64 21.06
C ASP L 60 44.62 9.19 20.45
N ILE L 61 43.76 8.28 20.02
CA ILE L 61 42.43 8.61 19.53
C ILE L 61 41.41 7.84 20.36
N HIS L 62 40.31 8.49 20.71
CA HIS L 62 39.29 7.89 21.55
C HIS L 62 38.02 7.71 20.75
N LEU L 63 37.60 6.46 20.62
CA LEU L 63 36.43 6.06 19.84
C LEU L 63 35.35 5.61 20.82
N TYR L 64 34.32 6.43 20.97
CA TYR L 64 33.16 6.06 21.77
C TYR L 64 32.21 5.22 20.92
N ILE L 65 31.69 4.14 21.51
CA ILE L 65 30.88 3.17 20.78
C ILE L 65 29.55 2.98 21.51
N ASN L 66 28.46 3.25 20.80
CA ASN L 66 27.11 2.87 21.24
C ASN L 66 26.43 2.30 20.00
N SER L 67 26.57 0.99 19.80
CA SER L 67 26.14 0.33 18.58
C SER L 67 25.62 -1.08 18.84
N PRO L 68 24.57 -1.50 18.13
CA PRO L 68 24.12 -2.89 18.20
C PRO L 68 24.79 -3.84 17.23
N GLY L 69 25.70 -3.35 16.41
CA GLY L 69 26.32 -4.16 15.39
C GLY L 69 25.90 -3.73 14.01
N GLY L 70 26.09 -4.63 13.06
CA GLY L 70 25.66 -4.36 11.70
C GLY L 70 26.51 -5.15 10.70
N SER L 71 26.85 -4.47 9.61
CA SER L 71 27.53 -5.13 8.50
C SER L 71 28.95 -5.52 8.88
N VAL L 72 29.31 -6.76 8.59
CA VAL L 72 30.65 -7.23 8.90
C VAL L 72 31.69 -6.51 8.05
N THR L 73 31.44 -6.41 6.73
CA THR L 73 32.43 -5.75 5.87
C THR L 73 32.64 -4.31 6.27
N ALA L 74 31.55 -3.59 6.57
CA ALA L 74 31.67 -2.21 7.01
C ALA L 74 32.44 -2.12 8.32
N GLY L 75 32.14 -3.02 9.27
CA GLY L 75 32.86 -3.01 10.53
C GLY L 75 34.34 -3.29 10.33
N MET L 76 34.67 -4.23 9.42
CA MET L 76 36.06 -4.56 9.18
C MET L 76 36.85 -3.38 8.60
N SER L 77 36.20 -2.53 7.82
CA SER L 77 36.90 -1.33 7.34
C SER L 77 37.34 -0.47 8.52
N ILE L 78 36.52 -0.40 9.57
CA ILE L 78 36.90 0.34 10.78
C ILE L 78 38.01 -0.41 11.52
N TYR L 79 37.77 -1.71 11.77
CA TYR L 79 38.75 -2.50 12.50
C TYR L 79 40.14 -2.43 11.88
N ASP L 80 40.25 -2.70 10.57
CA ASP L 80 41.57 -2.73 9.97
C ASP L 80 42.20 -1.34 9.92
N THR L 81 41.38 -0.29 9.80
CA THR L 81 41.92 1.07 9.83
C THR L 81 42.44 1.42 11.21
N MET L 82 41.76 0.95 12.27
CA MET L 82 42.25 1.20 13.63
C MET L 82 43.65 0.64 13.83
N GLN L 83 43.86 -0.61 13.38
CA GLN L 83 45.17 -1.24 13.53
C GLN L 83 46.19 -0.62 12.60
N PHE L 84 45.77 -0.25 11.39
CA PHE L 84 46.72 0.19 10.38
C PHE L 84 47.39 1.50 10.79
N ILE L 85 46.63 2.41 11.36
CA ILE L 85 47.19 3.73 11.64
C ILE L 85 48.14 3.64 12.82
N LYS L 86 49.07 4.60 12.87
CA LYS L 86 50.11 4.56 13.89
C LYS L 86 49.54 4.82 15.28
N PRO L 87 48.71 5.82 15.49
CA PRO L 87 48.24 6.10 16.85
C PRO L 87 47.52 4.92 17.47
N ASN L 88 47.59 4.85 18.79
CA ASN L 88 46.77 3.90 19.51
C ASN L 88 45.32 4.39 19.52
N VAL L 89 44.39 3.48 19.25
CA VAL L 89 42.97 3.82 19.22
C VAL L 89 42.33 3.25 20.48
N SER L 90 42.08 4.13 21.45
CA SER L 90 41.27 3.75 22.59
C SER L 90 39.81 3.57 22.19
N THR L 91 39.12 2.67 22.88
CA THR L 91 37.69 2.45 22.69
C THR L 91 37.00 2.44 24.04
N THR L 92 35.87 3.14 24.12
CA THR L 92 35.05 3.19 25.33
C THR L 92 33.63 2.87 24.91
N CYS L 93 33.03 1.85 25.52
CA CYS L 93 31.65 1.49 25.22
C CYS L 93 30.74 2.24 26.19
N ILE L 94 29.82 3.03 25.63
CA ILE L 94 28.77 3.70 26.39
C ILE L 94 27.45 3.15 25.86
N GLY L 95 26.53 2.87 26.75
CA GLY L 95 25.28 2.27 26.34
C GLY L 95 25.43 0.79 26.03
N GLN L 96 25.71 0.48 24.77
CA GLN L 96 25.85 -0.92 24.39
C GLN L 96 26.91 -1.06 23.31
N ALA L 97 27.45 -2.27 23.20
CA ALA L 97 28.34 -2.64 22.10
C ALA L 97 28.06 -4.10 21.81
N CYS L 98 27.26 -4.37 20.79
CA CYS L 98 26.82 -5.72 20.46
C CYS L 98 27.24 -6.09 19.06
N SER L 99 27.54 -7.39 18.88
CA SER L 99 27.93 -7.93 17.59
C SER L 99 29.12 -7.12 17.08
N MET L 100 29.11 -6.67 15.82
CA MET L 100 30.26 -5.95 15.28
C MET L 100 30.71 -4.83 16.21
N GLY L 101 29.77 -4.25 16.98
CA GLY L 101 30.14 -3.23 17.94
C GLY L 101 31.08 -3.74 19.00
N ALA L 102 30.87 -4.96 19.49
CA ALA L 102 31.75 -5.50 20.52
C ALA L 102 33.12 -5.84 19.96
N LEU L 103 33.18 -6.30 18.70
CA LEU L 103 34.46 -6.61 18.10
C LEU L 103 35.30 -5.35 17.94
N LEU L 104 34.68 -4.28 17.46
CA LEU L 104 35.41 -3.02 17.34
C LEU L 104 35.89 -2.57 18.72
N LEU L 105 35.08 -2.81 19.75
CA LEU L 105 35.47 -2.49 21.13
C LEU L 105 36.66 -3.33 21.57
N ALA L 106 36.55 -4.65 21.37
CA ALA L 106 37.66 -5.55 21.69
C ALA L 106 38.91 -5.22 20.89
N GLY L 107 38.77 -4.66 19.70
CA GLY L 107 39.89 -4.32 18.85
C GLY L 107 40.65 -3.06 19.22
N GLY L 108 40.30 -2.41 20.32
CA GLY L 108 40.98 -1.20 20.71
C GLY L 108 42.38 -1.47 21.23
N ALA L 109 43.16 -0.39 21.34
CA ALA L 109 44.53 -0.52 21.81
C ALA L 109 44.59 -1.23 23.16
N ALA L 110 45.57 -2.13 23.30
CA ALA L 110 45.69 -2.93 24.51
C ALA L 110 45.79 -2.06 25.75
N GLY L 111 45.04 -2.44 26.78
CA GLY L 111 44.99 -1.69 28.02
C GLY L 111 44.18 -0.42 27.97
N LYS L 112 43.68 -0.04 26.79
CA LYS L 112 42.94 1.20 26.60
C LYS L 112 41.54 0.94 26.06
N ARG L 113 40.94 -0.18 26.45
CA ARG L 113 39.58 -0.55 26.05
C ARG L 113 38.71 -0.51 27.29
N TYR L 114 37.72 0.38 27.29
CA TYR L 114 36.95 0.67 28.48
C TYR L 114 35.46 0.47 28.24
N CYS L 115 34.71 0.56 29.34
CA CYS L 115 33.28 0.78 29.29
C CYS L 115 32.89 1.51 30.57
N LEU L 116 31.63 1.90 30.65
CA LEU L 116 31.06 2.57 31.80
C LEU L 116 30.15 1.60 32.56
N PRO L 117 29.80 1.92 33.81
CA PRO L 117 29.24 0.88 34.71
C PRO L 117 28.05 0.14 34.16
N HIS L 118 27.16 0.78 33.38
CA HIS L 118 25.93 0.12 32.94
C HIS L 118 25.96 -0.24 31.46
N SER L 119 27.10 -0.13 30.80
CA SER L 119 27.23 -0.58 29.43
C SER L 119 26.93 -2.07 29.35
N ARG L 120 26.31 -2.48 28.25
CA ARG L 120 26.07 -3.89 27.96
C ARG L 120 26.82 -4.29 26.68
N MET L 121 27.48 -5.43 26.73
CA MET L 121 28.20 -5.97 25.58
C MET L 121 27.65 -7.36 25.29
N MET L 122 27.51 -7.65 24.00
CA MET L 122 26.97 -8.94 23.58
C MET L 122 27.75 -9.42 22.38
N ILE L 123 28.11 -10.70 22.41
CA ILE L 123 28.83 -11.35 21.32
C ILE L 123 28.01 -12.53 20.83
N HIS L 124 28.09 -12.78 19.53
CA HIS L 124 27.45 -13.95 18.94
C HIS L 124 28.17 -14.26 17.62
N GLN L 125 27.66 -15.23 16.90
CA GLN L 125 28.24 -15.61 15.63
C GLN L 125 27.60 -14.85 14.47
N PRO L 126 28.26 -14.82 13.32
CA PRO L 126 27.76 -14.00 12.21
C PRO L 126 26.39 -14.46 11.72
N LEU L 127 25.65 -13.52 11.18
CA LEU L 127 24.36 -13.76 10.57
C LEU L 127 24.44 -13.47 9.08
N GLY L 128 23.69 -14.24 8.30
CA GLY L 128 23.65 -13.98 6.88
C GLY L 128 22.45 -14.66 6.24
N GLY L 129 22.36 -14.50 4.93
CA GLY L 129 21.29 -15.15 4.21
C GLY L 129 21.53 -15.10 2.72
N PHE L 130 20.99 -16.08 2.02
CA PHE L 130 21.14 -16.13 0.57
C PHE L 130 20.05 -17.03 0.02
N GLN L 131 19.75 -16.81 -1.26
CA GLN L 131 18.83 -17.67 -2.00
C GLN L 131 19.34 -17.77 -3.42
N GLY L 132 19.06 -18.91 -4.04
CA GLY L 132 19.44 -19.15 -5.41
C GLY L 132 19.76 -20.63 -5.61
N GLN L 133 20.68 -20.86 -6.54
CA GLN L 133 21.06 -22.21 -6.91
C GLN L 133 21.85 -22.89 -5.79
N ALA L 134 21.66 -24.21 -5.67
CA ALA L 134 22.42 -24.99 -4.71
C ALA L 134 23.92 -24.75 -4.82
N SER L 135 24.45 -24.71 -6.04
CA SER L 135 25.87 -24.44 -6.22
C SER L 135 26.24 -23.09 -5.61
N ASP L 136 25.37 -22.09 -5.76
CA ASP L 136 25.66 -20.76 -5.24
C ASP L 136 25.53 -20.72 -3.72
N ILE L 137 24.55 -21.45 -3.17
CA ILE L 137 24.42 -21.52 -1.72
C ILE L 137 25.70 -22.05 -1.11
N GLU L 138 26.26 -23.11 -1.70
CA GLU L 138 27.51 -23.67 -1.20
C GLU L 138 28.60 -22.62 -1.16
N ILE L 139 28.71 -21.82 -2.22
CA ILE L 139 29.75 -20.79 -2.25
C ILE L 139 29.57 -19.83 -1.08
N HIS L 140 28.34 -19.39 -0.84
CA HIS L 140 28.13 -18.36 0.17
C HIS L 140 28.16 -18.95 1.57
N ALA L 141 27.67 -20.16 1.75
CA ALA L 141 27.81 -20.85 3.03
C ALA L 141 29.27 -20.99 3.42
N LYS L 142 30.13 -21.40 2.48
CA LYS L 142 31.55 -21.50 2.84
C LYS L 142 32.13 -20.13 3.18
N GLU L 143 31.67 -19.08 2.53
CA GLU L 143 32.19 -17.76 2.82
C GLU L 143 31.79 -17.28 4.21
N ILE L 144 30.56 -17.58 4.65
CA ILE L 144 30.16 -17.10 5.96
C ILE L 144 30.82 -17.95 7.05
N LEU L 145 31.05 -19.24 6.79
CA LEU L 145 31.83 -20.05 7.74
C LEU L 145 33.26 -19.53 7.83
N PHE L 146 33.80 -19.04 6.71
CA PHE L 146 35.13 -18.44 6.76
C PHE L 146 35.12 -17.12 7.54
N ILE L 147 34.09 -16.30 7.34
CA ILE L 147 33.99 -15.05 8.08
C ILE L 147 33.89 -15.33 9.57
N LYS L 148 33.10 -16.35 9.93
CA LYS L 148 32.97 -16.74 11.33
C LYS L 148 34.34 -17.08 11.93
N GLU L 149 35.12 -17.89 11.21
CA GLU L 149 36.45 -18.25 11.68
C GLU L 149 37.34 -17.02 11.87
N ARG L 150 37.37 -16.13 10.87
CA ARG L 150 38.24 -14.96 10.97
C ARG L 150 37.85 -14.08 12.14
N LEU L 151 36.55 -13.88 12.37
CA LEU L 151 36.13 -13.00 13.45
C LEU L 151 36.44 -13.63 14.81
N ASN L 152 36.20 -14.92 14.96
CA ASN L 152 36.57 -15.60 16.19
C ASN L 152 38.07 -15.46 16.43
N GLN L 153 38.88 -15.53 15.36
CA GLN L 153 40.32 -15.35 15.50
C GLN L 153 40.66 -13.95 15.97
N ILE L 154 39.91 -12.95 15.53
CA ILE L 154 40.18 -11.59 15.98
C ILE L 154 39.90 -11.47 17.48
N LEU L 155 38.80 -12.07 17.94
CA LEU L 155 38.46 -12.00 19.36
C LEU L 155 39.51 -12.72 20.20
N ALA L 156 39.85 -13.96 19.81
CA ALA L 156 40.86 -14.71 20.52
C ALA L 156 42.12 -13.87 20.70
N HIS L 157 42.53 -13.21 19.62
CA HIS L 157 43.74 -12.38 19.67
C HIS L 157 43.62 -11.26 20.69
N HIS L 158 42.51 -10.50 20.66
CA HIS L 158 42.43 -9.29 21.48
C HIS L 158 42.04 -9.57 22.92
N THR L 159 41.29 -10.65 23.14
CA THR L 159 40.90 -11.05 24.48
C THR L 159 41.92 -11.97 25.15
N GLY L 160 42.73 -12.69 24.37
CA GLY L 160 43.61 -13.71 24.90
C GLY L 160 42.96 -15.07 25.06
N GLN L 161 41.69 -15.21 24.70
CA GLN L 161 40.99 -16.48 24.86
C GLN L 161 41.40 -17.46 23.78
N PRO L 162 41.29 -18.76 24.07
CA PRO L 162 41.50 -19.76 23.02
C PRO L 162 40.41 -19.70 21.96
N LEU L 163 40.79 -20.03 20.73
CA LEU L 163 39.85 -19.93 19.61
C LEU L 163 38.62 -20.77 19.83
N ASP L 164 38.77 -22.00 20.32
CA ASP L 164 37.60 -22.85 20.49
C ASP L 164 36.67 -22.32 21.58
N VAL L 165 37.22 -21.60 22.57
CA VAL L 165 36.37 -21.02 23.61
C VAL L 165 35.49 -19.92 23.01
N ILE L 166 36.09 -19.04 22.20
CA ILE L 166 35.33 -18.00 21.51
C ILE L 166 34.24 -18.64 20.66
N ALA L 167 34.60 -19.62 19.84
CA ALA L 167 33.59 -20.30 19.04
C ALA L 167 32.49 -20.87 19.95
N ARG L 168 32.88 -21.37 21.11
CA ARG L 168 31.91 -21.98 22.01
C ARG L 168 30.94 -20.94 22.57
N ASP L 169 31.48 -19.82 23.04
CA ASP L 169 30.67 -18.83 23.75
C ASP L 169 29.80 -17.98 22.84
N THR L 170 30.13 -17.89 21.56
CA THR L 170 29.38 -17.07 20.62
C THR L 170 28.36 -17.86 19.82
N ASP L 171 28.21 -19.16 20.11
CA ASP L 171 27.22 -19.94 19.38
C ASP L 171 25.83 -19.31 19.48
N ARG L 172 25.46 -18.86 20.67
CA ARG L 172 24.24 -18.12 20.90
C ARG L 172 24.61 -16.75 21.45
N ASP L 173 23.64 -15.84 21.48
CA ASP L 173 23.87 -14.52 22.06
C ASP L 173 24.41 -14.65 23.48
N ARG L 174 25.48 -13.92 23.76
CA ARG L 174 26.05 -13.85 25.09
C ARG L 174 26.20 -12.41 25.53
N PHE L 175 25.37 -11.99 26.48
CA PHE L 175 25.45 -10.66 27.07
C PHE L 175 26.47 -10.66 28.20
N MET L 176 27.13 -9.52 28.38
CA MET L 176 28.20 -9.40 29.37
C MET L 176 28.11 -8.05 30.04
N SER L 177 28.37 -8.03 31.35
CA SER L 177 28.52 -6.79 32.08
C SER L 177 29.95 -6.26 31.93
N GLY L 178 30.17 -5.04 32.43
CA GLY L 178 31.51 -4.49 32.42
C GLY L 178 32.50 -5.39 33.14
N ASP L 179 32.16 -5.83 34.35
CA ASP L 179 33.03 -6.74 35.08
C ASP L 179 33.22 -8.03 34.32
N GLU L 180 32.14 -8.60 33.78
CA GLU L 180 32.24 -9.82 32.98
C GLU L 180 33.17 -9.61 31.78
N ALA L 181 33.01 -8.47 31.08
CA ALA L 181 33.84 -8.21 29.90
C ALA L 181 35.31 -8.06 30.27
N VAL L 182 35.60 -7.51 31.45
CA VAL L 182 36.99 -7.43 31.89
C VAL L 182 37.54 -8.82 32.15
N LYS L 183 36.75 -9.65 32.84
CA LYS L 183 37.18 -11.02 33.08
C LYS L 183 37.41 -11.78 31.79
N TYR L 184 36.64 -11.46 30.74
CA TYR L 184 36.74 -12.20 29.49
C TYR L 184 37.92 -11.75 28.63
N GLY L 185 38.38 -10.51 28.80
CA GLY L 185 39.35 -9.92 27.90
C GLY L 185 38.76 -9.02 26.84
N LEU L 186 37.43 -8.88 26.80
CA LEU L 186 36.76 -8.03 25.80
C LEU L 186 37.11 -6.55 26.01
N ILE L 187 37.24 -6.11 27.25
CA ILE L 187 37.72 -4.78 27.58
C ILE L 187 38.74 -4.91 28.71
N ASP L 188 39.41 -3.80 29.01
CA ASP L 188 40.45 -3.77 30.02
C ASP L 188 39.97 -3.27 31.38
N LYS L 189 39.12 -2.24 31.41
CA LYS L 189 38.77 -1.60 32.68
C LYS L 189 37.40 -0.95 32.59
N VAL L 190 36.64 -1.06 33.67
CA VAL L 190 35.37 -0.38 33.81
C VAL L 190 35.65 0.99 34.43
N MET L 191 35.45 2.05 33.65
CA MET L 191 35.60 3.40 34.16
C MET L 191 34.32 3.81 34.88
N THR L 192 34.47 4.55 35.99
CA THR L 192 33.34 4.96 36.81
C THR L 192 33.23 6.47 36.92
N GLN L 193 34.25 7.16 37.42
CA GLN L 193 34.35 8.61 37.44
C GLN L 193 35.72 9.00 36.92
N ARG L 194 35.80 10.16 36.27
CA ARG L 194 37.05 10.62 35.66
C ARG L 194 38.12 10.89 36.70
N LEU M 4 11.20 26.10 12.48
CA LEU M 4 12.56 26.52 12.13
C LEU M 4 13.28 26.98 13.39
N VAL M 5 14.46 26.41 13.66
CA VAL M 5 15.21 26.75 14.87
C VAL M 5 15.72 28.18 14.67
N PRO M 6 15.27 29.15 15.46
CA PRO M 6 15.69 30.54 15.24
C PRO M 6 17.12 30.78 15.72
N MET M 7 17.68 31.88 15.22
CA MET M 7 19.09 32.20 15.40
C MET M 7 19.26 33.46 16.24
N VAL M 8 20.37 33.50 16.97
CA VAL M 8 20.70 34.61 17.85
C VAL M 8 22.11 35.10 17.53
N ALA M 18 25.71 34.47 15.55
CA ALA M 18 25.36 33.40 14.63
C ALA M 18 25.21 32.09 15.42
N TYR M 19 24.26 32.09 16.35
CA TYR M 19 23.90 30.94 17.17
C TYR M 19 22.49 30.50 16.84
N ASP M 20 22.23 29.18 16.83
CA ASP M 20 20.84 28.79 17.01
C ASP M 20 20.47 28.91 18.47
N ILE M 21 19.18 28.90 18.76
CA ILE M 21 18.74 29.15 20.13
C ILE M 21 19.35 28.13 21.07
N TYR M 22 19.46 26.86 20.64
CA TYR M 22 19.99 25.83 21.52
C TYR M 22 21.49 25.97 21.70
N SER M 23 22.20 26.34 20.62
CA SER M 23 23.62 26.62 20.75
C SER M 23 23.87 27.78 21.71
N ARG M 24 22.97 28.77 21.69
CA ARG M 24 23.11 29.93 22.57
C ARG M 24 22.89 29.54 24.03
N LEU M 25 21.93 28.66 24.30
CA LEU M 25 21.73 28.18 25.65
C LEU M 25 22.76 27.15 26.07
N LEU M 26 23.43 26.51 25.12
CA LEU M 26 24.51 25.60 25.50
C LEU M 26 25.65 26.37 26.15
N LYS M 27 25.91 27.60 25.70
CA LYS M 27 26.92 28.42 26.36
C LYS M 27 26.54 28.68 27.81
N GLU M 28 25.24 28.85 28.08
CA GLU M 28 24.77 28.94 29.46
C GLU M 28 24.77 27.56 30.17
N ARG M 29 25.29 26.53 29.51
CA ARG M 29 25.43 25.19 30.09
C ARG M 29 24.07 24.52 30.32
N ILE M 30 23.12 24.76 29.42
CA ILE M 30 21.80 24.15 29.47
C ILE M 30 21.69 23.15 28.33
N ILE M 31 21.22 21.94 28.63
CA ILE M 31 21.03 20.88 27.66
C ILE M 31 19.57 20.43 27.73
N PHE M 32 18.97 20.19 26.58
CA PHE M 32 17.59 19.74 26.50
C PHE M 32 17.51 18.31 26.01
N LEU M 33 16.71 17.50 26.70
CA LEU M 33 16.44 16.11 26.33
C LEU M 33 14.94 16.00 26.07
N VAL M 34 14.56 15.97 24.80
CA VAL M 34 13.16 16.04 24.39
C VAL M 34 12.81 14.79 23.60
N GLY M 35 11.67 14.20 23.92
CA GLY M 35 11.10 13.16 23.10
C GLY M 35 11.58 11.77 23.44
N GLN M 36 11.24 10.84 22.55
CA GLN M 36 11.58 9.44 22.76
C GLN M 36 13.10 9.28 22.84
N VAL M 37 13.55 8.47 23.79
CA VAL M 37 14.98 8.24 23.99
C VAL M 37 15.45 7.22 22.96
N GLU M 38 16.46 7.59 22.18
CA GLU M 38 17.01 6.71 21.16
C GLU M 38 18.48 7.07 20.93
N ASP M 39 19.19 6.14 20.29
CA ASP M 39 20.65 6.19 20.25
C ASP M 39 21.20 7.55 19.80
N TYR M 40 20.60 8.16 18.77
CA TYR M 40 21.19 9.36 18.17
C TYR M 40 20.98 10.60 19.04
N MET M 41 19.74 10.83 19.51
CA MET M 41 19.51 11.96 20.41
C MET M 41 20.20 11.75 21.76
N ALA M 42 20.30 10.49 22.21
CA ALA M 42 21.02 10.23 23.46
C ALA M 42 22.49 10.60 23.31
N ASN M 43 23.09 10.30 22.17
CA ASN M 43 24.51 10.60 22.00
C ASN M 43 24.77 12.09 21.88
N LEU M 44 23.85 12.84 21.26
CA LEU M 44 23.94 14.30 21.29
C LEU M 44 24.03 14.81 22.72
N VAL M 45 23.20 14.28 23.62
CA VAL M 45 23.28 14.68 25.02
C VAL M 45 24.66 14.33 25.59
N VAL M 46 25.12 13.10 25.36
CA VAL M 46 26.45 12.70 25.82
C VAL M 46 27.49 13.69 25.31
N ALA M 47 27.41 14.04 24.02
CA ALA M 47 28.37 14.96 23.44
C ALA M 47 28.33 16.32 24.14
N GLN M 48 27.14 16.82 24.44
CA GLN M 48 27.04 18.13 25.10
C GLN M 48 27.59 18.06 26.52
N LEU M 49 27.29 16.97 27.24
CA LEU M 49 27.85 16.81 28.57
C LEU M 49 29.38 16.81 28.55
N LEU M 50 29.98 16.06 27.61
CA LEU M 50 31.43 16.01 27.51
C LEU M 50 32.01 17.38 27.13
N PHE M 51 31.40 18.06 26.17
CA PHE M 51 31.86 19.38 25.79
C PHE M 51 31.84 20.35 26.96
N LEU M 52 30.72 20.39 27.69
CA LEU M 52 30.61 21.32 28.82
C LEU M 52 31.63 21.00 29.92
N GLU M 53 31.89 19.71 30.17
CA GLU M 53 32.94 19.35 31.11
C GLU M 53 34.28 19.95 30.67
N ALA M 54 34.61 19.84 29.39
CA ALA M 54 35.86 20.39 28.90
C ALA M 54 35.85 21.91 28.99
N GLU M 55 34.72 22.54 28.71
CA GLU M 55 34.61 24.00 28.86
C GLU M 55 34.88 24.41 30.30
N ASN M 56 34.32 23.68 31.26
CA ASN M 56 34.54 23.98 32.67
C ASN M 56 34.12 22.78 33.50
N PRO M 57 35.07 21.98 33.98
CA PRO M 57 34.72 20.76 34.71
C PRO M 57 34.16 21.00 36.10
N GLU M 58 34.08 22.24 36.56
CA GLU M 58 33.58 22.52 37.91
C GLU M 58 32.16 23.05 37.92
N LYS M 59 31.79 23.87 36.95
CA LYS M 59 30.47 24.50 36.95
C LYS M 59 29.38 23.47 36.68
N ASP M 60 28.25 23.66 37.37
CA ASP M 60 27.12 22.77 37.20
C ASP M 60 26.63 22.77 35.75
N ILE M 61 25.93 21.72 35.39
CA ILE M 61 25.29 21.61 34.09
C ILE M 61 23.81 21.36 34.33
N HIS M 62 22.97 21.97 33.50
CA HIS M 62 21.53 21.88 33.67
C HIS M 62 20.93 21.14 32.49
N LEU M 63 20.31 20.00 32.79
CA LEU M 63 19.70 19.11 31.83
C LEU M 63 18.20 19.17 32.01
N TYR M 64 17.52 19.78 31.06
CA TYR M 64 16.07 19.78 31.03
C TYR M 64 15.59 18.49 30.37
N ILE M 65 14.58 17.86 30.96
CA ILE M 65 14.08 16.57 30.48
C ILE M 65 12.60 16.71 30.20
N ASN M 66 12.21 16.47 28.96
CA ASN M 66 10.80 16.34 28.59
C ASN M 66 10.72 15.13 27.65
N SER M 67 10.52 13.95 28.23
CA SER M 67 10.61 12.70 27.49
C SER M 67 9.60 11.68 28.01
N PRO M 68 9.03 10.86 27.14
CA PRO M 68 8.23 9.71 27.60
C PRO M 68 9.04 8.46 27.89
N GLY M 69 10.34 8.48 27.67
CA GLY M 69 11.18 7.32 27.81
C GLY M 69 11.73 6.84 26.49
N GLY M 70 12.17 5.61 26.47
CA GLY M 70 12.67 5.01 25.24
C GLY M 70 13.66 3.89 25.55
N SER M 71 14.75 3.87 24.78
CA SER M 71 15.72 2.78 24.85
C SER M 71 16.51 2.83 26.15
N VAL M 72 16.60 1.69 26.82
CA VAL M 72 17.36 1.61 28.06
C VAL M 72 18.86 1.77 27.78
N THR M 73 19.37 1.10 26.76
CA THR M 73 20.81 1.24 26.48
C THR M 73 21.16 2.69 26.16
N ALA M 74 20.35 3.36 25.33
CA ALA M 74 20.61 4.76 25.02
C ALA M 74 20.51 5.63 26.27
N GLY M 75 19.49 5.41 27.10
CA GLY M 75 19.38 6.17 28.33
C GLY M 75 20.57 5.94 29.27
N MET M 76 21.01 4.71 29.39
CA MET M 76 22.15 4.42 30.25
C MET M 76 23.41 5.13 29.75
N SER M 77 23.56 5.31 28.44
CA SER M 77 24.71 6.07 27.95
C SER M 77 24.67 7.49 28.50
N ILE M 78 23.48 8.09 28.61
CA ILE M 78 23.36 9.40 29.22
C ILE M 78 23.61 9.32 30.73
N TYR M 79 22.91 8.40 31.39
CA TYR M 79 23.04 8.27 32.83
C TYR M 79 24.50 8.11 33.26
N ASP M 80 25.22 7.16 32.66
CA ASP M 80 26.60 6.96 33.09
C ASP M 80 27.46 8.17 32.78
N THR M 81 27.18 8.87 31.68
CA THR M 81 27.97 10.06 31.35
C THR M 81 27.76 11.16 32.39
N MET M 82 26.52 11.29 32.87
CA MET M 82 26.21 12.29 33.89
C MET M 82 27.04 12.05 35.15
N GLN M 83 27.11 10.79 35.60
CA GLN M 83 27.88 10.47 36.79
C GLN M 83 29.38 10.54 36.51
N PHE M 84 29.80 10.11 35.31
CA PHE M 84 31.23 9.98 35.04
C PHE M 84 31.92 11.34 35.08
N ILE M 85 31.30 12.37 34.51
CA ILE M 85 31.98 13.64 34.38
C ILE M 85 32.04 14.33 35.75
N LYS M 86 32.99 15.26 35.87
CA LYS M 86 33.21 15.90 37.16
C LYS M 86 32.09 16.87 37.53
N PRO M 87 31.63 17.76 36.65
CA PRO M 87 30.60 18.72 37.07
C PRO M 87 29.33 17.99 37.49
N ASN M 88 28.61 18.61 38.42
CA ASN M 88 27.29 18.13 38.80
C ASN M 88 26.30 18.46 37.70
N VAL M 89 25.45 17.49 37.37
CA VAL M 89 24.43 17.66 36.35
C VAL M 89 23.09 17.75 37.06
N SER M 90 22.56 18.96 37.15
CA SER M 90 21.20 19.19 37.62
C SER M 90 20.22 18.66 36.58
N THR M 91 19.02 18.27 37.05
CA THR M 91 17.94 17.83 36.18
C THR M 91 16.63 18.53 36.54
N THR M 92 15.93 19.02 35.51
CA THR M 92 14.62 19.65 35.69
C THR M 92 13.65 19.03 34.70
N CYS M 93 12.53 18.51 35.21
CA CYS M 93 11.50 17.94 34.37
C CYS M 93 10.46 18.99 34.01
N ILE M 94 10.30 19.25 32.72
CA ILE M 94 9.23 20.10 32.20
C ILE M 94 8.36 19.22 31.31
N GLY M 95 7.05 19.38 31.45
CA GLY M 95 6.13 18.51 30.73
C GLY M 95 6.01 17.16 31.40
N GLN M 96 6.86 16.21 31.00
CA GLN M 96 6.82 14.89 31.60
C GLN M 96 8.22 14.30 31.65
N ALA M 97 8.38 13.32 32.53
CA ALA M 97 9.58 12.48 32.62
C ALA M 97 9.08 11.10 33.00
N CYS M 98 8.90 10.23 32.02
CA CYS M 98 8.33 8.91 32.24
C CYS M 98 9.35 7.84 31.84
N SER M 99 9.31 6.72 32.53
CA SER M 99 10.18 5.58 32.25
C SER M 99 11.63 6.09 32.26
N MET M 100 12.46 5.77 31.26
CA MET M 100 13.85 6.21 31.26
C MET M 100 13.98 7.70 31.52
N GLY M 101 12.99 8.49 31.12
CA GLY M 101 13.04 9.90 31.42
C GLY M 101 13.11 10.16 32.91
N ALA M 102 12.32 9.41 33.69
CA ALA M 102 12.32 9.59 35.13
C ALA M 102 13.60 9.11 35.77
N LEU M 103 14.18 8.04 35.23
CA LEU M 103 15.45 7.52 35.78
C LEU M 103 16.56 8.53 35.55
N LEU M 104 16.59 9.14 34.37
CA LEU M 104 17.57 10.20 34.13
C LEU M 104 17.32 11.38 35.05
N LEU M 105 16.05 11.68 35.33
CA LEU M 105 15.71 12.75 36.26
C LEU M 105 16.16 12.40 37.66
N ALA M 106 15.81 11.20 38.14
CA ALA M 106 16.22 10.77 39.47
C ALA M 106 17.74 10.70 39.60
N GLY M 107 18.44 10.43 38.51
CA GLY M 107 19.88 10.29 38.54
C GLY M 107 20.68 11.57 38.58
N GLY M 108 20.02 12.72 38.62
CA GLY M 108 20.72 13.97 38.65
C GLY M 108 21.40 14.21 39.99
N ALA M 109 22.25 15.24 40.02
CA ALA M 109 23.00 15.55 41.22
C ALA M 109 22.08 15.70 42.42
N ALA M 110 22.53 15.14 43.55
CA ALA M 110 21.73 15.14 44.77
C ALA M 110 21.39 16.57 45.19
N GLY M 111 20.13 16.78 45.55
CA GLY M 111 19.66 18.09 45.91
C GLY M 111 19.43 19.02 44.74
N LYS M 112 19.76 18.61 43.53
CA LYS M 112 19.62 19.43 42.33
C LYS M 112 18.76 18.75 41.27
N ARG M 113 17.76 18.00 41.70
CA ARG M 113 16.81 17.34 40.82
C ARG M 113 15.44 17.99 41.03
N TYR M 114 14.94 18.66 39.97
CA TYR M 114 13.76 19.50 40.10
C TYR M 114 12.68 19.11 39.10
N CYS M 115 11.51 19.71 39.29
CA CYS M 115 10.45 19.73 38.29
C CYS M 115 9.67 21.02 38.48
N LEU M 116 8.75 21.28 37.56
CA LEU M 116 7.84 22.40 37.65
C LEU M 116 6.44 21.92 38.03
N PRO M 117 5.58 22.80 38.52
CA PRO M 117 4.39 22.34 39.26
C PRO M 117 3.54 21.32 38.52
N HIS M 118 3.43 21.41 37.20
CA HIS M 118 2.53 20.53 36.46
C HIS M 118 3.25 19.44 35.70
N SER M 119 4.54 19.26 35.98
CA SER M 119 5.27 18.12 35.42
C SER M 119 4.65 16.82 35.90
N ARG M 120 4.69 15.81 35.02
CA ARG M 120 4.27 14.46 35.37
C ARG M 120 5.45 13.51 35.24
N MET M 121 5.59 12.64 36.23
CA MET M 121 6.64 11.62 36.26
C MET M 121 5.98 10.27 36.43
N MET M 122 6.48 9.28 35.68
CA MET M 122 5.94 7.93 35.74
C MET M 122 7.08 6.94 35.71
N ILE M 123 7.03 5.97 36.61
CA ILE M 123 8.02 4.90 36.71
C ILE M 123 7.31 3.56 36.55
N HIS M 124 7.98 2.61 35.91
CA HIS M 124 7.42 1.26 35.78
C HIS M 124 8.57 0.29 35.53
N GLN M 125 8.24 -0.94 35.23
CA GLN M 125 9.29 -1.92 34.96
C GLN M 125 9.62 -1.95 33.48
N PRO M 126 10.78 -2.49 33.13
CA PRO M 126 11.23 -2.46 31.73
C PRO M 126 10.32 -3.23 30.79
N LEU M 127 10.32 -2.80 29.54
CA LEU M 127 9.57 -3.44 28.47
C LEU M 127 10.53 -4.05 27.45
N GLY M 128 10.12 -5.16 26.87
CA GLY M 128 10.94 -5.80 25.85
C GLY M 128 10.14 -6.78 25.02
N GLY M 129 10.84 -7.42 24.10
CA GLY M 129 10.21 -8.43 23.26
C GLY M 129 11.27 -9.18 22.50
N PHE M 130 10.90 -10.40 22.12
CA PHE M 130 11.83 -11.21 21.35
C PHE M 130 11.05 -12.32 20.65
N GLN M 131 11.64 -12.84 19.57
CA GLN M 131 11.09 -13.97 18.85
C GLN M 131 12.24 -14.82 18.37
N GLY M 132 12.01 -16.12 18.35
CA GLY M 132 13.00 -17.06 17.89
C GLY M 132 12.90 -18.37 18.66
N GLN M 133 14.04 -19.05 18.75
CA GLN M 133 14.10 -20.35 19.38
C GLN M 133 13.98 -20.24 20.91
N ALA M 134 13.34 -21.26 21.49
CA ALA M 134 13.20 -21.32 22.94
C ALA M 134 14.53 -21.09 23.65
N SER M 135 15.59 -21.70 23.17
CA SER M 135 16.90 -21.47 23.78
C SER M 135 17.25 -19.99 23.76
N ASP M 136 16.95 -19.29 22.66
CA ASP M 136 17.27 -17.88 22.56
C ASP M 136 16.35 -17.04 23.43
N ILE M 137 15.09 -17.44 23.54
CA ILE M 137 14.17 -16.73 24.41
C ILE M 137 14.69 -16.75 25.84
N GLU M 138 15.18 -17.91 26.29
CA GLU M 138 15.70 -18.03 27.64
C GLU M 138 16.82 -17.02 27.88
N ILE M 139 17.75 -16.91 26.93
CA ILE M 139 18.85 -15.97 27.11
C ILE M 139 18.32 -14.54 27.25
N HIS M 140 17.40 -14.14 26.37
CA HIS M 140 16.98 -12.75 26.36
C HIS M 140 16.02 -12.47 27.51
N ALA M 141 15.17 -13.43 27.85
CA ALA M 141 14.36 -13.29 29.05
C ALA M 141 15.22 -13.06 30.28
N LYS M 142 16.32 -13.80 30.42
CA LYS M 142 17.21 -13.56 31.56
C LYS M 142 17.84 -12.18 31.50
N GLU M 143 18.12 -11.69 30.30
CA GLU M 143 18.75 -10.38 30.15
C GLU M 143 17.82 -9.26 30.59
N ILE M 144 16.52 -9.37 30.29
CA ILE M 144 15.64 -8.28 30.70
C ILE M 144 15.31 -8.35 32.19
N LEU M 145 15.23 -9.54 32.78
CA LEU M 145 15.09 -9.64 34.23
C LEU M 145 16.34 -9.11 34.93
N PHE M 146 17.50 -9.27 34.31
CA PHE M 146 18.71 -8.67 34.87
C PHE M 146 18.64 -7.16 34.81
N ILE M 147 18.20 -6.60 33.67
CA ILE M 147 18.09 -5.14 33.54
C ILE M 147 17.08 -4.59 34.53
N LYS M 148 15.96 -5.29 34.71
CA LYS M 148 14.95 -4.87 35.67
C LYS M 148 15.56 -4.72 37.07
N GLU M 149 16.35 -5.70 37.50
CA GLU M 149 17.02 -5.60 38.78
C GLU M 149 17.95 -4.39 38.81
N ARG M 150 18.74 -4.23 37.75
CA ARG M 150 19.74 -3.17 37.74
C ARG M 150 19.08 -1.80 37.82
N LEU M 151 17.96 -1.62 37.10
CA LEU M 151 17.29 -0.33 37.11
C LEU M 151 16.64 -0.04 38.45
N ASN M 152 16.03 -1.06 39.07
CA ASN M 152 15.50 -0.88 40.41
C ASN M 152 16.58 -0.49 41.41
N GLN M 153 17.78 -1.08 41.26
CA GLN M 153 18.89 -0.72 42.14
C GLN M 153 19.32 0.73 41.94
N ILE M 154 19.20 1.24 40.71
CA ILE M 154 19.55 2.64 40.45
C ILE M 154 18.54 3.57 41.13
N LEU M 155 17.24 3.28 41.02
CA LEU M 155 16.25 4.16 41.66
C LEU M 155 16.42 4.18 43.17
N ALA M 156 16.55 3.00 43.79
CA ALA M 156 16.74 2.92 45.24
C ALA M 156 17.88 3.82 45.67
N HIS M 157 19.00 3.75 44.96
CA HIS M 157 20.15 4.57 45.31
C HIS M 157 19.79 6.05 45.34
N HIS M 158 19.17 6.55 44.27
CA HIS M 158 18.97 7.99 44.11
C HIS M 158 17.75 8.51 44.87
N THR M 159 16.75 7.66 45.12
CA THR M 159 15.58 8.06 45.89
C THR M 159 15.71 7.79 47.38
N GLY M 160 16.58 6.85 47.79
CA GLY M 160 16.65 6.44 49.17
C GLY M 160 15.64 5.39 49.57
N GLN M 161 14.80 4.94 48.66
CA GLN M 161 13.80 3.93 48.98
C GLN M 161 14.44 2.56 49.09
N PRO M 162 13.87 1.66 49.90
CA PRO M 162 14.35 0.28 49.90
C PRO M 162 14.04 -0.40 48.58
N LEU M 163 14.91 -1.33 48.22
CA LEU M 163 14.79 -2.02 46.93
C LEU M 163 13.44 -2.66 46.75
N ASP M 164 12.89 -3.27 47.82
CA ASP M 164 11.63 -3.99 47.67
C ASP M 164 10.47 -3.03 47.41
N VAL M 165 10.56 -1.78 47.88
CA VAL M 165 9.51 -0.81 47.61
C VAL M 165 9.54 -0.39 46.14
N ILE M 166 10.74 -0.12 45.61
CA ILE M 166 10.87 0.18 44.19
C ILE M 166 10.31 -0.96 43.36
N ALA M 167 10.72 -2.18 43.68
CA ALA M 167 10.20 -3.34 42.93
C ALA M 167 8.69 -3.36 42.97
N ARG M 168 8.11 -3.02 44.12
CA ARG M 168 6.66 -3.05 44.29
C ARG M 168 5.97 -1.96 43.50
N ASP M 169 6.49 -0.75 43.59
CA ASP M 169 5.83 0.40 42.99
C ASP M 169 5.96 0.42 41.48
N THR M 170 6.95 -0.27 40.92
CA THR M 170 7.16 -0.29 39.48
C THR M 170 6.56 -1.51 38.77
N ASP M 171 5.88 -2.39 39.49
CA ASP M 171 5.28 -3.55 38.82
C ASP M 171 4.33 -3.10 37.70
N ARG M 172 3.52 -2.07 37.96
CA ARG M 172 2.68 -1.45 36.94
C ARG M 172 3.07 0.02 36.82
N ASP M 173 2.55 0.68 35.80
CA ASP M 173 2.78 2.12 35.64
C ASP M 173 2.33 2.83 36.92
N ARG M 174 3.20 3.72 37.42
CA ARG M 174 2.86 4.54 38.58
C ARG M 174 3.16 6.00 38.24
N PHE M 175 2.12 6.80 38.12
CA PHE M 175 2.27 8.23 37.89
C PHE M 175 2.42 8.97 39.22
N MET M 176 3.15 10.08 39.18
CA MET M 176 3.45 10.85 40.38
C MET M 176 3.37 12.34 40.07
N SER M 177 2.81 13.09 41.00
CA SER M 177 2.83 14.54 40.92
C SER M 177 4.18 15.08 41.40
N GLY M 178 4.39 16.37 41.20
CA GLY M 178 5.59 17.00 41.71
C GLY M 178 5.77 16.80 43.20
N ASP M 179 4.73 17.12 43.97
CA ASP M 179 4.79 16.93 45.42
C ASP M 179 5.00 15.46 45.77
N GLU M 180 4.29 14.56 45.10
CA GLU M 180 4.47 13.13 45.34
C GLU M 180 5.90 12.70 45.04
N ALA M 181 6.49 13.19 43.94
CA ALA M 181 7.82 12.78 43.57
C ALA M 181 8.88 13.22 44.58
N VAL M 182 8.66 14.37 45.23
CA VAL M 182 9.59 14.80 46.26
C VAL M 182 9.51 13.87 47.48
N LYS M 183 8.28 13.55 47.91
CA LYS M 183 8.10 12.62 49.01
C LYS M 183 8.74 11.29 48.71
N TYR M 184 8.73 10.88 47.44
CA TYR M 184 9.24 9.59 47.03
C TYR M 184 10.76 9.57 46.91
N GLY M 185 11.38 10.73 46.69
CA GLY M 185 12.80 10.82 46.42
C GLY M 185 13.19 10.90 44.95
N LEU M 186 12.22 10.86 44.03
CA LEU M 186 12.56 10.95 42.62
C LEU M 186 13.16 12.31 42.26
N ILE M 187 12.66 13.38 42.90
CA ILE M 187 13.23 14.70 42.76
C ILE M 187 13.36 15.33 44.15
N ASP M 188 14.07 16.46 44.20
CA ASP M 188 14.35 17.16 45.44
C ASP M 188 13.36 18.29 45.72
N LYS M 189 12.96 19.05 44.71
CA LYS M 189 12.13 20.21 44.95
C LYS M 189 11.29 20.54 43.73
N VAL M 190 10.05 20.96 43.98
CA VAL M 190 9.16 21.47 42.95
C VAL M 190 9.42 22.96 42.84
N MET M 191 9.99 23.39 41.72
CA MET M 191 10.18 24.81 41.44
C MET M 191 8.89 25.42 40.94
N THR M 192 8.61 26.66 41.37
CA THR M 192 7.40 27.35 40.96
C THR M 192 7.68 28.69 40.28
N GLN M 193 8.38 29.60 40.94
CA GLN M 193 8.77 30.88 40.36
C GLN M 193 10.24 31.11 40.66
N ARG M 194 10.95 31.73 39.73
CA ARG M 194 12.38 31.90 39.91
C ARG M 194 12.65 32.82 41.10
N LEU N 4 8.78 29.13 2.31
CA LEU N 4 10.18 29.53 2.48
C LEU N 4 10.31 30.63 3.51
N VAL N 5 11.17 30.41 4.50
CA VAL N 5 11.38 31.39 5.58
C VAL N 5 12.20 32.52 4.97
N PRO N 6 11.67 33.73 4.86
CA PRO N 6 12.44 34.82 4.23
C PRO N 6 13.54 35.35 5.15
N MET N 7 14.48 36.05 4.53
CA MET N 7 15.70 36.50 5.17
C MET N 7 15.68 38.02 5.31
N VAL N 8 16.33 38.50 6.36
CA VAL N 8 16.35 39.93 6.64
C VAL N 8 17.76 40.44 6.88
N ALA N 18 22.26 39.15 9.54
CA ALA N 18 21.49 38.18 8.77
C ALA N 18 20.56 37.37 9.66
N TYR N 19 19.30 37.80 9.77
CA TYR N 19 18.28 37.12 10.56
C TYR N 19 17.21 36.58 9.62
N ASP N 20 16.63 35.44 9.96
CA ASP N 20 15.35 35.08 9.37
C ASP N 20 14.25 35.90 10.03
N ILE N 21 13.07 35.92 9.41
CA ILE N 21 12.00 36.81 9.85
C ILE N 21 11.66 36.54 11.33
N TYR N 22 11.67 35.28 11.75
CA TYR N 22 11.31 34.97 13.13
C TYR N 22 12.42 35.35 14.10
N SER N 23 13.69 35.14 13.70
CA SER N 23 14.80 35.62 14.52
C SER N 23 14.76 37.13 14.67
N ARG N 24 14.31 37.83 13.63
CA ARG N 24 14.21 39.29 13.70
C ARG N 24 13.13 39.71 14.68
N LEU N 25 12.00 39.01 14.70
CA LEU N 25 10.95 39.31 15.64
C LEU N 25 11.25 38.79 17.04
N LEU N 26 12.17 37.83 17.16
CA LEU N 26 12.57 37.39 18.50
C LEU N 26 13.27 38.51 19.25
N LYS N 27 14.03 39.36 18.55
CA LYS N 27 14.61 40.52 19.22
C LYS N 27 13.54 41.43 19.81
N GLU N 28 12.42 41.58 19.12
CA GLU N 28 11.30 42.35 19.70
C GLU N 28 10.58 41.59 20.83
N ARG N 29 11.10 40.43 21.24
CA ARG N 29 10.55 39.66 22.33
C ARG N 29 9.18 39.08 21.96
N ILE N 30 9.03 38.74 20.68
CA ILE N 30 7.83 38.11 20.16
C ILE N 30 8.18 36.67 19.86
N ILE N 31 7.32 35.75 20.32
CA ILE N 31 7.45 34.33 20.06
C ILE N 31 6.14 33.85 19.45
N PHE N 32 6.23 32.99 18.44
CA PHE N 32 5.05 32.46 17.77
C PHE N 32 4.87 30.99 18.10
N LEU N 33 3.64 30.61 18.45
CA LEU N 33 3.27 29.21 18.70
C LEU N 33 2.18 28.86 17.70
N VAL N 34 2.54 28.10 16.66
CA VAL N 34 1.65 27.80 15.54
C VAL N 34 1.49 26.30 15.42
N GLY N 35 0.24 25.85 15.25
CA GLY N 35 -0.05 24.48 14.88
C GLY N 35 -0.15 23.53 16.06
N GLN N 36 -0.21 22.24 15.72
CA GLN N 36 -0.40 21.22 16.74
C GLN N 36 0.71 21.29 17.77
N VAL N 37 0.33 21.22 19.04
CA VAL N 37 1.29 21.27 20.13
C VAL N 37 1.93 19.89 20.28
N GLU N 38 3.26 19.85 20.22
CA GLU N 38 4.00 18.61 20.37
C GLU N 38 5.37 18.94 20.94
N ASP N 39 6.03 17.91 21.47
CA ASP N 39 7.19 18.13 22.33
C ASP N 39 8.21 19.09 21.72
N TYR N 40 8.50 18.92 20.42
CA TYR N 40 9.63 19.62 19.83
C TYR N 40 9.32 21.11 19.62
N MET N 41 8.15 21.42 19.05
CA MET N 41 7.77 22.83 18.91
C MET N 41 7.52 23.49 20.26
N ALA N 42 6.98 22.74 21.23
CA ALA N 42 6.79 23.32 22.56
C ALA N 42 8.13 23.65 23.20
N ASN N 43 9.12 22.77 23.04
CA ASN N 43 10.41 23.02 23.65
C ASN N 43 11.10 24.20 22.99
N LEU N 44 10.86 24.40 21.68
CA LEU N 44 11.30 25.62 21.02
C LEU N 44 10.77 26.86 21.73
N VAL N 45 9.49 26.85 22.10
CA VAL N 45 8.95 27.97 22.84
C VAL N 45 9.63 28.10 24.20
N VAL N 46 9.72 26.98 24.93
CA VAL N 46 10.42 27.00 26.22
C VAL N 46 11.80 27.62 26.06
N ALA N 47 12.56 27.17 25.07
CA ALA N 47 13.89 27.72 24.86
C ALA N 47 13.82 29.21 24.57
N GLN N 48 12.86 29.64 23.76
CA GLN N 48 12.76 31.06 23.44
C GLN N 48 12.38 31.87 24.68
N LEU N 49 11.45 31.35 25.49
CA LEU N 49 11.08 32.03 26.73
C LEU N 49 12.28 32.17 27.66
N LEU N 50 13.06 31.10 27.81
CA LEU N 50 14.25 31.15 28.67
C LEU N 50 15.27 32.12 28.14
N PHE N 51 15.52 32.10 26.83
CA PHE N 51 16.49 33.01 26.25
C PHE N 51 16.09 34.46 26.49
N LEU N 52 14.82 34.80 26.23
CA LEU N 52 14.36 36.17 26.42
C LEU N 52 14.45 36.59 27.89
N GLU N 53 14.14 35.66 28.81
CA GLU N 53 14.36 35.97 30.21
C GLU N 53 15.81 36.35 30.47
N ALA N 54 16.74 35.58 29.91
CA ALA N 54 18.16 35.87 30.10
C ALA N 54 18.56 37.18 29.45
N GLU N 55 17.99 37.48 28.28
CA GLU N 55 18.26 38.75 27.64
C GLU N 55 17.77 39.91 28.51
N ASN N 56 16.61 39.76 29.13
CA ASN N 56 16.09 40.79 30.01
C ASN N 56 14.97 40.25 30.89
N PRO N 57 15.22 39.97 32.17
CA PRO N 57 14.16 39.39 33.00
C PRO N 57 13.04 40.35 33.38
N GLU N 58 13.13 41.63 32.99
CA GLU N 58 12.11 42.62 33.36
C GLU N 58 11.17 42.96 32.20
N LYS N 59 11.67 42.99 30.97
CA LYS N 59 10.81 43.36 29.85
C LYS N 59 9.79 42.27 29.57
N ASP N 60 8.58 42.67 29.21
CA ASP N 60 7.55 41.70 28.89
C ASP N 60 7.97 40.86 27.69
N ILE N 61 7.30 39.71 27.56
CA ILE N 61 7.46 38.81 26.43
C ILE N 61 6.09 38.63 25.80
N HIS N 62 6.01 38.63 24.48
CA HIS N 62 4.76 38.52 23.76
C HIS N 62 4.70 37.21 22.99
N LEU N 63 3.74 36.37 23.34
CA LEU N 63 3.55 35.05 22.76
C LEU N 63 2.27 35.05 21.94
N TYR N 64 2.42 35.01 20.61
CA TYR N 64 1.28 34.85 19.73
C TYR N 64 0.91 33.38 19.60
N ILE N 65 -0.39 33.10 19.62
CA ILE N 65 -0.90 31.74 19.62
C ILE N 65 -1.89 31.58 18.47
N ASN N 66 -1.61 30.63 17.58
CA ASN N 66 -2.60 30.18 16.61
C ASN N 66 -2.45 28.65 16.59
N SER N 67 -3.23 27.97 17.45
CA SER N 67 -3.05 26.52 17.62
C SER N 67 -4.38 25.83 17.87
N PRO N 68 -4.57 24.63 17.31
CA PRO N 68 -5.76 23.83 17.66
C PRO N 68 -5.63 22.97 18.90
N GLY N 69 -4.47 22.99 19.57
CA GLY N 69 -4.21 22.18 20.73
C GLY N 69 -3.15 21.13 20.48
N GLY N 70 -3.15 20.14 21.33
CA GLY N 70 -2.24 19.04 21.16
C GLY N 70 -1.92 18.40 22.49
N SER N 71 -0.64 18.04 22.66
CA SER N 71 -0.22 17.26 23.81
C SER N 71 -0.33 18.07 25.10
N VAL N 72 -0.94 17.47 26.12
CA VAL N 72 -1.07 18.16 27.40
C VAL N 72 0.29 18.38 28.05
N THR N 73 1.11 17.32 28.12
CA THR N 73 2.43 17.48 28.73
C THR N 73 3.26 18.50 27.95
N ALA N 74 3.16 18.49 26.62
CA ALA N 74 3.86 19.47 25.82
C ALA N 74 3.39 20.89 26.15
N GLY N 75 2.07 21.07 26.27
CA GLY N 75 1.56 22.37 26.67
C GLY N 75 2.01 22.77 28.06
N MET N 76 2.00 21.81 28.99
CA MET N 76 2.38 22.11 30.36
C MET N 76 3.83 22.58 30.46
N SER N 77 4.72 22.05 29.61
CA SER N 77 6.08 22.56 29.60
C SER N 77 6.08 24.04 29.24
N ILE N 78 5.20 24.46 28.32
CA ILE N 78 5.09 25.87 27.97
C ILE N 78 4.46 26.65 29.12
N TYR N 79 3.32 26.16 29.60
CA TYR N 79 2.60 26.86 30.66
C TYR N 79 3.49 27.08 31.89
N ASP N 80 4.13 26.02 32.40
CA ASP N 80 4.92 26.17 33.61
C ASP N 80 6.13 27.05 33.39
N THR N 81 6.71 27.04 32.18
CA THR N 81 7.83 27.93 31.91
C THR N 81 7.37 29.38 31.89
N MET N 82 6.15 29.63 31.38
CA MET N 82 5.61 30.99 31.39
C MET N 82 5.51 31.54 32.80
N GLN N 83 4.97 30.73 33.72
CA GLN N 83 4.86 31.19 35.10
C GLN N 83 6.21 31.24 35.79
N PHE N 84 7.08 30.26 35.52
CA PHE N 84 8.32 30.14 36.27
C PHE N 84 9.22 31.35 36.05
N ILE N 85 9.30 31.85 34.81
CA ILE N 85 10.25 32.90 34.50
C ILE N 85 9.78 34.23 35.08
N LYS N 86 10.74 35.14 35.25
CA LYS N 86 10.42 36.43 35.87
C LYS N 86 9.57 37.32 34.97
N PRO N 87 9.93 37.54 33.70
CA PRO N 87 9.13 38.47 32.88
C PRO N 87 7.69 38.00 32.73
N ASN N 88 6.80 38.98 32.57
CA ASN N 88 5.43 38.68 32.23
C ASN N 88 5.32 38.27 30.77
N VAL N 89 4.56 37.20 30.53
CA VAL N 89 4.35 36.69 29.19
C VAL N 89 2.92 37.04 28.77
N SER N 90 2.80 38.08 27.94
CA SER N 90 1.52 38.39 27.33
C SER N 90 1.16 37.33 26.29
N THR N 91 -0.14 37.11 26.10
CA THR N 91 -0.62 36.16 25.09
C THR N 91 -1.66 36.83 24.21
N THR N 92 -1.53 36.60 22.90
CA THR N 92 -2.47 37.11 21.91
C THR N 92 -2.89 35.96 21.01
N CYS N 93 -4.19 35.72 20.90
CA CYS N 93 -4.69 34.70 20.00
C CYS N 93 -4.99 35.33 18.64
N ILE N 94 -4.34 34.84 17.60
CA ILE N 94 -4.65 35.20 16.22
C ILE N 94 -5.09 33.93 15.52
N GLY N 95 -6.14 34.01 14.73
CA GLY N 95 -6.68 32.82 14.10
C GLY N 95 -7.50 31.98 15.07
N GLN N 96 -6.87 31.03 15.75
CA GLN N 96 -7.63 30.22 16.70
C GLN N 96 -6.76 29.87 17.90
N ALA N 97 -7.43 29.56 19.01
CA ALA N 97 -6.79 29.05 20.23
C ALA N 97 -7.76 28.06 20.85
N CYS N 98 -7.53 26.78 20.58
CA CYS N 98 -8.42 25.71 21.02
C CYS N 98 -7.68 24.72 21.90
N SER N 99 -8.42 24.14 22.85
CA SER N 99 -7.89 23.11 23.75
C SER N 99 -6.63 23.67 24.41
N MET N 100 -5.52 22.93 24.40
CA MET N 100 -4.30 23.42 25.04
C MET N 100 -3.95 24.81 24.54
N GLY N 101 -4.32 25.13 23.30
CA GLY N 101 -4.11 26.47 22.80
C GLY N 101 -4.82 27.51 23.65
N ALA N 102 -6.06 27.21 24.06
CA ALA N 102 -6.81 28.17 24.88
C ALA N 102 -6.27 28.26 26.29
N LEU N 103 -5.79 27.14 26.83
CA LEU N 103 -5.24 27.17 28.19
C LEU N 103 -3.96 27.99 28.24
N LEU N 104 -3.08 27.80 27.26
CA LEU N 104 -1.88 28.63 27.20
C LEU N 104 -2.25 30.09 27.04
N LEU N 105 -3.33 30.38 26.29
CA LEU N 105 -3.79 31.75 26.14
C LEU N 105 -4.27 32.31 27.46
N ALA N 106 -5.17 31.58 28.14
CA ALA N 106 -5.66 32.02 29.44
C ALA N 106 -4.53 32.13 30.46
N GLY N 107 -3.47 31.35 30.30
CA GLY N 107 -2.38 31.38 31.25
C GLY N 107 -1.45 32.57 31.15
N GLY N 108 -1.72 33.49 30.24
CA GLY N 108 -0.86 34.64 30.08
C GLY N 108 -1.01 35.59 31.25
N ALA N 109 -0.06 36.53 31.32
CA ALA N 109 -0.03 37.49 32.43
C ALA N 109 -1.39 38.16 32.58
N ALA N 110 -1.81 38.32 33.83
CA ALA N 110 -3.11 38.92 34.11
C ALA N 110 -3.20 40.29 33.46
N GLY N 111 -4.34 40.57 32.84
CA GLY N 111 -4.55 41.81 32.14
C GLY N 111 -3.85 41.93 30.81
N LYS N 112 -3.01 40.97 30.44
CA LYS N 112 -2.20 41.02 29.23
C LYS N 112 -2.49 39.81 28.33
N ARG N 113 -3.74 39.35 28.32
CA ARG N 113 -4.19 38.23 27.50
C ARG N 113 -5.17 38.78 26.45
N TYR N 114 -4.80 38.70 25.18
CA TYR N 114 -5.56 39.35 24.13
C TYR N 114 -5.99 38.36 23.06
N CYS N 115 -6.84 38.86 22.16
CA CYS N 115 -7.10 38.19 20.89
C CYS N 115 -7.50 39.29 19.90
N LEU N 116 -7.66 38.91 18.64
CA LEU N 116 -8.08 39.81 17.58
C LEU N 116 -9.54 39.55 17.22
N PRO N 117 -10.19 40.53 16.56
CA PRO N 117 -11.66 40.53 16.53
C PRO N 117 -12.30 39.24 16.06
N HIS N 118 -11.67 38.52 15.14
CA HIS N 118 -12.28 37.32 14.56
C HIS N 118 -11.62 36.03 15.01
N SER N 119 -10.77 36.08 16.03
CA SER N 119 -10.22 34.87 16.61
C SER N 119 -11.34 33.99 17.15
N ARG N 120 -11.14 32.68 17.07
CA ARG N 120 -12.04 31.71 17.69
C ARG N 120 -11.28 30.95 18.78
N MET N 121 -11.90 30.82 19.94
CA MET N 121 -11.34 30.10 21.08
C MET N 121 -12.30 29.00 21.48
N MET N 122 -11.75 27.85 21.87
CA MET N 122 -12.57 26.71 22.25
C MET N 122 -11.93 25.99 23.43
N ILE N 123 -12.77 25.61 24.39
CA ILE N 123 -12.33 24.84 25.56
C ILE N 123 -13.14 23.55 25.58
N HIS N 124 -12.51 22.48 26.05
CA HIS N 124 -13.18 21.20 26.24
C HIS N 124 -12.40 20.41 27.29
N GLN N 125 -12.80 19.17 27.50
CA GLN N 125 -12.12 18.32 28.46
C GLN N 125 -11.04 17.47 27.77
N PRO N 126 -10.11 16.91 28.54
CA PRO N 126 -9.00 16.18 27.93
C PRO N 126 -9.49 14.97 27.15
N LEU N 127 -8.71 14.61 26.12
CA LEU N 127 -8.95 13.40 25.36
C LEU N 127 -7.76 12.47 25.55
N GLY N 128 -8.05 11.17 25.57
CA GLY N 128 -6.98 10.20 25.72
C GLY N 128 -7.43 8.85 25.23
N GLY N 129 -6.54 7.88 25.39
CA GLY N 129 -6.86 6.53 24.98
C GLY N 129 -5.85 5.54 25.49
N PHE N 130 -6.27 4.29 25.65
CA PHE N 130 -5.38 3.26 26.15
C PHE N 130 -5.98 1.91 25.82
N GLN N 131 -5.11 0.90 25.77
CA GLN N 131 -5.58 -0.47 25.63
C GLN N 131 -4.62 -1.38 26.39
N GLY N 132 -5.15 -2.46 26.89
CA GLY N 132 -4.38 -3.43 27.61
C GLY N 132 -5.22 -4.07 28.70
N GLN N 133 -4.54 -4.46 29.77
CA GLN N 133 -5.20 -5.12 30.86
C GLN N 133 -6.09 -4.16 31.65
N ALA N 134 -7.19 -4.70 32.18
CA ALA N 134 -8.08 -3.92 33.03
C ALA N 134 -7.32 -3.19 34.12
N SER N 135 -6.39 -3.88 34.79
CA SER N 135 -5.61 -3.24 35.84
C SER N 135 -4.89 -2.01 35.32
N ASP N 136 -4.32 -2.09 34.12
CA ASP N 136 -3.59 -0.97 33.56
C ASP N 136 -4.55 0.11 33.07
N ILE N 137 -5.70 -0.29 32.54
CA ILE N 137 -6.71 0.68 32.16
C ILE N 137 -7.12 1.51 33.38
N GLU N 138 -7.33 0.85 34.52
CA GLU N 138 -7.72 1.57 35.72
C GLU N 138 -6.69 2.64 36.06
N ILE N 139 -5.42 2.27 36.01
CA ILE N 139 -4.35 3.22 36.32
C ILE N 139 -4.43 4.43 35.42
N HIS N 140 -4.61 4.22 34.12
CA HIS N 140 -4.57 5.33 33.18
C HIS N 140 -5.87 6.11 33.19
N ALA N 141 -7.01 5.43 33.39
CA ALA N 141 -8.25 6.16 33.58
C ALA N 141 -8.14 7.13 34.76
N LYS N 142 -7.55 6.68 35.87
CA LYS N 142 -7.39 7.58 37.01
C LYS N 142 -6.47 8.74 36.68
N GLU N 143 -5.43 8.49 35.89
CA GLU N 143 -4.47 9.55 35.59
C GLU N 143 -5.11 10.65 34.73
N ILE N 144 -5.95 10.26 33.76
CA ILE N 144 -6.54 11.29 32.90
C ILE N 144 -7.64 12.04 33.64
N LEU N 145 -8.35 11.37 34.56
CA LEU N 145 -9.29 12.08 35.41
C LEU N 145 -8.57 13.06 36.33
N PHE N 146 -7.36 12.72 36.77
CA PHE N 146 -6.57 13.66 37.54
C PHE N 146 -6.16 14.85 36.68
N ILE N 147 -5.77 14.59 35.45
CA ILE N 147 -5.39 15.67 34.53
C ILE N 147 -6.59 16.59 34.27
N LYS N 148 -7.77 16.00 34.10
CA LYS N 148 -8.98 16.81 33.91
C LYS N 148 -9.20 17.76 35.08
N GLU N 149 -9.03 17.26 36.31
CA GLU N 149 -9.15 18.13 37.49
C GLU N 149 -8.12 19.24 37.48
N ARG N 150 -6.84 18.88 37.29
CA ARG N 150 -5.77 19.86 37.36
C ARG N 150 -5.93 20.92 36.29
N LEU N 151 -6.35 20.51 35.09
CA LEU N 151 -6.51 21.48 34.00
C LEU N 151 -7.70 22.40 34.26
N ASN N 152 -8.82 21.86 34.75
CA ASN N 152 -9.94 22.72 35.11
C ASN N 152 -9.54 23.71 36.21
N GLN N 153 -8.74 23.28 37.17
CA GLN N 153 -8.27 24.18 38.23
C GLN N 153 -7.40 25.29 37.66
N ILE N 154 -6.59 24.98 36.64
CA ILE N 154 -5.76 26.03 36.06
C ILE N 154 -6.62 27.09 35.40
N LEU N 155 -7.65 26.67 34.66
CA LEU N 155 -8.54 27.63 34.02
C LEU N 155 -9.26 28.50 35.06
N ALA N 156 -9.85 27.85 36.06
CA ALA N 156 -10.56 28.58 37.12
C ALA N 156 -9.69 29.68 37.71
N HIS N 157 -8.44 29.38 37.97
CA HIS N 157 -7.54 30.36 38.55
C HIS N 157 -7.42 31.59 37.65
N HIS N 158 -7.15 31.38 36.36
CA HIS N 158 -6.84 32.51 35.49
C HIS N 158 -8.09 33.25 35.02
N THR N 159 -9.21 32.54 34.91
CA THR N 159 -10.46 33.14 34.48
C THR N 159 -11.28 33.71 35.62
N GLY N 160 -11.10 33.22 36.84
CA GLY N 160 -11.93 33.60 37.96
C GLY N 160 -13.22 32.81 38.09
N GLN N 161 -13.48 31.86 37.22
CA GLN N 161 -14.70 31.07 37.28
C GLN N 161 -14.63 30.02 38.38
N PRO N 162 -15.79 29.58 38.88
CA PRO N 162 -15.79 28.45 39.81
C PRO N 162 -15.39 27.14 39.15
N LEU N 163 -14.77 26.27 39.95
CA LEU N 163 -14.29 24.99 39.41
C LEU N 163 -15.41 24.20 38.78
N ASP N 164 -16.56 24.13 39.44
CA ASP N 164 -17.67 23.33 38.93
C ASP N 164 -18.22 23.91 37.64
N VAL N 165 -18.09 25.23 37.45
CA VAL N 165 -18.56 25.84 36.20
C VAL N 165 -17.65 25.42 35.05
N ILE N 166 -16.33 25.47 35.25
CA ILE N 166 -15.39 25.02 34.23
C ILE N 166 -15.68 23.56 33.88
N ALA N 167 -15.79 22.70 34.89
CA ALA N 167 -16.08 21.30 34.62
C ALA N 167 -17.34 21.17 33.79
N ARG N 168 -18.36 21.98 34.08
CA ARG N 168 -19.61 21.92 33.34
C ARG N 168 -19.43 22.44 31.92
N ASP N 169 -18.74 23.57 31.78
CA ASP N 169 -18.61 24.23 30.49
C ASP N 169 -17.63 23.54 29.56
N THR N 170 -16.72 22.72 30.08
CA THR N 170 -15.77 22.00 29.25
C THR N 170 -16.21 20.59 28.94
N ASP N 171 -17.37 20.16 29.44
CA ASP N 171 -17.81 18.79 29.20
C ASP N 171 -17.85 18.47 27.72
N ARG N 172 -18.37 19.39 26.91
CA ARG N 172 -18.36 19.31 25.46
C ARG N 172 -17.60 20.50 24.88
N ASP N 173 -17.33 20.43 23.58
CA ASP N 173 -16.70 21.56 22.91
C ASP N 173 -17.53 22.81 23.10
N ARG N 174 -16.89 23.90 23.51
CA ARG N 174 -17.53 25.19 23.70
C ARG N 174 -16.73 26.22 22.93
N PHE N 175 -17.30 26.73 21.85
CA PHE N 175 -16.67 27.77 21.07
C PHE N 175 -17.03 29.14 21.63
N MET N 176 -16.07 30.07 21.52
CA MET N 176 -16.23 31.40 22.10
C MET N 176 -15.68 32.44 21.15
N SER N 177 -16.40 33.55 21.03
CA SER N 177 -15.89 34.72 20.32
C SER N 177 -14.99 35.54 21.24
N GLY N 178 -14.36 36.57 20.67
CA GLY N 178 -13.56 37.47 21.48
C GLY N 178 -14.35 38.09 22.61
N ASP N 179 -15.53 38.65 22.31
CA ASP N 179 -16.36 39.22 23.36
C ASP N 179 -16.73 38.17 24.40
N GLU N 180 -17.15 36.98 23.93
CA GLU N 180 -17.48 35.91 24.86
C GLU N 180 -16.29 35.57 25.75
N ALA N 181 -15.09 35.48 25.15
CA ALA N 181 -13.91 35.10 25.93
C ALA N 181 -13.58 36.14 27.00
N VAL N 182 -13.83 37.43 26.72
CA VAL N 182 -13.61 38.45 27.73
C VAL N 182 -14.64 38.32 28.85
N LYS N 183 -15.92 38.14 28.48
CA LYS N 183 -16.94 37.94 29.50
C LYS N 183 -16.62 36.72 30.36
N TYR N 184 -15.98 35.70 29.78
CA TYR N 184 -15.69 34.47 30.50
C TYR N 184 -14.47 34.57 31.39
N GLY N 185 -13.55 35.50 31.10
CA GLY N 185 -12.28 35.54 31.78
C GLY N 185 -11.14 34.82 31.08
N LEU N 186 -11.40 34.20 29.93
CA LEU N 186 -10.35 33.49 29.20
C LEU N 186 -9.27 34.45 28.68
N ILE N 187 -9.67 35.64 28.26
CA ILE N 187 -8.75 36.70 27.87
C ILE N 187 -9.23 37.98 28.54
N ASP N 188 -8.40 39.03 28.43
CA ASP N 188 -8.69 40.32 29.05
C ASP N 188 -9.31 41.34 28.10
N LYS N 189 -8.84 41.41 26.86
CA LYS N 189 -9.30 42.46 25.96
C LYS N 189 -9.19 41.99 24.52
N VAL N 190 -10.15 42.41 23.71
CA VAL N 190 -10.12 42.20 22.27
C VAL N 190 -9.45 43.41 21.63
N MET N 191 -8.27 43.19 21.06
CA MET N 191 -7.57 44.21 20.30
C MET N 191 -8.14 44.27 18.89
N THR N 192 -8.24 45.49 18.35
CA THR N 192 -8.81 45.67 17.02
C THR N 192 -7.83 46.38 16.08
N GLN N 193 -7.40 47.58 16.45
CA GLN N 193 -6.41 48.34 15.72
C GLN N 193 -5.37 48.82 16.72
N ARG N 194 -4.12 48.90 16.29
CA ARG N 194 -3.04 49.25 17.20
C ARG N 194 -3.21 50.69 17.69
C1 MPD O . -10.86 -12.82 31.78
C2 MPD O . -11.10 -13.84 30.69
O2 MPD O . -9.89 -13.92 29.91
CM MPD O . -12.19 -13.39 29.74
C3 MPD O . -11.43 -15.21 31.29
C4 MPD O . -10.27 -15.92 31.95
O4 MPD O . -9.69 -15.09 32.96
C5 MPD O . -10.71 -17.21 32.60
H11 MPD O . -11.11 -13.22 32.64
H12 MPD O . -11.42 -12.04 31.60
H13 MPD O . -9.93 -12.56 31.79
HO2 MPD O . -9.26 -14.27 30.39
HM1 MPD O . -13.06 -13.56 30.16
HM2 MPD O . -12.13 -13.90 28.91
HM3 MPD O . -12.08 -12.45 29.55
H31 MPD O . -11.77 -15.79 30.57
H32 MPD O . -12.14 -15.10 31.95
H4 MPD O . -9.57 -16.08 31.27
HO4 MPD O . -9.10 -15.54 33.38
H51 MPD O . -9.96 -17.83 32.64
H52 MPD O . -11.42 -17.62 32.08
H53 MPD O . -11.03 -17.04 33.51
C1 MPD P . -8.15 -35.06 3.93
C2 MPD P . -8.02 -33.57 3.75
O2 MPD P . -7.74 -33.03 5.06
CM MPD P . -9.31 -32.96 3.25
C3 MPD P . -6.85 -33.20 2.83
C4 MPD P . -6.38 -31.78 3.00
O4 MPD P . -5.64 -31.67 4.21
C5 MPD P . -5.53 -31.29 1.87
H11 MPD P . -7.87 -35.51 3.10
H12 MPD P . -9.08 -35.28 4.12
H13 MPD P . -7.58 -35.35 4.66
HO2 MPD P . -6.99 -33.32 5.34
HM1 MPD P . -9.12 -32.23 2.65
HM2 MPD P . -9.82 -32.63 4.02
HM3 MPD P . -9.82 -33.64 2.80
H31 MPD P . -7.14 -33.34 1.89
H32 MPD P . -6.10 -33.82 3.00
H4 MPD P . -7.18 -31.20 3.08
HO4 MPD P . -4.96 -32.17 4.18
H51 MPD P . -4.77 -30.77 2.21
H52 MPD P . -6.05 -30.71 1.28
H53 MPD P . -5.19 -32.03 1.35
C1 MPD Q . 6.82 -28.83 17.94
C2 MPD Q . 8.30 -29.07 17.72
O2 MPD Q . 8.99 -28.72 18.94
CM MPD Q . 8.85 -28.15 16.65
C3 MPD Q . 8.57 -30.55 17.42
C4 MPD Q . 9.92 -30.82 16.80
O4 MPD Q . 10.91 -30.25 17.65
C5 MPD Q . 10.22 -32.29 16.62
H11 MPD Q . 6.33 -29.18 17.17
H12 MPD Q . 6.66 -27.89 18.04
H13 MPD Q . 6.53 -29.30 18.74
HO2 MPD Q . 9.33 -29.41 19.29
HM1 MPD Q . 8.96 -28.66 15.83
HM2 MPD Q . 9.70 -27.80 16.94
HM3 MPD Q . 8.22 -27.42 16.50
H31 MPD Q . 7.87 -30.86 16.81
H32 MPD Q . 8.49 -31.05 18.26
H4 MPD Q . 9.97 -30.39 15.91
HO4 MPD Q . 10.89 -30.63 18.41
H51 MPD Q . 10.92 -32.41 15.97
H52 MPD Q . 9.41 -32.75 16.32
H53 MPD Q . 10.51 -32.68 17.47
C1 MPD R . -5.46 -28.21 -11.85
C2 MPD R . -5.81 -29.63 -12.28
O2 MPD R . -4.66 -30.47 -12.08
CM MPD R . -6.17 -29.65 -13.75
C3 MPD R . -6.95 -30.18 -11.43
C4 MPD R . -7.37 -31.59 -11.79
O4 MPD R . -6.26 -32.46 -11.80
C5 MPD R . -8.46 -32.07 -10.87
H11 MPD R . -5.67 -28.11 -10.90
H12 MPD R . -5.99 -27.58 -12.37
H13 MPD R . -4.52 -28.06 -12.00
HO2 MPD R . -4.51 -30.57 -11.26
HM1 MPD R . -5.74 -28.90 -14.20
HM2 MPD R . -7.13 -29.57 -13.84
HM3 MPD R . -5.86 -30.48 -14.14
H31 MPD R . -7.72 -29.58 -11.52
H32 MPD R . -6.67 -30.16 -10.48
H4 MPD R . -7.69 -31.61 -12.73
HO4 MPD R . -6.51 -33.25 -12.03
H51 MPD R . -8.20 -32.93 -10.47
H52 MPD R . -9.29 -32.18 -11.37
H53 MPD R . -8.61 -31.42 -10.16
C1 MPD S . 13.90 -30.75 -8.67
C2 MPD S . 14.88 -30.49 -9.79
O2 MPD S . 16.19 -30.77 -9.30
CM MPD S . 14.84 -29.03 -10.19
C3 MPD S . 14.61 -31.43 -10.97
C4 MPD S . 15.31 -31.13 -12.27
O4 MPD S . 16.71 -31.19 -12.14
C5 MPD S . 14.87 -32.12 -13.35
H11 MPD S . 13.76 -31.71 -8.59
H12 MPD S . 14.24 -30.39 -7.85
H13 MPD S . 13.04 -30.33 -8.88
HO2 MPD S . 16.61 -31.26 -9.86
HM1 MPD S . 14.63 -28.97 -11.13
HM2 MPD S . 15.70 -28.63 -10.00
HM3 MPD S . 14.15 -28.58 -9.67
H31 MPD S . 13.65 -31.43 -11.13
H32 MPD S . 14.88 -32.33 -10.69
H4 MPD S . 15.11 -30.19 -12.53
HO4 MPD S . 17.08 -31.09 -12.90
H51 MPD S . 14.96 -31.70 -14.23
H52 MPD S . 13.95 -32.37 -13.21
H53 MPD S . 15.44 -32.92 -13.31
C1 MPD T . 1.02 -17.05 -34.70
C2 MPD T . 2.24 -16.52 -33.98
O2 MPD T . 2.00 -15.12 -33.69
CM MPD T . 3.45 -16.59 -34.89
C3 MPD T . 2.48 -17.26 -32.67
C4 MPD T . 3.40 -16.52 -31.73
O4 MPD T . 2.72 -15.33 -31.29
C5 MPD T . 3.85 -17.32 -30.55
H11 MPD T . 1.16 -17.98 -34.93
H12 MPD T . 0.86 -16.54 -35.50
H13 MPD T . 0.25 -16.98 -34.10
HO2 MPD T . 1.28 -15.06 -33.24
HM1 MPD T . 3.62 -17.52 -35.12
HM2 MPD T . 4.22 -16.22 -34.42
HM3 MPD T . 3.28 -16.07 -35.69
H31 MPD T . 2.86 -18.14 -32.87
H32 MPD T . 1.62 -17.42 -32.23
H4 MPD T . 4.21 -16.22 -32.22
HO4 MPD T . 2.02 -15.55 -30.87
H51 MPD T . 4.70 -16.98 -30.22
H52 MPD T . 3.96 -18.25 -30.81
H53 MPD T . 3.18 -17.27 -29.83
C1 MPD U . -21.31 3.53 -31.42
C2 MPD U . -19.81 3.61 -31.20
O2 MPD U . -19.61 4.59 -30.18
CM MPD U . -19.11 4.08 -32.46
C3 MPD U . -19.26 2.25 -30.74
C4 MPD U . -17.78 2.24 -30.46
O4 MPD U . -17.44 3.28 -29.54
C5 MPD U . -17.30 0.92 -29.90
H11 MPD U . -21.59 2.61 -31.38
H12 MPD U . -21.52 3.91 -32.29
H13 MPD U . -21.76 4.05 -30.73
HO2 MPD U . -20.06 4.39 -29.49
HM1 MPD U . -19.29 3.47 -33.18
HM2 MPD U . -18.15 4.13 -32.29
HM3 MPD U . -19.44 4.97 -32.68
H31 MPD U . -19.46 1.59 -31.42
H32 MPD U . -19.74 1.99 -29.92
H4 MPD U . -17.31 2.45 -31.30
HO4 MPD U . -17.84 3.16 -28.81
H51 MPD U . -16.55 1.06 -29.30
H52 MPD U . -17.02 0.34 -30.63
H53 MPD U . -18.02 0.48 -29.42
C1 MPD V . -36.05 11.80 -6.35
C2 MPD V . -34.72 12.33 -6.83
O2 MPD V . -33.93 12.59 -5.65
CM MPD V . -34.89 13.65 -7.56
C3 MPD V . -34.01 11.30 -7.71
C4 MPD V . -32.60 11.68 -8.10
O4 MPD V . -31.85 11.98 -6.93
C5 MPD V . -31.93 10.57 -8.88
H11 MPD V . -36.56 11.46 -7.11
H12 MPD V . -36.55 12.53 -5.92
H13 MPD V . -35.90 11.09 -5.71
HO2 MPD V . -33.95 11.91 -5.14
HM1 MPD V . -35.49 13.52 -8.31
HM2 MPD V . -34.02 13.94 -7.87
HM3 MPD V . -35.26 14.30 -6.94
H31 MPD V . -34.54 11.17 -8.52
H32 MPD V . -33.99 10.45 -7.23
H4 MPD V . -32.61 12.51 -8.64
HO4 MPD V . -31.82 11.30 -6.43
H51 MPD V . -31.00 10.49 -8.60
H52 MPD V . -31.96 10.78 -9.83
H53 MPD V . -32.38 9.73 -8.72
C1 MPD W . -30.89 2.69 22.06
C2 MPD W . -30.21 3.85 21.37
O2 MPD W . -28.86 3.89 21.88
CM MPD W . -30.88 5.16 21.74
C3 MPD W . -30.17 3.64 19.85
C4 MPD W . -29.42 4.70 19.08
O4 MPD W . -28.12 4.85 19.65
C5 MPD W . -29.27 4.39 17.61
H11 MPD W . -31.17 2.04 21.39
H12 MPD W . -31.66 3.02 22.54
H13 MPD W . -30.27 2.28 22.68
HO2 MPD W . -28.50 3.12 21.81
HM1 MPD W . -31.78 5.17 21.37
HM2 MPD W . -30.37 5.89 21.37
HM3 MPD W . -30.93 5.24 22.70
H31 MPD W . -31.09 3.60 19.52
H32 MPD W . -29.74 2.77 19.67
H4 MPD W . -29.91 5.55 19.19
HO4 MPD W . -27.70 4.11 19.61
H51 MPD W . -28.36 4.07 17.44
H52 MPD W . -29.42 5.20 17.09
H53 MPD W . -29.91 3.71 17.35
C1 MPD X . -14.15 32.04 4.10
C2 MPD X . -14.74 31.98 2.70
O2 MPD X . -16.02 31.32 2.77
CM MPD X . -13.85 31.16 1.79
C3 MPD X . -14.95 33.40 2.16
C4 MPD X . -15.35 33.44 0.71
O4 MPD X . -16.62 32.81 0.56
C5 MPD X . -15.48 34.82 0.12
H11 MPD X . -14.31 32.92 4.48
H12 MPD X . -13.19 31.87 4.05
H13 MPD X . -14.57 31.36 4.66
HO2 MPD X . -16.31 31.18 1.99
HM1 MPD X . -13.04 31.67 1.59
HM2 MPD X . -14.32 30.98 0.97
HM3 MPD X . -13.62 30.33 2.24
H31 MPD X . -14.12 33.91 2.28
H32 MPD X . -15.66 33.83 2.70
H4 MPD X . -14.65 32.93 0.22
HO4 MPD X . -17.21 33.21 1.02
H51 MPD X . -16.30 35.24 0.43
H52 MPD X . -15.48 34.77 -0.85
H53 MPD X . -14.71 35.37 0.39
C1 MPD Y . -5.67 26.95 -23.36
C2 MPD Y . -4.25 26.51 -23.03
O2 MPD Y . -4.21 25.09 -23.29
CM MPD Y . -3.95 26.67 -21.56
C3 MPD Y . -3.21 27.23 -23.90
C4 MPD Y . -3.27 26.89 -25.37
O4 MPD Y . -4.45 27.48 -25.93
C5 MPD Y . -2.05 27.35 -26.14
H11 MPD Y . -5.67 27.91 -23.52
H12 MPD Y . -6.24 26.73 -22.61
H13 MPD Y . -5.97 26.48 -24.16
HO2 MPD Y . -4.50 24.93 -24.06
HM1 MPD Y . -3.06 27.05 -21.45
HM2 MPD Y . -4.00 25.80 -21.13
HM3 MPD Y . -4.60 27.27 -21.16
H31 MPD Y . -2.32 27.01 -23.56
H32 MPD Y . -3.34 28.20 -23.79
H4 MPD Y . -3.35 25.91 -25.49
HO4 MPD Y . -4.44 28.32 -25.79
H51 MPD Y . -1.83 26.70 -26.82
H52 MPD Y . -1.30 27.44 -25.53
H53 MPD Y . -2.22 28.21 -26.56
C1 MPD Z . 31.56 8.19 1.32
C2 MPD Z . 31.46 8.92 0.00
O2 MPD Z . 30.18 9.56 -0.04
CM MPD Z . 31.48 7.95 -1.17
C3 MPD Z . 32.58 9.97 -0.13
C4 MPD Z . 32.26 11.08 -1.10
O4 MPD Z . 30.95 11.53 -0.83
C5 MPD Z . 33.24 12.22 -0.99
H11 MPD Z . 32.50 8.01 1.51
H12 MPD Z . 31.06 7.35 1.25
H13 MPD Z . 31.18 8.74 2.02
HO2 MPD Z . 30.09 10.06 0.63
HM1 MPD Z . 31.83 8.40 -1.95
HM2 MPD Z . 30.57 7.65 -1.33
HM3 MPD Z . 32.04 7.20 -0.94
H31 MPD Z . 33.40 9.52 -0.42
H32 MPD Z . 32.75 10.35 0.76
H4 MPD Z . 32.27 10.75 -2.04
HO4 MPD Z . 30.63 11.93 -1.50
H51 MPD Z . 32.80 13.00 -0.61
H52 MPD Z . 33.58 12.44 -1.87
H53 MPD Z . 33.98 11.96 -0.41
C1 MPD AA . 15.96 10.15 -29.44
C2 MPD AA . 16.77 8.99 -29.99
O2 MPD AA . 15.97 8.34 -31.00
CM MPD AA . 17.07 7.98 -28.91
C3 MPD AA . 18.04 9.49 -30.68
C4 MPD AA . 19.13 8.48 -30.85
O4 MPD AA . 18.62 7.22 -31.28
C5 MPD AA . 20.17 8.92 -31.86
H11 MPD AA . 16.18 10.96 -29.93
H12 MPD AA . 16.17 10.26 -28.50
H13 MPD AA . 15.01 9.94 -29.53
HO2 MPD AA . 16.45 7.82 -31.46
HM1 MPD AA . 17.64 8.39 -28.23
HM2 MPD AA . 17.52 7.21 -29.30
HM3 MPD AA . 16.23 7.70 -28.49
H31 MPD AA . 18.39 10.25 -30.16
H32 MPD AA . 17.79 9.83 -31.56
H4 MPD AA . 19.51 8.32 -29.95
HO4 MPD AA . 18.41 7.26 -32.11
H51 MPD AA . 20.82 8.20 -31.99
H52 MPD AA . 20.62 9.72 -31.54
H53 MPD AA . 19.74 9.11 -32.71
C1 MPD BA . 30.75 -7.51 -11.92
C2 MPD BA . 31.80 -7.38 -12.99
O2 MPD BA . 31.66 -6.05 -13.53
CM MPD BA . 31.57 -8.35 -14.12
C3 MPD BA . 33.22 -7.51 -12.42
C4 MPD BA . 33.51 -8.76 -11.63
O4 MPD BA . 33.40 -9.90 -12.46
C5 MPD BA . 34.88 -8.73 -11.00
H11 MPD BA . 31.05 -8.14 -11.24
H12 MPD BA . 29.92 -7.83 -12.32
H13 MPD BA . 30.59 -6.64 -11.51
HO2 MPD BA . 32.35 -5.60 -13.37
HM1 MPD BA . 31.71 -9.26 -13.79
HM2 MPD BA . 32.21 -8.17 -14.83
HM3 MPD BA . 30.67 -8.25 -14.45
H31 MPD BA . 33.39 -6.74 -11.84
H32 MPD BA . 33.85 -7.46 -13.17
H4 MPD BA . 32.82 -8.86 -10.92
HO4 MPD BA . 33.99 -9.87 -13.07
H51 MPD BA . 35.03 -9.53 -10.46
H52 MPD BA . 34.97 -7.94 -10.43
H53 MPD BA . 35.56 -8.69 -11.70
C1 MPD CA . 30.47 -9.86 13.69
C2 MPD CA . 30.07 -10.52 14.98
O2 MPD CA . 30.04 -11.96 14.78
CM MPD CA . 28.65 -10.14 15.37
C3 MPD CA . 31.08 -10.23 16.09
C4 MPD CA . 30.69 -10.68 17.48
O4 MPD CA . 30.49 -12.08 17.50
C5 MPD CA . 31.74 -10.29 18.51
H11 MPD CA . 31.37 -9.48 13.79
H12 MPD CA . 29.84 -9.15 13.48
H13 MPD CA . 30.48 -10.52 12.97
HO2 MPD CA . 30.80 -12.28 14.98
HM1 MPD CA . 28.59 -9.16 15.38
HM2 MPD CA . 28.46 -10.48 16.25
HM3 MPD CA . 28.03 -10.50 14.72
H31 MPD CA . 31.24 -9.27 16.10
H32 MPD CA . 31.93 -10.67 15.85
H4 MPD CA . 29.82 -10.27 17.72
HO4 MPD CA . 31.21 -12.48 17.29
H51 MPD CA . 31.30 -10.04 19.33
H52 MPD CA . 32.26 -9.55 18.18
H53 MPD CA . 32.33 -11.05 18.67
C1 MPD DA . 15.84 18.32 20.42
C2 MPD DA . 16.82 19.19 21.16
O2 MPD DA . 17.31 18.47 22.32
CM MPD DA . 16.15 20.43 21.69
C3 MPD DA . 18.02 19.52 20.27
C4 MPD DA . 19.01 20.48 20.87
O4 MPD DA . 19.44 20.03 22.15
C5 MPD DA . 20.22 20.67 19.98
H11 MPD DA . 16.18 18.14 19.53
H12 MPD DA . 14.98 18.79 20.35
H13 MPD DA . 15.71 17.48 20.91
HO2 MPD DA . 17.90 17.92 22.08
HM1 MPD DA . 15.39 20.17 22.25
HM2 MPD DA . 15.83 20.96 20.93
HM3 MPD DA . 16.78 20.95 22.21
H31 MPD DA . 17.68 19.91 19.42
H32 MPD DA . 18.48 18.69 20.04
H4 MPD DA . 18.55 21.35 21.02
HO4 MPD DA . 19.86 19.30 22.07
H51 MPD DA . 21.04 20.50 20.49
H52 MPD DA . 20.24 21.59 19.65
H53 MPD DA . 20.18 20.07 19.23
C1 MPD EA . 13.59 1.81 32.01
C2 MPD EA . 12.56 2.00 33.09
O2 MPD EA . 12.22 0.70 33.58
CM MPD EA . 11.31 2.63 32.52
C3 MPD EA . 13.12 2.82 34.27
C4 MPD EA . 12.11 3.53 35.09
O4 MPD EA . 11.02 2.67 35.43
C5 MPD EA . 12.67 4.08 36.40
H11 MPD EA . 13.68 2.64 31.50
H12 MPD EA . 13.31 1.10 31.42
H13 MPD EA . 14.45 1.58 32.42
HO2 MPD EA . 11.79 0.77 34.31
HM1 MPD EA . 11.52 3.51 32.15
HM2 MPD EA . 10.65 2.72 33.23
HM3 MPD EA . 10.96 2.05 31.82
H31 MPD EA . 13.77 3.46 33.91
H32 MPD EA . 13.62 2.19 34.85
H4 MPD EA . 11.76 4.28 34.54
HO4 MPD EA . 11.29 2.07 35.96
H51 MPD EA . 12.05 4.73 36.78
H52 MPD EA . 13.53 4.52 36.23
H53 MPD EA . 12.79 3.35 37.03
C1 MPD FA . -7.10 20.55 28.91
C2 MPD FA . -7.75 21.34 27.80
O2 MPD FA . -9.03 20.74 27.55
CM MPD FA . -6.94 21.21 26.53
C3 MPD FA . -7.91 22.81 28.22
C4 MPD FA . -8.84 23.58 27.32
O4 MPD FA . -10.15 23.06 27.49
C5 MPD FA . -8.83 25.06 27.59
H11 MPD FA . -6.26 20.97 29.15
H12 MPD FA . -6.95 19.64 28.61
H13 MPD FA . -7.70 20.55 29.68
HO2 MPD FA . -9.47 20.70 28.28
HM1 MPD FA . -6.30 21.94 26.47
HM2 MPD FA . -7.55 21.24 25.76
HM3 MPD FA . -6.46 20.36 26.53
H31 MPD FA . -7.03 23.23 28.21
H32 MPD FA . -8.26 22.83 29.13
H4 MPD FA . -8.59 23.45 26.37
HO4 MPD FA . -10.40 23.16 28.29
H51 MPD FA . -9.51 25.28 28.25
H52 MPD FA . -9.03 25.56 26.78
H53 MPD FA . -7.96 25.33 27.92
#